data_7Z8K
#
_entry.id   7Z8K
#
_cell.length_a   1.00
_cell.length_b   1.00
_cell.length_c   1.00
_cell.angle_alpha   90.00
_cell.angle_beta   90.00
_cell.angle_gamma   90.00
#
_symmetry.space_group_name_H-M   'P 1'
#
loop_
_entity.id
_entity.type
_entity.pdbx_description
1 polymer 'Cytoplasmic dynein 1 heavy chain 1'
2 polymer 'Cytoplasmic dynein 1 light intermediate chain 2'
3 polymer 'Cytoplasmic dynein 1 intermediate chain 2'
4 polymer 'BICD family-like cargo adapter 1'
5 polymer 'ARP1 actin related protein 1 homolog A'
#
loop_
_entity_poly.entity_id
_entity_poly.type
_entity_poly.pdbx_seq_one_letter_code
_entity_poly.pdbx_strand_id
1 'polypeptide(L)'
;MSEPGGGGGEDGSAGLEVSAVQNVADVSVLQKHLRKLVPLLLEDGGEAPAALEAALEEKSALEQMRKFLSDPQVHTVLVE
RSTLKEDVGDEGEEEKEFISYNINIDIHYGVKSNSLAFIKRTPVIDADKPVSSQLRVLTLSEDSPYETLHSFISNAVAPF
FKSYIRESGKADRDGDKMAPSVEKKIAELEMGLLHLQQNIEIPEISLPIHPMITNVAKQCYERGEKPKVTDFGDKVEDPT
FLNQLQSGVNRWIREIQKVTKLDRDPASGTALQEISFWLNLERALYRIQEKRESPEVLLTLDILKHGKRFHATVSFDTDT
GLKQALETVNDYNPLMKDFPLNDLLSATELDKIRQALVAIFTHLRKIRNTKYPIQRALRLVEAISRDLSSQLLKVLGTRK
LMHVAYEEFEKVMVACFEVFQTWDDEYEKLQVLLRDIVKRKREENLKMVWRINPAHRKLQARLDQMRKFRRQHEQLRAVI
VRVLRPQVTAVAQQNQGEVPEPQDMKVAEVLFDAADANAIEEVNLAYENVKEVDGLDVSKEGTEAWEAAMKRYDERIDRV
ETRITARLRDQLGTAKNANEMFRIFSRFNALFVRPHIRGAIREYQTQLIQRVKDDIESLHDKFKVQYPQSQACKMSHVRD
LPPVSGSIIWAKQIDRQLTAYMKRVEDVLGKGWENHVEGQKLKQDGDSFRMKLNTQEIFDDWARKVQQRNLGVSGRIFTI
ESTRVRGRTGNVLKLKVNFLPEIITLSKEVRNLKWLGFRVPLAIVNKAHQANQLYPFAISLIESVRTYERTCEKVEERNT
ISLLVAGLKKEVQALIAEGIALVWESYKLDPYVQRLAETVFNFQEKVDDLLIIEEKIDLEVRSLETCMYDHKTFSEILNR
VQKAVDDLNLHSYSNLPIWVNKLDMEIERILGVRLQAGLRAWTQVLLGQAEDKAEVDMDTDAPQVSHKPGGEPKIKNVVH
ELRITNQVIYLNPPIEECRYKLYQEMFAWKMVVLSLPRIQSQRYQVGVHYELTEEEKFYRNALTRMPDGPVALEESYSAV
MGIVSEVEQYVKVWLQYQCLWDMQAENIYNRLGEDLNKWQALLVQIRKARGTFDNAETKKEFGPVVIDYGKVQSKVNLKY
DSWHKEVLSKFGQMLGSNMTEFHSQISKSRQELEQHSVDTASTSDAVTFITYVQSLKRKIKQFEKQVELYRNGQRLLEKQ
RFQFPPSWLYIDNIEGEWGAFNDIMRRKDSAIQQQVANLQMKIVQEDRAVESRTTDLLTDWEKTKPVTGNLRPEEALQAL
TIYEGKFGRLKDDREKCAKAKEALELTDTGLLSGSEERVQVALEELQDLKGVWSELSKVWEQIDQMKEQPWVSVQPRKLR
QNLDALLNQLKSFPARLRQYASYEFVQRLLKGYMKINMLVIELKSEALKDRHWKQLMKRLHVNWVVSELTLGQIWDVDLQ
KNEAIVKDVLLVAQGEMALEEFLKQIREVWNTYELDLVNYQNKCRLIRGWDDLFNKVKEHINSVSAMKLSPYYKVFEEDA
LSWEDKLNRIMALFDVWIDVQRRWVYLEGIFTGSADIKHLLPVETQRFQSISTEFLALMKKVSKSPLVMDVLNIQGVQRS
LERLADLLGKIQKALGEYLERERSSFPRFYFVGDEDLLEIIGNSKNVAKLQKHFKKMFAGVSSIILNEDNSVVLGISSRE
GEEVMFKTPVSITEHPKINEWLTLVEKEMRVTLAKLLAESVTEVEIFGKATSIDPNTYITWIDKYQAQLVVLSAQIAWSE
NVETALSSMGGGGDAAPLHSVLSNVEVTLNVLADSVLMEQPPLRRRKLEHLITELVHQRDVTRSLIKSKIDNAKSFEWLS
QMRFYFDPKQTDVLQQLSIQMANAKFNYGFEYLGVQDKLVQTPLTDRCYLTMTQALEARLGGSPFGPAGTGKTESVKALG
HQLGRFVLVFNCDETFDFQAMGRIFVGLCQVGAWGCFDEFNRLEERMLSAVSQQVQCIQEALREHSNPNYDKTSAPITCE
LLNKQVKVSPDMAIFITMNPGYAGRSNLPDNLKKLFRSLAMTKPDRQLIAQVMLYSQGFRTAEVLANKIVPFFKLCDEQL
SSQSHYDFGLRALKSVLVSAGNVKRERIQKIKREKEERGEAVDEGEIAENLPEQEILIQSVCETMVPKLVAEDIPLLFSL
LSDVFPGVQYHRGEMTALREELKKVCQEMYLTYGDGEEVGGMWVEKVLQLYQITQINHGLMMVGPSGSGKSMAWRVLLKA
LERLEGVEGVAHIIDPKAISKDHLYGTLDPNTREWTDGLFTHVLRKIIDSVRGELQKRQWIVFDGDVDPEWVENLNSVLD
DNKLLTLPNGERLSLPPNVRIMFEVQDLKYATLATVSRCGMVWFSEDVLSTDMIFNNFLARLRSIPLDEGEDEAQRRRKG
KEDEGEEAASPMLQIQRDAATIMQPYFTSNGLVTKALEHAFQLEHIMDLTRLRCLGSLFSMLHQACRNVAQYNANHPDFP
MQIEQLERYIQRYLVYAILWSLSGDSRLKMRAELGEYIRRITTVPLPTAPNIPIIDYEVSISGEWSPWQAKVPQIEVETH
KVAAPDVVVPTLDTVRHEALLYTWLAEHKPLVLCGPPGSGKTMTLFSALRALPDMEVVGLNFSSATTPELLLKTFDHYCE
YRRTPNGVVLAPVQLGKWLVLFCDEINLPDMDKYGTQRVISFIRQMVEHGGFYRTSDQTWVKLERIQFVGACNPPTDPGR
KPLSHRFLRHVPVVYVDYPGPASLTQIYGTFNRAMLRLIPSLRTYAEPLTAAMVEFYTMSQERFTQDTQPHYIYSPREMT
RWVRGIFEALRPLETLPVEGLIRIWAHEALRLFQDRLVEDEERRWTDENIDTVALKHFPNIDREKAMSRPILYSNWLSKD
YIPVDQEELRDYVKARLKVFYEEELDVPLVLFNEVLDHVLRIDRIFRQPQGHLLLIGVSGAGKTTLSRFVAWMNGLSVYQ
IKVHRKYTGEDFDEDLRTVLRRSGCKNEKIAFIMDESNVLDSGFLERMNTLLANGEVPGLFEGDEYATLMTQCKEGAQKE
GLMLDSHEELYKWFTSQVIRNLHVVFTMNPSSEGLKDRAATSPALFNRCVLNWFGDWSTEALYQVGKEFTSKMDLEKPNY
IVPDYMPVVYDKLPQPPSHREAIVNSCVFVHQTLHQANARLAKRGGRTMAITPRHYLDFINHYANLFHEKRSELEEQQMH
LNVGLRKIKETVDQVEELRRDLRIKSQELEVKNAAANDKLKKMVKDQQEAEKKKVMSQEIQEQLHKQQEVIADKQMSVKE
DLDKVEPAVIEAQNAVKSIKKQHLVEVRSMANPPAAVKLALESICLLLGESTTDWKQIRSIIMRENFIPTIVNFSAEEIS
DAIREKMKKNYMSNPSYNYEIVNRASLACGPMVKWAIAQLNYADMLKRVEPLRNELQKLEDDAKDNQQKANEVEQMIRDL
EASIARYKEEYAVLISEAQAIKADLAAVEAKVNRSTALLKSLSAERERWEKTSETFKNQMSTIAGDCLLSAAFIAYAGYF
DQQMRQNLFTTWSHHLQQANIQFRTDIARTEYLSNADERLRWQASSLPADDLCTENAIMLKRFNRYPLIIDPSGQATEFI
MNEYKDRKITRTSFLDDAFRKNLESALRFGNPLLVQDVESYDPVLNPVLNREVRRTGGRVLITLGDQDIDLSPSFVIFLS
TRDPTVEFPPDLCSRVTFVNFTVTRSSLQSQCLNEVLKAERPDVDEKRSDLLKLQGEFQLRLRQLEKSLLQALNEVKGRI
LDDDTIITTLENLKREAAEVTRKVEETDIVMQEVETVSQQYLPLSTACSSIYFTMESLKQIHFLYQYSLQFFLDIYHNVL
YENPNLKGVTDHTQRLSIITKDLFQVAFNRVARGMLHQDHITFAMLLARIKLKGTVGEPTYDAEFQHFLRGNEIVLSAGS
TPRIQGLTVEQAEAVVRLSCLPAFKDLIAKVQADEQFGIWLDSSSPEQTVPYLWSEETPATPIGQAIHRLLLIQAFRPDR
LLAMAHMFVSTNLGESFMSIMEQPLDLTHIVGTEVKPNTPVLMCSVPGYDASGHVEDLAAEQNTQITSIAIGSAEGFNQA
DKAINTAVKSGRWVMLKNVHLAPGWLMQLEKKLHSLQPHACFRLFLTMEINPKVPVNLLRAGRIFVFEPPPGVKANMLRT
FSSIPVSRICKSPNERARLYFLLAWFHAIIQERLRYAPLGWSKKYEFGESDLRSACDTVDTWLDDTAKGRQNISPDKIPW
SALKTLMAQSIYGGRVDNEFDQRLLNTFLERLFTTRSFDSEFKLACKVDGHKDIQMPDGIRREEFVQWVELLPDTQTPSW
LGLPNNAERVLLTTQGVDMISKMLKMQMLEDEDDLAYAETEKKTRTDSTSDGRPAWMRTLHTTASNWLHLIPQTLSHLKR
TVENIKDPLFRFFEREVKMGAKLLQDVRQDLADVVQVCEGKKKQTNYLRTLINELVKGILPRSWSHYTVPAGMTVIQWVS
DFSERIKQLQNISLAAASGGAKELKNIHVCLGGLFVPEAYITATRQYVAQANSWSLEELCLEVNVTTSQGATLDACSFGV
TGLKLQGATCNNNKLSLSNAISTALPLTQLRWVKQTNTEKKASVVTLPVYLNFTRADLIFTVDFEIATKEDPRSFYERGV
AVLCTE
;
e,f
2 'polypeptide(L)'
;MAPVGVEKKLLLGPNGPAVAAAGDLTSEEEEGQSLWSSILSEVSTRARSKLPSGKNILVFGEDGSGKTTLMTKLQGAEHG
KKGRGLEYLYLSVHDEDRDDHTRCNVWILDGDLYHKGLLKFAVSAESLPETLVIFVADMSRPWTVMESLQKWASVLREHI
DKMKIPPEKMRELERKFVKDFQDYMEPEEGCQGSPQRRGPLTSGSDEENVALPLGDNVLTHNLGIPVLVVCTKCDAVSVL
EKEHDYRDEHLDFIQSHLRRFCLQYGAALIYTSVKEEKNLDLLYKYIVHKTYGFHFTTPALVVEKDAVFIPAGWDNEKKI
AILHENFTTVKPEDAYEDFIVKPPVRKLVHDKELAAEDEQVFLMKQQSLLAKQPATPTRASESPARGPSGSPRTQGRGGP
ASVPSSSPGTSVKKPDPNIKNNAASEGVLASFFNSLLSKKTGSPGSPGAGGVQSTAKKSGQKTVLSNVQEELDRMTRKPD
SMVTNSSTENEA
;
i
3 'polypeptide(L)'
;ESPIVFSEYWVPPPMSPSSKSVSTPSEAGSQDSGDGAVGSRTLHWDTDPSVLQLHSDSDLGRGPIKLGMAKITQVDFPPR
EIVTYTKETQTPVMAQPKEDEEEDDDVVAPKPPIEPEEEKTLKKDEENDSKAPPHELTEEEKQQILHSEEFLSFFDHSTR
IVERALSEQINIFFDYSGRDLEDKEGEIQAGAKLSLNRQFFDERWSKHRVVSCLDWSSQYPELLVASYNNNEDAPHEPDG
VALVWNMKYKKTTPEYVFHCQSAVMSATFAKFHPNLVVGGTYSGQIVLWDNRSNKRTPVQRTPLSAAAHTHPVYCVNVVG
TQNAHNLISISTDGKICSWSLDMLSHPQDSMELVHKQSKAVAVTSMSFPVGDVNNFVVGSEEGSVYTACRHGSKAGISEM
FEGHQGPITGIHCHAAVGAVDFSHLFVTSSFDWTVKLWTTKNNKPLYSFEDNADYVYDVMWSPTHPALFACVDGMGRLDL
WNLNNDTEVPTASISVEGNPALNRVRWTHSGREIAVGDSEGQIVIYDVGEQIAVPRNDEWARFGRTLAEINANRADAEEE
AATRIPA
;
h
4 'polypeptide(L)'
;MSAFCLGLAGRASAPAEPDSACCMELPAGAGDAVRSPATAAALVSFPGGPGELELALEEELALLAAGERSSEPGEHPQAE
PESPVEGHGPPLPPPPTQDPELLSVIRQKEKDLVLAARLGKALLERNQDMSRQYEQMHKELTDKLEHLEQEKHELRRRFE
NREGEWEGRVSELETDVKQLQDELERQQLHLREADREKTRAVQELSEQNQRLLDQLSRASEVERQLSMQVHALKEDFREK
NSSTNQHIIRLESLQAEIKMLSDRKRELEHRLSATLEENDLLQGTVEELQDRVLILERQGHDKDLQLHQSQLELQEVRLS
YRQLQGKVEELTEERSLQSSAATSTSLLSEIEQSMEAEELEQEREQLRLQLWEAYCQVRYLCSHLRGNDSADSAVSTDSS
MDESSETSSAKDVPAGSLRTALNDLKRLIQSIVDGVEPTVTLLSVEMTALKEERDRLRVTSEDKEPKEQLQKAIRDRDEA
IAKKNAVELELAKCKMDMMSLNSQLLDAIQQKLNLSQQLEAWQDDMHRVIDRQLMDTHLKEQSRPAAAAFPRGHGVGRGQ
EPSTADGKRLFSFFRKI
;
X,x,W,w
5 'polypeptide(L)'
;MESYDVIANQPVVIDNGSGVIKAGFAGDQIPKYCFPNYVGRPKHVRVMAGALEGDIFIGPKAEEHRGLLSIRYPMEHGIV
KDWNDMERIWQYVYSKDQLQTFSEEHPVLLTEAPLNPRKNRERAAEVFFETFNVPALFISMQAVLSLYATGRTTGVVLDS
GDGVTHAVPIYEGFAMPHSIMRIDIAGRDVSRFLRLYLRKEGYDFHSSSEFEIVKAIKERACYLSINPQKDETLETEKAQ
YYLPDGSTIEIGPSRFRAPELLFRPDLIGEESEGIHEVLVFAIQKSDMDLRRTLFSNIVLSGGSTLFKGFGDRLLSEVKK
LAPKDVKIRISAPQERLYSTWIGGSILASLDTFKKMWVSKKEYEEDGARSIHRKTF
;
F
#
# COMPACT_ATOMS: atom_id res chain seq x y z
N HIS A 210 -2.24 48.60 79.23
CA HIS A 210 -2.09 49.65 80.22
C HIS A 210 -1.02 49.24 81.23
N PRO A 211 -0.23 50.20 81.78
CA PRO A 211 0.84 49.79 82.70
C PRO A 211 0.34 49.10 83.95
N MET A 212 -0.67 49.66 84.63
CA MET A 212 -1.16 49.06 85.87
C MET A 212 -1.75 47.69 85.63
N ILE A 213 -2.49 47.52 84.52
CA ILE A 213 -2.99 46.22 84.15
C ILE A 213 -1.85 45.24 83.97
N THR A 214 -0.79 45.67 83.28
CA THR A 214 0.36 44.80 83.06
C THR A 214 0.99 44.38 84.37
N ASN A 215 1.17 45.34 85.29
CA ASN A 215 1.85 45.04 86.54
C ASN A 215 1.04 44.07 87.39
N VAL A 216 -0.26 44.32 87.52
CA VAL A 216 -1.08 43.46 88.37
C VAL A 216 -1.26 42.09 87.72
N ALA A 217 -1.36 42.04 86.39
CA ALA A 217 -1.43 40.75 85.72
C ALA A 217 -0.15 39.95 85.94
N LYS A 218 1.00 40.62 85.89
CA LYS A 218 2.26 39.96 86.22
C LYS A 218 2.25 39.43 87.64
N GLN A 219 1.77 40.24 88.59
CA GLN A 219 1.73 39.80 89.98
C GLN A 219 0.83 38.59 90.15
N CYS A 220 -0.37 38.63 89.59
CA CYS A 220 -1.30 37.52 89.75
C CYS A 220 -0.77 36.25 89.08
N TYR A 221 -0.17 36.39 87.89
CA TYR A 221 0.43 35.23 87.25
C TYR A 221 1.59 34.67 88.06
N GLU A 222 2.36 35.56 88.71
CA GLU A 222 3.38 35.08 89.64
C GLU A 222 2.75 34.33 90.80
N ARG A 223 1.57 34.74 91.23
CA ARG A 223 0.81 34.00 92.24
C ARG A 223 0.18 32.73 91.69
N GLY A 224 0.23 32.51 90.38
CA GLY A 224 -0.52 31.42 89.77
C GLY A 224 -2.00 31.69 89.66
N GLU A 225 -2.41 32.95 89.74
CA GLU A 225 -3.81 33.35 89.73
C GLU A 225 -4.12 34.16 88.48
N LYS A 226 -5.33 34.00 87.98
CA LYS A 226 -5.82 34.89 86.93
C LYS A 226 -6.13 36.26 87.53
N PRO A 227 -5.67 37.36 86.94
CA PRO A 227 -6.05 38.68 87.48
C PRO A 227 -7.55 38.90 87.32
N LYS A 228 -8.10 39.70 88.23
CA LYS A 228 -9.53 39.94 88.29
C LYS A 228 -9.79 41.42 88.56
N VAL A 229 -11.02 41.84 88.27
CA VAL A 229 -11.41 43.24 88.44
C VAL A 229 -11.22 43.67 89.88
N THR A 230 -11.63 42.82 90.83
CA THR A 230 -11.53 43.16 92.25
C THR A 230 -10.08 43.45 92.65
N ASP A 231 -9.12 42.86 91.96
CA ASP A 231 -7.71 43.06 92.28
C ASP A 231 -7.28 44.50 92.07
N PHE A 232 -8.05 45.33 91.35
CA PHE A 232 -7.73 46.74 91.20
C PHE A 232 -8.42 47.62 92.24
N GLY A 233 -9.32 47.05 93.04
CA GLY A 233 -9.90 47.80 94.16
C GLY A 233 -10.59 49.07 93.70
N ASP A 234 -10.32 50.16 94.42
CA ASP A 234 -10.96 51.44 94.12
C ASP A 234 -10.61 51.96 92.74
N LYS A 235 -9.54 51.46 92.12
CA LYS A 235 -9.22 51.91 90.76
C LYS A 235 -10.32 51.52 89.78
N VAL A 236 -11.12 50.50 90.10
CA VAL A 236 -12.24 50.18 89.21
C VAL A 236 -13.27 51.31 89.21
N GLU A 237 -13.34 52.08 90.29
CA GLU A 237 -14.28 53.20 90.40
C GLU A 237 -13.66 54.55 90.04
N ASP A 238 -12.37 54.59 89.74
CA ASP A 238 -11.70 55.86 89.47
C ASP A 238 -12.15 56.40 88.11
N PRO A 239 -12.74 57.60 88.02
CA PRO A 239 -13.10 58.12 86.69
C PRO A 239 -11.92 58.30 85.76
N THR A 240 -10.76 58.71 86.28
CA THR A 240 -9.61 58.97 85.42
C THR A 240 -9.10 57.66 84.80
N PHE A 241 -8.95 56.62 85.62
CA PHE A 241 -8.49 55.34 85.12
C PHE A 241 -9.48 54.76 84.12
N LEU A 242 -10.77 54.86 84.42
CA LEU A 242 -11.78 54.36 83.50
C LEU A 242 -11.77 55.13 82.18
N ASN A 243 -11.59 56.44 82.25
CA ASN A 243 -11.52 57.23 81.02
C ASN A 243 -10.29 56.87 80.22
N GLN A 244 -9.16 56.63 80.89
CA GLN A 244 -7.96 56.19 80.17
C GLN A 244 -8.21 54.87 79.46
N LEU A 245 -8.80 53.90 80.16
CA LEU A 245 -9.06 52.61 79.51
C LEU A 245 -10.08 52.77 78.39
N GLN A 246 -11.04 53.67 78.55
CA GLN A 246 -12.01 53.91 77.48
C GLN A 246 -11.32 54.49 76.25
N SER A 247 -10.38 55.41 76.46
CA SER A 247 -9.62 55.94 75.33
C SER A 247 -8.79 54.84 74.68
N GLY A 248 -8.25 53.94 75.48
CA GLY A 248 -7.52 52.81 74.91
C GLY A 248 -8.41 51.92 74.08
N VAL A 249 -9.64 51.69 74.54
CA VAL A 249 -10.60 50.90 73.76
C VAL A 249 -10.96 51.64 72.49
N ASN A 250 -11.07 52.97 72.56
CA ASN A 250 -11.35 53.76 71.36
C ASN A 250 -10.22 53.58 70.35
N ARG A 251 -8.98 53.66 70.82
CA ARG A 251 -7.83 53.37 69.97
C ARG A 251 -7.93 51.98 69.37
N TRP A 252 -8.28 50.98 70.18
CA TRP A 252 -8.33 49.61 69.69
C TRP A 252 -9.38 49.45 68.60
N ILE A 253 -10.58 50.02 68.80
CA ILE A 253 -11.63 49.84 67.80
C ILE A 253 -11.26 50.57 66.52
N ARG A 254 -10.62 51.74 66.64
CA ARG A 254 -10.20 52.43 65.44
C ARG A 254 -9.14 51.64 64.68
N GLU A 255 -8.15 51.09 65.39
CA GLU A 255 -7.12 50.31 64.73
C GLU A 255 -7.71 49.06 64.08
N ILE A 256 -8.66 48.41 64.74
CA ILE A 256 -9.28 47.23 64.16
C ILE A 256 -10.13 47.61 62.95
N GLN A 257 -10.80 48.77 63.02
CA GLN A 257 -11.55 49.25 61.86
C GLN A 257 -10.62 49.50 60.68
N LYS A 258 -9.39 49.95 60.95
CA LYS A 258 -8.42 50.10 59.86
C LYS A 258 -8.21 48.78 59.14
N VAL A 259 -7.95 47.71 59.88
CA VAL A 259 -7.65 46.43 59.25
C VAL A 259 -8.89 45.86 58.56
N THR A 260 -10.06 45.98 59.18
CA THR A 260 -11.25 45.36 58.61
C THR A 260 -11.73 46.05 57.36
N LYS A 261 -11.44 47.35 57.19
CA LYS A 261 -11.96 48.14 56.09
C LYS A 261 -10.93 48.36 54.98
N LEU A 262 -9.84 47.60 54.97
CA LEU A 262 -8.92 47.64 53.84
C LEU A 262 -9.63 47.17 52.59
N ASP A 263 -9.96 48.11 51.72
CA ASP A 263 -10.52 47.84 50.40
C ASP A 263 -9.55 48.36 49.36
N ARG A 264 -9.08 47.45 48.51
CA ARG A 264 -8.06 47.77 47.52
C ARG A 264 -8.69 47.96 46.16
N ASP A 265 -8.20 48.96 45.43
CA ASP A 265 -8.58 49.10 44.03
C ASP A 265 -7.95 47.95 43.26
N PRO A 266 -8.71 47.06 42.64
CA PRO A 266 -8.07 45.94 41.94
C PRO A 266 -7.27 46.36 40.72
N ALA A 267 -7.61 47.49 40.10
CA ALA A 267 -6.86 47.97 38.95
C ALA A 267 -5.41 48.32 39.32
N SER A 268 -5.16 48.72 40.56
CA SER A 268 -3.84 49.14 41.00
C SER A 268 -3.09 47.92 41.54
N GLY A 269 -2.23 47.38 40.68
CA GLY A 269 -1.32 46.32 41.05
C GLY A 269 -1.54 45.08 40.22
N THR A 270 -0.62 44.14 40.36
CA THR A 270 -0.70 42.87 39.66
C THR A 270 -1.67 41.94 40.39
N ALA A 271 -1.97 40.82 39.73
CA ALA A 271 -2.79 39.79 40.36
C ALA A 271 -2.11 39.26 41.62
N LEU A 272 -0.78 39.14 41.58
CA LEU A 272 -0.04 38.70 42.75
C LEU A 272 -0.25 39.64 43.92
N GLN A 273 -0.21 40.94 43.65
CA GLN A 273 -0.38 41.91 44.73
C GLN A 273 -1.74 41.77 45.38
N GLU A 274 -2.79 41.61 44.57
CA GLU A 274 -4.13 41.55 45.12
C GLU A 274 -4.34 40.26 45.91
N ILE A 275 -3.91 39.12 45.36
CA ILE A 275 -4.10 37.87 46.09
C ILE A 275 -3.27 37.86 47.37
N SER A 276 -2.06 38.42 47.31
CA SER A 276 -1.26 38.54 48.52
C SER A 276 -1.96 39.41 49.54
N PHE A 277 -2.58 40.50 49.10
CA PHE A 277 -3.31 41.37 50.01
C PHE A 277 -4.44 40.61 50.70
N TRP A 278 -5.18 39.81 49.95
CA TRP A 278 -6.31 39.10 50.55
C TRP A 278 -5.82 37.99 51.48
N LEU A 279 -4.73 37.30 51.14
CA LEU A 279 -4.21 36.27 52.03
C LEU A 279 -3.64 36.88 53.31
N ASN A 280 -2.93 38.00 53.18
CA ASN A 280 -2.49 38.71 54.37
C ASN A 280 -3.66 39.16 55.21
N LEU A 281 -4.77 39.52 54.57
CA LEU A 281 -5.96 39.90 55.32
C LEU A 281 -6.54 38.71 56.07
N GLU A 282 -6.58 37.53 55.42
CA GLU A 282 -6.96 36.30 56.09
C GLU A 282 -6.16 36.11 57.38
N ARG A 283 -4.84 36.10 57.25
CA ARG A 283 -3.99 35.84 58.41
C ARG A 283 -4.09 36.96 59.43
N ALA A 284 -4.25 38.20 58.96
CA ALA A 284 -4.35 39.34 59.85
C ALA A 284 -5.63 39.28 60.68
N LEU A 285 -6.75 38.91 60.07
CA LEU A 285 -7.99 38.83 60.83
C LEU A 285 -7.92 37.70 61.85
N TYR A 286 -7.25 36.59 61.51
CA TYR A 286 -7.02 35.58 62.55
C TYR A 286 -6.13 36.14 63.67
N ARG A 287 -5.13 36.95 63.32
CA ARG A 287 -4.29 37.53 64.38
C ARG A 287 -5.10 38.49 65.25
N ILE A 288 -6.06 39.21 64.65
CA ILE A 288 -6.91 40.10 65.43
C ILE A 288 -7.83 39.29 66.34
N GLN A 289 -8.31 38.14 65.86
CA GLN A 289 -9.05 37.24 66.73
C GLN A 289 -8.18 36.80 67.91
N GLU A 290 -6.92 36.47 67.63
CA GLU A 290 -5.99 36.06 68.68
C GLU A 290 -5.78 37.18 69.70
N LYS A 291 -5.57 38.40 69.22
CA LYS A 291 -5.37 39.53 70.11
C LYS A 291 -6.62 39.82 70.93
N ARG A 292 -7.80 39.72 70.31
CA ARG A 292 -9.05 40.00 71.00
C ARG A 292 -9.22 39.08 72.21
N GLU A 293 -8.71 37.86 72.12
CA GLU A 293 -8.85 36.88 73.18
C GLU A 293 -7.71 36.94 74.20
N SER A 294 -6.81 37.91 74.09
CA SER A 294 -5.72 38.00 75.04
C SER A 294 -6.26 38.36 76.41
N PRO A 295 -5.67 37.85 77.51
CA PRO A 295 -6.26 38.10 78.83
C PRO A 295 -6.32 39.55 79.22
N GLU A 296 -5.34 40.36 78.81
CA GLU A 296 -5.29 41.75 79.25
C GLU A 296 -6.46 42.55 78.68
N VAL A 297 -6.74 42.37 77.38
CA VAL A 297 -7.84 43.09 76.77
C VAL A 297 -9.16 42.66 77.40
N LEU A 298 -9.32 41.36 77.64
CA LEU A 298 -10.54 40.86 78.26
C LEU A 298 -10.71 41.44 79.67
N LEU A 299 -9.60 41.53 80.41
CA LEU A 299 -9.65 42.17 81.72
C LEU A 299 -10.06 43.64 81.60
N THR A 300 -9.54 44.33 80.58
CA THR A 300 -9.95 45.71 80.34
C THR A 300 -11.46 45.79 80.13
N LEU A 301 -11.99 44.92 79.28
CA LEU A 301 -13.42 44.96 78.98
C LEU A 301 -14.24 44.67 80.23
N ASP A 302 -13.79 43.71 81.05
CA ASP A 302 -14.49 43.42 82.29
C ASP A 302 -14.47 44.61 83.24
N ILE A 303 -13.34 45.32 83.28
CA ILE A 303 -13.24 46.51 84.12
C ILE A 303 -14.21 47.57 83.66
N LEU A 304 -14.28 47.82 82.35
CA LEU A 304 -15.22 48.82 81.84
C LEU A 304 -16.65 48.40 82.14
N LYS A 305 -16.95 47.10 82.04
CA LYS A 305 -18.29 46.63 82.39
C LYS A 305 -18.59 46.88 83.86
N HIS A 306 -17.63 46.60 84.74
CA HIS A 306 -17.85 46.83 86.16
C HIS A 306 -18.02 48.31 86.45
N GLY A 307 -17.28 49.15 85.75
CA GLY A 307 -17.46 50.59 85.85
C GLY A 307 -18.64 51.12 85.06
N LYS A 308 -19.35 50.26 84.36
CA LYS A 308 -20.58 50.60 83.67
C LYS A 308 -20.37 51.62 82.55
N ARG A 309 -19.21 51.57 81.89
CA ARG A 309 -18.98 52.32 80.65
C ARG A 309 -19.42 51.44 79.48
N PHE A 310 -20.71 51.12 79.49
CA PHE A 310 -21.23 50.11 78.56
C PHE A 310 -21.03 50.49 77.11
N HIS A 311 -20.96 51.79 76.82
CA HIS A 311 -20.85 52.23 75.43
C HIS A 311 -19.57 51.70 74.79
N ALA A 312 -18.45 51.80 75.49
CA ALA A 312 -17.19 51.34 74.94
C ALA A 312 -17.20 49.83 74.72
N THR A 313 -17.72 49.08 75.69
CA THR A 313 -17.73 47.62 75.56
C THR A 313 -18.59 47.20 74.38
N VAL A 314 -19.77 47.79 74.24
CA VAL A 314 -20.65 47.43 73.13
C VAL A 314 -19.99 47.78 71.80
N SER A 315 -19.41 48.98 71.70
CA SER A 315 -18.76 49.37 70.46
C SER A 315 -17.62 48.44 70.11
N PHE A 316 -16.85 48.02 71.11
CA PHE A 316 -15.77 47.08 70.86
C PHE A 316 -16.32 45.74 70.40
N ASP A 317 -17.41 45.27 70.99
CA ASP A 317 -17.89 43.94 70.69
C ASP A 317 -18.49 43.85 69.29
N THR A 318 -19.37 44.78 68.92
CA THR A 318 -20.13 44.64 67.67
C THR A 318 -19.71 45.59 66.56
N ASP A 319 -19.33 46.84 66.86
CA ASP A 319 -19.11 47.81 65.78
C ASP A 319 -17.81 47.56 65.03
N THR A 320 -16.94 46.67 65.52
CA THR A 320 -15.65 46.48 64.86
C THR A 320 -15.80 45.93 63.45
N GLY A 321 -16.89 45.20 63.20
CA GLY A 321 -17.08 44.59 61.90
C GLY A 321 -16.11 43.49 61.58
N LEU A 322 -15.49 42.88 62.59
CA LEU A 322 -14.43 41.91 62.34
C LEU A 322 -14.97 40.65 61.70
N LYS A 323 -16.07 40.11 62.22
CA LYS A 323 -16.56 38.83 61.72
C LYS A 323 -17.08 38.96 60.29
N GLN A 324 -17.56 40.15 59.92
CA GLN A 324 -17.95 40.38 58.54
C GLN A 324 -16.75 40.26 57.61
N ALA A 325 -15.63 40.86 58.00
CA ALA A 325 -14.42 40.75 57.21
C ALA A 325 -13.94 39.30 57.16
N LEU A 326 -14.02 38.59 58.29
CA LEU A 326 -13.65 37.18 58.30
C LEU A 326 -14.48 36.37 57.33
N GLU A 327 -15.80 36.61 57.33
CA GLU A 327 -16.67 35.89 56.41
C GLU A 327 -16.34 36.23 54.97
N THR A 328 -16.05 37.50 54.70
CA THR A 328 -15.71 37.90 53.33
C THR A 328 -14.46 37.17 52.85
N VAL A 329 -13.41 37.15 53.67
CA VAL A 329 -12.18 36.49 53.23
C VAL A 329 -12.37 34.99 53.13
N ASN A 330 -13.21 34.42 54.01
CA ASN A 330 -13.49 32.99 53.91
C ASN A 330 -14.22 32.67 52.61
N ASP A 331 -15.17 33.51 52.21
CA ASP A 331 -15.80 33.34 50.91
C ASP A 331 -14.77 33.47 49.79
N TYR A 332 -13.81 34.36 49.96
CA TYR A 332 -12.77 34.57 48.97
C TYR A 332 -11.75 33.43 48.92
N ASN A 333 -11.68 32.61 49.97
CA ASN A 333 -10.58 31.67 50.12
C ASN A 333 -10.41 30.69 48.95
N PRO A 334 -11.52 30.17 48.38
CA PRO A 334 -11.41 29.31 47.21
C PRO A 334 -10.46 29.86 46.13
N LEU A 335 -10.76 31.02 45.56
CA LEU A 335 -9.93 31.58 44.47
C LEU A 335 -8.51 31.87 44.96
N MET A 336 -8.39 32.45 46.15
CA MET A 336 -7.06 32.85 46.68
C MET A 336 -6.20 31.60 46.92
N LYS A 337 -6.79 30.52 47.41
CA LYS A 337 -5.99 29.31 47.77
C LYS A 337 -5.27 28.72 46.56
N ASP A 338 -5.91 28.66 45.40
CA ASP A 338 -5.27 27.97 44.25
C ASP A 338 -5.25 28.84 42.99
N PHE A 339 -4.34 29.81 42.91
CA PHE A 339 -4.18 30.58 41.65
C PHE A 339 -2.77 30.32 41.14
N PRO A 340 -2.57 29.87 39.88
CA PRO A 340 -1.22 29.52 39.43
C PRO A 340 -0.43 30.74 38.96
N LEU A 341 -0.21 31.71 39.86
CA LEU A 341 0.55 32.94 39.51
C LEU A 341 2.01 32.62 39.21
N ASN A 342 2.63 31.73 39.99
CA ASN A 342 4.08 31.43 39.84
C ASN A 342 4.36 30.86 38.45
N ASP A 343 3.66 29.81 38.06
CA ASP A 343 3.89 29.16 36.77
C ASP A 343 4.02 30.18 35.65
N LEU A 344 3.18 31.22 35.68
CA LEU A 344 3.28 32.27 34.67
C LEU A 344 4.60 33.02 34.79
N LEU A 345 4.93 33.48 35.99
CA LEU A 345 6.11 34.30 36.17
C LEU A 345 7.39 33.51 35.89
N SER A 346 7.43 32.25 36.32
CA SER A 346 8.61 31.44 36.08
C SER A 346 8.76 31.10 34.59
N ALA A 347 7.66 31.13 33.84
CA ALA A 347 7.73 30.77 32.43
C ALA A 347 8.46 31.84 31.63
N THR A 348 9.45 31.39 30.86
CA THR A 348 10.19 32.25 29.93
C THR A 348 10.02 31.79 28.48
N GLU A 349 9.48 30.59 28.27
CA GLU A 349 9.20 30.07 26.93
C GLU A 349 7.70 30.15 26.66
N LEU A 350 7.36 30.53 25.43
CA LEU A 350 5.99 30.96 25.13
C LEU A 350 4.98 29.85 25.33
N ASP A 351 5.36 28.60 25.03
CA ASP A 351 4.45 27.49 25.28
C ASP A 351 4.18 27.33 26.77
N LYS A 352 5.20 27.54 27.60
CA LYS A 352 4.99 27.47 29.03
C LYS A 352 4.05 28.59 29.50
N ILE A 353 4.18 29.77 28.90
CA ILE A 353 3.26 30.86 29.20
C ILE A 353 1.83 30.47 28.84
N ARG A 354 1.66 29.84 27.68
CA ARG A 354 0.33 29.41 27.26
C ARG A 354 -0.25 28.39 28.23
N GLN A 355 0.59 27.45 28.67
CA GLN A 355 0.14 26.47 29.66
C GLN A 355 -0.28 27.16 30.96
N ALA A 356 0.51 28.14 31.39
CA ALA A 356 0.17 28.88 32.61
C ALA A 356 -1.16 29.59 32.43
N LEU A 357 -1.42 30.15 31.25
CA LEU A 357 -2.68 30.82 31.01
C LEU A 357 -3.85 29.85 31.08
N VAL A 358 -3.70 28.66 30.49
CA VAL A 358 -4.81 27.70 30.57
C VAL A 358 -5.07 27.31 32.02
N ALA A 359 -3.99 27.04 32.78
CA ALA A 359 -4.17 26.67 34.18
C ALA A 359 -4.80 27.78 34.99
N ILE A 360 -4.37 29.02 34.77
CA ILE A 360 -4.86 30.13 35.58
C ILE A 360 -6.31 30.43 35.25
N PHE A 361 -6.70 30.28 33.98
CA PHE A 361 -8.11 30.45 33.64
C PHE A 361 -8.95 29.33 34.20
N THR A 362 -8.39 28.13 34.36
CA THR A 362 -9.11 27.08 35.06
C THR A 362 -9.36 27.49 36.52
N HIS A 363 -8.28 27.88 37.22
CA HIS A 363 -8.42 28.18 38.63
C HIS A 363 -9.28 29.41 38.86
N LEU A 364 -9.41 30.28 37.85
CA LEU A 364 -10.26 31.45 37.98
C LEU A 364 -11.69 31.12 37.55
N ARG A 365 -11.87 30.14 36.66
CA ARG A 365 -13.18 29.56 36.43
C ARG A 365 -13.75 28.93 37.68
N LYS A 366 -12.89 28.52 38.62
CA LYS A 366 -13.39 28.01 39.89
C LYS A 366 -14.21 29.04 40.67
N ILE A 367 -14.18 30.32 40.29
CA ILE A 367 -14.92 31.39 40.97
C ILE A 367 -16.41 31.09 41.15
N ARG A 368 -16.99 30.21 40.34
CA ARG A 368 -18.43 29.98 40.39
C ARG A 368 -18.89 29.55 41.78
N ASN A 369 -18.04 28.85 42.52
CA ASN A 369 -18.43 28.38 43.85
C ASN A 369 -18.42 29.53 44.85
N THR A 370 -17.50 30.48 44.70
CA THR A 370 -17.32 31.54 45.67
C THR A 370 -18.36 32.65 45.48
N LYS A 371 -18.34 33.62 46.39
CA LYS A 371 -19.16 34.82 46.33
C LYS A 371 -18.37 36.03 45.89
N TYR A 372 -17.27 35.84 45.17
CA TYR A 372 -16.39 36.95 44.82
C TYR A 372 -17.12 37.91 43.88
N PRO A 373 -16.92 39.22 43.99
CA PRO A 373 -17.62 40.15 43.08
C PRO A 373 -17.16 39.96 41.64
N ILE A 374 -18.08 40.24 40.72
CA ILE A 374 -17.84 39.91 39.31
C ILE A 374 -16.96 40.97 38.66
N GLN A 375 -17.28 42.24 38.86
CA GLN A 375 -16.47 43.31 38.27
C GLN A 375 -15.06 43.31 38.86
N ARG A 376 -14.94 42.95 40.14
CA ARG A 376 -13.61 42.81 40.73
C ARG A 376 -12.85 41.68 40.06
N ALA A 377 -13.54 40.59 39.71
CA ALA A 377 -12.88 39.51 38.97
C ALA A 377 -12.44 40.00 37.60
N LEU A 378 -13.25 40.85 36.97
CA LEU A 378 -12.85 41.39 35.67
C LEU A 378 -11.62 42.27 35.79
N ARG A 379 -11.53 43.05 36.87
CA ARG A 379 -10.31 43.84 37.06
C ARG A 379 -9.13 42.95 37.41
N LEU A 380 -9.38 41.80 38.04
CA LEU A 380 -8.30 40.82 38.21
C LEU A 380 -7.85 40.30 36.86
N VAL A 381 -8.78 40.11 35.93
CA VAL A 381 -8.42 39.73 34.57
C VAL A 381 -7.62 40.84 33.90
N GLU A 382 -7.96 42.10 34.20
CA GLU A 382 -7.14 43.21 33.71
C GLU A 382 -5.72 43.10 34.23
N ALA A 383 -5.58 42.78 35.52
CA ALA A 383 -4.26 42.64 36.12
C ALA A 383 -3.47 41.50 35.47
N ILE A 384 -4.10 40.35 35.28
CA ILE A 384 -3.38 39.21 34.71
C ILE A 384 -3.06 39.48 33.24
N SER A 385 -3.92 40.22 32.54
CA SER A 385 -3.59 40.62 31.18
C SER A 385 -2.37 41.54 31.16
N ARG A 386 -2.30 42.47 32.11
CA ARG A 386 -1.11 43.32 32.21
C ARG A 386 0.14 42.49 32.46
N ASP A 387 0.03 41.52 33.36
CA ASP A 387 1.18 40.67 33.67
C ASP A 387 1.58 39.83 32.47
N LEU A 388 0.59 39.35 31.70
CA LEU A 388 0.89 38.64 30.47
C LEU A 388 1.62 39.54 29.48
N SER A 389 1.17 40.78 29.35
CA SER A 389 1.84 41.72 28.46
C SER A 389 3.29 41.91 28.86
N SER A 390 3.53 42.14 30.15
CA SER A 390 4.89 42.35 30.63
C SER A 390 5.75 41.10 30.40
N GLN A 391 5.21 39.93 30.69
CA GLN A 391 5.98 38.70 30.56
C GLN A 391 6.33 38.42 29.10
N LEU A 392 5.36 38.61 28.20
CA LEU A 392 5.65 38.41 26.79
C LEU A 392 6.67 39.41 26.28
N LEU A 393 6.56 40.66 26.71
CA LEU A 393 7.55 41.66 26.30
C LEU A 393 8.94 41.28 26.81
N LYS A 394 9.02 40.78 28.04
CA LYS A 394 10.28 40.29 28.59
C LYS A 394 10.88 39.20 27.72
N VAL A 395 10.07 38.17 27.44
CA VAL A 395 10.57 37.01 26.69
C VAL A 395 11.01 37.43 25.29
N LEU A 396 10.20 38.24 24.61
CA LEU A 396 10.54 38.63 23.24
C LEU A 396 11.73 39.58 23.21
N GLY A 397 11.86 40.45 24.22
CA GLY A 397 13.02 41.33 24.28
C GLY A 397 14.31 40.56 24.50
N THR A 398 14.25 39.44 25.22
CA THR A 398 15.45 38.62 25.37
C THR A 398 15.97 38.11 24.03
N ARG A 399 15.09 37.84 23.07
CA ARG A 399 15.45 37.10 21.87
C ARG A 399 16.07 37.97 20.77
N LYS A 400 15.99 39.29 20.88
CA LYS A 400 16.57 40.21 19.90
C LYS A 400 16.00 39.93 18.51
N LEU A 401 14.68 40.16 18.39
CA LEU A 401 13.97 39.74 17.19
C LEU A 401 14.46 40.47 15.95
N MET A 402 15.00 41.67 16.11
CA MET A 402 15.54 42.40 14.97
C MET A 402 16.70 41.68 14.30
N HIS A 403 17.49 40.94 15.07
CA HIS A 403 18.72 40.35 14.56
C HIS A 403 18.58 38.90 14.13
N VAL A 404 17.56 38.19 14.61
CA VAL A 404 17.42 36.77 14.29
C VAL A 404 16.99 36.64 12.83
N ALA A 405 17.07 35.42 12.32
CA ALA A 405 16.70 35.16 10.94
C ALA A 405 15.21 35.34 10.73
N TYR A 406 14.82 35.37 9.46
CA TYR A 406 13.41 35.54 9.12
C TYR A 406 12.58 34.35 9.57
N GLU A 407 13.13 33.13 9.42
CA GLU A 407 12.37 31.91 9.72
C GLU A 407 12.27 31.68 11.22
N GLU A 408 13.35 31.94 11.95
CA GLU A 408 13.26 31.90 13.40
C GLU A 408 12.21 32.89 13.89
N PHE A 409 12.12 34.05 13.23
CA PHE A 409 11.10 35.01 13.60
C PHE A 409 9.70 34.49 13.26
N GLU A 410 9.57 33.75 12.15
CA GLU A 410 8.30 33.08 11.86
C GLU A 410 7.88 32.20 13.03
N LYS A 411 8.81 31.37 13.52
CA LYS A 411 8.47 30.43 14.58
C LYS A 411 8.10 31.16 15.88
N VAL A 412 8.87 32.19 16.24
CA VAL A 412 8.58 32.94 17.47
C VAL A 412 7.24 33.65 17.34
N MET A 413 6.96 34.22 16.16
CA MET A 413 5.69 34.90 15.95
C MET A 413 4.53 33.93 16.02
N VAL A 414 4.72 32.72 15.51
CA VAL A 414 3.67 31.70 15.59
C VAL A 414 3.39 31.35 17.05
N ALA A 415 4.43 31.19 17.85
CA ALA A 415 4.23 30.89 19.27
C ALA A 415 3.48 32.02 19.97
N CYS A 416 3.86 33.27 19.69
CA CYS A 416 3.17 34.40 20.31
C CYS A 416 1.70 34.45 19.90
N PHE A 417 1.42 34.19 18.62
CA PHE A 417 0.04 34.17 18.16
C PHE A 417 -0.75 33.06 18.83
N GLU A 418 -0.13 31.91 19.04
CA GLU A 418 -0.80 30.84 19.78
C GLU A 418 -1.14 31.30 21.20
N VAL A 419 -0.22 32.03 21.83
CA VAL A 419 -0.50 32.55 23.17
C VAL A 419 -1.71 33.48 23.14
N PHE A 420 -1.74 34.42 22.19
CA PHE A 420 -2.88 35.34 22.12
C PHE A 420 -4.19 34.60 21.87
N GLN A 421 -4.18 33.63 20.96
CA GLN A 421 -5.39 32.90 20.67
C GLN A 421 -5.87 32.11 21.88
N THR A 422 -4.92 31.53 22.63
CA THR A 422 -5.30 30.81 23.84
C THR A 422 -5.94 31.74 24.86
N TRP A 423 -5.38 32.93 25.03
CA TRP A 423 -6.00 33.92 25.90
C TRP A 423 -7.43 34.20 25.46
N ASP A 424 -7.63 34.43 24.16
CA ASP A 424 -8.96 34.77 23.68
C ASP A 424 -9.95 33.64 23.94
N ASP A 425 -9.54 32.40 23.66
CA ASP A 425 -10.44 31.26 23.83
C ASP A 425 -10.82 31.09 25.29
N GLU A 426 -9.81 31.05 26.17
CA GLU A 426 -10.10 30.84 27.57
C GLU A 426 -10.89 31.99 28.16
N TYR A 427 -10.64 33.21 27.71
CA TYR A 427 -11.43 34.33 28.20
C TYR A 427 -12.87 34.25 27.71
N GLU A 428 -13.09 33.70 26.52
CA GLU A 428 -14.47 33.51 26.05
C GLU A 428 -15.20 32.49 26.92
N LYS A 429 -14.53 31.39 27.26
CA LYS A 429 -15.14 30.43 28.19
C LYS A 429 -15.42 31.09 29.54
N LEU A 430 -14.46 31.89 30.01
CA LEU A 430 -14.65 32.60 31.26
C LEU A 430 -15.84 33.54 31.20
N GLN A 431 -16.01 34.21 30.08
CA GLN A 431 -17.14 35.12 29.94
C GLN A 431 -18.46 34.36 29.95
N VAL A 432 -18.48 33.17 29.35
CA VAL A 432 -19.66 32.31 29.46
C VAL A 432 -19.98 32.05 30.93
N LEU A 433 -18.95 31.67 31.69
CA LEU A 433 -19.16 31.36 33.11
C LEU A 433 -19.67 32.58 33.87
N LEU A 434 -19.07 33.74 33.62
CA LEU A 434 -19.46 34.94 34.38
C LEU A 434 -20.85 35.42 33.98
N ARG A 435 -21.21 35.26 32.70
CA ARG A 435 -22.57 35.55 32.30
C ARG A 435 -23.55 34.68 33.06
N ASP A 436 -23.25 33.38 33.15
CA ASP A 436 -24.17 32.49 33.86
C ASP A 436 -24.25 32.80 35.35
N ILE A 437 -23.11 33.08 36.01
CA ILE A 437 -23.15 33.31 37.45
C ILE A 437 -23.85 34.63 37.75
N VAL A 438 -23.65 35.65 36.91
CA VAL A 438 -24.39 36.89 37.13
C VAL A 438 -25.88 36.66 36.92
N LYS A 439 -26.24 35.91 35.87
CA LYS A 439 -27.64 35.71 35.57
C LYS A 439 -28.35 34.92 36.66
N ARG A 440 -27.69 33.91 37.22
CA ARG A 440 -28.31 33.16 38.32
C ARG A 440 -28.55 34.07 39.52
N LYS A 441 -27.58 34.91 39.85
CA LYS A 441 -27.72 35.92 40.89
C LYS A 441 -28.10 37.26 40.27
N ARG A 442 -29.23 37.26 39.56
CA ARG A 442 -29.60 38.42 38.74
C ARG A 442 -29.83 39.66 39.59
N GLU A 443 -30.48 39.51 40.74
CA GLU A 443 -30.76 40.67 41.59
C GLU A 443 -29.47 41.32 42.09
N GLU A 444 -28.40 40.54 42.23
CA GLU A 444 -27.17 41.08 42.80
C GLU A 444 -26.55 42.15 41.91
N ASN A 445 -26.53 41.92 40.60
CA ASN A 445 -25.91 42.82 39.63
C ASN A 445 -26.99 43.39 38.73
N LEU A 446 -27.24 44.69 38.87
CA LEU A 446 -28.19 45.36 37.98
C LEU A 446 -27.58 45.63 36.62
N LYS A 447 -26.29 45.95 36.58
CA LYS A 447 -25.57 46.26 35.34
C LYS A 447 -24.49 45.20 35.13
N MET A 448 -24.55 44.53 33.98
CA MET A 448 -23.73 43.36 33.70
C MET A 448 -22.58 43.66 32.74
N VAL A 449 -22.30 44.93 32.45
CA VAL A 449 -21.24 45.24 31.50
C VAL A 449 -19.89 44.87 32.08
N TRP A 450 -18.96 44.54 31.17
CA TRP A 450 -17.58 44.18 31.58
C TRP A 450 -16.61 45.13 30.85
N ARG A 451 -16.75 45.29 29.53
CA ARG A 451 -15.90 46.24 28.75
C ARG A 451 -14.43 45.97 29.05
N ILE A 452 -14.01 44.70 28.96
CA ILE A 452 -12.61 44.34 29.36
C ILE A 452 -11.56 44.81 28.36
N ASN A 453 -10.84 45.90 28.67
CA ASN A 453 -9.70 46.32 27.86
C ASN A 453 -8.47 45.54 28.28
N PRO A 454 -8.13 44.41 27.64
CA PRO A 454 -6.87 43.75 27.97
C PRO A 454 -5.69 44.60 27.58
N ALA A 455 -4.67 44.62 28.44
CA ALA A 455 -3.52 45.48 28.23
C ALA A 455 -2.72 45.08 27.00
N HIS A 456 -2.52 43.78 26.78
CA HIS A 456 -1.70 43.30 25.68
C HIS A 456 -2.33 43.50 24.32
N ARG A 457 -3.60 43.92 24.26
CA ARG A 457 -4.20 44.27 22.97
C ARG A 457 -3.38 45.34 22.27
N LYS A 458 -2.83 46.28 23.03
CA LYS A 458 -1.90 47.24 22.45
C LYS A 458 -0.66 46.53 21.93
N LEU A 459 -0.11 45.62 22.73
CA LEU A 459 1.04 44.84 22.29
C LEU A 459 0.67 43.95 21.11
N GLN A 460 -0.52 43.35 21.15
CA GLN A 460 -0.90 42.41 20.10
C GLN A 460 -1.06 43.13 18.76
N ALA A 461 -1.77 44.25 18.75
CA ALA A 461 -1.93 45.02 17.52
C ALA A 461 -0.58 45.56 17.05
N ARG A 462 0.25 46.02 17.98
CA ARG A 462 1.57 46.53 17.60
C ARG A 462 2.42 45.44 16.99
N LEU A 463 2.47 44.26 17.61
CA LEU A 463 3.25 43.16 17.05
C LEU A 463 2.70 42.74 15.70
N ASP A 464 1.37 42.75 15.56
CA ASP A 464 0.76 42.35 14.29
C ASP A 464 1.19 43.30 13.18
N GLN A 465 1.20 44.60 13.47
CA GLN A 465 1.77 45.57 12.53
C GLN A 465 3.24 45.26 12.28
N MET A 466 3.95 44.85 13.32
CA MET A 466 5.36 44.52 13.17
C MET A 466 5.55 43.30 12.28
N ARG A 467 4.57 42.38 12.29
CA ARG A 467 4.65 41.24 11.38
C ARG A 467 4.46 41.66 9.95
N LYS A 468 3.33 42.29 9.64
CA LYS A 468 2.97 42.62 8.26
C LYS A 468 4.03 43.50 7.61
N PHE A 469 4.62 44.39 8.41
CA PHE A 469 5.73 45.20 7.92
C PHE A 469 6.88 44.32 7.45
N ARG A 470 7.31 43.39 8.29
CA ARG A 470 8.44 42.53 7.96
C ARG A 470 8.13 41.67 6.72
N ARG A 471 6.95 41.05 6.71
CA ARG A 471 6.64 40.11 5.64
C ARG A 471 6.53 40.82 4.30
N GLN A 472 5.85 41.97 4.28
CA GLN A 472 5.80 42.76 3.05
C GLN A 472 7.18 43.25 2.65
N HIS A 473 7.98 43.68 3.64
CA HIS A 473 9.28 44.24 3.32
C HIS A 473 10.25 43.18 2.82
N GLU A 474 10.37 42.06 3.52
CA GLU A 474 11.32 41.03 3.11
C GLU A 474 10.95 40.47 1.74
N GLN A 475 9.65 40.32 1.49
CA GLN A 475 9.19 39.93 0.16
C GLN A 475 9.62 40.95 -0.88
N LEU A 476 9.50 42.24 -0.55
CA LEU A 476 9.89 43.29 -1.48
C LEU A 476 11.40 43.24 -1.74
N ARG A 477 12.19 43.05 -0.69
CA ARG A 477 13.64 43.09 -0.85
C ARG A 477 14.13 41.95 -1.73
N ALA A 478 13.59 40.74 -1.51
CA ALA A 478 13.98 39.62 -2.35
C ALA A 478 13.55 39.82 -3.79
N VAL A 479 12.33 40.34 -4.00
CA VAL A 479 11.80 40.49 -5.35
C VAL A 479 12.58 41.56 -6.11
N ILE A 480 12.82 42.72 -5.47
CA ILE A 480 13.41 43.84 -6.19
C ILE A 480 14.84 43.51 -6.63
N VAL A 481 15.55 42.70 -5.84
CA VAL A 481 16.91 42.30 -6.21
C VAL A 481 16.90 41.53 -7.51
N ARG A 482 16.03 40.51 -7.60
CA ARG A 482 15.91 39.75 -8.84
C ARG A 482 15.44 40.66 -9.97
N VAL A 483 14.56 41.61 -9.66
CA VAL A 483 14.12 42.57 -10.67
C VAL A 483 15.29 43.40 -11.17
N LEU A 484 16.06 43.97 -10.25
CA LEU A 484 17.10 44.92 -10.62
C LEU A 484 18.39 44.24 -11.03
N ARG A 485 18.36 42.94 -11.30
CA ARG A 485 19.45 42.29 -12.01
C ARG A 485 19.28 42.52 -13.51
N PRO A 486 20.18 43.28 -14.17
CA PRO A 486 19.96 43.62 -15.57
C PRO A 486 20.12 42.42 -16.49
N GLN A 487 19.66 42.59 -17.73
CA GLN A 487 19.82 41.59 -18.76
C GLN A 487 21.32 41.48 -19.06
N VAL A 488 21.94 40.40 -18.57
CA VAL A 488 23.37 40.19 -18.74
C VAL A 488 23.63 39.63 -20.13
N PHE A 512 24.29 47.12 -15.26
CA PHE A 512 23.93 47.51 -13.90
C PHE A 512 23.78 49.02 -13.80
N ASP A 513 22.53 49.46 -13.88
CA ASP A 513 22.22 50.88 -13.79
C ASP A 513 22.59 51.40 -12.41
N ALA A 514 23.05 52.66 -12.37
CA ALA A 514 23.46 53.24 -11.09
C ALA A 514 22.29 53.34 -10.12
N ALA A 515 21.07 53.50 -10.63
CA ALA A 515 19.91 53.55 -9.75
C ALA A 515 19.54 52.17 -9.25
N ASP A 516 19.80 51.13 -10.05
CA ASP A 516 19.43 49.77 -9.66
C ASP A 516 20.12 49.36 -8.37
N ALA A 517 21.45 49.53 -8.30
CA ALA A 517 22.15 49.26 -7.06
C ALA A 517 21.71 50.21 -5.95
N ASN A 518 21.37 51.45 -6.33
CA ASN A 518 20.95 52.43 -5.33
C ASN A 518 19.64 52.03 -4.67
N ALA A 519 18.69 51.51 -5.47
CA ALA A 519 17.40 51.11 -4.89
C ALA A 519 17.57 49.99 -3.88
N ILE A 520 18.42 49.00 -4.18
CA ILE A 520 18.66 47.92 -3.24
C ILE A 520 19.32 48.45 -1.98
N GLU A 521 20.13 49.50 -2.11
CA GLU A 521 20.64 50.19 -0.93
C GLU A 521 19.53 50.93 -0.21
N GLU A 522 18.66 51.60 -0.96
CA GLU A 522 17.62 52.43 -0.36
C GLU A 522 16.65 51.59 0.47
N VAL A 523 16.22 50.45 -0.06
CA VAL A 523 15.33 49.57 0.69
C VAL A 523 16.04 49.07 1.94
N ASN A 524 17.32 48.73 1.83
CA ASN A 524 18.07 48.29 2.99
C ASN A 524 18.24 49.42 4.00
N LEU A 525 18.49 50.64 3.52
CA LEU A 525 18.63 51.77 4.44
C LEU A 525 17.34 52.01 5.21
N ALA A 526 16.20 51.93 4.53
CA ALA A 526 14.93 52.23 5.18
C ALA A 526 14.62 51.22 6.29
N TYR A 527 14.96 49.96 6.08
CA TYR A 527 14.73 48.95 7.11
C TYR A 527 15.56 49.22 8.35
N GLU A 528 16.82 49.63 8.15
CA GLU A 528 17.68 49.88 9.30
C GLU A 528 17.14 51.03 10.14
N ASN A 529 16.55 52.05 9.50
CA ASN A 529 16.06 53.22 10.22
C ASN A 529 14.93 52.85 11.17
N VAL A 530 14.01 51.99 10.73
CA VAL A 530 12.96 51.51 11.63
C VAL A 530 13.53 50.50 12.62
N LYS A 531 14.69 49.91 12.31
CA LYS A 531 15.21 48.81 13.12
C LYS A 531 15.63 49.29 14.52
N GLU A 532 16.00 50.57 14.66
CA GLU A 532 16.40 51.05 15.98
C GLU A 532 15.21 51.31 16.89
N VAL A 533 14.04 51.62 16.32
CA VAL A 533 12.89 52.00 17.12
C VAL A 533 12.42 50.81 17.94
N ASP A 534 12.01 51.07 19.17
CA ASP A 534 11.62 50.00 20.09
C ASP A 534 10.25 49.47 19.70
N GLY A 535 10.22 48.27 19.10
CA GLY A 535 8.96 47.61 18.83
C GLY A 535 8.18 47.24 20.09
N LEU A 536 8.87 47.12 21.22
CA LEU A 536 8.24 46.71 22.47
C LEU A 536 7.56 47.86 23.20
N ASP A 537 7.83 49.10 22.83
CA ASP A 537 7.20 50.25 23.48
C ASP A 537 5.84 50.50 22.84
N VAL A 538 4.78 50.24 23.60
CA VAL A 538 3.42 50.55 23.17
C VAL A 538 2.94 51.88 23.75
N SER A 539 3.83 52.64 24.39
CA SER A 539 3.46 53.94 24.93
C SER A 539 3.18 54.91 23.80
N LYS A 540 2.65 56.08 24.18
CA LYS A 540 2.41 57.13 23.20
C LYS A 540 3.71 57.58 22.55
N GLU A 541 4.81 57.54 23.31
CA GLU A 541 6.10 57.94 22.73
C GLU A 541 6.59 56.91 21.73
N GLY A 542 6.55 55.62 22.10
CA GLY A 542 6.96 54.59 21.17
C GLY A 542 6.05 54.50 19.97
N THR A 543 4.74 54.63 20.20
CA THR A 543 3.79 54.57 19.10
C THR A 543 4.01 55.69 18.11
N GLU A 544 4.15 56.93 18.61
CA GLU A 544 4.43 58.05 17.73
C GLU A 544 5.79 57.89 17.06
N ALA A 545 6.80 57.45 17.82
CA ALA A 545 8.11 57.21 17.23
C ALA A 545 8.05 56.11 16.19
N TRP A 546 7.30 55.04 16.47
CA TRP A 546 7.14 53.97 15.49
C TRP A 546 6.44 54.48 14.24
N GLU A 547 5.37 55.26 14.41
CA GLU A 547 4.65 55.79 13.26
C GLU A 547 5.55 56.69 12.43
N ALA A 548 6.28 57.59 13.09
CA ALA A 548 7.15 58.52 12.38
C ALA A 548 8.21 57.78 11.58
N ALA A 549 8.80 56.74 12.18
CA ALA A 549 9.78 55.95 11.45
C ALA A 549 9.14 55.27 10.25
N MET A 550 7.93 54.72 10.42
CA MET A 550 7.25 54.06 9.31
C MET A 550 6.95 55.04 8.20
N LYS A 551 6.50 56.26 8.55
CA LYS A 551 6.29 57.28 7.52
C LYS A 551 7.61 57.63 6.85
N ARG A 552 8.69 57.72 7.62
CA ARG A 552 10.01 57.91 7.01
C ARG A 552 10.40 56.71 6.17
N TYR A 553 10.04 55.51 6.61
CA TYR A 553 10.27 54.32 5.79
C TYR A 553 9.48 54.40 4.49
N ASP A 554 8.22 54.84 4.57
CA ASP A 554 7.35 54.81 3.40
C ASP A 554 7.85 55.73 2.30
N GLU A 555 8.25 56.95 2.66
CA GLU A 555 8.77 57.87 1.65
C GLU A 555 10.04 57.33 1.00
N ARG A 556 10.87 56.63 1.78
CA ARG A 556 12.03 55.96 1.20
C ARG A 556 11.59 54.90 0.20
N ILE A 557 10.60 54.08 0.56
CA ILE A 557 10.09 53.10 -0.38
C ILE A 557 9.37 53.78 -1.53
N ASP A 558 8.77 54.95 -1.28
CA ASP A 558 8.21 55.73 -2.38
C ASP A 558 9.32 56.14 -3.35
N ARG A 559 10.50 56.49 -2.83
CA ARG A 559 11.64 56.72 -3.70
C ARG A 559 12.03 55.45 -4.42
N VAL A 560 11.92 54.30 -3.75
CA VAL A 560 12.13 53.03 -4.42
C VAL A 560 11.07 52.81 -5.48
N GLU A 561 9.81 53.13 -5.16
CA GLU A 561 8.74 52.98 -6.15
C GLU A 561 8.98 53.85 -7.37
N THR A 562 9.45 55.09 -7.16
CA THR A 562 9.71 55.96 -8.31
C THR A 562 10.82 55.39 -9.18
N ARG A 563 11.83 54.77 -8.58
CA ARG A 563 12.85 54.07 -9.36
C ARG A 563 12.22 52.93 -10.15
N ILE A 564 11.32 52.17 -9.53
CA ILE A 564 10.63 51.10 -10.25
C ILE A 564 9.82 51.66 -11.40
N THR A 565 9.24 52.86 -11.21
CA THR A 565 8.49 53.48 -12.30
C THR A 565 9.39 53.71 -13.50
N ALA A 566 10.63 54.15 -13.26
CA ALA A 566 11.59 54.24 -14.35
C ALA A 566 11.87 52.88 -14.96
N ARG A 567 12.02 51.85 -14.12
CA ARG A 567 12.17 50.49 -14.64
C ARG A 567 10.95 50.07 -15.43
N LEU A 568 9.76 50.49 -14.98
CA LEU A 568 8.55 50.19 -15.73
C LEU A 568 8.58 50.84 -17.12
N ARG A 569 9.20 52.02 -17.24
CA ARG A 569 9.49 52.54 -18.57
C ARG A 569 10.50 51.64 -19.28
N ASP A 570 11.53 51.20 -18.55
CA ASP A 570 12.63 50.47 -19.17
C ASP A 570 12.15 49.14 -19.75
N GLN A 571 11.31 48.42 -19.02
CA GLN A 571 11.03 47.04 -19.39
C GLN A 571 10.06 46.96 -20.58
N LEU A 572 9.08 47.85 -20.63
CA LEU A 572 8.06 47.74 -21.69
C LEU A 572 8.63 48.17 -23.04
N GLY A 573 9.51 49.17 -23.04
CA GLY A 573 10.05 49.64 -24.31
C GLY A 573 10.80 48.56 -25.06
N THR A 574 11.43 47.64 -24.33
CA THR A 574 12.06 46.50 -24.97
C THR A 574 11.03 45.54 -25.54
N ALA A 575 9.96 45.28 -24.80
CA ALA A 575 9.03 44.21 -25.13
C ALA A 575 7.90 44.71 -26.03
N LYS A 576 7.73 44.04 -27.17
CA LYS A 576 6.62 44.31 -28.09
C LYS A 576 5.57 43.22 -28.10
N ASN A 577 5.94 41.97 -27.84
CA ASN A 577 4.97 40.88 -27.81
C ASN A 577 4.24 40.85 -26.47
N ALA A 578 3.01 40.35 -26.50
CA ALA A 578 2.22 40.24 -25.27
C ALA A 578 2.91 39.31 -24.28
N ASN A 579 3.43 38.19 -24.76
CA ASN A 579 4.11 37.23 -23.89
C ASN A 579 5.32 37.87 -23.22
N GLU A 580 6.08 38.65 -23.99
CA GLU A 580 7.29 39.29 -23.45
C GLU A 580 6.96 40.16 -22.25
N MET A 581 5.91 40.99 -22.36
CA MET A 581 5.57 41.88 -21.26
C MET A 581 5.13 41.11 -20.03
N PHE A 582 4.47 39.96 -20.23
CA PHE A 582 4.00 39.19 -19.09
C PHE A 582 5.16 38.67 -18.25
N ARG A 583 6.25 38.26 -18.91
CA ARG A 583 7.38 37.70 -18.18
C ARG A 583 7.99 38.72 -17.24
N ILE A 584 8.40 39.87 -17.79
CA ILE A 584 8.90 40.97 -16.98
C ILE A 584 7.84 41.42 -15.99
N PHE A 585 6.57 41.45 -16.41
CA PHE A 585 5.49 41.74 -15.49
C PHE A 585 5.37 40.67 -14.42
N SER A 586 5.65 39.42 -14.79
CA SER A 586 5.57 38.33 -13.82
C SER A 586 6.57 38.52 -12.69
N ARG A 587 7.71 39.14 -12.98
CA ARG A 587 8.74 39.32 -11.97
C ARG A 587 8.26 40.19 -10.82
N PHE A 588 7.34 41.11 -11.09
CA PHE A 588 6.97 42.14 -10.11
C PHE A 588 5.84 41.62 -9.22
N ASN A 589 6.17 40.56 -8.47
CA ASN A 589 5.17 39.88 -7.67
C ASN A 589 4.88 40.61 -6.37
N ALA A 590 5.88 41.23 -5.75
CA ALA A 590 5.67 41.91 -4.48
C ALA A 590 4.89 43.20 -4.66
N LEU A 591 4.92 43.81 -5.83
CA LEU A 591 4.38 45.15 -6.04
C LEU A 591 2.92 45.16 -6.44
N PHE A 592 2.25 44.01 -6.49
CA PHE A 592 0.81 44.01 -6.73
C PHE A 592 0.01 44.44 -5.51
N VAL A 593 0.64 44.54 -4.33
CA VAL A 593 -0.01 45.10 -3.16
C VAL A 593 0.00 46.62 -3.17
N ARG A 594 1.00 47.24 -3.80
CA ARG A 594 1.15 48.68 -3.78
C ARG A 594 0.35 49.32 -4.91
N PRO A 595 -0.62 50.23 -4.65
CA PRO A 595 -1.29 50.91 -5.77
C PRO A 595 -0.55 52.15 -6.25
N HIS A 596 0.77 52.00 -6.43
CA HIS A 596 1.61 53.00 -7.08
C HIS A 596 2.10 52.40 -8.38
N ILE A 597 2.58 51.15 -8.30
CA ILE A 597 2.96 50.42 -9.49
C ILE A 597 1.75 50.03 -10.31
N ARG A 598 0.59 49.80 -9.67
CA ARG A 598 -0.62 49.46 -10.40
C ARG A 598 -1.04 50.61 -11.32
N GLY A 599 -0.91 51.85 -10.85
CA GLY A 599 -1.11 52.97 -11.74
C GLY A 599 -0.11 52.98 -12.88
N ALA A 600 1.15 52.72 -12.57
CA ALA A 600 2.16 52.61 -13.63
C ALA A 600 1.88 51.42 -14.52
N ILE A 601 1.24 50.38 -13.98
CA ILE A 601 0.70 49.33 -14.85
C ILE A 601 -0.47 49.88 -15.65
N ARG A 602 -1.33 50.68 -15.00
CA ARG A 602 -2.47 51.25 -15.71
C ARG A 602 -2.03 52.18 -16.83
N GLU A 603 -0.81 52.70 -16.76
CA GLU A 603 -0.23 53.40 -17.90
C GLU A 603 -0.15 52.47 -19.10
N TYR A 604 0.24 51.22 -18.88
CA TYR A 604 0.44 50.26 -19.95
C TYR A 604 -0.74 49.35 -20.21
N GLN A 605 -1.73 49.32 -19.30
CA GLN A 605 -2.79 48.30 -19.36
C GLN A 605 -3.50 48.32 -20.71
N THR A 606 -3.90 49.50 -21.19
CA THR A 606 -4.66 49.60 -22.42
C THR A 606 -3.91 49.01 -23.61
N GLN A 607 -2.57 49.04 -23.56
CA GLN A 607 -1.79 48.41 -24.61
C GLN A 607 -1.86 46.88 -24.50
N LEU A 608 -1.80 46.34 -23.28
CA LEU A 608 -1.65 44.90 -23.12
C LEU A 608 -2.90 44.15 -23.55
N ILE A 609 -4.09 44.74 -23.37
CA ILE A 609 -5.29 44.12 -23.92
C ILE A 609 -5.21 44.06 -25.45
N GLN A 610 -4.62 45.09 -26.07
CA GLN A 610 -4.43 45.03 -27.51
C GLN A 610 -3.43 43.94 -27.89
N ARG A 611 -2.37 43.79 -27.10
CA ARG A 611 -1.37 42.77 -27.42
C ARG A 611 -1.96 41.36 -27.29
N VAL A 612 -2.63 41.07 -26.18
CA VAL A 612 -3.19 39.74 -25.99
C VAL A 612 -4.33 39.50 -26.96
N LYS A 613 -5.04 40.56 -27.37
CA LYS A 613 -6.04 40.42 -28.43
C LYS A 613 -5.41 39.87 -29.70
N ASP A 614 -4.16 40.25 -29.97
CA ASP A 614 -3.49 39.76 -31.17
C ASP A 614 -3.13 38.29 -31.04
N ASP A 615 -2.69 37.87 -29.85
CA ASP A 615 -2.40 36.46 -29.63
C ASP A 615 -3.66 35.62 -29.79
N ILE A 616 -4.77 36.08 -29.20
CA ILE A 616 -6.03 35.36 -29.35
C ILE A 616 -6.49 35.41 -30.80
N GLU A 617 -6.27 36.55 -31.46
CA GLU A 617 -6.51 36.63 -32.90
C GLU A 617 -5.68 35.60 -33.64
N SER A 618 -4.37 35.58 -33.38
CA SER A 618 -3.50 34.60 -34.02
C SER A 618 -3.90 33.19 -33.64
N LEU A 619 -4.29 32.97 -32.38
CA LEU A 619 -4.81 31.67 -31.99
C LEU A 619 -6.09 31.34 -32.76
N HIS A 620 -6.95 32.34 -32.95
CA HIS A 620 -8.13 32.14 -33.80
C HIS A 620 -7.73 31.85 -35.24
N ASP A 621 -6.66 32.50 -35.72
CA ASP A 621 -6.20 32.26 -37.08
C ASP A 621 -5.77 30.81 -37.24
N LYS A 622 -5.12 30.25 -36.23
CA LYS A 622 -4.78 28.82 -36.28
C LYS A 622 -6.04 27.97 -36.33
N PHE A 623 -7.09 28.39 -35.63
CA PHE A 623 -8.34 27.65 -35.66
C PHE A 623 -9.07 27.82 -36.99
N LYS A 624 -8.82 28.92 -37.70
CA LYS A 624 -9.46 29.11 -39.00
C LYS A 624 -9.05 28.01 -39.96
N VAL A 625 -7.76 27.66 -39.98
CA VAL A 625 -7.32 26.48 -40.70
C VAL A 625 -7.90 25.25 -40.01
N GLN A 626 -8.72 24.49 -40.72
CA GLN A 626 -9.37 23.34 -40.12
C GLN A 626 -8.33 22.29 -39.76
N TYR A 627 -8.71 21.39 -38.85
CA TYR A 627 -7.79 20.36 -38.38
C TYR A 627 -7.24 19.49 -39.50
N PRO A 628 -8.04 18.98 -40.45
CA PRO A 628 -7.44 18.16 -41.52
C PRO A 628 -6.43 18.92 -42.37
N GLN A 629 -6.68 20.22 -42.60
CA GLN A 629 -5.71 21.03 -43.34
C GLN A 629 -4.43 21.22 -42.55
N SER A 630 -4.54 21.30 -41.23
CA SER A 630 -3.40 21.67 -40.40
C SER A 630 -2.32 20.59 -40.46
N GLN A 631 -1.09 21.00 -40.19
CA GLN A 631 0.01 20.05 -40.10
C GLN A 631 -0.23 19.05 -38.97
N ALA A 632 -1.02 19.42 -37.96
CA ALA A 632 -1.27 18.52 -36.83
C ALA A 632 -1.93 17.22 -37.28
N CYS A 633 -2.89 17.30 -38.21
CA CYS A 633 -3.55 16.08 -38.68
C CYS A 633 -2.57 15.15 -39.37
N LYS A 634 -1.67 15.70 -40.18
CA LYS A 634 -0.70 14.87 -40.90
C LYS A 634 0.19 14.10 -39.93
N MET A 635 0.68 14.81 -38.90
CA MET A 635 1.69 14.24 -38.02
C MET A 635 1.06 13.54 -36.82
N SER A 636 -0.22 13.82 -36.54
CA SER A 636 -0.98 12.94 -35.67
C SER A 636 -1.16 11.58 -36.30
N HIS A 637 -1.45 11.56 -37.61
CA HIS A 637 -1.55 10.29 -38.32
C HIS A 637 -0.25 9.50 -38.24
N VAL A 638 0.88 10.19 -38.30
CA VAL A 638 2.18 9.54 -38.11
C VAL A 638 2.25 8.88 -36.75
N ARG A 639 1.68 9.50 -35.72
CA ARG A 639 1.90 9.12 -34.34
C ARG A 639 0.70 8.37 -33.77
N ASP A 640 0.18 7.42 -34.55
CA ASP A 640 -0.89 6.46 -34.20
C ASP A 640 -1.98 7.09 -33.34
N LEU A 641 -2.39 8.28 -33.77
CA LEU A 641 -3.48 9.02 -33.15
C LEU A 641 -4.66 9.00 -34.12
N PRO A 642 -5.78 8.35 -33.83
CA PRO A 642 -6.86 8.26 -34.82
C PRO A 642 -7.47 9.63 -35.09
N PRO A 643 -8.21 9.78 -36.19
CA PRO A 643 -8.59 11.13 -36.63
C PRO A 643 -9.52 11.87 -35.67
N VAL A 644 -10.60 11.22 -35.22
CA VAL A 644 -11.59 11.93 -34.42
C VAL A 644 -10.99 12.37 -33.09
N SER A 645 -10.21 11.49 -32.45
CA SER A 645 -9.50 11.90 -31.25
C SER A 645 -8.48 12.98 -31.57
N GLY A 646 -7.84 12.89 -32.73
CA GLY A 646 -6.85 13.89 -33.11
C GLY A 646 -7.44 15.28 -33.25
N SER A 647 -8.61 15.37 -33.88
CA SER A 647 -9.28 16.67 -33.99
C SER A 647 -9.64 17.20 -32.61
N ILE A 648 -10.12 16.32 -31.72
CA ILE A 648 -10.49 16.75 -30.37
C ILE A 648 -9.27 17.29 -29.64
N ILE A 649 -8.16 16.55 -29.67
CA ILE A 649 -6.96 16.96 -28.94
C ILE A 649 -6.44 18.28 -29.51
N TRP A 650 -6.45 18.42 -30.83
CA TRP A 650 -5.99 19.66 -31.44
C TRP A 650 -6.84 20.85 -31.03
N ALA A 651 -8.14 20.63 -30.87
CA ALA A 651 -9.02 21.70 -30.40
C ALA A 651 -8.82 21.97 -28.92
N LYS A 652 -8.60 20.92 -28.13
CA LYS A 652 -8.51 21.10 -26.67
C LYS A 652 -7.29 21.93 -26.29
N GLN A 653 -6.16 21.73 -26.96
CA GLN A 653 -4.98 22.52 -26.65
C GLN A 653 -5.21 24.00 -26.95
N ILE A 654 -5.89 24.31 -28.05
CA ILE A 654 -6.16 25.70 -28.40
C ILE A 654 -7.01 26.34 -27.31
N ASP A 655 -8.04 25.64 -26.84
CA ASP A 655 -8.88 26.17 -25.76
C ASP A 655 -8.06 26.44 -24.51
N ARG A 656 -7.14 25.53 -24.18
CA ARG A 656 -6.32 25.73 -22.99
C ARG A 656 -5.42 26.95 -23.13
N GLN A 657 -4.80 27.12 -24.31
CA GLN A 657 -3.92 28.27 -24.49
C GLN A 657 -4.71 29.56 -24.55
N LEU A 658 -5.97 29.50 -25.01
CA LEU A 658 -6.85 30.65 -24.84
C LEU A 658 -7.05 30.94 -23.37
N THR A 659 -7.32 29.91 -22.57
CA THR A 659 -7.48 30.11 -21.13
C THR A 659 -6.19 30.63 -20.50
N ALA A 660 -5.04 30.16 -21.00
CA ALA A 660 -3.77 30.65 -20.47
C ALA A 660 -3.62 32.15 -20.70
N TYR A 661 -4.01 32.63 -21.88
CA TYR A 661 -3.95 34.06 -22.15
C TYR A 661 -4.90 34.84 -21.25
N MET A 662 -6.09 34.29 -21.00
CA MET A 662 -7.07 34.99 -20.16
C MET A 662 -6.56 35.13 -18.73
N LYS A 663 -5.82 34.13 -18.24
CA LYS A 663 -5.25 34.24 -16.90
C LYS A 663 -4.21 35.34 -16.83
N ARG A 664 -3.43 35.52 -17.89
CA ARG A 664 -2.46 36.61 -17.93
C ARG A 664 -3.16 37.95 -17.80
N VAL A 665 -4.32 38.10 -18.46
CA VAL A 665 -5.09 39.34 -18.39
C VAL A 665 -5.52 39.61 -16.95
N GLU A 666 -5.95 38.57 -16.23
CA GLU A 666 -6.30 38.73 -14.84
C GLU A 666 -5.09 39.16 -14.02
N ASP A 667 -3.90 38.65 -14.36
CA ASP A 667 -2.69 39.11 -13.72
C ASP A 667 -2.38 40.55 -14.12
N VAL A 668 -2.49 40.85 -15.41
CA VAL A 668 -2.18 42.19 -15.91
C VAL A 668 -3.17 43.21 -15.33
N LEU A 669 -4.46 42.93 -15.47
CA LEU A 669 -5.50 43.87 -15.07
C LEU A 669 -5.97 43.67 -13.63
N GLY A 670 -5.46 42.65 -12.93
CA GLY A 670 -5.88 42.40 -11.57
C GLY A 670 -7.25 41.75 -11.50
N LYS A 671 -7.66 41.48 -10.26
CA LYS A 671 -8.97 40.89 -10.04
C LYS A 671 -10.06 41.89 -10.39
N GLY A 672 -11.20 41.38 -10.85
CA GLY A 672 -12.26 42.24 -11.32
C GLY A 672 -11.97 42.92 -12.64
N TRP A 673 -11.04 42.37 -13.43
CA TRP A 673 -10.71 42.99 -14.71
C TRP A 673 -11.90 42.99 -15.66
N GLU A 674 -12.77 41.99 -15.57
CA GLU A 674 -13.88 41.86 -16.50
C GLU A 674 -14.79 43.07 -16.47
N ASN A 675 -14.90 43.73 -15.32
CA ASN A 675 -15.67 44.95 -15.21
C ASN A 675 -15.13 46.09 -16.08
N HIS A 676 -13.87 46.03 -16.46
CA HIS A 676 -13.30 47.06 -17.32
C HIS A 676 -13.98 47.04 -18.68
N VAL A 677 -14.13 48.23 -19.26
CA VAL A 677 -14.75 48.35 -20.58
C VAL A 677 -13.92 47.60 -21.61
N GLU A 678 -12.60 47.76 -21.54
CA GLU A 678 -11.72 46.92 -22.36
C GLU A 678 -11.90 45.45 -22.00
N GLY A 679 -12.05 45.17 -20.70
CA GLY A 679 -12.18 43.78 -20.27
C GLY A 679 -13.43 43.10 -20.80
N GLN A 680 -14.54 43.85 -20.86
CA GLN A 680 -15.78 43.28 -21.39
C GLN A 680 -15.61 42.86 -22.85
N LYS A 681 -14.97 43.71 -23.64
CA LYS A 681 -14.82 43.43 -25.06
C LYS A 681 -13.95 42.20 -25.31
N LEU A 682 -12.78 42.15 -24.68
CA LEU A 682 -11.89 41.01 -24.84
C LEU A 682 -12.53 39.74 -24.31
N LYS A 683 -13.23 39.83 -23.18
CA LYS A 683 -13.91 38.66 -22.63
C LYS A 683 -14.97 38.16 -23.59
N GLN A 684 -15.71 39.07 -24.21
CA GLN A 684 -16.68 38.68 -25.22
C GLN A 684 -15.99 37.98 -26.39
N ASP A 685 -14.84 38.52 -26.82
CA ASP A 685 -14.10 37.89 -27.91
C ASP A 685 -13.61 36.50 -27.52
N GLY A 686 -13.09 36.34 -26.31
CA GLY A 686 -12.63 35.05 -25.86
C GLY A 686 -13.76 34.04 -25.73
N ASP A 687 -14.90 34.47 -25.21
CA ASP A 687 -16.02 33.56 -25.03
C ASP A 687 -16.51 33.01 -26.36
N SER A 688 -16.64 33.87 -27.37
CA SER A 688 -17.12 33.43 -28.68
C SER A 688 -16.16 32.40 -29.29
N PHE A 689 -14.86 32.65 -29.20
CA PHE A 689 -13.89 31.66 -29.67
C PHE A 689 -13.97 30.39 -28.85
N ARG A 690 -14.20 30.52 -27.53
CA ARG A 690 -14.31 29.34 -26.67
C ARG A 690 -15.49 28.47 -27.07
N MET A 691 -16.62 29.10 -27.40
CA MET A 691 -17.77 28.34 -27.88
C MET A 691 -17.43 27.55 -29.13
N LYS A 692 -16.68 28.17 -30.05
CA LYS A 692 -16.31 27.49 -31.29
C LYS A 692 -15.40 26.30 -31.04
N LEU A 693 -14.71 26.26 -29.90
CA LEU A 693 -13.77 25.19 -29.60
C LEU A 693 -14.41 24.05 -28.82
N ASN A 694 -15.73 23.96 -28.77
CA ASN A 694 -16.38 22.83 -28.11
C ASN A 694 -15.99 21.53 -28.79
N THR A 695 -15.61 20.55 -27.98
CA THR A 695 -15.22 19.23 -28.45
C THR A 695 -16.27 18.16 -28.19
N GLN A 696 -17.36 18.49 -27.49
CA GLN A 696 -18.44 17.53 -27.31
C GLN A 696 -19.17 17.27 -28.63
N GLU A 697 -19.25 18.27 -29.50
CA GLU A 697 -19.97 18.11 -30.75
C GLU A 697 -19.33 17.03 -31.62
N ILE A 698 -18.00 16.93 -31.59
CA ILE A 698 -17.30 15.97 -32.43
C ILE A 698 -17.47 14.56 -31.89
N PHE A 699 -17.35 14.40 -30.57
CA PHE A 699 -17.44 13.07 -29.98
C PHE A 699 -18.83 12.46 -30.15
N ASP A 700 -19.86 13.27 -30.02
CA ASP A 700 -21.23 12.75 -30.10
C ASP A 700 -21.53 12.20 -31.49
N ASP A 701 -21.11 12.91 -32.53
CA ASP A 701 -21.36 12.46 -33.90
C ASP A 701 -20.70 11.12 -34.16
N TRP A 702 -19.47 10.95 -33.67
CA TRP A 702 -18.75 9.69 -33.85
C TRP A 702 -19.49 8.52 -33.21
N ALA A 703 -20.05 8.74 -32.00
CA ALA A 703 -20.80 7.68 -31.34
C ALA A 703 -22.01 7.28 -32.17
N ARG A 704 -22.72 8.26 -32.73
CA ARG A 704 -23.85 7.97 -33.62
C ARG A 704 -23.37 7.22 -34.86
N LYS A 705 -22.34 7.74 -35.52
CA LYS A 705 -21.87 7.14 -36.77
C LYS A 705 -21.36 5.73 -36.55
N VAL A 706 -20.62 5.51 -35.46
CA VAL A 706 -20.11 4.17 -35.16
C VAL A 706 -21.26 3.21 -34.96
N GLN A 707 -22.27 3.63 -34.19
CA GLN A 707 -23.44 2.78 -33.98
C GLN A 707 -24.16 2.48 -35.28
N GLN A 708 -24.17 3.44 -36.21
CA GLN A 708 -24.72 3.17 -37.52
C GLN A 708 -23.90 2.10 -38.25
N ARG A 709 -22.58 2.18 -38.14
CA ARG A 709 -21.73 1.20 -38.83
C ARG A 709 -21.88 -0.19 -38.22
N ASN A 710 -22.06 -0.26 -36.91
CA ASN A 710 -22.26 -1.54 -36.21
C ASN A 710 -21.05 -2.46 -36.40
N LEU A 711 -19.91 -2.03 -35.85
CA LEU A 711 -18.68 -2.82 -36.01
C LEU A 711 -18.70 -4.02 -35.08
N GLY A 712 -18.21 -5.14 -35.61
CA GLY A 712 -18.02 -6.36 -34.85
C GLY A 712 -17.33 -7.36 -35.75
N VAL A 713 -16.31 -8.05 -35.26
CA VAL A 713 -15.53 -8.94 -36.13
C VAL A 713 -16.43 -10.06 -36.63
N SER A 714 -16.96 -10.86 -35.72
CA SER A 714 -18.05 -11.84 -35.95
C SER A 714 -17.71 -12.70 -37.17
N GLY A 715 -18.69 -13.12 -37.97
CA GLY A 715 -18.41 -13.87 -39.17
C GLY A 715 -17.73 -15.19 -38.85
N ARG A 716 -16.44 -15.25 -39.15
CA ARG A 716 -15.60 -16.41 -38.87
C ARG A 716 -14.25 -15.93 -38.36
N ILE A 717 -13.43 -16.87 -37.90
CA ILE A 717 -12.07 -16.49 -37.51
C ILE A 717 -11.25 -16.12 -38.73
N PHE A 718 -11.48 -16.80 -39.85
CA PHE A 718 -10.87 -16.49 -41.13
C PHE A 718 -11.99 -16.25 -42.15
N THR A 719 -11.86 -15.18 -42.92
CA THR A 719 -12.72 -14.92 -44.08
C THR A 719 -11.80 -14.55 -45.23
N ILE A 720 -11.62 -15.50 -46.15
CA ILE A 720 -10.64 -15.32 -47.22
C ILE A 720 -11.09 -14.21 -48.16
N GLU A 721 -10.11 -13.48 -48.70
CA GLU A 721 -10.35 -12.44 -49.68
C GLU A 721 -9.47 -12.68 -50.89
N SER A 722 -9.78 -11.96 -51.97
CA SER A 722 -9.14 -12.16 -53.27
C SER A 722 -8.16 -11.02 -53.53
N THR A 723 -7.06 -11.34 -54.23
CA THR A 723 -6.04 -10.36 -54.60
C THR A 723 -5.53 -10.68 -55.99
N ARG A 724 -5.36 -9.64 -56.81
CA ARG A 724 -4.75 -9.79 -58.13
C ARG A 724 -3.23 -9.70 -57.98
N VAL A 725 -2.54 -10.75 -58.41
CA VAL A 725 -1.09 -10.85 -58.30
C VAL A 725 -0.48 -10.69 -59.69
N ARG A 726 0.55 -9.86 -59.78
CA ARG A 726 1.27 -9.69 -61.03
C ARG A 726 1.86 -11.02 -61.48
N GLY A 727 1.73 -11.30 -62.78
CA GLY A 727 2.28 -12.50 -63.36
C GLY A 727 1.40 -13.73 -63.25
N ARG A 728 0.17 -13.60 -62.76
CA ARG A 728 -0.78 -14.70 -62.69
C ARG A 728 -2.13 -14.22 -63.20
N THR A 729 -2.66 -14.92 -64.20
CA THR A 729 -3.89 -14.50 -64.87
C THR A 729 -5.13 -14.67 -64.01
N GLY A 730 -5.10 -15.58 -63.05
CA GLY A 730 -6.22 -15.78 -62.14
C GLY A 730 -5.95 -15.06 -60.83
N ASN A 731 -7.02 -14.57 -60.21
CA ASN A 731 -6.89 -13.90 -58.94
C ASN A 731 -6.34 -14.86 -57.89
N VAL A 732 -5.35 -14.41 -57.15
CA VAL A 732 -4.72 -15.22 -56.10
C VAL A 732 -5.41 -14.92 -54.78
N LEU A 733 -6.00 -15.96 -54.21
CA LEU A 733 -6.64 -15.86 -52.90
C LEU A 733 -5.55 -15.99 -51.84
N LYS A 734 -5.41 -14.97 -51.01
CA LYS A 734 -4.51 -14.99 -49.87
C LYS A 734 -5.32 -15.10 -48.60
N LEU A 735 -4.97 -16.08 -47.77
CA LEU A 735 -5.64 -16.25 -46.50
C LEU A 735 -5.45 -15.00 -45.64
N LYS A 736 -6.55 -14.52 -45.04
CA LYS A 736 -6.56 -13.32 -44.24
C LYS A 736 -7.34 -13.57 -42.97
N VAL A 737 -6.89 -13.00 -41.86
CA VAL A 737 -7.68 -13.02 -40.64
C VAL A 737 -8.93 -12.19 -40.87
N ASN A 738 -10.08 -12.74 -40.49
CA ASN A 738 -11.35 -12.06 -40.67
C ASN A 738 -11.33 -10.76 -39.87
N PHE A 739 -11.25 -9.63 -40.58
CA PHE A 739 -10.93 -8.37 -39.93
C PHE A 739 -11.15 -7.25 -40.93
N LEU A 740 -11.36 -6.04 -40.41
CA LEU A 740 -11.52 -4.82 -41.20
C LEU A 740 -10.54 -3.75 -40.71
N PRO A 741 -10.02 -2.89 -41.60
CA PRO A 741 -9.08 -1.86 -41.11
C PRO A 741 -9.67 -0.91 -40.08
N GLU A 742 -10.96 -0.58 -40.21
CA GLU A 742 -11.56 0.37 -39.28
C GLU A 742 -11.56 -0.15 -37.85
N ILE A 743 -11.55 -1.47 -37.68
CA ILE A 743 -11.65 -2.04 -36.34
C ILE A 743 -10.42 -1.70 -35.51
N ILE A 744 -9.28 -1.45 -36.16
CA ILE A 744 -8.11 -0.93 -35.44
C ILE A 744 -8.43 0.42 -34.83
N THR A 745 -9.07 1.29 -35.62
CA THR A 745 -9.28 2.67 -35.19
C THR A 745 -10.18 2.74 -33.95
N LEU A 746 -11.21 1.88 -33.89
CA LEU A 746 -12.14 1.94 -32.77
C LEU A 746 -11.44 1.58 -31.47
N SER A 747 -10.49 0.65 -31.52
CA SER A 747 -9.70 0.32 -30.34
C SER A 747 -8.92 1.55 -29.86
N LYS A 748 -8.34 2.30 -30.81
CA LYS A 748 -7.57 3.48 -30.44
C LYS A 748 -8.48 4.66 -30.10
N GLU A 749 -9.60 4.79 -30.83
CA GLU A 749 -10.51 5.90 -30.58
C GLU A 749 -11.11 5.81 -29.18
N VAL A 750 -11.60 4.63 -28.81
CA VAL A 750 -12.23 4.46 -27.50
C VAL A 750 -11.20 4.63 -26.40
N ARG A 751 -9.99 4.10 -26.62
CA ARG A 751 -8.92 4.25 -25.64
C ARG A 751 -8.56 5.73 -25.48
N ASN A 752 -8.46 6.46 -26.59
CA ASN A 752 -8.17 7.88 -26.51
C ASN A 752 -9.29 8.63 -25.81
N LEU A 753 -10.55 8.33 -26.17
CA LEU A 753 -11.67 9.14 -25.70
C LEU A 753 -11.86 9.01 -24.18
N LYS A 754 -11.62 7.81 -23.65
CA LYS A 754 -11.77 7.62 -22.21
C LYS A 754 -10.80 8.48 -21.43
N TRP A 755 -9.56 8.57 -21.89
CA TRP A 755 -8.61 9.48 -21.25
C TRP A 755 -9.03 10.93 -21.40
N LEU A 756 -9.55 11.29 -22.59
CA LEU A 756 -9.96 12.67 -22.82
C LEU A 756 -11.06 13.10 -21.87
N GLY A 757 -11.89 12.15 -21.42
CA GLY A 757 -12.96 12.39 -20.49
C GLY A 757 -14.35 12.20 -21.05
N PHE A 758 -14.51 11.92 -22.34
CA PHE A 758 -15.83 11.70 -22.89
C PHE A 758 -16.35 10.32 -22.51
N ARG A 759 -17.64 10.24 -22.22
CA ARG A 759 -18.24 9.00 -21.76
C ARG A 759 -18.68 8.22 -23.00
N VAL A 760 -17.84 7.27 -23.40
CA VAL A 760 -18.13 6.49 -24.61
C VAL A 760 -19.35 5.61 -24.34
N PRO A 761 -20.18 5.31 -25.34
CA PRO A 761 -21.27 4.35 -25.10
C PRO A 761 -20.72 2.99 -24.69
N LEU A 762 -21.40 2.35 -23.74
CA LEU A 762 -20.93 1.05 -23.25
C LEU A 762 -20.92 0.01 -24.36
N ALA A 763 -21.83 0.13 -25.32
CA ALA A 763 -21.83 -0.80 -26.46
C ALA A 763 -20.55 -0.66 -27.26
N ILE A 764 -20.20 0.57 -27.64
CA ILE A 764 -18.98 0.81 -28.43
C ILE A 764 -17.76 0.44 -27.60
N VAL A 765 -17.84 0.61 -26.28
CA VAL A 765 -16.75 0.20 -25.39
C VAL A 765 -16.50 -1.30 -25.54
N ASN A 766 -17.58 -2.07 -25.60
CA ASN A 766 -17.45 -3.52 -25.74
C ASN A 766 -16.84 -3.89 -27.09
N LYS A 767 -17.33 -3.27 -28.16
CA LYS A 767 -16.86 -3.65 -29.50
C LYS A 767 -15.39 -3.31 -29.68
N ALA A 768 -14.89 -2.28 -28.98
CA ALA A 768 -13.53 -1.84 -29.19
C ALA A 768 -12.55 -2.70 -28.42
N HIS A 769 -12.81 -2.92 -27.12
CA HIS A 769 -11.87 -3.69 -26.31
C HIS A 769 -11.78 -5.14 -26.78
N GLN A 770 -12.90 -5.71 -27.21
CA GLN A 770 -12.88 -7.10 -27.66
C GLN A 770 -11.99 -7.25 -28.89
N ALA A 771 -12.07 -6.30 -29.82
CA ALA A 771 -11.15 -6.32 -30.95
C ALA A 771 -9.72 -6.12 -30.49
N ASN A 772 -9.53 -5.26 -29.49
CA ASN A 772 -8.21 -5.11 -28.88
C ASN A 772 -7.77 -6.42 -28.23
N GLN A 773 -8.69 -7.09 -27.53
CA GLN A 773 -8.33 -8.38 -26.92
C GLN A 773 -8.22 -9.48 -27.97
N LEU A 774 -8.95 -9.33 -29.07
CA LEU A 774 -8.79 -10.27 -30.19
C LEU A 774 -7.56 -9.97 -31.04
N TYR A 775 -6.98 -8.78 -30.90
CA TYR A 775 -5.81 -8.44 -31.72
C TYR A 775 -4.62 -9.37 -31.46
N PRO A 776 -4.23 -9.67 -30.21
CA PRO A 776 -3.12 -10.61 -30.02
C PRO A 776 -3.34 -11.96 -30.69
N PHE A 777 -4.55 -12.52 -30.56
CA PHE A 777 -4.84 -13.77 -31.22
C PHE A 777 -4.96 -13.58 -32.73
N ALA A 778 -5.50 -12.44 -33.15
CA ALA A 778 -5.63 -12.17 -34.58
C ALA A 778 -4.25 -12.06 -35.23
N ILE A 779 -3.33 -11.32 -34.63
CA ILE A 779 -2.00 -11.22 -35.21
C ILE A 779 -1.23 -12.52 -34.99
N SER A 780 -1.57 -13.27 -33.94
CA SER A 780 -0.96 -14.58 -33.77
C SER A 780 -1.33 -15.51 -34.92
N LEU A 781 -2.56 -15.41 -35.41
CA LEU A 781 -2.98 -16.28 -36.49
C LEU A 781 -2.35 -15.88 -37.82
N ILE A 782 -2.23 -14.58 -38.09
CA ILE A 782 -1.70 -14.16 -39.39
C ILE A 782 -0.22 -14.47 -39.48
N GLU A 783 0.46 -14.62 -38.34
CA GLU A 783 1.79 -15.22 -38.36
C GLU A 783 1.74 -16.63 -38.93
N SER A 784 0.80 -17.45 -38.46
CA SER A 784 0.67 -18.80 -38.99
C SER A 784 0.32 -18.76 -40.47
N VAL A 785 -0.55 -17.83 -40.87
CA VAL A 785 -0.82 -17.64 -42.28
C VAL A 785 0.44 -17.22 -43.01
N ARG A 786 1.12 -16.20 -42.49
CA ARG A 786 2.31 -15.68 -43.15
C ARG A 786 3.40 -16.75 -43.21
N THR A 787 3.64 -17.44 -42.10
CA THR A 787 4.66 -18.48 -42.08
C THR A 787 4.28 -19.62 -43.03
N TYR A 788 3.01 -20.05 -43.00
CA TYR A 788 2.57 -21.09 -43.91
C TYR A 788 2.63 -20.60 -45.35
N GLU A 789 2.29 -19.35 -45.59
CA GLU A 789 2.56 -18.75 -46.89
C GLU A 789 4.04 -18.80 -47.21
N ARG A 790 4.87 -18.15 -46.37
CA ARG A 790 6.30 -18.03 -46.64
C ARG A 790 6.95 -19.39 -46.83
N THR A 791 6.46 -20.40 -46.14
CA THR A 791 6.93 -21.75 -46.38
C THR A 791 6.57 -22.23 -47.78
N CYS A 792 5.39 -21.84 -48.28
CA CYS A 792 4.93 -22.37 -49.56
C CYS A 792 5.80 -21.90 -50.71
N GLU A 793 6.22 -20.63 -50.71
CA GLU A 793 7.06 -20.16 -51.81
C GLU A 793 8.39 -20.90 -51.84
N LYS A 794 8.88 -21.35 -50.69
CA LYS A 794 10.05 -22.22 -50.68
C LYS A 794 9.77 -23.51 -51.43
N VAL A 795 8.58 -24.08 -51.21
CA VAL A 795 8.18 -25.27 -51.95
C VAL A 795 7.98 -24.95 -53.42
N GLU A 796 7.40 -23.78 -53.71
CA GLU A 796 7.26 -23.34 -55.10
C GLU A 796 8.61 -23.14 -55.75
N GLU A 797 9.60 -22.68 -54.99
CA GLU A 797 10.93 -22.45 -55.54
C GLU A 797 11.52 -23.75 -56.07
N ARG A 798 11.36 -24.85 -55.34
CA ARG A 798 11.92 -26.15 -55.68
C ARG A 798 10.78 -27.15 -55.76
N ASN A 799 10.44 -27.56 -56.98
CA ASN A 799 9.33 -28.50 -57.17
C ASN A 799 9.71 -29.90 -56.69
N THR A 800 11.01 -30.16 -56.51
CA THR A 800 11.46 -31.50 -56.13
C THR A 800 10.92 -31.91 -54.76
N ILE A 801 10.97 -31.00 -53.79
CA ILE A 801 10.60 -31.32 -52.41
C ILE A 801 9.09 -31.28 -52.20
N SER A 802 8.33 -30.97 -53.26
CA SER A 802 6.88 -30.87 -53.12
C SER A 802 6.26 -32.18 -52.65
N LEU A 803 6.71 -33.30 -53.22
CA LEU A 803 6.17 -34.60 -52.81
C LEU A 803 6.52 -34.92 -51.36
N LEU A 804 7.76 -34.60 -50.95
CA LEU A 804 8.20 -34.95 -49.61
C LEU A 804 7.42 -34.20 -48.55
N VAL A 805 7.09 -32.94 -48.79
CA VAL A 805 6.28 -32.14 -47.87
C VAL A 805 4.79 -32.29 -48.13
N ALA A 806 4.38 -33.23 -49.00
CA ALA A 806 2.98 -33.34 -49.35
C ALA A 806 2.13 -33.69 -48.14
N GLY A 807 2.61 -34.63 -47.31
CA GLY A 807 1.84 -35.00 -46.13
C GLY A 807 1.73 -33.87 -45.12
N LEU A 808 2.84 -33.17 -44.88
CA LEU A 808 2.83 -32.10 -43.89
C LEU A 808 1.97 -30.93 -44.34
N LYS A 809 2.03 -30.58 -45.63
CA LYS A 809 1.26 -29.44 -46.12
C LYS A 809 -0.24 -29.68 -46.01
N LYS A 810 -0.68 -30.91 -46.29
CA LYS A 810 -2.11 -31.22 -46.19
C LYS A 810 -2.61 -31.02 -44.78
N GLU A 811 -1.79 -31.33 -43.77
CA GLU A 811 -2.20 -31.16 -42.38
C GLU A 811 -2.57 -29.72 -42.09
N VAL A 812 -1.79 -28.77 -42.60
CA VAL A 812 -2.11 -27.36 -42.44
C VAL A 812 -3.41 -27.04 -43.16
N GLN A 813 -3.62 -27.62 -44.35
CA GLN A 813 -4.87 -27.41 -45.06
C GLN A 813 -6.05 -27.98 -44.27
N ALA A 814 -5.82 -29.09 -43.55
CA ALA A 814 -6.88 -29.65 -42.72
C ALA A 814 -7.21 -28.71 -41.57
N LEU A 815 -6.20 -28.24 -40.84
CA LEU A 815 -6.46 -27.29 -39.77
C LEU A 815 -7.04 -25.99 -40.33
N ILE A 816 -6.52 -25.53 -41.47
CA ILE A 816 -7.15 -24.42 -42.16
C ILE A 816 -8.60 -24.74 -42.48
N ALA A 817 -8.87 -25.97 -42.93
CA ALA A 817 -10.24 -26.36 -43.18
C ALA A 817 -11.05 -26.36 -41.89
N GLU A 818 -10.42 -26.71 -40.76
CA GLU A 818 -11.13 -26.67 -39.49
C GLU A 818 -11.45 -25.25 -39.08
N GLY A 819 -10.49 -24.34 -39.21
CA GLY A 819 -10.74 -22.95 -38.82
C GLY A 819 -11.75 -22.25 -39.68
N ILE A 820 -11.91 -22.71 -40.93
CA ILE A 820 -12.88 -22.09 -41.83
C ILE A 820 -14.30 -22.28 -41.31
N ALA A 821 -14.52 -23.28 -40.44
CA ALA A 821 -15.80 -23.44 -39.77
C ALA A 821 -15.89 -22.66 -38.47
N LEU A 822 -14.78 -22.41 -37.80
CA LEU A 822 -14.81 -21.74 -36.51
C LEU A 822 -15.20 -20.28 -36.65
N VAL A 823 -15.58 -19.68 -35.52
CA VAL A 823 -15.98 -18.28 -35.44
C VAL A 823 -15.41 -17.69 -34.16
N TRP A 824 -15.34 -16.35 -34.14
CA TRP A 824 -14.83 -15.67 -32.96
C TRP A 824 -15.74 -15.88 -31.75
N GLU A 825 -17.03 -16.11 -31.98
CA GLU A 825 -17.96 -16.29 -30.86
C GLU A 825 -17.65 -17.56 -30.08
N SER A 826 -17.22 -18.61 -30.77
CA SER A 826 -16.72 -19.79 -30.06
C SER A 826 -15.42 -19.45 -29.36
N TYR A 827 -15.20 -20.03 -28.17
CA TYR A 827 -13.86 -19.95 -27.59
C TYR A 827 -12.95 -21.03 -28.13
N LYS A 828 -13.42 -21.84 -29.10
CA LYS A 828 -12.56 -22.79 -29.79
C LYS A 828 -11.49 -22.09 -30.62
N LEU A 829 -11.60 -20.77 -30.83
CA LEU A 829 -10.57 -20.04 -31.57
C LEU A 829 -9.24 -20.15 -30.86
N ASP A 830 -9.24 -20.12 -29.52
CA ASP A 830 -7.96 -19.98 -28.81
C ASP A 830 -7.22 -21.30 -28.76
N PRO A 831 -7.84 -22.44 -28.47
CA PRO A 831 -7.15 -23.72 -28.73
C PRO A 831 -6.75 -23.85 -30.19
N TYR A 832 -7.60 -23.40 -31.11
CA TYR A 832 -7.26 -23.48 -32.52
C TYR A 832 -6.05 -22.62 -32.85
N VAL A 833 -5.96 -21.43 -32.27
CA VAL A 833 -4.78 -20.59 -32.47
C VAL A 833 -3.54 -21.31 -31.98
N GLN A 834 -3.64 -21.98 -30.83
CA GLN A 834 -2.53 -22.79 -30.34
C GLN A 834 -2.23 -23.93 -31.30
N ARG A 835 -3.27 -24.58 -31.82
CA ARG A 835 -3.07 -25.73 -32.69
C ARG A 835 -2.42 -25.34 -34.00
N LEU A 836 -2.90 -24.26 -34.62
CA LEU A 836 -2.39 -23.88 -35.94
C LEU A 836 -0.93 -23.48 -35.86
N ALA A 837 -0.54 -22.76 -34.80
CA ALA A 837 0.83 -22.29 -34.68
C ALA A 837 1.81 -23.46 -34.58
N GLU A 838 1.46 -24.48 -33.80
CA GLU A 838 2.34 -25.64 -33.67
C GLU A 838 2.51 -26.35 -35.01
N THR A 839 1.40 -26.61 -35.70
CA THR A 839 1.47 -27.31 -36.98
C THR A 839 2.20 -26.49 -38.03
N VAL A 840 1.90 -25.19 -38.11
CA VAL A 840 2.61 -24.34 -39.06
C VAL A 840 4.08 -24.25 -38.68
N PHE A 841 4.37 -24.24 -37.37
CA PHE A 841 5.75 -24.19 -36.92
C PHE A 841 6.51 -25.44 -37.37
N ASN A 842 5.88 -26.62 -37.24
CA ASN A 842 6.53 -27.85 -37.70
C ASN A 842 6.72 -27.85 -39.20
N PHE A 843 5.73 -27.34 -39.94
CA PHE A 843 5.81 -27.34 -41.39
C PHE A 843 6.97 -26.48 -41.88
N GLN A 844 7.21 -25.34 -41.22
CA GLN A 844 8.34 -24.50 -41.57
C GLN A 844 9.66 -25.21 -41.31
N GLU A 845 9.79 -25.87 -40.16
CA GLU A 845 11.05 -26.50 -39.81
C GLU A 845 11.40 -27.64 -40.76
N LYS A 846 10.45 -28.55 -40.99
CA LYS A 846 10.73 -29.71 -41.83
C LYS A 846 11.01 -29.29 -43.25
N VAL A 847 10.34 -28.24 -43.73
CA VAL A 847 10.66 -27.70 -45.05
C VAL A 847 12.08 -27.17 -45.07
N ASP A 848 12.49 -26.48 -44.01
CA ASP A 848 13.86 -25.96 -43.94
C ASP A 848 14.87 -27.10 -43.93
N ASP A 849 14.55 -28.20 -43.23
CA ASP A 849 15.44 -29.35 -43.21
C ASP A 849 15.64 -29.92 -44.60
N LEU A 850 14.55 -30.08 -45.36
CA LEU A 850 14.64 -30.69 -46.68
C LEU A 850 15.43 -29.84 -47.64
N LEU A 851 15.27 -28.52 -47.58
CA LEU A 851 16.01 -27.62 -48.47
C LEU A 851 17.50 -27.79 -48.28
N ILE A 852 17.95 -27.92 -47.03
CA ILE A 852 19.36 -28.17 -46.77
C ILE A 852 19.77 -29.52 -47.34
N ILE A 853 18.97 -30.55 -47.08
CA ILE A 853 19.31 -31.90 -47.51
C ILE A 853 19.22 -32.02 -49.03
N GLU A 854 18.20 -31.41 -49.63
CA GLU A 854 17.96 -31.56 -51.05
C GLU A 854 19.02 -30.86 -51.88
N GLU A 855 19.52 -29.71 -51.41
CA GLU A 855 20.61 -29.04 -52.10
C GLU A 855 21.88 -29.89 -52.04
N LYS A 856 22.14 -30.52 -50.89
CA LYS A 856 23.29 -31.42 -50.79
C LYS A 856 23.18 -32.54 -51.81
N ILE A 857 22.00 -33.15 -51.92
CA ILE A 857 21.78 -34.21 -52.89
C ILE A 857 21.94 -33.68 -54.30
N ASP A 858 21.44 -32.46 -54.54
CA ASP A 858 21.61 -31.85 -55.86
C ASP A 858 23.08 -31.61 -56.19
N LEU A 859 23.84 -31.12 -55.22
CA LEU A 859 25.28 -30.96 -55.45
C LEU A 859 25.95 -32.32 -55.68
N GLU A 860 25.59 -33.31 -54.87
CA GLU A 860 26.23 -34.62 -54.96
C GLU A 860 25.96 -35.28 -56.31
N VAL A 861 24.71 -35.23 -56.78
CA VAL A 861 24.40 -35.82 -58.07
C VAL A 861 25.06 -35.02 -59.19
N ARG A 862 25.16 -33.70 -59.03
CA ARG A 862 25.89 -32.90 -59.99
C ARG A 862 27.36 -33.31 -60.04
N SER A 863 27.93 -33.68 -58.89
CA SER A 863 29.32 -34.09 -58.85
C SER A 863 29.58 -35.31 -59.73
N LEU A 864 28.58 -36.16 -59.90
CA LEU A 864 28.76 -37.38 -60.70
C LEU A 864 29.11 -37.05 -62.14
N GLU A 865 28.62 -35.93 -62.65
CA GLU A 865 28.95 -35.53 -64.02
C GLU A 865 30.44 -35.25 -64.17
N THR A 866 31.04 -34.60 -63.17
CA THR A 866 32.39 -34.05 -63.27
C THR A 866 33.42 -34.82 -62.42
N CYS A 867 32.99 -35.79 -61.63
CA CYS A 867 33.92 -36.51 -60.78
C CYS A 867 34.80 -37.44 -61.63
N MET A 868 35.91 -37.89 -61.03
CA MET A 868 36.83 -38.76 -61.74
C MET A 868 36.17 -40.09 -62.06
N TYR A 869 36.59 -40.67 -63.19
CA TYR A 869 36.04 -41.95 -63.67
C TYR A 869 36.80 -43.11 -63.04
N ASP A 870 36.49 -43.36 -61.76
CA ASP A 870 36.91 -44.57 -61.08
C ASP A 870 35.80 -44.98 -60.13
N HIS A 871 35.77 -46.29 -59.82
CA HIS A 871 34.66 -46.84 -59.03
C HIS A 871 34.62 -46.23 -57.63
N LYS A 872 35.79 -46.05 -57.01
CA LYS A 872 35.84 -45.49 -55.67
C LYS A 872 35.29 -44.07 -55.65
N THR A 873 35.71 -43.25 -56.62
CA THR A 873 35.21 -41.87 -56.69
C THR A 873 33.70 -41.84 -56.89
N PHE A 874 33.19 -42.67 -57.80
CA PHE A 874 31.74 -42.78 -57.95
C PHE A 874 31.10 -43.34 -56.68
N SER A 875 31.62 -44.48 -56.18
CA SER A 875 30.99 -45.16 -55.07
C SER A 875 30.99 -44.29 -53.81
N GLU A 876 32.04 -43.50 -53.61
CA GLU A 876 32.04 -42.55 -52.50
C GLU A 876 30.91 -41.54 -52.64
N ILE A 877 30.71 -41.01 -53.85
CA ILE A 877 29.61 -40.09 -54.08
C ILE A 877 28.28 -40.77 -53.83
N LEU A 878 28.11 -41.99 -54.34
CA LEU A 878 26.86 -42.69 -54.12
C LEU A 878 26.68 -43.08 -52.66
N ASN A 879 27.76 -43.08 -51.87
CA ASN A 879 27.59 -43.27 -50.43
C ASN A 879 27.01 -42.03 -49.77
N ARG A 880 27.47 -40.84 -50.18
CA ARG A 880 26.96 -39.62 -49.59
C ARG A 880 25.47 -39.45 -49.85
N VAL A 881 25.04 -39.68 -51.10
CA VAL A 881 23.63 -39.49 -51.45
C VAL A 881 22.76 -40.48 -50.70
N GLN A 882 23.26 -41.71 -50.50
CA GLN A 882 22.47 -42.71 -49.78
C GLN A 882 22.23 -42.28 -48.34
N LYS A 883 23.25 -41.72 -47.68
CA LYS A 883 23.09 -41.27 -46.30
C LYS A 883 22.05 -40.16 -46.20
N ALA A 884 22.07 -39.22 -47.14
CA ALA A 884 21.06 -38.16 -47.14
C ALA A 884 19.66 -38.73 -47.31
N VAL A 885 19.50 -39.69 -48.22
CA VAL A 885 18.20 -40.33 -48.41
C VAL A 885 17.80 -41.10 -47.15
N ASP A 886 18.77 -41.72 -46.49
CA ASP A 886 18.48 -42.42 -45.23
C ASP A 886 17.97 -41.44 -44.17
N ASP A 887 18.53 -40.23 -44.14
CA ASP A 887 18.00 -39.21 -43.25
C ASP A 887 16.57 -38.85 -43.63
N LEU A 888 16.28 -38.76 -44.93
CA LEU A 888 14.90 -38.51 -45.36
C LEU A 888 13.98 -39.64 -44.90
N ASN A 889 14.44 -40.89 -45.04
CA ASN A 889 13.69 -42.01 -44.49
C ASN A 889 13.65 -41.95 -42.96
N LEU A 890 14.68 -41.37 -42.35
CA LEU A 890 14.77 -41.35 -40.89
C LEU A 890 13.74 -40.41 -40.27
N HIS A 891 13.42 -39.31 -40.95
CA HIS A 891 12.46 -38.33 -40.44
C HIS A 891 11.04 -38.56 -40.93
N SER A 892 10.79 -39.62 -41.71
CA SER A 892 9.44 -40.02 -42.10
C SER A 892 8.77 -38.96 -42.97
N TYR A 893 9.46 -38.58 -44.05
CA TYR A 893 8.86 -37.70 -45.04
C TYR A 893 7.99 -38.50 -46.01
N SER A 894 7.01 -37.83 -46.58
CA SER A 894 6.05 -38.50 -47.47
C SER A 894 6.70 -38.82 -48.81
N ASN A 895 6.08 -39.76 -49.52
CA ASN A 895 6.33 -39.99 -50.95
C ASN A 895 7.81 -40.27 -51.26
N LEU A 896 8.56 -40.74 -50.27
CA LEU A 896 10.00 -40.89 -50.45
C LEU A 896 10.36 -41.84 -51.58
N PRO A 897 9.72 -43.01 -51.76
CA PRO A 897 10.07 -43.85 -52.91
C PRO A 897 9.91 -43.16 -54.25
N ILE A 898 8.88 -42.31 -54.40
CA ILE A 898 8.70 -41.61 -55.66
C ILE A 898 9.87 -40.67 -55.92
N TRP A 899 10.19 -39.84 -54.93
CA TRP A 899 11.30 -38.91 -55.07
C TRP A 899 12.61 -39.66 -55.21
N VAL A 900 12.79 -40.73 -54.43
CA VAL A 900 13.99 -41.55 -54.58
C VAL A 900 14.00 -42.19 -55.97
N ASN A 901 12.86 -42.69 -56.44
CA ASN A 901 12.81 -43.29 -57.77
C ASN A 901 13.16 -42.26 -58.84
N LYS A 902 12.67 -41.03 -58.69
CA LYS A 902 13.08 -39.98 -59.62
C LYS A 902 14.57 -39.71 -59.54
N LEU A 903 15.11 -39.58 -58.32
CA LEU A 903 16.54 -39.35 -58.17
C LEU A 903 17.33 -40.55 -58.67
N ASP A 904 16.84 -41.75 -58.40
CA ASP A 904 17.52 -42.95 -58.89
C ASP A 904 17.60 -42.96 -60.42
N MET A 905 16.52 -42.56 -61.09
CA MET A 905 16.55 -42.43 -62.53
C MET A 905 17.57 -41.38 -62.96
N GLU A 906 17.62 -40.25 -62.26
CA GLU A 906 18.57 -39.20 -62.62
C GLU A 906 20.00 -39.68 -62.45
N ILE A 907 20.28 -40.43 -61.38
CA ILE A 907 21.62 -40.94 -61.17
C ILE A 907 22.02 -41.89 -62.30
N GLU A 908 21.12 -42.78 -62.69
CA GLU A 908 21.42 -43.71 -63.76
C GLU A 908 21.68 -42.98 -65.07
N ARG A 909 20.96 -41.89 -65.31
CA ARG A 909 21.18 -41.09 -66.51
C ARG A 909 22.61 -40.55 -66.53
N ILE A 910 23.07 -39.98 -65.41
CA ILE A 910 24.43 -39.48 -65.32
C ILE A 910 25.42 -40.63 -65.46
N LEU A 911 25.14 -41.76 -64.83
CA LEU A 911 25.96 -42.94 -65.03
C LEU A 911 25.89 -43.44 -66.46
N GLY A 912 24.83 -43.08 -67.20
CA GLY A 912 24.78 -43.38 -68.61
C GLY A 912 25.82 -42.60 -69.42
N VAL A 913 25.89 -41.29 -69.22
CA VAL A 913 26.80 -40.48 -70.02
C VAL A 913 28.24 -40.77 -69.65
N ARG A 914 28.53 -40.94 -68.35
CA ARG A 914 29.89 -41.30 -67.94
C ARG A 914 30.28 -42.67 -68.50
N LEU A 915 29.35 -43.63 -68.47
CA LEU A 915 29.63 -44.93 -69.05
C LEU A 915 29.84 -44.83 -70.56
N GLN A 916 29.04 -43.98 -71.22
CA GLN A 916 29.26 -43.75 -72.64
C GLN A 916 30.62 -43.13 -72.90
N ALA A 917 31.01 -42.15 -72.08
CA ALA A 917 32.33 -41.56 -72.22
C ALA A 917 33.42 -42.58 -71.93
N GLY A 918 33.20 -43.43 -70.93
CA GLY A 918 34.21 -44.42 -70.57
C GLY A 918 34.50 -45.40 -71.70
N LEU A 919 33.45 -45.85 -72.38
CA LEU A 919 33.66 -46.76 -73.51
C LEU A 919 34.43 -46.06 -74.62
N ARG A 920 34.06 -44.82 -74.95
CA ARG A 920 34.69 -44.13 -76.06
C ARG A 920 36.14 -43.80 -75.75
N ALA A 921 36.44 -43.43 -74.50
CA ALA A 921 37.83 -43.28 -74.10
C ALA A 921 38.56 -44.61 -74.18
N TRP A 922 37.91 -45.69 -73.73
CA TRP A 922 38.51 -47.02 -73.83
C TRP A 922 38.70 -47.45 -75.28
N THR A 923 37.72 -47.15 -76.15
CA THR A 923 37.86 -47.47 -77.56
C THR A 923 39.02 -46.72 -78.18
N GLN A 924 39.20 -45.46 -77.82
CA GLN A 924 40.33 -44.69 -78.32
C GLN A 924 41.65 -45.28 -77.84
N VAL A 925 41.70 -45.74 -76.59
CA VAL A 925 42.91 -46.36 -76.08
C VAL A 925 43.17 -47.67 -76.81
N LEU A 926 42.12 -48.44 -77.08
CA LEU A 926 42.29 -49.71 -77.78
C LEU A 926 42.84 -49.51 -79.19
N LEU A 927 42.31 -48.51 -79.90
CA LEU A 927 42.70 -48.26 -81.28
C LEU A 927 43.98 -47.46 -81.42
N GLY A 928 44.58 -47.01 -80.33
CA GLY A 928 45.69 -46.09 -80.41
C GLY A 928 45.32 -44.65 -80.67
N GLN A 929 44.02 -44.35 -80.73
CA GLN A 929 43.54 -42.99 -80.94
C GLN A 929 43.35 -42.21 -79.66
N ALA A 930 43.70 -42.79 -78.50
CA ALA A 930 43.68 -42.05 -77.25
C ALA A 930 44.77 -41.00 -77.27
N GLU A 931 44.39 -39.75 -77.04
CA GLU A 931 45.32 -38.64 -77.13
C GLU A 931 46.09 -38.50 -75.82
N ASP A 932 47.41 -38.65 -75.91
CA ASP A 932 48.26 -38.40 -74.75
C ASP A 932 48.12 -36.95 -74.30
N LYS A 933 48.42 -36.70 -73.03
CA LYS A 933 48.27 -35.36 -72.50
C LYS A 933 49.28 -34.38 -73.06
N ALA A 934 50.31 -34.86 -73.79
CA ALA A 934 51.22 -33.95 -74.47
C ALA A 934 50.50 -33.14 -75.54
N GLU A 935 49.47 -33.71 -76.17
CA GLU A 935 48.71 -33.04 -77.21
C GLU A 935 47.62 -32.13 -76.66
N VAL A 936 47.37 -32.15 -75.35
CA VAL A 936 46.43 -31.23 -74.75
C VAL A 936 47.01 -29.82 -74.90
N ASP A 937 46.26 -28.94 -75.56
CA ASP A 937 46.78 -27.64 -75.94
C ASP A 937 47.14 -26.80 -74.72
N MET A 938 48.35 -26.25 -74.72
CA MET A 938 48.82 -25.41 -73.63
C MET A 938 48.38 -23.96 -73.74
N ASP A 939 47.86 -23.55 -74.90
CA ASP A 939 47.33 -22.19 -75.04
C ASP A 939 46.05 -21.99 -74.22
N THR A 940 45.32 -23.06 -73.91
CA THR A 940 44.11 -22.95 -73.08
C THR A 940 44.54 -22.77 -71.63
N ASP A 941 44.55 -21.50 -71.19
CA ASP A 941 45.00 -21.18 -69.84
C ASP A 941 44.03 -21.63 -68.75
N ALA A 942 42.82 -22.05 -69.11
CA ALA A 942 41.90 -22.57 -68.12
C ALA A 942 42.46 -23.87 -67.54
N PRO A 943 42.62 -24.01 -66.22
CA PRO A 943 43.08 -25.30 -65.68
C PRO A 943 42.08 -26.40 -65.98
N GLN A 944 42.58 -27.50 -66.55
CA GLN A 944 41.76 -28.65 -66.89
C GLN A 944 41.71 -29.64 -65.73
N VAL A 945 41.34 -29.13 -64.56
CA VAL A 945 41.14 -29.97 -63.38
C VAL A 945 40.00 -30.95 -63.57
N SER A 946 39.00 -30.57 -64.38
CA SER A 946 37.91 -31.50 -64.72
C SER A 946 38.52 -32.69 -65.45
N HIS A 947 38.51 -33.85 -64.80
CA HIS A 947 39.09 -35.04 -65.40
C HIS A 947 38.27 -35.46 -66.60
N LYS A 948 38.88 -36.29 -67.45
CA LYS A 948 38.22 -36.68 -68.68
C LYS A 948 36.93 -37.45 -68.35
N PRO A 949 35.80 -37.15 -69.00
CA PRO A 949 34.56 -37.86 -68.65
C PRO A 949 34.67 -39.37 -68.80
N GLY A 950 35.39 -39.85 -69.81
CA GLY A 950 35.66 -41.25 -69.97
C GLY A 950 36.84 -41.77 -69.17
N GLY A 951 37.48 -40.91 -68.38
CA GLY A 951 38.65 -41.31 -67.64
C GLY A 951 39.86 -41.48 -68.55
N GLU A 952 40.84 -42.19 -68.01
CA GLU A 952 42.09 -42.51 -68.71
C GLU A 952 42.25 -44.03 -68.66
N PRO A 953 41.46 -44.76 -69.44
CA PRO A 953 41.59 -46.22 -69.41
C PRO A 953 42.99 -46.67 -69.79
N LYS A 954 43.50 -47.64 -69.03
CA LYS A 954 44.83 -48.19 -69.21
C LYS A 954 44.69 -49.67 -69.49
N ILE A 955 44.63 -50.04 -70.76
CA ILE A 955 44.61 -51.44 -71.16
C ILE A 955 46.03 -51.96 -71.08
N LYS A 956 46.28 -52.86 -70.13
CA LYS A 956 47.60 -53.46 -69.99
C LYS A 956 48.01 -54.14 -71.29
N ASN A 957 49.25 -53.92 -71.70
CA ASN A 957 49.71 -54.41 -72.99
C ASN A 957 49.60 -55.93 -73.08
N VAL A 958 48.98 -56.39 -74.15
CA VAL A 958 48.72 -57.80 -74.37
C VAL A 958 49.86 -58.40 -75.19
N VAL A 959 50.41 -59.52 -74.73
CA VAL A 959 51.48 -60.20 -75.51
C VAL A 959 51.04 -61.64 -75.81
N HIS A 960 51.32 -62.13 -77.02
CA HIS A 960 51.00 -63.54 -77.37
C HIS A 960 52.30 -64.23 -77.80
N GLU A 961 52.33 -65.57 -77.78
CA GLU A 961 53.60 -66.28 -78.09
C GLU A 961 53.46 -67.04 -79.41
N LEU A 962 54.36 -66.80 -80.36
CA LEU A 962 54.34 -67.54 -81.66
C LEU A 962 55.56 -68.46 -81.63
N ARG A 963 55.35 -69.76 -81.39
CA ARG A 963 56.50 -70.64 -81.23
C ARG A 963 56.32 -71.86 -82.14
N ILE A 964 57.44 -72.52 -82.42
CA ILE A 964 57.48 -73.72 -83.25
C ILE A 964 58.00 -74.86 -82.38
N THR A 965 57.25 -75.94 -82.32
CA THR A 965 57.60 -77.12 -81.53
C THR A 965 57.54 -78.34 -82.43
N ASN A 966 58.71 -78.87 -82.79
CA ASN A 966 58.82 -80.03 -83.66
C ASN A 966 58.10 -79.78 -84.98
N GLN A 967 58.52 -78.72 -85.68
CA GLN A 967 58.02 -78.40 -87.00
C GLN A 967 56.52 -78.14 -87.01
N VAL A 968 55.97 -77.66 -85.90
CA VAL A 968 54.57 -77.29 -85.79
C VAL A 968 54.51 -75.90 -85.17
N ILE A 969 54.00 -74.92 -85.92
CA ILE A 969 53.90 -73.52 -85.41
C ILE A 969 52.54 -73.31 -84.73
N TYR A 970 52.54 -72.80 -83.49
CA TYR A 970 51.28 -72.61 -82.72
C TYR A 970 51.35 -71.30 -81.95
N LEU A 971 50.18 -70.74 -81.57
CA LEU A 971 50.16 -69.51 -80.76
C LEU A 971 49.79 -69.87 -79.32
N ASN A 972 50.70 -69.60 -78.37
CA ASN A 972 50.45 -69.98 -76.95
C ASN A 972 49.24 -69.18 -76.44
N PRO A 973 49.14 -67.87 -76.74
CA PRO A 973 47.92 -67.14 -76.36
C PRO A 973 47.13 -67.12 -77.67
N PRO A 974 46.00 -67.85 -77.77
CA PRO A 974 45.30 -67.93 -79.05
C PRO A 974 44.60 -66.61 -79.37
N ILE A 975 44.33 -66.36 -80.65
CA ILE A 975 43.55 -65.15 -81.02
C ILE A 975 42.19 -65.25 -80.31
N GLU A 976 41.82 -66.45 -79.85
CA GLU A 976 40.56 -66.59 -79.11
C GLU A 976 40.75 -66.19 -77.66
N GLU A 977 41.94 -66.47 -77.10
CA GLU A 977 42.26 -66.01 -75.75
C GLU A 977 42.61 -64.53 -75.76
N CYS A 978 43.26 -64.06 -76.83
CA CYS A 978 43.39 -62.61 -77.04
C CYS A 978 42.02 -61.96 -77.10
N ARG A 979 41.11 -62.56 -77.86
CA ARG A 979 39.72 -62.12 -77.88
C ARG A 979 39.15 -62.18 -76.47
N TYR A 980 39.44 -63.25 -75.73
CA TYR A 980 38.97 -63.37 -74.36
C TYR A 980 39.59 -62.28 -73.50
N LYS A 981 40.91 -62.09 -73.60
CA LYS A 981 41.59 -61.10 -72.77
C LYS A 981 41.10 -59.69 -73.07
N LEU A 982 41.03 -59.34 -74.36
CA LEU A 982 40.66 -57.97 -74.72
C LEU A 982 39.25 -57.64 -74.24
N TYR A 983 38.31 -58.57 -74.40
CA TYR A 983 36.97 -58.33 -73.89
C TYR A 983 36.96 -58.31 -72.37
N GLN A 984 37.83 -59.10 -71.73
CA GLN A 984 37.87 -59.10 -70.27
C GLN A 984 38.37 -57.78 -69.72
N GLU A 985 39.39 -57.19 -70.35
CA GLU A 985 39.82 -55.85 -69.96
C GLU A 985 38.68 -54.85 -70.13
N MET A 986 37.93 -54.96 -71.22
CA MET A 986 36.76 -54.12 -71.42
C MET A 986 35.74 -54.32 -70.32
N PHE A 987 35.46 -55.59 -69.98
CA PHE A 987 34.44 -55.88 -68.98
C PHE A 987 34.81 -55.28 -67.62
N ALA A 988 36.10 -55.14 -67.35
CA ALA A 988 36.51 -54.40 -66.16
C ALA A 988 36.01 -52.95 -66.23
N TRP A 989 36.15 -52.32 -67.40
CA TRP A 989 35.86 -50.90 -67.52
C TRP A 989 34.38 -50.62 -67.31
N LYS A 990 33.51 -51.46 -67.85
CA LYS A 990 32.07 -51.24 -67.68
C LYS A 990 31.65 -51.48 -66.24
N MET A 991 32.40 -52.29 -65.49
CA MET A 991 32.13 -52.48 -64.07
C MET A 991 32.54 -51.28 -63.23
N VAL A 992 33.24 -50.29 -63.81
CA VAL A 992 33.44 -49.03 -63.11
C VAL A 992 32.09 -48.41 -62.77
N VAL A 993 31.15 -48.50 -63.70
CA VAL A 993 29.82 -47.92 -63.54
C VAL A 993 28.79 -48.98 -63.14
N LEU A 994 28.69 -50.05 -63.92
CA LEU A 994 27.60 -51.01 -63.75
C LEU A 994 27.62 -51.72 -62.41
N SER A 995 28.74 -51.72 -61.70
CA SER A 995 28.85 -52.38 -60.41
C SER A 995 28.61 -51.42 -59.24
N LEU A 996 28.23 -50.17 -59.52
CA LEU A 996 28.03 -49.22 -58.44
C LEU A 996 26.77 -49.57 -57.65
N PRO A 997 26.70 -49.21 -56.37
CA PRO A 997 25.52 -49.55 -55.58
C PRO A 997 24.31 -48.71 -55.99
N ARG A 998 23.15 -49.35 -56.05
CA ARG A 998 21.92 -48.65 -56.39
C ARG A 998 21.27 -48.07 -55.13
N ILE A 999 20.87 -46.80 -55.21
CA ILE A 999 20.24 -46.13 -54.08
C ILE A 999 18.92 -46.82 -53.76
N GLN A 1000 18.70 -47.08 -52.47
CA GLN A 1000 17.46 -47.69 -51.98
C GLN A 1000 16.84 -46.75 -50.98
N SER A 1001 15.56 -46.42 -51.17
CA SER A 1001 14.86 -45.56 -50.21
C SER A 1001 14.76 -46.23 -48.85
N GLN A 1002 14.48 -47.54 -48.84
CA GLN A 1002 14.30 -48.30 -47.62
C GLN A 1002 15.53 -49.13 -47.27
N ARG A 1003 16.72 -48.64 -47.61
CA ARG A 1003 17.94 -49.29 -47.12
C ARG A 1003 17.99 -49.28 -45.61
N TYR A 1004 17.55 -48.17 -44.99
CA TYR A 1004 17.63 -48.03 -43.55
C TYR A 1004 16.77 -49.07 -42.85
N GLN A 1005 15.71 -49.54 -43.51
CA GLN A 1005 14.98 -50.69 -43.02
C GLN A 1005 15.78 -51.95 -43.29
N VAL A 1006 16.19 -52.62 -42.21
CA VAL A 1006 17.02 -53.82 -42.29
C VAL A 1006 16.11 -55.04 -42.18
N GLY A 1007 16.36 -56.03 -43.04
CA GLY A 1007 15.50 -57.20 -43.07
C GLY A 1007 14.15 -56.97 -43.68
N VAL A 1008 13.96 -55.86 -44.41
CA VAL A 1008 12.69 -55.58 -45.05
C VAL A 1008 12.42 -56.66 -46.10
N HIS A 1009 11.17 -57.13 -46.14
CA HIS A 1009 10.78 -58.27 -46.98
C HIS A 1009 10.43 -57.78 -48.38
N TYR A 1010 11.46 -57.31 -49.09
CA TYR A 1010 11.36 -56.85 -50.45
C TYR A 1010 12.39 -57.58 -51.31
N GLU A 1011 11.94 -58.12 -52.44
CA GLU A 1011 12.85 -58.83 -53.34
C GLU A 1011 13.87 -57.86 -53.92
N LEU A 1012 15.11 -58.31 -54.01
CA LEU A 1012 16.22 -57.50 -54.52
C LEU A 1012 17.07 -58.36 -55.45
N THR A 1013 17.05 -58.01 -56.73
CA THR A 1013 17.92 -58.62 -57.74
C THR A 1013 19.14 -57.74 -57.96
N GLU A 1014 20.04 -58.21 -58.82
CA GLU A 1014 21.26 -57.45 -59.11
C GLU A 1014 20.95 -56.11 -59.76
N GLU A 1015 20.00 -56.07 -60.70
CA GLU A 1015 19.59 -54.79 -61.28
C GLU A 1015 18.95 -53.88 -60.26
N GLU A 1016 18.26 -54.44 -59.27
CA GLU A 1016 17.82 -53.62 -58.13
C GLU A 1016 18.99 -53.23 -57.24
N LYS A 1017 19.97 -54.13 -57.05
CA LYS A 1017 21.07 -53.84 -56.14
C LYS A 1017 22.04 -52.82 -56.73
N PHE A 1018 22.41 -52.98 -58.00
CA PHE A 1018 23.38 -52.11 -58.66
C PHE A 1018 22.70 -51.43 -59.84
N TYR A 1019 23.43 -50.49 -60.45
CA TYR A 1019 23.00 -49.87 -61.69
C TYR A 1019 23.43 -50.73 -62.86
N ARG A 1020 22.90 -51.95 -62.93
CA ARG A 1020 23.24 -52.85 -64.02
C ARG A 1020 22.59 -52.46 -65.34
N ASN A 1021 21.67 -51.50 -65.33
CA ASN A 1021 20.94 -51.08 -66.53
C ASN A 1021 21.43 -49.76 -67.11
N ALA A 1022 22.54 -49.21 -66.59
CA ALA A 1022 23.04 -47.94 -67.10
C ALA A 1022 23.50 -48.04 -68.55
N LEU A 1023 23.91 -49.24 -69.00
CA LEU A 1023 24.30 -49.42 -70.39
C LEU A 1023 23.11 -49.29 -71.35
N THR A 1024 21.89 -49.31 -70.82
CA THR A 1024 20.69 -48.99 -71.60
C THR A 1024 20.30 -47.51 -71.47
N ARG A 1025 21.00 -46.75 -70.64
CA ARG A 1025 20.72 -45.32 -70.45
C ARG A 1025 21.71 -44.43 -71.19
N MET A 1026 22.40 -44.96 -72.21
CA MET A 1026 23.40 -44.17 -72.91
C MET A 1026 22.69 -43.16 -73.80
N PRO A 1027 23.10 -41.88 -73.79
CA PRO A 1027 22.42 -40.92 -74.69
C PRO A 1027 22.60 -41.23 -76.17
N ASP A 1028 23.72 -41.83 -76.56
CA ASP A 1028 23.97 -42.15 -77.97
C ASP A 1028 23.48 -43.54 -78.37
N GLY A 1029 22.73 -44.22 -77.51
CA GLY A 1029 22.28 -45.54 -77.82
C GLY A 1029 23.39 -46.55 -77.67
N PRO A 1030 23.24 -47.74 -78.28
CA PRO A 1030 24.31 -48.74 -78.21
C PRO A 1030 25.46 -48.49 -79.19
N VAL A 1031 25.50 -47.32 -79.83
CA VAL A 1031 26.54 -47.05 -80.83
C VAL A 1031 27.91 -47.06 -80.19
N ALA A 1032 28.04 -46.47 -79.00
CA ALA A 1032 29.32 -46.48 -78.29
C ALA A 1032 29.74 -47.90 -77.95
N LEU A 1033 28.80 -48.73 -77.49
CA LEU A 1033 29.11 -50.13 -77.23
C LEU A 1033 29.48 -50.86 -78.52
N GLU A 1034 28.74 -50.60 -79.60
CA GLU A 1034 29.05 -51.22 -80.88
C GLU A 1034 30.43 -50.75 -81.36
N GLU A 1035 30.75 -49.48 -81.14
CA GLU A 1035 32.09 -48.99 -81.45
C GLU A 1035 33.14 -49.75 -80.64
N SER A 1036 32.84 -50.01 -79.37
CA SER A 1036 33.82 -50.62 -78.48
C SER A 1036 34.18 -52.02 -78.96
N TYR A 1037 33.20 -52.83 -79.34
CA TYR A 1037 33.50 -54.19 -79.78
C TYR A 1037 34.09 -54.18 -81.18
N SER A 1038 33.64 -53.25 -82.02
CA SER A 1038 34.13 -53.15 -83.39
C SER A 1038 35.64 -52.92 -83.41
N ALA A 1039 36.15 -52.15 -82.46
CA ALA A 1039 37.59 -51.99 -82.33
C ALA A 1039 38.25 -53.33 -81.99
N VAL A 1040 37.63 -54.13 -81.14
CA VAL A 1040 38.25 -55.37 -80.69
C VAL A 1040 38.40 -56.34 -81.85
N MET A 1041 37.36 -56.46 -82.70
CA MET A 1041 37.44 -57.42 -83.80
C MET A 1041 38.57 -57.05 -84.77
N GLY A 1042 38.67 -55.77 -85.11
CA GLY A 1042 39.64 -55.37 -86.12
C GLY A 1042 41.07 -55.65 -85.68
N ILE A 1043 41.44 -55.21 -84.49
CA ILE A 1043 42.77 -55.50 -83.96
C ILE A 1043 42.94 -57.01 -83.82
N VAL A 1044 41.90 -57.71 -83.38
CA VAL A 1044 41.93 -59.15 -83.44
C VAL A 1044 42.09 -59.62 -84.88
N SER A 1045 41.35 -59.01 -85.81
CA SER A 1045 41.35 -59.46 -87.19
C SER A 1045 42.72 -59.26 -87.84
N GLU A 1046 43.36 -58.12 -87.57
CA GLU A 1046 44.70 -57.90 -88.10
C GLU A 1046 45.69 -58.88 -87.49
N VAL A 1047 45.55 -59.17 -86.19
CA VAL A 1047 46.44 -60.14 -85.57
C VAL A 1047 46.14 -61.53 -86.13
N GLU A 1048 44.85 -61.82 -86.39
CA GLU A 1048 44.51 -63.06 -87.10
C GLU A 1048 45.20 -63.10 -88.45
N GLN A 1049 45.17 -61.98 -89.18
CA GLN A 1049 45.88 -61.90 -90.45
C GLN A 1049 47.39 -62.00 -90.23
N TYR A 1050 47.92 -61.26 -89.24
CA TYR A 1050 49.37 -61.22 -89.06
C TYR A 1050 49.89 -62.58 -88.63
N VAL A 1051 49.12 -63.32 -87.85
CA VAL A 1051 49.54 -64.66 -87.46
C VAL A 1051 49.43 -65.61 -88.65
N LYS A 1052 48.52 -65.32 -89.59
CA LYS A 1052 48.30 -66.27 -90.68
C LYS A 1052 49.53 -66.39 -91.58
N VAL A 1053 50.21 -65.27 -91.85
CA VAL A 1053 51.32 -65.31 -92.79
C VAL A 1053 52.48 -66.11 -92.20
N TRP A 1054 52.60 -66.13 -90.88
CA TRP A 1054 53.61 -66.97 -90.24
C TRP A 1054 53.20 -68.43 -90.27
N LEU A 1055 51.91 -68.72 -90.13
CA LEU A 1055 51.45 -70.10 -90.22
C LEU A 1055 51.58 -70.65 -91.63
N GLN A 1056 51.65 -69.77 -92.64
CA GLN A 1056 51.93 -70.21 -93.99
C GLN A 1056 53.30 -70.86 -94.08
N TYR A 1057 54.27 -70.37 -93.30
CA TYR A 1057 55.63 -70.90 -93.36
C TYR A 1057 55.73 -72.30 -92.77
N GLN A 1058 54.68 -72.81 -92.12
CA GLN A 1058 54.67 -74.22 -91.72
C GLN A 1058 54.85 -75.14 -92.93
N CYS A 1059 54.41 -74.69 -94.11
CA CYS A 1059 54.62 -75.45 -95.33
C CYS A 1059 56.10 -75.61 -95.67
N LEU A 1060 56.97 -74.76 -95.12
CA LEU A 1060 58.41 -74.98 -95.27
C LEU A 1060 58.82 -76.33 -94.71
N TRP A 1061 58.17 -76.75 -93.62
CA TRP A 1061 58.40 -78.08 -93.04
C TRP A 1061 57.48 -79.12 -93.67
N ASP A 1062 56.23 -78.76 -93.90
CA ASP A 1062 55.28 -79.63 -94.62
C ASP A 1062 55.42 -79.40 -96.11
N GLU A 1097 63.24 -56.71 -87.10
CA GLU A 1097 62.07 -56.63 -86.23
C GLU A 1097 61.72 -58.02 -85.71
N THR A 1098 61.61 -58.15 -84.38
CA THR A 1098 61.30 -59.40 -83.73
C THR A 1098 59.88 -59.48 -83.19
N LYS A 1099 59.23 -58.33 -82.96
CA LYS A 1099 57.87 -58.30 -82.44
C LYS A 1099 57.07 -57.23 -83.19
N LYS A 1100 55.74 -57.39 -83.17
CA LYS A 1100 54.83 -56.43 -83.78
C LYS A 1100 53.70 -56.14 -82.80
N GLU A 1101 53.17 -54.92 -82.86
CA GLU A 1101 52.18 -54.41 -81.93
C GLU A 1101 50.93 -53.97 -82.68
N PHE A 1102 49.77 -54.35 -82.14
CA PHE A 1102 48.47 -53.95 -82.68
C PHE A 1102 47.72 -53.33 -81.51
N GLY A 1103 47.92 -52.03 -81.29
CA GLY A 1103 47.39 -51.37 -80.13
C GLY A 1103 47.94 -52.04 -78.87
N PRO A 1104 47.09 -52.40 -77.90
CA PRO A 1104 47.62 -53.14 -76.74
C PRO A 1104 48.13 -54.53 -77.08
N VAL A 1105 47.71 -55.10 -78.21
CA VAL A 1105 48.12 -56.46 -78.58
C VAL A 1105 49.55 -56.43 -79.09
N VAL A 1106 50.37 -57.36 -78.58
CA VAL A 1106 51.77 -57.50 -78.95
C VAL A 1106 51.99 -58.96 -79.33
N ILE A 1107 52.69 -59.17 -80.44
CA ILE A 1107 53.05 -60.50 -80.92
C ILE A 1107 54.57 -60.58 -80.93
N ASP A 1108 55.10 -61.65 -80.35
CA ASP A 1108 56.54 -61.87 -80.27
C ASP A 1108 56.90 -63.09 -81.12
N TYR A 1109 57.79 -62.89 -82.09
CA TYR A 1109 58.14 -63.93 -83.05
C TYR A 1109 59.64 -64.02 -83.29
N GLY A 1110 60.47 -63.37 -82.47
CA GLY A 1110 61.90 -63.43 -82.68
C GLY A 1110 62.45 -64.84 -82.59
N LYS A 1111 61.87 -65.66 -81.70
CA LYS A 1111 62.28 -67.05 -81.61
C LYS A 1111 61.95 -67.80 -82.89
N VAL A 1112 60.70 -67.74 -83.35
CA VAL A 1112 60.31 -68.45 -84.56
C VAL A 1112 60.97 -67.82 -85.79
N GLN A 1113 61.27 -66.51 -85.72
CA GLN A 1113 61.97 -65.86 -86.81
C GLN A 1113 63.32 -66.51 -87.07
N SER A 1114 63.99 -66.96 -86.00
CA SER A 1114 65.30 -67.58 -86.17
C SER A 1114 65.19 -68.91 -86.93
N LYS A 1115 64.29 -69.79 -86.50
CA LYS A 1115 64.20 -71.11 -87.12
C LYS A 1115 63.65 -71.02 -88.53
N VAL A 1116 62.80 -70.03 -88.79
CA VAL A 1116 62.32 -69.80 -90.16
C VAL A 1116 63.50 -69.45 -91.07
N ASN A 1117 64.43 -68.65 -90.55
CA ASN A 1117 65.61 -68.29 -91.35
C ASN A 1117 66.48 -69.50 -91.63
N LEU A 1118 66.67 -70.37 -90.63
CA LEU A 1118 67.49 -71.57 -90.84
C LEU A 1118 66.83 -72.53 -91.82
N LYS A 1119 65.53 -72.79 -91.64
CA LYS A 1119 64.85 -73.73 -92.52
C LYS A 1119 64.85 -73.23 -93.95
N TYR A 1120 64.64 -71.94 -94.15
CA TYR A 1120 64.70 -71.34 -95.48
C TYR A 1120 66.13 -71.37 -96.01
N ARG B 103 39.85 -75.17 -80.39
CA ARG B 103 39.19 -74.22 -79.51
C ARG B 103 38.04 -73.53 -80.24
N CYS B 104 36.82 -73.78 -79.79
CA CYS B 104 35.61 -73.30 -80.46
C CYS B 104 35.22 -71.94 -79.90
N ASN B 105 35.04 -70.97 -80.80
CA ASN B 105 34.58 -69.65 -80.40
C ASN B 105 33.21 -69.74 -79.72
N VAL B 106 33.07 -69.05 -78.59
CA VAL B 106 31.85 -69.04 -77.80
C VAL B 106 31.33 -67.61 -77.75
N TRP B 107 30.02 -67.45 -77.96
CA TRP B 107 29.38 -66.15 -77.94
C TRP B 107 28.05 -66.27 -77.21
N ILE B 108 27.88 -65.48 -76.16
CA ILE B 108 26.65 -65.42 -75.37
C ILE B 108 26.16 -63.99 -75.40
N LEU B 109 24.96 -63.78 -75.94
CA LEU B 109 24.41 -62.45 -76.13
C LEU B 109 23.67 -62.00 -74.87
N ASP B 110 23.69 -60.69 -74.63
CA ASP B 110 22.89 -60.13 -73.56
C ASP B 110 21.41 -60.34 -73.82
N GLY B 111 20.65 -60.59 -72.75
CA GLY B 111 19.25 -60.91 -72.89
C GLY B 111 18.44 -59.78 -73.49
N ASP B 112 18.80 -58.54 -73.21
CA ASP B 112 18.05 -57.41 -73.73
C ASP B 112 18.24 -57.27 -75.23
N LEU B 113 17.15 -56.94 -75.94
CA LEU B 113 17.24 -56.69 -77.37
C LEU B 113 18.01 -55.40 -77.69
N TYR B 114 18.25 -54.56 -76.69
CA TYR B 114 19.08 -53.38 -76.86
C TYR B 114 20.47 -53.73 -77.38
N HIS B 115 20.93 -54.95 -77.12
CA HIS B 115 22.23 -55.44 -77.56
C HIS B 115 22.13 -56.43 -78.73
N LYS B 116 20.96 -56.55 -79.37
CA LYS B 116 20.82 -57.51 -80.46
C LYS B 116 21.80 -57.22 -81.59
N GLY B 117 22.12 -55.95 -81.81
CA GLY B 117 23.05 -55.58 -82.86
C GLY B 117 24.44 -56.15 -82.69
N LEU B 118 24.77 -56.66 -81.51
CA LEU B 118 26.08 -57.30 -81.34
C LEU B 118 26.19 -58.60 -82.14
N LEU B 119 25.07 -59.17 -82.60
CA LEU B 119 25.14 -60.47 -83.28
C LEU B 119 25.99 -60.42 -84.55
N LYS B 120 26.09 -59.25 -85.20
CA LYS B 120 26.94 -59.16 -86.38
C LYS B 120 28.40 -59.41 -86.05
N PHE B 121 28.83 -59.08 -84.84
CA PHE B 121 30.19 -59.36 -84.39
C PHE B 121 30.38 -60.81 -83.97
N ALA B 122 29.30 -61.57 -83.80
CA ALA B 122 29.37 -62.97 -83.41
C ALA B 122 29.37 -63.93 -84.59
N VAL B 123 28.66 -63.60 -85.66
CA VAL B 123 28.53 -64.46 -86.82
C VAL B 123 28.67 -63.61 -88.08
N SER B 124 29.43 -64.12 -89.04
CA SER B 124 29.66 -63.48 -90.33
C SER B 124 29.33 -64.45 -91.46
N ALA B 125 29.47 -63.96 -92.69
CA ALA B 125 29.19 -64.81 -93.85
C ALA B 125 30.13 -66.01 -93.89
N GLU B 126 31.43 -65.78 -93.77
CA GLU B 126 32.40 -66.86 -93.85
C GLU B 126 32.24 -67.83 -92.68
N SER B 127 31.95 -67.31 -91.49
CA SER B 127 31.88 -68.11 -90.28
C SER B 127 30.50 -68.71 -90.03
N LEU B 128 29.51 -68.40 -90.85
CA LEU B 128 28.16 -68.92 -90.60
C LEU B 128 28.09 -70.45 -90.67
N PRO B 129 28.62 -71.13 -91.69
CA PRO B 129 28.57 -72.60 -91.66
C PRO B 129 29.30 -73.21 -90.49
N GLU B 130 30.40 -72.59 -90.06
CA GLU B 130 31.13 -73.05 -88.88
C GLU B 130 30.35 -72.79 -87.59
N THR B 131 29.35 -71.93 -87.62
CA THR B 131 28.62 -71.54 -86.41
C THR B 131 27.60 -72.60 -86.03
N LEU B 132 27.61 -72.97 -84.75
CA LEU B 132 26.57 -73.79 -84.14
C LEU B 132 25.77 -72.93 -83.18
N VAL B 133 24.44 -72.95 -83.34
CA VAL B 133 23.56 -72.08 -82.57
C VAL B 133 23.00 -72.87 -81.40
N ILE B 134 23.07 -72.29 -80.21
CA ILE B 134 22.54 -72.87 -78.98
C ILE B 134 21.50 -71.91 -78.42
N PHE B 135 20.30 -72.43 -78.17
CA PHE B 135 19.21 -71.67 -77.57
C PHE B 135 18.87 -72.23 -76.20
N VAL B 136 18.80 -71.34 -75.22
CA VAL B 136 18.57 -71.70 -73.83
C VAL B 136 17.08 -71.61 -73.52
N ALA B 137 16.55 -72.63 -72.85
CA ALA B 137 15.16 -72.66 -72.41
C ALA B 137 15.13 -72.73 -70.89
N ASP B 138 14.51 -71.73 -70.26
CA ASP B 138 14.54 -71.57 -68.82
C ASP B 138 13.40 -72.39 -68.20
N MET B 139 13.75 -73.48 -67.52
CA MET B 139 12.76 -74.32 -66.87
C MET B 139 12.39 -73.83 -65.47
N SER B 140 13.13 -72.86 -64.92
CA SER B 140 12.68 -72.22 -63.70
C SER B 140 11.52 -71.27 -63.95
N ARG B 141 11.38 -70.75 -65.18
CA ARG B 141 10.26 -69.92 -65.59
C ARG B 141 9.69 -70.54 -66.86
N PRO B 142 9.02 -71.70 -66.74
CA PRO B 142 8.58 -72.43 -67.94
C PRO B 142 7.59 -71.65 -68.79
N TRP B 143 6.82 -70.75 -68.19
CA TRP B 143 5.73 -70.10 -68.91
C TRP B 143 6.25 -69.14 -69.99
N THR B 144 7.48 -68.64 -69.85
CA THR B 144 8.10 -67.81 -70.87
C THR B 144 9.03 -68.59 -71.79
N VAL B 145 9.04 -69.92 -71.71
CA VAL B 145 9.96 -70.71 -72.53
C VAL B 145 9.65 -70.52 -74.01
N MET B 146 8.44 -70.90 -74.43
CA MET B 146 8.13 -70.84 -75.85
C MET B 146 8.20 -69.43 -76.39
N GLU B 147 7.65 -68.46 -75.65
CA GLU B 147 7.60 -67.09 -76.15
C GLU B 147 9.00 -66.50 -76.32
N SER B 148 9.86 -66.66 -75.31
CA SER B 148 11.23 -66.17 -75.44
C SER B 148 11.97 -66.94 -76.53
N LEU B 149 11.65 -68.22 -76.69
CA LEU B 149 12.29 -69.00 -77.75
C LEU B 149 11.92 -68.47 -79.13
N GLN B 150 10.64 -68.15 -79.35
CA GLN B 150 10.28 -67.54 -80.63
C GLN B 150 10.90 -66.16 -80.77
N LYS B 151 11.04 -65.42 -79.67
CA LYS B 151 11.73 -64.13 -79.73
C LYS B 151 13.16 -64.30 -80.24
N TRP B 152 13.92 -65.20 -79.63
CA TRP B 152 15.31 -65.39 -80.02
C TRP B 152 15.42 -65.97 -81.42
N ALA B 153 14.57 -66.94 -81.76
CA ALA B 153 14.61 -67.53 -83.10
C ALA B 153 14.26 -66.50 -84.16
N SER B 154 13.23 -65.69 -83.89
CA SER B 154 12.92 -64.59 -84.79
C SER B 154 14.13 -63.69 -84.98
N VAL B 155 14.75 -63.28 -83.86
CA VAL B 155 15.88 -62.35 -83.93
C VAL B 155 16.99 -62.94 -84.79
N LEU B 156 17.22 -64.25 -84.67
CA LEU B 156 18.15 -64.92 -85.57
C LEU B 156 17.67 -64.82 -87.02
N ARG B 157 16.36 -64.93 -87.24
CA ARG B 157 15.85 -64.86 -88.61
C ARG B 157 16.07 -63.48 -89.23
N GLU B 158 15.78 -62.40 -88.48
CA GLU B 158 16.11 -61.07 -89.02
C GLU B 158 17.61 -60.90 -89.20
N HIS B 159 18.43 -61.48 -88.32
CA HIS B 159 19.87 -61.32 -88.47
C HIS B 159 20.34 -61.96 -89.78
N ILE B 160 19.95 -63.20 -90.04
CA ILE B 160 20.33 -63.84 -91.29
C ILE B 160 19.71 -63.11 -92.47
N ASP B 161 18.55 -62.47 -92.28
CA ASP B 161 18.01 -61.64 -93.34
C ASP B 161 18.93 -60.46 -93.65
N LYS B 162 19.41 -59.77 -92.61
CA LYS B 162 20.34 -58.66 -92.82
C LYS B 162 21.64 -59.12 -93.45
N MET B 163 22.04 -60.37 -93.21
CA MET B 163 23.38 -60.79 -93.62
C MET B 163 23.55 -60.76 -95.15
N LYS B 164 22.46 -60.90 -95.90
CA LYS B 164 22.50 -60.84 -97.37
C LYS B 164 23.43 -61.92 -97.95
N ILE B 165 23.01 -63.17 -97.82
CA ILE B 165 23.74 -64.28 -98.45
C ILE B 165 23.18 -64.51 -99.84
N PRO B 166 23.97 -64.99 -100.81
CA PRO B 166 23.38 -65.33 -102.13
C PRO B 166 22.34 -66.43 -101.99
N PRO B 167 21.25 -66.39 -102.77
CA PRO B 167 20.25 -67.49 -102.66
C PRO B 167 20.81 -68.86 -102.99
N GLU B 168 21.79 -68.95 -103.90
CA GLU B 168 22.40 -70.24 -104.17
C GLU B 168 23.11 -70.78 -102.95
N LYS B 169 23.86 -69.93 -102.24
CA LYS B 169 24.53 -70.35 -101.02
C LYS B 169 23.50 -70.73 -99.96
N MET B 170 22.40 -69.99 -99.86
CA MET B 170 21.35 -70.31 -98.90
C MET B 170 20.74 -71.68 -99.20
N ARG B 171 20.46 -71.96 -100.47
CA ARG B 171 19.95 -73.27 -100.84
C ARG B 171 20.98 -74.36 -100.56
N GLU B 172 22.27 -74.06 -100.77
CA GLU B 172 23.31 -75.04 -100.49
C GLU B 172 23.36 -75.37 -99.00
N LEU B 173 23.29 -74.35 -98.15
CA LEU B 173 23.28 -74.57 -96.71
C LEU B 173 22.05 -75.37 -96.29
N GLU B 174 20.89 -75.04 -96.86
CA GLU B 174 19.68 -75.80 -96.52
C GLU B 174 19.78 -77.24 -97.00
N ARG B 175 20.39 -77.47 -98.17
CA ARG B 175 20.62 -78.83 -98.64
C ARG B 175 21.52 -79.59 -97.68
N LYS B 176 22.60 -78.96 -97.22
CA LYS B 176 23.50 -79.61 -96.28
C LYS B 176 22.77 -79.93 -94.97
N PHE B 177 21.98 -78.99 -94.47
CA PHE B 177 21.29 -79.18 -93.21
C PHE B 177 20.24 -80.29 -93.32
N VAL B 178 19.43 -80.28 -94.38
CA VAL B 178 18.41 -81.30 -94.53
C VAL B 178 19.05 -82.66 -94.79
N LYS B 179 20.17 -82.68 -95.53
CA LYS B 179 20.91 -83.91 -95.72
C LYS B 179 21.36 -84.47 -94.38
N ASP B 180 21.84 -83.61 -93.48
CA ASP B 180 22.12 -84.05 -92.13
C ASP B 180 20.85 -84.52 -91.42
N PHE B 181 19.71 -83.93 -91.76
CA PHE B 181 18.46 -84.26 -91.09
C PHE B 181 18.01 -85.69 -91.42
N GLN B 182 17.71 -85.97 -92.69
CA GLN B 182 17.19 -87.31 -92.99
C GLN B 182 18.25 -88.39 -92.81
N ASP B 183 19.53 -88.06 -92.93
CA ASP B 183 20.58 -89.06 -92.78
C ASP B 183 20.81 -89.46 -91.33
N TYR B 184 20.12 -88.84 -90.38
CA TYR B 184 20.21 -89.28 -88.99
C TYR B 184 19.68 -90.70 -88.85
N MET B 185 20.47 -91.54 -88.18
CA MET B 185 20.01 -92.84 -87.69
C MET B 185 20.47 -92.98 -86.24
N GLU B 186 19.79 -93.87 -85.52
CA GLU B 186 20.14 -94.14 -84.13
C GLU B 186 21.55 -94.71 -84.04
N ILE B 225 21.50 -73.42 -90.79
CA ILE B 225 22.51 -73.91 -89.87
C ILE B 225 21.88 -74.81 -88.81
N PRO B 226 22.67 -75.61 -88.10
CA PRO B 226 22.10 -76.41 -87.02
C PRO B 226 21.69 -75.53 -85.85
N VAL B 227 20.67 -75.98 -85.12
CA VAL B 227 20.16 -75.30 -83.94
C VAL B 227 19.96 -76.34 -82.85
N LEU B 228 20.41 -76.02 -81.64
CA LEU B 228 20.40 -76.94 -80.51
C LEU B 228 19.73 -76.28 -79.32
N VAL B 229 18.64 -76.88 -78.85
CA VAL B 229 17.86 -76.37 -77.73
C VAL B 229 18.34 -77.06 -76.46
N VAL B 230 18.77 -76.28 -75.48
CA VAL B 230 19.25 -76.79 -74.19
C VAL B 230 18.34 -76.24 -73.10
N CYS B 231 17.79 -77.13 -72.28
CA CYS B 231 16.91 -76.76 -71.19
C CYS B 231 17.72 -76.70 -69.91
N THR B 232 17.61 -75.57 -69.20
CA THR B 232 18.42 -75.27 -68.03
C THR B 232 17.55 -75.17 -66.79
N LYS B 233 18.13 -75.53 -65.64
CA LYS B 233 17.44 -75.53 -64.36
C LYS B 233 16.17 -76.38 -64.44
N CYS B 234 16.29 -77.56 -65.03
CA CYS B 234 15.17 -78.49 -65.09
C CYS B 234 14.76 -79.01 -63.72
N ASP B 235 15.67 -78.98 -62.75
CA ASP B 235 15.35 -79.44 -61.40
C ASP B 235 14.29 -78.57 -60.74
N ALA B 236 14.05 -77.36 -61.26
CA ALA B 236 12.94 -76.53 -60.80
C ALA B 236 11.58 -77.21 -61.01
N VAL B 237 11.52 -78.24 -61.85
CA VAL B 237 10.32 -79.07 -61.94
C VAL B 237 9.89 -79.55 -60.57
N SER B 238 10.86 -79.90 -59.71
CA SER B 238 10.52 -80.35 -58.37
C SER B 238 9.81 -79.26 -57.59
N VAL B 239 10.18 -78.00 -57.81
CA VAL B 239 9.44 -76.90 -57.22
C VAL B 239 8.05 -76.79 -57.84
N LEU B 240 7.96 -76.99 -59.16
CA LEU B 240 6.67 -76.92 -59.83
C LEU B 240 5.70 -77.96 -59.30
N GLU B 241 6.21 -79.14 -58.92
CA GLU B 241 5.36 -80.14 -58.30
C GLU B 241 4.77 -79.63 -56.99
N LYS B 242 5.53 -78.85 -56.24
CA LYS B 242 5.07 -78.32 -54.96
C LYS B 242 4.41 -76.95 -55.09
N GLU B 243 5.15 -75.94 -55.55
CA GLU B 243 4.65 -74.57 -55.54
C GLU B 243 3.46 -74.35 -56.45
N HIS B 244 3.44 -74.95 -57.64
CA HIS B 244 2.38 -74.74 -58.62
C HIS B 244 1.57 -76.00 -58.89
N ASP B 245 1.76 -77.06 -58.09
CA ASP B 245 0.94 -78.27 -58.17
C ASP B 245 0.96 -78.87 -59.57
N TYR B 246 2.11 -78.82 -60.22
CA TYR B 246 2.25 -79.42 -61.54
C TYR B 246 2.25 -80.94 -61.42
N ARG B 247 1.94 -81.59 -62.54
CA ARG B 247 1.91 -83.05 -62.61
C ARG B 247 2.54 -83.46 -63.93
N ASP B 248 2.55 -84.78 -64.18
CA ASP B 248 3.15 -85.29 -65.41
C ASP B 248 2.43 -84.77 -66.66
N GLU B 249 1.16 -84.38 -66.53
CA GLU B 249 0.44 -83.86 -67.68
C GLU B 249 1.01 -82.52 -68.12
N HIS B 250 1.31 -81.64 -67.17
CA HIS B 250 1.87 -80.34 -67.53
C HIS B 250 3.25 -80.50 -68.16
N LEU B 251 4.04 -81.43 -67.64
CA LEU B 251 5.35 -81.70 -68.19
C LEU B 251 5.24 -82.28 -69.60
N ASP B 252 4.29 -83.18 -69.81
CA ASP B 252 4.02 -83.70 -71.15
C ASP B 252 3.59 -82.57 -72.08
N PHE B 253 2.75 -81.66 -71.59
CA PHE B 253 2.30 -80.51 -72.36
C PHE B 253 3.49 -79.68 -72.84
N ILE B 254 4.35 -79.26 -71.91
CA ILE B 254 5.45 -78.37 -72.26
C ILE B 254 6.45 -79.09 -73.16
N GLN B 255 6.76 -80.35 -72.88
CA GLN B 255 7.78 -81.03 -73.66
C GLN B 255 7.26 -81.41 -75.03
N SER B 256 5.98 -81.74 -75.15
CA SER B 256 5.38 -81.95 -76.47
C SER B 256 5.40 -80.66 -77.28
N HIS B 257 5.08 -79.53 -76.64
CA HIS B 257 5.16 -78.25 -77.34
C HIS B 257 6.58 -77.97 -77.80
N LEU B 258 7.55 -78.22 -76.93
CA LEU B 258 8.94 -77.94 -77.25
C LEU B 258 9.43 -78.84 -78.38
N ARG B 259 9.03 -80.11 -78.37
CA ARG B 259 9.41 -81.02 -79.44
C ARG B 259 8.76 -80.62 -80.76
N ARG B 260 7.50 -80.18 -80.72
CA ARG B 260 6.87 -79.70 -81.95
C ARG B 260 7.57 -78.47 -82.48
N PHE B 261 7.98 -77.56 -81.59
CA PHE B 261 8.75 -76.41 -82.01
C PHE B 261 10.08 -76.83 -82.65
N CYS B 262 10.75 -77.80 -82.04
CA CYS B 262 12.01 -78.29 -82.59
C CYS B 262 11.79 -78.87 -83.98
N LEU B 263 10.70 -79.61 -84.18
CA LEU B 263 10.35 -80.10 -85.50
C LEU B 263 10.10 -78.96 -86.47
N GLN B 264 9.47 -77.88 -85.99
CA GLN B 264 9.23 -76.73 -86.84
C GLN B 264 10.54 -76.13 -87.33
N TYR B 265 11.56 -76.11 -86.46
CA TYR B 265 12.88 -75.57 -86.79
C TYR B 265 13.98 -76.62 -86.88
N GLY B 266 13.63 -77.91 -86.76
CA GLY B 266 14.62 -78.97 -86.96
C GLY B 266 15.81 -78.90 -86.02
N ALA B 267 15.55 -78.74 -84.72
CA ALA B 267 16.59 -78.61 -83.71
C ALA B 267 16.69 -79.87 -82.87
N ALA B 268 17.74 -79.93 -82.06
CA ALA B 268 18.01 -81.05 -81.15
C ALA B 268 17.78 -80.60 -79.71
N LEU B 269 16.98 -81.38 -78.98
CA LEU B 269 16.58 -81.04 -77.62
C LEU B 269 17.38 -81.86 -76.61
N ILE B 270 17.76 -81.21 -75.51
CA ILE B 270 18.48 -81.86 -74.41
C ILE B 270 18.10 -81.15 -73.13
N TYR B 271 18.04 -81.92 -72.04
CA TYR B 271 17.67 -81.44 -70.72
C TYR B 271 18.90 -81.47 -69.81
N THR B 272 19.08 -80.41 -69.05
CA THR B 272 20.32 -80.19 -68.29
C THR B 272 20.01 -79.64 -66.92
N SER B 273 20.95 -79.87 -66.00
CA SER B 273 20.86 -79.33 -64.65
C SER B 273 22.29 -79.22 -64.10
N VAL B 274 22.83 -78.01 -64.12
CA VAL B 274 24.14 -77.77 -63.50
C VAL B 274 24.06 -78.00 -62.01
N LYS B 275 22.93 -77.66 -61.40
CA LYS B 275 22.75 -77.89 -59.96
C LYS B 275 22.85 -79.38 -59.64
N GLU B 276 22.34 -80.23 -60.53
CA GLU B 276 22.45 -81.68 -60.40
C GLU B 276 23.47 -82.30 -61.34
N GLU B 277 24.12 -81.51 -62.20
CA GLU B 277 25.15 -81.99 -63.11
C GLU B 277 24.59 -83.06 -64.05
N LYS B 278 23.41 -82.79 -64.59
CA LYS B 278 22.68 -83.73 -65.44
C LYS B 278 22.98 -83.45 -66.90
N ASN B 279 23.41 -84.48 -67.62
CA ASN B 279 23.62 -84.47 -69.06
C ASN B 279 24.66 -83.45 -69.50
N LEU B 280 25.54 -83.00 -68.59
CA LEU B 280 26.59 -82.07 -68.98
C LEU B 280 27.57 -82.72 -69.95
N ASP B 281 28.02 -83.94 -69.62
CA ASP B 281 28.92 -84.65 -70.52
C ASP B 281 28.21 -85.05 -71.81
N LEU B 282 26.93 -85.44 -71.70
CA LEU B 282 26.16 -85.72 -72.91
C LEU B 282 26.08 -84.49 -73.80
N LEU B 283 25.82 -83.33 -73.20
CA LEU B 283 25.79 -82.07 -73.94
C LEU B 283 27.13 -81.82 -74.62
N TYR B 284 28.22 -81.93 -73.85
CA TYR B 284 29.55 -81.65 -74.40
C TYR B 284 29.87 -82.57 -75.56
N LYS B 285 29.57 -83.86 -75.41
CA LYS B 285 29.80 -84.81 -76.50
C LYS B 285 28.98 -84.44 -77.72
N TYR B 286 27.73 -84.05 -77.54
CA TYR B 286 26.89 -83.73 -78.68
C TYR B 286 27.38 -82.48 -79.39
N ILE B 287 27.84 -81.48 -78.62
CA ILE B 287 28.40 -80.26 -79.24
C ILE B 287 29.63 -80.61 -80.05
N VAL B 288 30.55 -81.39 -79.46
CA VAL B 288 31.76 -81.73 -80.18
C VAL B 288 31.43 -82.53 -81.43
N HIS B 289 30.46 -83.44 -81.33
CA HIS B 289 29.99 -84.20 -82.49
C HIS B 289 29.51 -83.28 -83.59
N LYS B 290 28.60 -82.35 -83.26
CA LYS B 290 27.97 -81.56 -84.30
C LYS B 290 28.94 -80.55 -84.91
N THR B 291 29.83 -79.97 -84.10
CA THR B 291 30.78 -79.00 -84.64
C THR B 291 31.93 -79.67 -85.37
N TYR B 292 32.73 -80.46 -84.68
CA TYR B 292 33.93 -81.04 -85.26
C TYR B 292 33.65 -82.33 -86.03
N GLY B 293 32.40 -82.78 -86.09
CA GLY B 293 32.09 -84.03 -86.75
C GLY B 293 32.51 -85.26 -85.99
N PHE B 294 32.72 -85.14 -84.68
CA PHE B 294 33.15 -86.27 -83.88
C PHE B 294 32.03 -87.30 -83.77
N HIS B 295 32.39 -88.49 -83.31
CA HIS B 295 31.42 -89.57 -83.19
C HIS B 295 30.49 -89.33 -81.99
N PHE B 296 29.34 -90.01 -82.03
CA PHE B 296 28.32 -89.88 -80.99
C PHE B 296 27.48 -91.15 -80.98
N THR B 297 27.15 -91.63 -79.79
CA THR B 297 26.54 -92.93 -79.61
C THR B 297 25.37 -92.97 -78.64
N THR B 298 25.16 -91.93 -77.83
CA THR B 298 24.11 -91.99 -76.82
C THR B 298 22.74 -92.05 -77.50
N PRO B 299 21.79 -92.87 -77.00
CA PRO B 299 20.48 -92.93 -77.66
C PRO B 299 19.52 -91.86 -77.17
N ALA B 300 18.39 -91.71 -77.85
CA ALA B 300 17.43 -90.68 -77.52
C ALA B 300 16.56 -91.11 -76.36
N LEU B 301 16.54 -90.29 -75.30
CA LEU B 301 15.71 -90.53 -74.12
C LEU B 301 14.59 -89.51 -74.12
N VAL B 302 13.35 -90.00 -74.04
CA VAL B 302 12.16 -89.14 -74.00
C VAL B 302 11.20 -89.60 -72.90
N VAL B 303 11.67 -90.46 -72.00
CA VAL B 303 10.81 -91.01 -70.95
C VAL B 303 10.95 -90.21 -69.66
N GLU B 304 12.18 -89.96 -69.22
CA GLU B 304 12.39 -89.20 -68.00
C GLU B 304 11.90 -87.77 -68.19
N LYS B 305 11.19 -87.26 -67.18
CA LYS B 305 10.50 -86.00 -67.32
C LYS B 305 11.45 -84.82 -67.48
N ASP B 306 12.55 -84.81 -66.71
CA ASP B 306 13.49 -83.71 -66.67
C ASP B 306 14.87 -84.10 -67.19
N ALA B 307 14.96 -85.12 -68.04
CA ALA B 307 16.21 -85.52 -68.67
C ALA B 307 15.98 -85.91 -70.14
N VAL B 308 15.00 -85.28 -70.78
CA VAL B 308 14.69 -85.62 -72.17
C VAL B 308 15.82 -85.18 -73.08
N PHE B 309 16.27 -86.10 -73.93
CA PHE B 309 17.30 -85.82 -74.92
C PHE B 309 16.84 -86.36 -76.26
N ILE B 310 16.76 -85.49 -77.26
CA ILE B 310 16.29 -85.82 -78.61
C ILE B 310 17.30 -85.26 -79.60
N PRO B 311 18.18 -86.06 -80.19
CA PRO B 311 19.06 -85.52 -81.24
C PRO B 311 18.25 -85.17 -82.48
N ALA B 312 18.92 -84.48 -83.40
CA ALA B 312 18.26 -84.00 -84.61
C ALA B 312 17.78 -85.18 -85.45
N GLY B 313 16.57 -85.05 -86.00
CA GLY B 313 15.99 -86.04 -86.87
C GLY B 313 15.21 -87.13 -86.18
N TRP B 314 15.36 -87.27 -84.86
CA TRP B 314 14.65 -88.34 -84.16
C TRP B 314 13.17 -88.02 -84.00
N ASP B 315 12.86 -86.77 -83.66
CA ASP B 315 11.47 -86.40 -83.37
C ASP B 315 10.60 -86.47 -84.62
N ASN B 316 9.31 -86.76 -84.39
CA ASN B 316 8.30 -86.70 -85.44
C ASN B 316 6.95 -86.57 -84.77
N GLU B 317 5.96 -86.10 -85.54
CA GLU B 317 4.63 -85.90 -84.98
C GLU B 317 4.05 -87.20 -84.46
N LYS B 318 4.22 -88.29 -85.22
CA LYS B 318 3.79 -89.60 -84.74
C LYS B 318 4.56 -89.98 -83.48
N LYS B 319 5.86 -89.74 -83.46
CA LYS B 319 6.65 -90.00 -82.27
C LYS B 319 6.25 -89.07 -81.13
N ILE B 320 5.83 -87.85 -81.46
CA ILE B 320 5.36 -86.93 -80.42
C ILE B 320 4.00 -87.35 -79.88
N ALA B 321 3.26 -88.19 -80.61
CA ALA B 321 1.91 -88.55 -80.19
C ALA B 321 1.88 -89.40 -78.93
N ILE B 322 3.02 -89.94 -78.47
CA ILE B 322 3.00 -90.77 -77.27
C ILE B 322 2.64 -89.94 -76.04
N LEU B 323 3.06 -88.69 -76.02
CA LEU B 323 2.77 -87.82 -74.88
C LEU B 323 1.29 -87.41 -74.86
N HIS B 324 0.66 -87.30 -76.04
CA HIS B 324 -0.73 -86.86 -76.10
C HIS B 324 -1.66 -87.88 -75.47
N GLU B 325 -1.23 -89.16 -75.38
CA GLU B 325 -2.04 -90.15 -74.69
C GLU B 325 -2.18 -89.82 -73.21
N ASN B 326 -1.09 -89.36 -72.58
CA ASN B 326 -1.09 -89.14 -71.14
C ASN B 326 -1.97 -87.96 -70.72
N PHE B 327 -2.38 -87.11 -71.66
CA PHE B 327 -3.29 -86.02 -71.35
C PHE B 327 -4.64 -86.57 -70.89
N THR B 328 -5.26 -85.89 -69.93
CA THR B 328 -6.59 -86.24 -69.45
C THR B 328 -7.53 -85.04 -69.25
N THR B 329 -7.00 -83.81 -69.26
CA THR B 329 -7.83 -82.61 -69.20
C THR B 329 -7.50 -81.65 -70.33
N VAL B 330 -6.27 -81.73 -70.85
CA VAL B 330 -5.82 -80.85 -71.91
C VAL B 330 -5.82 -81.64 -73.21
N LYS B 331 -5.68 -80.92 -74.33
CA LYS B 331 -5.57 -81.48 -75.66
C LYS B 331 -4.32 -80.91 -76.34
N PRO B 332 -3.74 -81.62 -77.31
CA PRO B 332 -2.53 -81.09 -77.96
C PRO B 332 -2.75 -79.76 -78.65
N GLU B 333 -3.96 -79.46 -79.10
CA GLU B 333 -4.25 -78.17 -79.72
C GLU B 333 -4.51 -77.06 -78.70
N ASP B 334 -4.58 -77.38 -77.41
CA ASP B 334 -4.91 -76.38 -76.42
C ASP B 334 -3.76 -75.38 -76.26
N ALA B 335 -4.13 -74.12 -76.03
CA ALA B 335 -3.16 -73.05 -76.00
C ALA B 335 -2.19 -73.20 -74.84
N TYR B 336 -0.97 -72.69 -75.04
CA TYR B 336 0.04 -72.75 -73.99
C TYR B 336 -0.32 -71.81 -72.83
N GLU B 337 -0.77 -70.60 -73.15
CA GLU B 337 -1.04 -69.61 -72.12
C GLU B 337 -2.20 -70.04 -71.22
N ASP B 338 -3.22 -70.68 -71.80
CA ASP B 338 -4.39 -71.06 -71.01
C ASP B 338 -4.04 -72.16 -70.02
N PHE B 339 -3.41 -73.24 -70.48
CA PHE B 339 -3.15 -74.37 -69.59
C PHE B 339 -2.06 -74.02 -68.57
N ILE B 340 -0.96 -73.43 -69.04
CA ILE B 340 0.14 -73.00 -68.17
C ILE B 340 0.04 -71.48 -68.06
N VAL B 341 -0.20 -71.00 -66.84
CA VAL B 341 -0.51 -69.59 -66.58
C VAL B 341 0.76 -68.89 -66.09
N LYS B 342 0.91 -67.63 -66.48
CA LYS B 342 1.99 -66.81 -65.95
C LYS B 342 1.57 -66.29 -64.58
N PRO B 343 2.24 -66.65 -63.49
CA PRO B 343 1.77 -66.21 -62.16
C PRO B 343 1.85 -64.70 -62.01
N PRO B 344 0.86 -64.06 -61.34
CA PRO B 344 0.96 -62.62 -61.08
C PRO B 344 1.80 -62.32 -59.85
N VAL B 345 3.12 -62.21 -60.02
CA VAL B 345 4.03 -62.05 -58.89
C VAL B 345 3.65 -60.83 -58.07
N ARG B 346 3.66 -60.99 -56.74
CA ARG B 346 3.22 -59.95 -55.82
C ARG B 346 4.36 -58.96 -55.58
N LYS B 347 4.64 -58.17 -56.61
CA LYS B 347 5.58 -57.07 -56.45
C LYS B 347 4.99 -56.03 -55.51
N LEU B 348 5.84 -55.15 -55.01
CA LEU B 348 5.36 -54.07 -54.15
C LEU B 348 4.56 -53.11 -55.00
N VAL B 349 3.24 -53.29 -55.03
CA VAL B 349 2.36 -52.45 -55.83
C VAL B 349 2.41 -51.05 -55.24
N HIS B 350 3.05 -50.13 -55.96
CA HIS B 350 3.32 -48.81 -55.41
C HIS B 350 2.04 -48.00 -55.24
N ASP B 351 1.95 -47.26 -54.14
CA ASP B 351 0.76 -46.49 -53.82
C ASP B 351 0.65 -45.27 -54.72
N LYS B 352 -0.56 -44.71 -54.76
CA LYS B 352 -0.79 -43.50 -55.55
C LYS B 352 0.04 -42.34 -55.02
N GLU B 353 0.57 -41.54 -55.93
CA GLU B 353 1.35 -40.37 -55.55
C GLU B 353 0.44 -39.35 -54.87
N LEU B 354 0.48 -39.29 -53.55
CA LEU B 354 -0.31 -38.30 -52.82
C LEU B 354 0.48 -36.99 -52.85
N ALA B 355 -0.17 -35.92 -53.29
CA ALA B 355 0.43 -34.61 -53.44
C ALA B 355 -0.43 -33.57 -52.75
N ALA B 356 0.21 -32.65 -52.04
CA ALA B 356 -0.52 -31.60 -51.37
C ALA B 356 -1.26 -30.74 -52.39
N GLU B 357 -2.52 -30.45 -52.08
CA GLU B 357 -3.31 -29.58 -52.95
C GLU B 357 -2.66 -28.21 -53.02
N ASP B 358 -2.58 -27.67 -54.23
CA ASP B 358 -2.01 -26.34 -54.40
C ASP B 358 -2.83 -25.32 -53.63
N GLU B 359 -2.22 -24.17 -53.35
CA GLU B 359 -2.93 -23.11 -52.65
C GLU B 359 -4.15 -22.66 -53.46
N GLN B 360 -3.98 -22.52 -54.77
CA GLN B 360 -5.09 -22.08 -55.61
C GLN B 360 -6.21 -23.11 -55.65
N VAL B 361 -5.87 -24.39 -55.85
CA VAL B 361 -6.92 -25.40 -55.99
C VAL B 361 -7.62 -25.62 -54.64
N PHE B 362 -6.86 -25.66 -53.55
CA PHE B 362 -7.48 -25.81 -52.23
C PHE B 362 -8.37 -24.62 -51.91
N LEU B 363 -7.94 -23.42 -52.32
CA LEU B 363 -8.74 -22.23 -52.02
C LEU B 363 -9.95 -22.12 -52.95
N MET B 364 -9.87 -22.64 -54.18
CA MET B 364 -11.08 -22.74 -54.99
C MET B 364 -12.05 -23.74 -54.39
N LYS B 365 -11.54 -24.84 -53.83
CA LYS B 365 -12.41 -25.76 -53.11
C LYS B 365 -13.09 -25.05 -51.92
N GLN B 366 -12.33 -24.26 -51.17
CA GLN B 366 -12.91 -23.54 -50.04
C GLN B 366 -13.89 -22.47 -50.51
N GLN B 367 -13.60 -21.83 -51.66
CA GLN B 367 -14.56 -20.91 -52.25
C GLN B 367 -15.86 -21.62 -52.59
N SER B 368 -15.77 -22.80 -53.19
CA SER B 368 -16.97 -23.56 -53.51
C SER B 368 -17.74 -23.89 -52.24
N LEU B 369 -17.03 -24.25 -51.17
CA LEU B 369 -17.71 -24.58 -49.92
C LEU B 369 -18.39 -23.35 -49.31
N LEU B 370 -17.69 -22.22 -49.26
CA LEU B 370 -18.27 -21.01 -48.67
C LEU B 370 -19.44 -20.50 -49.49
N ALA B 371 -19.34 -20.57 -50.83
CA ALA B 371 -20.36 -19.98 -51.68
C ALA B 371 -21.72 -20.66 -51.50
N LYS B 372 -21.74 -21.99 -51.41
CA LYS B 372 -23.01 -22.69 -51.27
C LYS B 372 -23.67 -22.42 -49.93
N GLN B 373 -22.90 -22.07 -48.90
CA GLN B 373 -23.45 -21.88 -47.56
C GLN B 373 -24.36 -20.65 -47.50
N HIS C 210 10.11 -4.18 73.69
CA HIS C 210 10.01 -3.31 74.85
C HIS C 210 10.81 -3.91 76.02
N PRO C 211 11.54 -3.07 76.78
CA PRO C 211 12.29 -3.65 77.91
C PRO C 211 11.41 -4.31 78.96
N MET C 212 10.20 -3.78 79.18
CA MET C 212 9.36 -4.31 80.24
C MET C 212 8.96 -5.75 79.99
N ILE C 213 8.59 -6.08 78.75
CA ILE C 213 8.22 -7.46 78.45
C ILE C 213 9.42 -8.36 78.62
N THR C 214 10.61 -7.87 78.28
CA THR C 214 11.83 -8.66 78.46
C THR C 214 12.07 -8.95 79.94
N ASN C 215 11.90 -7.92 80.78
CA ASN C 215 12.12 -8.11 82.21
C ASN C 215 11.12 -9.10 82.80
N VAL C 216 9.85 -8.93 82.46
CA VAL C 216 8.84 -9.85 82.99
C VAL C 216 9.07 -11.26 82.46
N ALA C 217 9.50 -11.38 81.20
CA ALA C 217 9.71 -12.69 80.60
C ALA C 217 10.90 -13.40 81.23
N LYS C 218 12.01 -12.70 81.45
CA LYS C 218 13.15 -13.33 82.11
C LYS C 218 12.81 -13.68 83.54
N GLN C 219 12.00 -12.84 84.21
CA GLN C 219 11.53 -13.20 85.55
C GLN C 219 10.72 -14.49 85.52
N CYS C 220 9.80 -14.60 84.57
CA CYS C 220 8.93 -15.77 84.50
C CYS C 220 9.73 -17.03 84.16
N TYR C 221 10.65 -16.93 83.20
CA TYR C 221 11.49 -18.08 82.86
C TYR C 221 12.38 -18.48 84.01
N GLU C 222 12.94 -17.52 84.75
CA GLU C 222 13.76 -17.88 85.90
C GLU C 222 12.92 -18.59 86.97
N ARG C 223 11.62 -18.31 87.01
CA ARG C 223 10.68 -19.04 87.85
C ARG C 223 10.16 -20.31 87.18
N GLY C 224 10.76 -20.72 86.06
CA GLY C 224 10.39 -21.98 85.42
C GLY C 224 8.95 -22.02 84.95
N GLU C 225 8.44 -20.91 84.45
CA GLU C 225 7.08 -20.84 83.94
C GLU C 225 7.03 -19.82 82.81
N LYS C 226 6.25 -20.14 81.78
CA LYS C 226 6.10 -19.20 80.69
C LYS C 226 5.27 -17.99 81.14
N PRO C 227 5.53 -16.81 80.59
CA PRO C 227 4.83 -15.62 81.09
C PRO C 227 3.37 -15.59 80.67
N LYS C 228 2.59 -14.81 81.41
CA LYS C 228 1.17 -14.65 81.17
C LYS C 228 0.80 -13.19 81.36
N VAL C 229 -0.36 -12.82 80.81
CA VAL C 229 -0.84 -11.45 80.91
C VAL C 229 -1.03 -11.05 82.37
N THR C 230 -1.52 -11.97 83.19
CA THR C 230 -1.83 -11.66 84.58
C THR C 230 -0.60 -11.25 85.37
N ASP C 231 0.58 -11.72 84.96
CA ASP C 231 1.80 -11.44 85.72
C ASP C 231 2.12 -9.95 85.72
N PHE C 232 1.67 -9.22 84.70
CA PHE C 232 1.89 -7.77 84.68
C PHE C 232 1.01 -7.05 85.70
N GLY C 233 -0.07 -7.69 86.15
CA GLY C 233 -0.90 -7.11 87.18
C GLY C 233 -1.45 -5.76 86.76
N ASP C 234 -1.25 -4.76 87.63
CA ASP C 234 -1.75 -3.42 87.36
C ASP C 234 -1.15 -2.82 86.10
N LYS C 235 -0.01 -3.32 85.62
CA LYS C 235 0.56 -2.80 84.39
C LYS C 235 -0.31 -3.12 83.18
N VAL C 236 -1.20 -4.12 83.26
CA VAL C 236 -2.00 -4.47 82.08
C VAL C 236 -2.92 -3.31 81.71
N GLU C 237 -3.45 -2.61 82.70
CA GLU C 237 -4.37 -1.51 82.48
C GLU C 237 -3.68 -0.15 82.47
N ASP C 238 -2.36 -0.10 82.56
CA ASP C 238 -1.65 1.17 82.52
C ASP C 238 -1.84 1.82 81.15
N PRO C 239 -2.26 3.10 81.09
CA PRO C 239 -2.36 3.73 79.77
C PRO C 239 -1.03 3.88 79.05
N THR C 240 -0.03 4.45 79.72
CA THR C 240 1.22 4.77 79.03
C THR C 240 1.94 3.51 78.55
N PHE C 241 1.92 2.45 79.36
CA PHE C 241 2.55 1.21 78.93
C PHE C 241 1.85 0.65 77.70
N LEU C 242 0.52 0.72 77.68
CA LEU C 242 -0.22 0.29 76.50
C LEU C 242 0.13 1.15 75.28
N ASN C 243 0.28 2.46 75.47
CA ASN C 243 0.64 3.33 74.35
C ASN C 243 2.03 3.00 73.83
N GLN C 244 2.96 2.72 74.73
CA GLN C 244 4.30 2.33 74.31
C GLN C 244 4.26 1.05 73.50
N LEU C 245 3.47 0.06 73.96
CA LEU C 245 3.35 -1.18 73.21
C LEU C 245 2.68 -0.94 71.86
N GLN C 246 1.70 -0.04 71.82
CA GLN C 246 1.02 0.31 70.57
C GLN C 246 2.01 0.88 69.57
N SER C 247 2.83 1.84 70.01
CA SER C 247 3.82 2.41 69.10
C SER C 247 4.85 1.37 68.67
N GLY C 248 5.23 0.49 69.59
CA GLY C 248 6.15 -0.58 69.22
C GLY C 248 5.57 -1.49 68.15
N VAL C 249 4.30 -1.83 68.27
CA VAL C 249 3.67 -2.66 67.25
C VAL C 249 3.57 -1.91 65.94
N ASN C 250 3.33 -0.59 65.99
CA ASN C 250 3.35 0.19 64.76
C ASN C 250 4.70 0.10 64.08
N ARG C 251 5.78 0.22 64.86
CA ARG C 251 7.12 0.08 64.30
C ARG C 251 7.31 -1.31 63.69
N TRP C 252 6.84 -2.35 64.40
CA TRP C 252 6.96 -3.70 63.90
C TRP C 252 6.24 -3.86 62.57
N ILE C 253 5.03 -3.32 62.48
CA ILE C 253 4.25 -3.44 61.25
C ILE C 253 4.92 -2.71 60.10
N ARG C 254 5.43 -1.51 60.36
CA ARG C 254 6.11 -0.77 59.29
C ARG C 254 7.34 -1.54 58.82
N GLU C 255 8.13 -2.06 59.76
CA GLU C 255 9.32 -2.80 59.39
C GLU C 255 8.96 -4.05 58.59
N ILE C 256 7.92 -4.77 59.01
CA ILE C 256 7.53 -5.97 58.29
C ILE C 256 7.03 -5.62 56.90
N GLN C 257 6.29 -4.52 56.77
CA GLN C 257 5.80 -4.13 55.46
C GLN C 257 6.95 -3.72 54.55
N LYS C 258 8.05 -3.21 55.11
CA LYS C 258 9.20 -2.88 54.27
C LYS C 258 9.75 -4.13 53.58
N VAL C 259 9.65 -5.29 54.22
CA VAL C 259 10.21 -6.52 53.68
C VAL C 259 9.18 -7.29 52.86
N THR C 260 7.94 -7.40 53.34
CA THR C 260 6.94 -8.21 52.64
C THR C 260 6.58 -7.59 51.29
N LYS C 261 6.50 -6.27 51.22
CA LYS C 261 6.07 -5.60 50.00
C LYS C 261 7.17 -5.45 48.98
N LEU C 262 8.35 -6.02 49.22
CA LEU C 262 9.44 -5.93 48.25
C LEU C 262 9.05 -6.59 46.94
N ASP C 263 9.41 -5.95 45.84
CA ASP C 263 9.14 -6.48 44.52
C ASP C 263 10.30 -6.12 43.60
N ARG C 264 10.64 -7.02 42.70
CA ARG C 264 11.76 -6.86 41.79
C ARG C 264 11.25 -6.72 40.36
N ASP C 265 11.80 -5.75 39.65
CA ASP C 265 11.48 -5.58 38.25
C ASP C 265 12.05 -6.79 37.49
N PRO C 266 11.23 -7.58 36.78
CA PRO C 266 11.80 -8.76 36.09
C PRO C 266 12.81 -8.41 35.02
N ALA C 267 12.63 -7.27 34.33
CA ALA C 267 13.48 -6.96 33.18
C ALA C 267 14.90 -6.59 33.58
N SER C 268 15.09 -5.98 34.74
CA SER C 268 16.39 -5.44 35.13
C SER C 268 17.23 -6.50 35.83
N GLY C 269 18.50 -6.58 35.47
CA GLY C 269 19.45 -7.46 36.12
C GLY C 269 19.47 -8.85 35.51
N THR C 270 20.42 -9.65 35.98
CA THR C 270 20.62 -11.00 35.50
C THR C 270 19.72 -11.98 36.26
N ALA C 271 19.48 -13.13 35.64
CA ALA C 271 18.72 -14.18 36.29
C ALA C 271 19.42 -14.68 37.55
N LEU C 272 20.76 -14.60 37.59
CA LEU C 272 21.47 -14.88 38.83
C LEU C 272 21.03 -13.92 39.92
N GLN C 273 20.94 -12.63 39.59
CA GLN C 273 20.41 -11.67 40.53
C GLN C 273 18.98 -12.02 40.93
N GLU C 274 18.20 -12.56 39.98
CA GLU C 274 16.83 -12.96 40.28
C GLU C 274 16.80 -14.07 41.32
N ILE C 275 17.61 -15.10 41.13
CA ILE C 275 17.56 -16.23 42.07
C ILE C 275 18.04 -15.78 43.44
N SER C 276 19.08 -14.93 43.46
CA SER C 276 19.58 -14.42 44.72
C SER C 276 18.53 -13.60 45.43
N PHE C 277 17.83 -12.74 44.69
CA PHE C 277 16.79 -11.92 45.29
C PHE C 277 15.69 -12.78 45.89
N TRP C 278 15.21 -13.77 45.14
CA TRP C 278 14.09 -14.56 45.62
C TRP C 278 14.47 -15.40 46.82
N LEU C 279 15.63 -16.06 46.79
CA LEU C 279 16.06 -16.82 47.96
C LEU C 279 16.32 -15.93 49.15
N ASN C 280 16.95 -14.77 48.97
CA ASN C 280 17.19 -13.88 50.09
C ASN C 280 15.88 -13.41 50.70
N LEU C 281 14.90 -13.08 49.86
CA LEU C 281 13.59 -12.66 50.37
C LEU C 281 12.93 -13.79 51.13
N GLU C 282 13.02 -15.02 50.61
CA GLU C 282 12.41 -16.15 51.31
C GLU C 282 13.05 -16.37 52.68
N ARG C 283 14.38 -16.30 52.74
CA ARG C 283 15.06 -16.47 54.02
C ARG C 283 14.67 -15.36 54.98
N ALA C 284 14.58 -14.13 54.48
CA ALA C 284 14.19 -13.02 55.33
C ALA C 284 12.78 -13.21 55.89
N LEU C 285 11.86 -13.65 55.03
CA LEU C 285 10.50 -13.89 55.51
C LEU C 285 10.45 -15.00 56.53
N TYR C 286 11.23 -16.07 56.33
CA TYR C 286 11.21 -17.15 57.32
C TYR C 286 11.79 -16.69 58.65
N ARG C 287 12.86 -15.89 58.60
CA ARG C 287 13.40 -15.32 59.83
C ARG C 287 12.38 -14.44 60.52
N ILE C 288 11.67 -13.61 59.75
CA ILE C 288 10.66 -12.72 60.31
C ILE C 288 9.54 -13.53 60.93
N GLN C 289 9.14 -14.62 60.27
CA GLN C 289 8.09 -15.47 60.81
C GLN C 289 8.52 -16.12 62.11
N GLU C 290 9.77 -16.58 62.16
CA GLU C 290 10.28 -17.17 63.39
C GLU C 290 10.30 -16.16 64.52
N LYS C 291 10.70 -14.92 64.22
CA LYS C 291 10.62 -13.86 65.22
C LYS C 291 9.18 -13.63 65.65
N ARG C 292 8.25 -13.64 64.69
CA ARG C 292 6.86 -13.32 64.97
C ARG C 292 6.22 -14.33 65.91
N GLU C 293 6.56 -15.61 65.77
CA GLU C 293 6.03 -16.65 66.63
C GLU C 293 6.75 -16.74 67.97
N SER C 294 7.78 -15.92 68.18
CA SER C 294 8.50 -15.95 69.45
C SER C 294 7.56 -15.52 70.58
N PRO C 295 7.84 -15.96 71.82
CA PRO C 295 6.91 -15.62 72.91
C PRO C 295 6.79 -14.14 73.18
N GLU C 296 7.79 -13.35 72.82
CA GLU C 296 7.75 -11.91 73.11
C GLU C 296 6.63 -11.23 72.33
N VAL C 297 6.56 -11.46 71.02
CA VAL C 297 5.56 -10.78 70.22
C VAL C 297 4.17 -11.28 70.57
N LEU C 298 4.03 -12.59 70.82
CA LEU C 298 2.75 -13.12 71.24
C LEU C 298 2.31 -12.50 72.56
N LEU C 299 3.25 -12.34 73.50
CA LEU C 299 2.93 -11.69 74.76
C LEU C 299 2.49 -10.26 74.54
N THR C 300 3.18 -9.54 73.65
CA THR C 300 2.81 -8.15 73.40
C THR C 300 1.40 -8.06 72.83
N LEU C 301 1.09 -8.92 71.87
CA LEU C 301 -0.26 -8.93 71.30
C LEU C 301 -1.30 -9.29 72.36
N ASP C 302 -0.95 -10.22 73.26
CA ASP C 302 -1.88 -10.59 74.31
C ASP C 302 -2.14 -9.43 75.26
N ILE C 303 -1.09 -8.70 75.63
CA ILE C 303 -1.27 -7.52 76.48
C ILE C 303 -2.15 -6.49 75.78
N LEU C 304 -1.89 -6.24 74.50
CA LEU C 304 -2.69 -5.24 73.79
C LEU C 304 -4.14 -5.67 73.68
N LYS C 305 -4.40 -6.96 73.45
CA LYS C 305 -5.76 -7.46 73.44
C LYS C 305 -6.42 -7.26 74.80
N HIS C 306 -5.71 -7.59 75.88
CA HIS C 306 -6.31 -7.47 77.20
C HIS C 306 -6.64 -6.02 77.53
N GLY C 307 -5.89 -5.08 76.97
CA GLY C 307 -6.19 -3.66 77.08
C GLY C 307 -7.18 -3.15 76.05
N LYS C 308 -7.77 -4.04 75.26
CA LYS C 308 -8.81 -3.68 74.29
C LYS C 308 -8.28 -2.78 73.17
N ARG C 309 -6.97 -2.70 73.01
CA ARG C 309 -6.36 -1.86 71.97
C ARG C 309 -6.30 -2.61 70.65
N PHE C 310 -7.48 -2.92 70.12
CA PHE C 310 -7.59 -3.80 68.97
C PHE C 310 -7.03 -3.21 67.68
N HIS C 311 -6.78 -1.90 67.64
CA HIS C 311 -6.12 -1.30 66.47
C HIS C 311 -4.86 -2.06 66.10
N ALA C 312 -3.89 -2.07 67.01
CA ALA C 312 -2.58 -2.64 66.71
C ALA C 312 -2.68 -4.13 66.45
N THR C 313 -3.49 -4.85 67.23
CA THR C 313 -3.54 -6.29 67.08
C THR C 313 -4.15 -6.68 65.74
N VAL C 314 -5.27 -6.06 65.37
CA VAL C 314 -5.89 -6.38 64.08
C VAL C 314 -4.96 -5.98 62.95
N SER C 315 -4.31 -4.81 63.06
CA SER C 315 -3.40 -4.40 62.00
C SER C 315 -2.25 -5.37 61.85
N PHE C 316 -1.66 -5.80 62.97
CA PHE C 316 -0.55 -6.75 62.90
C PHE C 316 -1.01 -8.07 62.28
N ASP C 317 -2.21 -8.53 62.63
CA ASP C 317 -2.69 -9.76 62.05
C ASP C 317 -2.99 -9.63 60.57
N THR C 318 -3.30 -8.42 60.09
CA THR C 318 -3.75 -8.21 58.72
C THR C 318 -2.82 -7.34 57.87
N ASP C 319 -2.43 -6.16 58.37
CA ASP C 319 -1.73 -5.20 57.52
C ASP C 319 -0.37 -5.71 57.08
N THR C 320 0.26 -6.60 57.85
CA THR C 320 1.62 -7.03 57.53
C THR C 320 1.66 -7.74 56.19
N GLY C 321 0.61 -8.47 55.84
CA GLY C 321 0.63 -9.29 54.64
C GLY C 321 1.66 -10.39 54.69
N LEU C 322 2.13 -10.75 55.88
CA LEU C 322 3.22 -11.71 56.01
C LEU C 322 2.81 -13.08 55.49
N LYS C 323 1.57 -13.50 55.76
CA LYS C 323 1.11 -14.80 55.29
C LYS C 323 1.13 -14.88 53.78
N GLN C 324 0.72 -13.80 53.10
CA GLN C 324 0.62 -13.83 51.65
C GLN C 324 2.00 -13.90 51.01
N ALA C 325 2.95 -13.09 51.49
CA ALA C 325 4.31 -13.17 50.96
C ALA C 325 4.94 -14.51 51.28
N LEU C 326 4.66 -15.06 52.47
CA LEU C 326 5.19 -16.37 52.81
C LEU C 326 4.66 -17.44 51.88
N GLU C 327 3.36 -17.40 51.57
CA GLU C 327 2.79 -18.33 50.62
C GLU C 327 3.41 -18.16 49.24
N THR C 328 3.64 -16.91 48.83
CA THR C 328 4.22 -16.66 47.52
C THR C 328 5.62 -17.27 47.41
N VAL C 329 6.47 -17.04 48.42
CA VAL C 329 7.82 -17.58 48.34
C VAL C 329 7.79 -19.10 48.46
N ASN C 330 6.86 -19.65 49.26
CA ASN C 330 6.74 -21.10 49.32
C ASN C 330 6.35 -21.68 47.96
N ASP C 331 5.46 -21.00 47.24
CA ASP C 331 5.13 -21.43 45.88
C ASP C 331 6.33 -21.34 44.97
N TYR C 332 7.15 -20.29 45.13
CA TYR C 332 8.24 -20.03 44.21
C TYR C 332 9.49 -20.86 44.51
N ASN C 333 9.59 -21.47 45.69
CA ASN C 333 10.80 -22.20 46.05
C ASN C 333 11.12 -23.36 45.10
N PRO C 334 10.21 -24.30 44.81
CA PRO C 334 10.61 -25.47 44.01
C PRO C 334 11.10 -25.13 42.62
N LEU C 335 10.64 -24.00 42.08
CA LEU C 335 11.12 -23.55 40.74
C LEU C 335 12.55 -23.01 40.86
N MET C 336 12.87 -22.35 41.98
CA MET C 336 14.20 -21.72 42.12
C MET C 336 15.15 -22.60 42.94
N LYS C 337 14.70 -23.78 43.38
CA LYS C 337 15.57 -24.60 44.28
C LYS C 337 16.86 -25.00 43.55
N ASP C 338 16.74 -25.44 42.30
CA ASP C 338 17.96 -25.77 41.50
C ASP C 338 17.89 -25.11 40.12
N PHE C 339 18.83 -24.22 39.81
CA PHE C 339 18.91 -23.61 38.45
C PHE C 339 20.38 -23.65 38.06
N PRO C 340 20.73 -23.99 36.80
CA PRO C 340 22.15 -24.16 36.45
C PRO C 340 22.75 -22.92 35.79
N LEU C 341 22.08 -21.77 35.91
CA LEU C 341 22.57 -20.56 35.21
C LEU C 341 23.98 -20.25 35.71
N ASN C 342 24.24 -20.43 37.00
CA ASN C 342 25.61 -20.24 37.53
C ASN C 342 26.57 -21.14 36.74
N ASP C 343 26.24 -22.44 36.62
CA ASP C 343 27.07 -23.37 35.86
C ASP C 343 27.22 -22.92 34.41
N LEU C 344 26.13 -22.40 33.82
CA LEU C 344 26.20 -21.95 32.44
C LEU C 344 27.17 -20.78 32.30
N LEU C 345 27.07 -19.81 33.20
CA LEU C 345 28.00 -18.69 33.19
C LEU C 345 29.42 -19.17 33.43
N SER C 346 29.58 -20.25 34.21
CA SER C 346 30.90 -20.85 34.38
C SER C 346 31.35 -21.58 33.12
N ALA C 347 30.40 -22.21 32.41
CA ALA C 347 30.75 -23.05 31.27
C ALA C 347 31.42 -22.24 30.17
N THR C 348 32.42 -22.84 29.54
CA THR C 348 33.25 -22.18 28.53
C THR C 348 33.28 -22.91 27.19
N GLU C 349 32.35 -23.84 26.96
CA GLU C 349 32.32 -24.63 25.74
C GLU C 349 30.90 -24.66 25.19
N LEU C 350 30.80 -24.65 23.86
CA LEU C 350 29.50 -24.61 23.21
C LEU C 350 28.67 -25.84 23.54
N ASP C 351 29.29 -27.02 23.56
CA ASP C 351 28.57 -28.22 23.96
C ASP C 351 28.18 -28.15 25.44
N LYS C 352 29.08 -27.65 26.28
CA LYS C 352 28.74 -27.41 27.67
C LYS C 352 27.61 -26.40 27.77
N ILE C 353 27.62 -25.40 26.91
CA ILE C 353 26.53 -24.42 26.88
C ILE C 353 25.22 -25.10 26.54
N ARG C 354 25.22 -26.00 25.56
CA ARG C 354 24.00 -26.71 25.17
C ARG C 354 23.48 -27.58 26.31
N GLN C 355 24.39 -28.28 26.98
CA GLN C 355 23.99 -29.09 28.14
C GLN C 355 23.36 -28.20 29.21
N ALA C 356 23.97 -27.04 29.45
CA ALA C 356 23.41 -26.09 30.40
C ALA C 356 22.04 -25.62 29.96
N LEU C 357 21.85 -25.39 28.65
CA LEU C 357 20.55 -24.94 28.18
C LEU C 357 19.46 -25.98 28.42
N VAL C 358 19.76 -27.25 28.14
CA VAL C 358 18.73 -28.27 28.36
C VAL C 358 18.44 -28.40 29.86
N ALA C 359 19.47 -28.29 30.70
CA ALA C 359 19.24 -28.31 32.15
C ALA C 359 18.37 -27.13 32.58
N ILE C 360 18.65 -25.94 32.03
CA ILE C 360 17.88 -24.75 32.37
C ILE C 360 16.43 -24.94 31.95
N PHE C 361 16.22 -25.48 30.77
CA PHE C 361 14.85 -25.57 30.27
C PHE C 361 14.07 -26.65 31.01
N THR C 362 14.75 -27.67 31.53
CA THR C 362 14.06 -28.62 32.42
C THR C 362 13.69 -27.97 33.75
N HIS C 363 14.62 -27.21 34.34
CA HIS C 363 14.28 -26.53 35.59
C HIS C 363 13.24 -25.44 35.35
N LEU C 364 13.06 -25.02 34.09
CA LEU C 364 11.93 -24.16 33.75
C LEU C 364 10.66 -24.96 33.55
N ARG C 365 10.77 -26.19 33.04
CA ARG C 365 9.62 -27.09 33.00
C ARG C 365 9.08 -27.35 34.40
N LYS C 366 9.93 -27.24 35.42
CA LYS C 366 9.44 -27.34 36.80
C LYS C 366 8.33 -26.34 37.14
N ILE C 367 8.14 -25.28 36.35
CA ILE C 367 7.17 -24.24 36.66
C ILE C 367 5.74 -24.76 36.80
N ARG C 368 5.42 -25.91 36.19
CA ARG C 368 4.01 -26.27 36.03
C ARG C 368 3.31 -26.48 37.37
N ASN C 369 4.05 -26.89 38.40
CA ASN C 369 3.49 -27.11 39.73
C ASN C 369 3.79 -25.97 40.69
N THR C 370 3.84 -24.73 40.20
CA THR C 370 4.03 -23.56 41.04
C THR C 370 3.04 -22.48 40.61
N LYS C 371 3.10 -21.34 41.29
CA LYS C 371 2.27 -20.18 41.00
C LYS C 371 3.06 -19.03 40.39
N TYR C 372 4.20 -19.32 39.77
CA TYR C 372 5.00 -18.27 39.17
C TYR C 372 4.22 -17.64 38.01
N PRO C 373 4.13 -16.32 37.91
CA PRO C 373 3.37 -15.74 36.80
C PRO C 373 4.04 -16.05 35.47
N ILE C 374 3.22 -16.23 34.43
CA ILE C 374 3.76 -16.57 33.11
C ILE C 374 4.58 -15.40 32.56
N GLN C 375 4.12 -14.17 32.80
CA GLN C 375 4.88 -13.01 32.33
C GLN C 375 6.24 -12.94 32.99
N ARG C 376 6.30 -13.12 34.31
CA ARG C 376 7.58 -13.03 35.00
C ARG C 376 8.50 -14.17 34.58
N ALA C 377 7.96 -15.36 34.35
CA ALA C 377 8.77 -16.44 33.82
C ALA C 377 9.31 -16.10 32.44
N LEU C 378 8.51 -15.45 31.60
CA LEU C 378 9.02 -15.03 30.30
C LEU C 378 10.15 -14.03 30.44
N ARG C 379 10.01 -13.06 31.33
CA ARG C 379 11.09 -12.10 31.56
C ARG C 379 12.33 -12.79 32.08
N LEU C 380 12.15 -13.81 32.92
CA LEU C 380 13.28 -14.64 33.29
C LEU C 380 13.90 -15.27 32.04
N VAL C 381 13.06 -15.66 31.07
CA VAL C 381 13.63 -16.27 29.87
C VAL C 381 14.47 -15.27 29.07
N GLU C 382 14.01 -14.01 28.93
CA GLU C 382 14.93 -13.03 28.32
C GLU C 382 16.16 -12.81 29.18
N ALA C 383 16.07 -12.96 30.50
CA ALA C 383 17.28 -12.89 31.31
C ALA C 383 18.24 -14.02 30.95
N ILE C 384 17.70 -15.21 30.71
CA ILE C 384 18.51 -16.33 30.22
C ILE C 384 19.13 -15.96 28.89
N SER C 385 18.34 -15.33 28.01
CA SER C 385 18.85 -14.94 26.70
C SER C 385 20.02 -13.97 26.83
N ARG C 386 19.89 -12.99 27.71
CA ARG C 386 20.95 -12.02 27.91
C ARG C 386 22.22 -12.69 28.42
N ASP C 387 22.08 -13.59 29.39
CA ASP C 387 23.25 -14.30 29.89
C ASP C 387 23.87 -15.17 28.80
N LEU C 388 23.04 -15.84 28.00
CA LEU C 388 23.55 -16.68 26.93
C LEU C 388 24.32 -15.85 25.92
N SER C 389 23.77 -14.69 25.55
CA SER C 389 24.46 -13.81 24.63
C SER C 389 25.79 -13.36 25.20
N SER C 390 25.82 -13.02 26.49
CA SER C 390 27.06 -12.61 27.12
C SER C 390 28.10 -13.71 27.06
N GLN C 391 27.71 -14.94 27.40
CA GLN C 391 28.69 -16.02 27.44
C GLN C 391 29.16 -16.39 26.03
N LEU C 392 28.26 -16.39 25.06
CA LEU C 392 28.67 -16.67 23.68
C LEU C 392 29.62 -15.60 23.18
N LEU C 393 29.33 -14.33 23.46
CA LEU C 393 30.23 -13.25 23.07
C LEU C 393 31.59 -13.44 23.73
N LYS C 394 31.59 -13.82 25.01
CA LYS C 394 32.86 -14.02 25.71
C LYS C 394 33.68 -15.14 25.06
N VAL C 395 33.03 -16.27 24.75
CA VAL C 395 33.74 -17.40 24.16
C VAL C 395 34.28 -17.04 22.78
N LEU C 396 33.43 -16.45 21.93
CA LEU C 396 33.85 -16.15 20.57
C LEU C 396 34.89 -15.04 20.54
N GLY C 397 34.86 -14.14 21.53
CA GLY C 397 35.96 -13.19 21.66
C GLY C 397 37.24 -13.85 22.10
N THR C 398 37.15 -14.83 23.00
CA THR C 398 38.35 -15.51 23.48
C THR C 398 39.05 -16.26 22.35
N ARG C 399 38.29 -17.03 21.56
CA ARG C 399 38.94 -17.86 20.55
C ARG C 399 39.45 -17.06 19.36
N LYS C 400 39.02 -15.80 19.19
CA LYS C 400 39.49 -14.96 18.09
C LYS C 400 39.17 -15.60 16.75
N LEU C 401 37.88 -15.69 16.46
CA LEU C 401 37.39 -16.40 15.28
C LEU C 401 37.87 -15.79 13.97
N MET C 402 38.36 -14.55 13.98
CA MET C 402 38.76 -13.92 12.73
C MET C 402 39.97 -14.59 12.11
N HIS C 403 40.97 -14.96 12.93
CA HIS C 403 42.30 -15.31 12.44
C HIS C 403 42.54 -16.81 12.32
N VAL C 404 41.52 -17.65 12.52
CA VAL C 404 41.72 -19.08 12.59
C VAL C 404 41.39 -19.70 11.23
N ALA C 405 41.75 -20.98 11.07
CA ALA C 405 41.48 -21.69 9.84
C ALA C 405 39.98 -21.74 9.57
N TYR C 406 39.63 -21.65 8.29
CA TYR C 406 38.23 -21.51 7.93
C TYR C 406 37.42 -22.75 8.28
N GLU C 407 38.06 -23.91 8.32
CA GLU C 407 37.32 -25.16 8.50
C GLU C 407 36.89 -25.33 9.94
N GLU C 408 37.83 -25.27 10.89
CA GLU C 408 37.47 -25.30 12.30
C GLU C 408 36.53 -24.15 12.64
N PHE C 409 36.68 -23.02 11.94
CA PHE C 409 35.76 -21.90 12.11
C PHE C 409 34.34 -22.29 11.74
N GLU C 410 34.19 -22.98 10.60
CA GLU C 410 32.86 -23.49 10.23
C GLU C 410 32.36 -24.50 11.25
N LYS C 411 33.25 -25.33 11.80
CA LYS C 411 32.84 -26.30 12.82
C LYS C 411 32.29 -25.57 14.05
N VAL C 412 32.99 -24.54 14.50
CA VAL C 412 32.55 -23.81 15.68
C VAL C 412 31.21 -23.14 15.42
N MET C 413 31.02 -22.58 14.23
CA MET C 413 29.73 -21.93 13.99
C MET C 413 28.61 -22.95 13.82
N VAL C 414 28.96 -24.16 13.33
CA VAL C 414 27.98 -25.24 13.33
C VAL C 414 27.57 -25.55 14.76
N ALA C 415 28.53 -25.57 15.68
CA ALA C 415 28.20 -25.77 17.10
C ALA C 415 27.31 -24.64 17.61
N CYS C 416 27.62 -23.40 17.21
CA CYS C 416 26.83 -22.25 17.65
C CYS C 416 25.39 -22.36 17.15
N PHE C 417 25.21 -22.77 15.90
CA PHE C 417 23.86 -22.86 15.35
C PHE C 417 23.14 -24.07 15.91
N GLU C 418 23.88 -25.12 16.30
CA GLU C 418 23.27 -26.20 17.07
C GLU C 418 22.75 -25.68 18.39
N VAL C 419 23.53 -24.82 19.06
CA VAL C 419 23.09 -24.24 20.33
C VAL C 419 21.83 -23.40 20.12
N PHE C 420 21.83 -22.57 19.08
CA PHE C 420 20.65 -21.75 18.79
C PHE C 420 19.44 -22.61 18.47
N GLN C 421 19.62 -23.68 17.71
CA GLN C 421 18.50 -24.56 17.38
C GLN C 421 17.97 -25.25 18.62
N THR C 422 18.87 -25.66 19.52
CA THR C 422 18.43 -26.25 20.78
C THR C 422 17.63 -25.23 21.60
N TRP C 423 18.11 -23.99 21.65
CA TRP C 423 17.35 -22.93 22.30
C TRP C 423 15.95 -22.82 21.71
N ASP C 424 15.85 -22.76 20.39
CA ASP C 424 14.55 -22.59 19.76
C ASP C 424 13.64 -23.77 20.04
N ASP C 425 14.17 -24.99 19.94
CA ASP C 425 13.33 -26.17 20.13
C ASP C 425 12.84 -26.26 21.57
N GLU C 426 13.74 -26.06 22.54
CA GLU C 426 13.34 -26.17 23.93
C GLU C 426 12.43 -25.02 24.32
N TYR C 427 12.64 -23.84 23.73
CA TYR C 427 11.71 -22.74 23.95
C TYR C 427 10.33 -23.12 23.41
N GLU C 428 10.28 -23.79 22.27
CA GLU C 428 8.98 -24.19 21.72
C GLU C 428 8.30 -25.19 22.63
N LYS C 429 9.07 -26.15 23.17
CA LYS C 429 8.51 -27.09 24.13
C LYS C 429 7.94 -26.38 25.35
N LEU C 430 8.74 -25.51 25.96
CA LEU C 430 8.25 -24.73 27.07
C LEU C 430 7.09 -23.83 26.68
N GLN C 431 7.04 -23.37 25.42
CA GLN C 431 5.96 -22.50 25.01
C GLN C 431 4.64 -23.24 24.95
N VAL C 432 4.64 -24.44 24.37
CA VAL C 432 3.41 -25.23 24.38
C VAL C 432 3.04 -25.60 25.81
N LEU C 433 4.04 -25.86 26.67
CA LEU C 433 3.76 -26.14 28.07
C LEU C 433 3.08 -24.94 28.74
N LEU C 434 3.58 -23.73 28.48
CA LEU C 434 3.01 -22.54 29.08
C LEU C 434 1.60 -22.28 28.55
N ARG C 435 1.37 -22.52 27.27
CA ARG C 435 0.01 -22.37 26.75
C ARG C 435 -0.94 -23.36 27.41
N ASP C 436 -0.48 -24.60 27.61
CA ASP C 436 -1.29 -25.56 28.35
C ASP C 436 -1.57 -25.10 29.77
N ILE C 437 -0.54 -24.54 30.43
CA ILE C 437 -0.72 -24.07 31.80
C ILE C 437 -1.75 -22.94 31.83
N VAL C 438 -1.68 -22.03 30.86
CA VAL C 438 -2.64 -20.94 30.81
C VAL C 438 -4.03 -21.47 30.56
N LYS C 439 -4.15 -22.53 29.76
CA LYS C 439 -5.45 -23.18 29.59
C LYS C 439 -5.95 -23.74 30.91
N ARG C 440 -5.07 -24.39 31.67
CA ARG C 440 -5.47 -24.95 32.96
C ARG C 440 -5.92 -23.86 33.92
N LYS C 441 -5.34 -22.66 33.80
CA LYS C 441 -5.73 -21.50 34.59
C LYS C 441 -6.35 -20.43 33.70
N ARG C 442 -7.19 -20.87 32.76
CA ARG C 442 -7.76 -19.96 31.76
C ARG C 442 -8.57 -18.84 32.39
N GLU C 443 -9.27 -19.13 33.48
CA GLU C 443 -10.11 -18.10 34.10
C GLU C 443 -9.28 -17.11 34.90
N GLU C 444 -8.14 -17.55 35.45
CA GLU C 444 -7.36 -16.70 36.34
C GLU C 444 -6.54 -15.68 35.56
N ASN C 445 -5.63 -16.15 34.70
CA ASN C 445 -4.76 -15.28 33.91
C ASN C 445 -5.27 -15.18 32.49
N LEU C 446 -5.25 -13.95 31.95
CA LEU C 446 -5.72 -13.67 30.59
C LEU C 446 -4.62 -13.19 29.66
N LYS C 447 -3.49 -12.72 30.17
CA LYS C 447 -2.46 -12.08 29.36
C LYS C 447 -1.46 -13.14 28.92
N MET C 448 -1.63 -13.64 27.70
CA MET C 448 -0.74 -14.63 27.10
C MET C 448 0.31 -14.00 26.18
N VAL C 449 0.25 -12.67 25.97
CA VAL C 449 1.11 -12.03 24.99
C VAL C 449 2.57 -12.21 25.37
N TRP C 450 3.35 -12.78 24.45
CA TRP C 450 4.76 -13.04 24.67
C TRP C 450 5.63 -11.94 24.09
N ARG C 451 5.58 -11.75 22.77
CA ARG C 451 6.42 -10.79 22.06
C ARG C 451 7.89 -10.98 22.45
N ILE C 452 8.31 -12.24 22.54
CA ILE C 452 9.63 -12.55 23.03
C ILE C 452 10.67 -12.04 22.04
N ASN C 453 11.70 -11.38 22.56
CA ASN C 453 12.83 -10.87 21.78
C ASN C 453 14.13 -11.29 22.47
N PRO C 454 14.55 -12.54 22.29
CA PRO C 454 15.80 -12.99 22.93
C PRO C 454 16.98 -12.12 22.53
N ALA C 455 17.82 -11.79 23.51
CA ALA C 455 18.91 -10.84 23.27
C ALA C 455 19.91 -11.38 22.26
N HIS C 456 20.22 -12.67 22.34
CA HIS C 456 21.17 -13.31 21.43
C HIS C 456 20.66 -13.39 19.99
N ARG C 457 19.37 -13.13 19.77
CA ARG C 457 18.80 -13.26 18.44
C ARG C 457 19.55 -12.42 17.42
N LYS C 458 19.76 -11.14 17.74
CA LYS C 458 20.60 -10.28 16.90
C LYS C 458 21.96 -10.93 16.68
N LEU C 459 22.59 -11.40 17.75
CA LEU C 459 23.88 -12.05 17.63
C LEU C 459 23.79 -13.28 16.73
N GLN C 460 22.72 -14.07 16.87
CA GLN C 460 22.50 -15.17 15.94
C GLN C 460 22.50 -14.67 14.51
N ALA C 461 21.68 -13.64 14.24
CA ALA C 461 21.66 -13.05 12.92
C ALA C 461 23.04 -12.55 12.54
N ARG C 462 23.73 -11.90 13.49
CA ARG C 462 25.09 -11.44 13.22
C ARG C 462 25.96 -12.61 12.79
N LEU C 463 25.93 -13.69 13.57
CA LEU C 463 26.73 -14.85 13.22
C LEU C 463 26.27 -15.43 11.89
N ASP C 464 24.95 -15.39 11.65
CA ASP C 464 24.44 -15.86 10.35
C ASP C 464 25.10 -15.09 9.22
N GLN C 465 25.13 -13.76 9.33
CA GLN C 465 25.80 -12.94 8.32
C GLN C 465 27.22 -13.43 8.10
N MET C 466 27.95 -13.64 9.21
CA MET C 466 29.36 -14.04 9.14
C MET C 466 29.50 -15.23 8.21
N ARG C 467 28.68 -16.26 8.47
CA ARG C 467 28.84 -17.51 7.74
C ARG C 467 28.67 -17.27 6.26
N LYS C 468 27.55 -16.67 5.87
CA LYS C 468 27.26 -16.54 4.44
C LYS C 468 28.33 -15.68 3.80
N PHE C 469 28.74 -14.62 4.51
CA PHE C 469 29.79 -13.75 4.01
C PHE C 469 31.02 -14.56 3.66
N ARG C 470 31.61 -15.21 4.66
CA ARG C 470 32.87 -15.90 4.39
C ARG C 470 32.63 -17.02 3.40
N ARG C 471 31.47 -17.67 3.48
CA ARG C 471 31.16 -18.74 2.55
C ARG C 471 31.24 -18.23 1.13
N GLN C 472 30.48 -17.16 0.84
CA GLN C 472 30.51 -16.59 -0.50
C GLN C 472 31.93 -16.20 -0.85
N HIS C 473 32.59 -15.51 0.08
CA HIS C 473 33.95 -15.06 -0.15
C HIS C 473 34.83 -16.23 -0.51
N GLU C 474 34.81 -17.27 0.32
CA GLU C 474 35.71 -18.39 0.08
C GLU C 474 35.41 -19.03 -1.26
N GLN C 475 34.13 -19.28 -1.53
CA GLN C 475 33.77 -19.90 -2.79
C GLN C 475 34.20 -19.00 -3.93
N LEU C 476 33.87 -17.70 -3.81
CA LEU C 476 34.22 -16.77 -4.87
C LEU C 476 35.73 -16.72 -5.02
N ARG C 477 36.45 -16.71 -3.89
CA ARG C 477 37.90 -16.68 -3.96
C ARG C 477 38.41 -17.85 -4.77
N ALA C 478 37.92 -19.06 -4.44
CA ALA C 478 38.37 -20.25 -5.16
C ALA C 478 38.10 -20.09 -6.65
N VAL C 479 36.89 -19.63 -7.00
CA VAL C 479 36.52 -19.56 -8.40
C VAL C 479 37.44 -18.59 -9.13
N ILE C 480 37.73 -17.44 -8.52
CA ILE C 480 38.53 -16.47 -9.27
C ILE C 480 39.94 -17.02 -9.46
N VAL C 481 40.44 -17.75 -8.46
CA VAL C 481 41.78 -18.32 -8.57
C VAL C 481 41.81 -19.36 -9.69
N ARG C 482 40.68 -20.02 -9.93
CA ARG C 482 40.63 -20.96 -11.04
C ARG C 482 40.62 -20.23 -12.38
N VAL C 483 39.90 -19.11 -12.46
CA VAL C 483 39.59 -18.55 -13.77
C VAL C 483 40.73 -17.68 -14.28
N LEU C 484 41.32 -16.87 -13.40
CA LEU C 484 42.30 -15.89 -13.84
C LEU C 484 43.62 -16.50 -14.26
N ARG C 485 43.87 -17.78 -13.98
CA ARG C 485 45.13 -18.39 -14.36
C ARG C 485 45.20 -18.47 -15.88
N PRO C 486 46.23 -17.91 -16.52
CA PRO C 486 46.34 -18.08 -17.98
C PRO C 486 46.69 -19.50 -18.36
N GLN C 487 46.42 -19.83 -19.62
CA GLN C 487 46.68 -21.18 -20.15
C GLN C 487 48.17 -21.32 -20.37
N VAL C 488 48.91 -21.50 -19.29
CA VAL C 488 50.36 -21.68 -19.35
C VAL C 488 50.69 -22.96 -20.11
N PHE C 512 50.65 -14.29 -17.33
CA PHE C 512 50.32 -13.66 -16.06
C PHE C 512 49.96 -12.19 -16.28
N ASP C 513 48.69 -11.97 -16.62
CA ASP C 513 48.21 -10.60 -16.80
C ASP C 513 48.28 -9.84 -15.47
N ALA C 514 48.70 -8.59 -15.54
CA ALA C 514 48.74 -7.76 -14.35
C ALA C 514 47.34 -7.53 -13.79
N ALA C 515 46.33 -7.44 -14.66
CA ALA C 515 44.97 -7.22 -14.19
C ALA C 515 44.49 -8.38 -13.33
N ASP C 516 44.96 -9.60 -13.62
CA ASP C 516 44.59 -10.75 -12.80
C ASP C 516 45.09 -10.60 -11.37
N ALA C 517 46.39 -10.29 -11.21
CA ALA C 517 46.93 -10.08 -9.88
C ALA C 517 46.27 -8.88 -9.22
N ASN C 518 45.91 -7.86 -10.00
CA ASN C 518 45.20 -6.72 -9.45
C ASN C 518 43.87 -7.16 -8.84
N ALA C 519 43.11 -7.98 -9.57
CA ALA C 519 41.83 -8.47 -9.06
C ALA C 519 42.02 -9.34 -7.82
N ILE C 520 43.02 -10.22 -7.83
CA ILE C 520 43.23 -11.13 -6.70
C ILE C 520 43.62 -10.35 -5.46
N GLU C 521 44.59 -9.44 -5.60
CA GLU C 521 44.99 -8.61 -4.47
C GLU C 521 43.86 -7.71 -4.02
N GLU C 522 42.98 -7.31 -4.94
CA GLU C 522 41.84 -6.50 -4.55
C GLU C 522 40.88 -7.31 -3.69
N VAL C 523 40.63 -8.56 -4.05
CA VAL C 523 39.78 -9.42 -3.22
C VAL C 523 40.41 -9.63 -1.85
N ASN C 524 41.72 -9.89 -1.83
CA ASN C 524 42.40 -10.11 -0.55
C ASN C 524 42.36 -8.85 0.31
N LEU C 525 42.56 -7.69 -0.30
CA LEU C 525 42.49 -6.44 0.44
C LEU C 525 41.09 -6.18 0.95
N ALA C 526 40.07 -6.56 0.17
CA ALA C 526 38.70 -6.42 0.64
C ALA C 526 38.45 -7.28 1.88
N TYR C 527 38.97 -8.51 1.87
CA TYR C 527 38.87 -9.36 3.05
C TYR C 527 39.58 -8.73 4.24
N GLU C 528 40.79 -8.20 4.02
CA GLU C 528 41.53 -7.60 5.13
C GLU C 528 40.82 -6.36 5.66
N ASN C 529 40.21 -5.57 4.77
CA ASN C 529 39.46 -4.40 5.18
C ASN C 529 38.25 -4.80 6.01
N VAL C 530 37.54 -5.85 5.59
CA VAL C 530 36.41 -6.33 6.38
C VAL C 530 36.90 -6.83 7.74
N LYS C 531 38.09 -7.42 7.77
CA LYS C 531 38.64 -7.90 9.03
C LYS C 531 38.92 -6.75 9.99
N GLU C 532 39.06 -5.52 9.48
CA GLU C 532 39.30 -4.38 10.36
C GLU C 532 38.14 -4.18 11.34
N VAL C 533 36.91 -4.27 10.85
CA VAL C 533 35.72 -4.16 11.68
C VAL C 533 35.55 -5.47 12.44
N ASP C 534 35.39 -5.38 13.75
CA ASP C 534 35.16 -6.58 14.54
C ASP C 534 33.83 -7.21 14.17
N GLY C 535 33.81 -8.54 14.08
CA GLY C 535 32.61 -9.25 13.72
C GLY C 535 31.60 -9.38 14.84
N LEU C 536 32.07 -9.32 16.08
CA LEU C 536 31.24 -9.57 17.25
C LEU C 536 30.57 -8.31 17.79
N ASP C 537 30.77 -7.16 17.15
CA ASP C 537 30.21 -5.90 17.63
C ASP C 537 28.77 -5.78 17.12
N VAL C 538 27.81 -5.94 18.02
CA VAL C 538 26.38 -5.91 17.67
C VAL C 538 25.73 -4.56 17.92
N SER C 539 26.41 -3.65 18.62
CA SER C 539 25.84 -2.35 18.93
C SER C 539 25.61 -1.54 17.65
N LYS C 540 24.98 -0.37 17.82
CA LYS C 540 24.68 0.49 16.69
C LYS C 540 25.96 0.93 15.97
N GLU C 541 26.99 1.28 16.73
CA GLU C 541 28.29 1.57 16.13
C GLU C 541 28.83 0.33 15.41
N GLY C 542 28.68 -0.84 16.04
CA GLY C 542 29.04 -2.07 15.35
C GLY C 542 28.25 -2.25 14.07
N THR C 543 26.94 -1.98 14.12
CA THR C 543 26.10 -2.15 12.94
C THR C 543 26.54 -1.24 11.81
N GLU C 544 26.81 0.03 12.11
CA GLU C 544 27.17 0.97 11.06
C GLU C 544 28.55 0.68 10.49
N ALA C 545 29.51 0.32 11.36
CA ALA C 545 30.83 -0.05 10.86
C ALA C 545 30.76 -1.28 9.99
N TRP C 546 29.95 -2.26 10.41
CA TRP C 546 29.75 -3.46 9.60
C TRP C 546 29.14 -3.12 8.25
N GLU C 547 28.14 -2.24 8.24
CA GLU C 547 27.50 -1.88 6.98
C GLU C 547 28.47 -1.16 6.04
N ALA C 548 29.29 -0.26 6.58
CA ALA C 548 30.29 0.41 5.75
C ALA C 548 31.27 -0.60 5.17
N ALA C 549 31.72 -1.55 6.00
CA ALA C 549 32.63 -2.59 5.52
C ALA C 549 31.98 -3.40 4.42
N MET C 550 30.70 -3.74 4.58
CA MET C 550 30.03 -4.54 3.56
C MET C 550 29.85 -3.78 2.26
N LYS C 551 29.51 -2.49 2.31
CA LYS C 551 29.41 -1.72 1.06
C LYS C 551 30.75 -1.64 0.36
N ARG C 552 31.83 -1.40 1.13
CA ARG C 552 33.17 -1.37 0.57
C ARG C 552 33.52 -2.70 -0.10
N TYR C 553 33.33 -3.80 0.62
CA TYR C 553 33.65 -5.11 0.09
C TYR C 553 32.77 -5.44 -1.11
N ASP C 554 31.50 -5.01 -1.08
CA ASP C 554 30.60 -5.27 -2.18
C ASP C 554 31.08 -4.58 -3.46
N GLU C 555 31.51 -3.33 -3.36
CA GLU C 555 32.04 -2.65 -4.54
C GLU C 555 33.31 -3.35 -5.03
N ARG C 556 34.20 -3.70 -4.10
CA ARG C 556 35.45 -4.34 -4.49
C ARG C 556 35.20 -5.67 -5.19
N ILE C 557 34.21 -6.43 -4.71
CA ILE C 557 33.86 -7.67 -5.37
C ILE C 557 33.07 -7.40 -6.65
N ASP C 558 32.35 -6.28 -6.73
CA ASP C 558 31.61 -5.96 -7.94
C ASP C 558 32.56 -5.77 -9.11
N ARG C 559 33.75 -5.24 -8.83
CA ARG C 559 34.76 -5.12 -9.89
C ARG C 559 35.05 -6.48 -10.53
N VAL C 560 35.49 -7.45 -9.73
CA VAL C 560 35.79 -8.77 -10.27
C VAL C 560 34.53 -9.45 -10.78
N GLU C 561 33.37 -9.10 -10.23
CA GLU C 561 32.11 -9.66 -10.71
C GLU C 561 31.84 -9.25 -12.15
N THR C 562 32.05 -7.97 -12.45
CA THR C 562 31.93 -7.51 -13.83
C THR C 562 32.95 -8.19 -14.72
N ARG C 563 34.17 -8.36 -14.20
CA ARG C 563 35.21 -9.07 -14.97
C ARG C 563 34.75 -10.48 -15.33
N ILE C 564 34.17 -11.20 -14.36
CA ILE C 564 33.78 -12.58 -14.63
C ILE C 564 32.50 -12.63 -15.45
N THR C 565 31.65 -11.61 -15.39
CA THR C 565 30.53 -11.54 -16.32
C THR C 565 31.03 -11.43 -17.76
N ALA C 566 32.04 -10.57 -17.97
CA ALA C 566 32.67 -10.50 -19.29
C ALA C 566 33.30 -11.83 -19.67
N ARG C 567 33.91 -12.52 -18.71
CA ARG C 567 34.48 -13.83 -19.01
C ARG C 567 33.41 -14.84 -19.39
N LEU C 568 32.25 -14.79 -18.72
CA LEU C 568 31.14 -15.64 -19.10
C LEU C 568 30.70 -15.36 -20.54
N ARG C 569 30.59 -14.09 -20.89
CA ARG C 569 30.22 -13.72 -22.25
C ARG C 569 31.23 -14.28 -23.25
N ASP C 570 32.53 -14.10 -22.98
CA ASP C 570 33.55 -14.59 -23.89
C ASP C 570 33.53 -16.12 -23.98
N GLN C 571 33.39 -16.79 -22.84
CA GLN C 571 33.44 -18.24 -22.82
C GLN C 571 32.29 -18.84 -23.60
N LEU C 572 31.10 -18.23 -23.53
CA LEU C 572 30.02 -18.72 -24.39
C LEU C 572 30.24 -18.28 -25.84
N GLY C 573 30.93 -17.16 -26.05
CA GLY C 573 31.34 -16.82 -27.40
C GLY C 573 32.21 -17.89 -28.04
N THR C 574 32.96 -18.63 -27.21
CA THR C 574 33.72 -19.75 -27.72
C THR C 574 32.83 -20.98 -27.93
N ALA C 575 32.19 -21.45 -26.86
CA ALA C 575 31.47 -22.72 -26.90
C ALA C 575 30.10 -22.57 -27.55
N LYS C 576 29.72 -23.60 -28.32
CA LYS C 576 28.42 -23.65 -28.98
C LYS C 576 27.64 -24.89 -28.56
N ASN C 577 28.34 -26.00 -28.33
CA ASN C 577 27.69 -27.27 -28.07
C ASN C 577 26.95 -27.24 -26.73
N ALA C 578 25.92 -28.08 -26.63
CA ALA C 578 25.18 -28.20 -25.37
C ALA C 578 26.08 -28.69 -24.25
N ASN C 579 26.80 -29.78 -24.47
CA ASN C 579 27.64 -30.35 -23.43
C ASN C 579 28.77 -29.40 -23.04
N GLU C 580 29.42 -28.81 -24.04
CA GLU C 580 30.50 -27.86 -23.76
C GLU C 580 29.97 -26.64 -23.01
N MET C 581 28.81 -26.14 -23.42
CA MET C 581 28.27 -24.96 -22.75
C MET C 581 27.88 -25.28 -21.32
N PHE C 582 27.32 -26.47 -21.08
CA PHE C 582 27.04 -26.88 -19.70
C PHE C 582 28.34 -27.01 -18.91
N ARG C 583 29.41 -27.47 -19.55
CA ARG C 583 30.69 -27.58 -18.86
C ARG C 583 31.19 -26.21 -18.41
N ILE C 584 31.21 -25.24 -19.31
CA ILE C 584 31.69 -23.91 -18.92
C ILE C 584 30.75 -23.27 -17.92
N PHE C 585 29.44 -23.58 -18.00
CA PHE C 585 28.52 -23.16 -16.95
C PHE C 585 28.94 -23.72 -15.60
N SER C 586 29.16 -25.04 -15.54
CA SER C 586 29.57 -25.70 -14.31
C SER C 586 30.93 -25.21 -13.82
N ARG C 587 31.74 -24.62 -14.68
CA ARG C 587 33.03 -24.09 -14.25
C ARG C 587 32.84 -23.04 -13.15
N PHE C 588 31.76 -22.27 -13.22
CA PHE C 588 31.47 -21.22 -12.25
C PHE C 588 30.44 -21.75 -11.26
N ASN C 589 30.91 -22.63 -10.36
CA ASN C 589 30.02 -23.19 -9.35
C ASN C 589 29.53 -22.11 -8.38
N ALA C 590 30.43 -21.23 -7.94
CA ALA C 590 30.11 -20.29 -6.88
C ALA C 590 29.25 -19.12 -7.36
N LEU C 591 29.17 -18.89 -8.66
CA LEU C 591 28.51 -17.69 -9.17
C LEU C 591 26.99 -17.83 -9.24
N PHE C 592 26.45 -19.01 -8.95
CA PHE C 592 25.00 -19.17 -8.97
C PHE C 592 24.34 -18.43 -7.81
N VAL C 593 25.07 -18.20 -6.73
CA VAL C 593 24.51 -17.51 -5.57
C VAL C 593 24.17 -16.06 -5.87
N ARG C 594 24.96 -15.39 -6.70
CA ARG C 594 24.80 -13.95 -6.88
C ARG C 594 23.61 -13.67 -7.80
N PRO C 595 22.66 -12.79 -7.41
CA PRO C 595 21.54 -12.50 -8.32
C PRO C 595 21.85 -11.39 -9.32
N HIS C 596 23.02 -11.46 -9.94
CA HIS C 596 23.42 -10.61 -11.05
C HIS C 596 23.83 -11.41 -12.26
N ILE C 597 24.57 -12.51 -12.06
CA ILE C 597 24.93 -13.38 -13.16
C ILE C 597 23.75 -14.27 -13.53
N ARG C 598 22.72 -14.34 -12.69
CA ARG C 598 21.48 -15.01 -13.11
C ARG C 598 20.84 -14.30 -14.29
N GLY C 599 20.97 -12.97 -14.38
CA GLY C 599 20.52 -12.27 -15.57
C GLY C 599 21.32 -12.66 -16.79
N ALA C 600 22.65 -12.76 -16.63
CA ALA C 600 23.50 -13.22 -17.73
C ALA C 600 23.10 -14.63 -18.16
N ILE C 601 22.72 -15.47 -17.20
CA ILE C 601 22.29 -16.82 -17.53
C ILE C 601 20.96 -16.79 -18.26
N ARG C 602 20.02 -15.97 -17.79
CA ARG C 602 18.74 -15.82 -18.47
C ARG C 602 18.93 -15.34 -19.89
N GLU C 603 19.97 -14.55 -20.15
CA GLU C 603 20.21 -14.04 -21.49
C GLU C 603 20.55 -15.19 -22.45
N TYR C 604 21.24 -16.22 -21.97
CA TYR C 604 21.50 -17.44 -22.73
C TYR C 604 20.51 -18.57 -22.51
N GLN C 605 19.52 -18.39 -21.64
CA GLN C 605 18.67 -19.52 -21.28
C GLN C 605 17.92 -20.07 -22.48
N THR C 606 17.45 -19.19 -23.38
CA THR C 606 16.78 -19.70 -24.56
C THR C 606 17.71 -20.60 -25.37
N GLN C 607 18.96 -20.16 -25.55
CA GLN C 607 19.93 -20.96 -26.28
C GLN C 607 20.22 -22.26 -25.54
N LEU C 608 20.18 -22.20 -24.20
CA LEU C 608 20.40 -23.38 -23.38
C LEU C 608 19.30 -24.42 -23.58
N ILE C 609 18.03 -24.01 -23.45
CA ILE C 609 16.94 -24.97 -23.68
C ILE C 609 16.98 -25.50 -25.11
N GLN C 610 17.27 -24.66 -26.11
CA GLN C 610 17.22 -25.19 -27.47
C GLN C 610 18.40 -26.14 -27.74
N ARG C 611 19.55 -25.91 -27.09
CA ARG C 611 20.64 -26.86 -27.22
C ARG C 611 20.33 -28.18 -26.51
N VAL C 612 19.81 -28.12 -25.28
CA VAL C 612 19.46 -29.35 -24.59
C VAL C 612 18.34 -30.06 -25.34
N LYS C 613 17.47 -29.29 -25.99
CA LYS C 613 16.50 -29.88 -26.89
C LYS C 613 17.20 -30.68 -27.97
N ASP C 614 18.10 -30.03 -28.73
CA ASP C 614 18.82 -30.72 -29.81
C ASP C 614 19.47 -32.01 -29.32
N ASP C 615 20.02 -31.97 -28.11
CA ASP C 615 20.55 -33.19 -27.50
C ASP C 615 19.45 -34.25 -27.34
N ILE C 616 18.27 -33.86 -26.88
CA ILE C 616 17.27 -34.90 -26.59
C ILE C 616 16.61 -35.43 -27.87
N GLU C 617 16.47 -34.61 -28.92
CA GLU C 617 16.12 -35.24 -30.20
C GLU C 617 17.23 -36.13 -30.72
N SER C 618 18.50 -35.82 -30.42
CA SER C 618 19.55 -36.77 -30.81
C SER C 618 19.36 -38.09 -30.07
N LEU C 619 19.07 -38.02 -28.78
CA LEU C 619 18.81 -39.24 -28.01
C LEU C 619 17.57 -39.96 -28.52
N HIS C 620 16.54 -39.21 -28.91
CA HIS C 620 15.33 -39.83 -29.45
C HIS C 620 15.61 -40.49 -30.79
N ASP C 621 16.51 -39.91 -31.58
CA ASP C 621 16.92 -40.54 -32.82
C ASP C 621 17.62 -41.85 -32.54
N LYS C 622 18.47 -41.87 -31.51
CA LYS C 622 19.11 -43.14 -31.15
C LYS C 622 18.08 -44.15 -30.65
N PHE C 623 17.11 -43.70 -29.87
CA PHE C 623 16.11 -44.59 -29.31
C PHE C 623 15.18 -45.17 -30.37
N LYS C 624 14.67 -44.33 -31.28
CA LYS C 624 13.64 -44.79 -32.20
C LYS C 624 14.16 -45.89 -33.13
N VAL C 625 15.48 -45.98 -33.27
CA VAL C 625 16.07 -47.17 -33.88
C VAL C 625 15.74 -48.36 -33.01
N GLN C 626 15.13 -49.39 -33.60
CA GLN C 626 14.85 -50.59 -32.84
C GLN C 626 16.15 -51.23 -32.38
N TYR C 627 16.17 -51.62 -31.11
CA TYR C 627 17.39 -52.13 -30.50
C TYR C 627 17.99 -53.33 -31.24
N PRO C 628 17.22 -54.34 -31.67
CA PRO C 628 17.85 -55.42 -32.46
C PRO C 628 18.52 -54.93 -33.72
N GLN C 629 17.94 -53.92 -34.37
CA GLN C 629 18.55 -53.39 -35.59
C GLN C 629 19.77 -52.53 -35.27
N SER C 630 19.87 -52.01 -34.05
CA SER C 630 20.98 -51.13 -33.70
C SER C 630 22.26 -51.94 -33.50
N GLN C 631 23.40 -51.24 -33.67
CA GLN C 631 24.70 -51.85 -33.43
C GLN C 631 24.90 -52.23 -31.97
N ALA C 632 24.15 -51.61 -31.06
CA ALA C 632 24.29 -51.94 -29.64
C ALA C 632 23.96 -53.39 -29.38
N CYS C 633 22.92 -53.91 -30.02
CA CYS C 633 22.57 -55.32 -29.84
C CYS C 633 23.68 -56.22 -30.38
N LYS C 634 24.28 -55.84 -31.51
CA LYS C 634 25.34 -56.66 -32.10
C LYS C 634 26.56 -56.70 -31.19
N MET C 635 26.97 -55.53 -30.68
CA MET C 635 28.11 -55.52 -29.76
C MET C 635 27.79 -56.22 -28.45
N SER C 636 26.54 -56.14 -28.00
CA SER C 636 26.14 -56.87 -26.79
C SER C 636 26.26 -58.37 -27.00
N HIS C 637 25.72 -58.87 -28.12
CA HIS C 637 25.85 -60.28 -28.43
C HIS C 637 27.31 -60.68 -28.59
N VAL C 638 28.16 -59.77 -29.06
CA VAL C 638 29.58 -60.05 -29.17
C VAL C 638 30.17 -60.30 -27.78
N ARG C 639 29.73 -59.54 -26.78
CA ARG C 639 30.15 -59.73 -25.40
C ARG C 639 29.23 -60.68 -24.64
N ASP C 640 28.51 -61.55 -25.33
CA ASP C 640 27.64 -62.57 -24.75
C ASP C 640 26.47 -61.99 -23.96
N LEU C 641 26.23 -60.68 -24.06
CA LEU C 641 25.07 -60.13 -23.35
C LEU C 641 23.80 -60.62 -24.05
N PRO C 642 22.87 -61.28 -23.36
CA PRO C 642 21.72 -61.84 -24.05
C PRO C 642 20.79 -60.74 -24.54
N PRO C 643 19.88 -61.05 -25.46
CA PRO C 643 19.18 -59.98 -26.19
C PRO C 643 18.36 -59.05 -25.31
N VAL C 644 17.48 -59.59 -24.47
CA VAL C 644 16.60 -58.71 -23.70
C VAL C 644 17.38 -58.01 -22.59
N SER C 645 18.39 -58.66 -22.03
CA SER C 645 19.23 -57.97 -21.05
C SER C 645 19.95 -56.80 -21.70
N GLY C 646 20.48 -57.01 -22.90
CA GLY C 646 21.09 -55.91 -23.63
C GLY C 646 20.09 -54.80 -23.95
N SER C 647 18.88 -55.18 -24.31
CA SER C 647 17.84 -54.19 -24.57
C SER C 647 17.55 -53.36 -23.32
N ILE C 648 17.42 -54.03 -22.17
CA ILE C 648 17.09 -53.33 -20.95
C ILE C 648 18.21 -52.40 -20.54
N ILE C 649 19.46 -52.87 -20.63
CA ILE C 649 20.57 -52.02 -20.21
C ILE C 649 20.71 -50.84 -21.15
N TRP C 650 20.49 -51.05 -22.45
CA TRP C 650 20.51 -49.92 -23.38
C TRP C 650 19.44 -48.91 -23.04
N ALA C 651 18.22 -49.37 -22.80
CA ALA C 651 17.13 -48.46 -22.46
C ALA C 651 17.43 -47.70 -21.18
N LYS C 652 17.98 -48.38 -20.18
CA LYS C 652 18.22 -47.73 -18.90
C LYS C 652 19.39 -46.76 -18.98
N GLN C 653 20.42 -47.06 -19.78
CA GLN C 653 21.46 -46.07 -20.02
C GLN C 653 20.92 -44.86 -20.75
N ILE C 654 20.02 -45.07 -21.70
CA ILE C 654 19.43 -43.93 -22.41
C ILE C 654 18.63 -43.07 -21.43
N ASP C 655 17.84 -43.71 -20.58
CA ASP C 655 17.07 -42.96 -19.59
C ASP C 655 17.99 -42.27 -18.59
N ARG C 656 19.12 -42.90 -18.27
CA ARG C 656 20.11 -42.27 -17.40
C ARG C 656 20.66 -41.00 -18.04
N GLN C 657 20.97 -41.05 -19.33
CA GLN C 657 21.43 -39.85 -20.03
C GLN C 657 20.34 -38.78 -20.03
N LEU C 658 19.09 -39.19 -20.23
CA LEU C 658 17.98 -38.26 -20.20
C LEU C 658 17.89 -37.58 -18.84
N THR C 659 17.98 -38.35 -17.76
CA THR C 659 17.89 -37.76 -16.43
C THR C 659 19.09 -36.88 -16.13
N ALA C 660 20.27 -37.24 -16.66
CA ALA C 660 21.42 -36.36 -16.54
C ALA C 660 21.16 -35.02 -17.21
N TYR C 661 20.54 -35.04 -18.39
CA TYR C 661 20.21 -33.80 -19.07
C TYR C 661 19.16 -33.01 -18.30
N MET C 662 18.21 -33.70 -17.67
CA MET C 662 17.21 -33.01 -16.86
C MET C 662 17.88 -32.33 -15.67
N LYS C 663 18.83 -33.02 -15.03
CA LYS C 663 19.59 -32.38 -13.97
C LYS C 663 20.39 -31.20 -14.49
N ARG C 664 20.92 -31.33 -15.71
CA ARG C 664 21.68 -30.23 -16.30
C ARG C 664 20.82 -28.99 -16.48
N VAL C 665 19.61 -29.15 -17.03
CA VAL C 665 18.76 -27.99 -17.25
C VAL C 665 18.28 -27.42 -15.92
N GLU C 666 18.04 -28.29 -14.94
CA GLU C 666 17.70 -27.79 -13.61
C GLU C 666 18.82 -26.95 -13.03
N ASP C 667 20.06 -27.41 -13.15
CA ASP C 667 21.20 -26.64 -12.66
C ASP C 667 21.33 -25.32 -13.42
N VAL C 668 21.10 -25.37 -14.74
CA VAL C 668 21.20 -24.17 -15.57
C VAL C 668 20.20 -23.12 -15.10
N LEU C 669 18.92 -23.51 -14.99
CA LEU C 669 17.87 -22.59 -14.61
C LEU C 669 17.63 -22.54 -13.10
N GLY C 670 18.40 -23.30 -12.32
CA GLY C 670 18.12 -23.40 -10.91
C GLY C 670 16.86 -24.22 -10.69
N LYS C 671 16.43 -24.26 -9.43
CA LYS C 671 15.20 -24.97 -9.10
C LYS C 671 14.00 -24.23 -9.68
N GLY C 672 12.90 -24.95 -9.82
CA GLY C 672 11.70 -24.37 -10.40
C GLY C 672 11.81 -24.06 -11.87
N TRP C 673 12.67 -24.79 -12.58
CA TRP C 673 12.84 -24.56 -14.02
C TRP C 673 11.59 -24.89 -14.82
N GLU C 674 10.69 -25.72 -14.27
CA GLU C 674 9.52 -26.15 -15.02
C GLU C 674 8.60 -24.98 -15.33
N ASN C 675 8.51 -24.00 -14.42
CA ASN C 675 7.55 -22.92 -14.58
C ASN C 675 7.80 -22.10 -15.84
N HIS C 676 9.02 -22.07 -16.35
CA HIS C 676 9.30 -21.40 -17.61
C HIS C 676 8.53 -22.07 -18.74
N VAL C 677 8.01 -21.25 -19.66
CA VAL C 677 7.26 -21.80 -20.79
C VAL C 677 8.16 -22.70 -21.64
N GLU C 678 9.36 -22.22 -21.95
CA GLU C 678 10.36 -23.08 -22.57
C GLU C 678 10.66 -24.27 -21.69
N GLY C 679 10.78 -24.03 -20.38
CA GLY C 679 10.92 -25.14 -19.45
C GLY C 679 9.73 -26.08 -19.50
N GLN C 680 8.53 -25.53 -19.69
CA GLN C 680 7.33 -26.37 -19.75
C GLN C 680 7.38 -27.31 -20.94
N LYS C 681 7.66 -26.77 -22.12
CA LYS C 681 7.62 -27.62 -23.31
C LYS C 681 8.80 -28.58 -23.33
N LEU C 682 9.97 -28.15 -22.85
CA LEU C 682 11.08 -29.08 -22.72
C LEU C 682 10.75 -30.20 -21.75
N LYS C 683 10.09 -29.87 -20.63
CA LYS C 683 9.68 -30.88 -19.67
C LYS C 683 8.71 -31.87 -20.29
N GLN C 684 7.74 -31.36 -21.06
CA GLN C 684 6.78 -32.25 -21.71
C GLN C 684 7.47 -33.19 -22.68
N ASP C 685 8.37 -32.67 -23.52
CA ASP C 685 9.07 -33.52 -24.48
C ASP C 685 9.96 -34.53 -23.75
N GLY C 686 10.61 -34.10 -22.67
CA GLY C 686 11.45 -35.00 -21.91
C GLY C 686 10.66 -36.14 -21.29
N ASP C 687 9.50 -35.84 -20.71
CA ASP C 687 8.67 -36.89 -20.14
C ASP C 687 8.13 -37.82 -21.22
N SER C 688 7.76 -37.25 -22.37
CA SER C 688 7.32 -38.07 -23.50
C SER C 688 8.39 -39.06 -23.90
N PHE C 689 9.64 -38.59 -23.99
CA PHE C 689 10.74 -39.50 -24.27
C PHE C 689 10.95 -40.48 -23.13
N ARG C 690 10.74 -40.04 -21.89
CA ARG C 690 11.02 -40.88 -20.73
C ARG C 690 10.10 -42.07 -20.67
N MET C 691 8.78 -41.83 -20.75
CA MET C 691 7.84 -42.94 -20.67
C MET C 691 7.81 -43.77 -21.94
N LYS C 692 8.42 -43.29 -23.02
CA LYS C 692 8.73 -44.17 -24.14
C LYS C 692 9.88 -45.11 -23.83
N LEU C 693 10.68 -44.82 -22.81
CA LEU C 693 11.79 -45.65 -22.39
C LEU C 693 11.42 -46.60 -21.26
N ASN C 694 10.13 -46.76 -20.97
CA ASN C 694 9.70 -47.65 -19.90
C ASN C 694 10.14 -49.08 -20.22
N THR C 695 10.69 -49.76 -19.22
CA THR C 695 11.31 -51.06 -19.39
C THR C 695 10.58 -52.20 -18.71
N GLN C 696 9.75 -51.92 -17.70
CA GLN C 696 9.14 -53.00 -16.93
C GLN C 696 8.21 -53.84 -17.81
N GLU C 697 7.62 -53.25 -18.84
CA GLU C 697 6.79 -54.05 -19.73
C GLU C 697 7.61 -55.08 -20.49
N ILE C 698 8.85 -54.72 -20.86
CA ILE C 698 9.71 -55.67 -21.56
C ILE C 698 10.08 -56.82 -20.65
N PHE C 699 10.43 -56.52 -19.39
CA PHE C 699 10.73 -57.58 -18.44
C PHE C 699 9.51 -58.44 -18.17
N ASP C 700 8.33 -57.81 -18.09
CA ASP C 700 7.10 -58.58 -17.89
C ASP C 700 6.85 -59.52 -19.05
N ASP C 701 7.06 -59.04 -20.27
CA ASP C 701 6.90 -59.90 -21.44
C ASP C 701 7.92 -61.03 -21.44
N TRP C 702 9.17 -60.73 -21.06
CA TRP C 702 10.18 -61.77 -20.99
C TRP C 702 9.81 -62.84 -19.97
N ALA C 703 9.34 -62.42 -18.80
CA ALA C 703 8.90 -63.38 -17.80
C ALA C 703 7.73 -64.20 -18.32
N ARG C 704 6.80 -63.54 -19.02
CA ARG C 704 5.65 -64.26 -19.56
C ARG C 704 6.09 -65.31 -20.58
N LYS C 705 7.02 -64.95 -21.46
CA LYS C 705 7.50 -65.89 -22.46
C LYS C 705 8.25 -67.04 -21.82
N VAL C 706 9.08 -66.76 -20.81
CA VAL C 706 9.83 -67.81 -20.15
C VAL C 706 8.89 -68.77 -19.42
N GLN C 707 7.91 -68.23 -18.71
CA GLN C 707 6.92 -69.08 -18.05
C GLN C 707 6.13 -69.89 -19.06
N GLN C 708 5.83 -69.29 -20.22
CA GLN C 708 5.20 -70.05 -21.29
C GLN C 708 6.09 -71.19 -21.77
N ARG C 709 7.40 -71.00 -21.68
CA ARG C 709 8.37 -72.06 -22.00
C ARG C 709 8.65 -72.90 -20.77
N ILE C 744 20.32 -71.93 -21.79
CA ILE C 744 21.54 -71.25 -21.38
C ILE C 744 21.30 -69.74 -21.39
N THR C 745 20.62 -69.26 -22.43
CA THR C 745 20.29 -67.85 -22.51
C THR C 745 19.39 -67.43 -21.35
N LEU C 746 18.56 -68.35 -20.86
CA LEU C 746 17.70 -68.05 -19.72
C LEU C 746 18.54 -67.73 -18.48
N SER C 747 19.58 -68.52 -18.23
CA SER C 747 20.43 -68.28 -17.07
C SER C 747 21.13 -66.93 -17.17
N LYS C 748 21.67 -66.61 -18.34
CA LYS C 748 22.31 -65.32 -18.54
C LYS C 748 21.32 -64.19 -18.34
N GLU C 749 20.10 -64.36 -18.87
CA GLU C 749 19.09 -63.30 -18.76
C GLU C 749 18.70 -63.06 -17.31
N VAL C 750 18.47 -64.13 -16.54
CA VAL C 750 18.06 -63.93 -15.15
C VAL C 750 19.20 -63.33 -14.34
N ARG C 751 20.44 -63.78 -14.59
CA ARG C 751 21.57 -63.22 -13.86
C ARG C 751 21.72 -61.74 -14.16
N ASN C 752 21.57 -61.35 -15.43
CA ASN C 752 21.68 -59.94 -15.76
C ASN C 752 20.51 -59.14 -15.20
N LEU C 753 19.33 -59.74 -15.16
CA LEU C 753 18.14 -59.03 -14.69
C LEU C 753 18.20 -58.77 -13.19
N LYS C 754 18.70 -59.74 -12.41
CA LYS C 754 18.78 -59.53 -10.97
C LYS C 754 19.72 -58.38 -10.62
N TRP C 755 20.75 -58.15 -11.43
CA TRP C 755 21.63 -57.01 -11.19
C TRP C 755 20.85 -55.70 -11.27
N LEU C 756 19.85 -55.62 -12.14
CA LEU C 756 19.11 -54.40 -12.39
C LEU C 756 17.87 -54.27 -11.51
N GLY C 757 17.86 -54.90 -10.34
CA GLY C 757 16.76 -54.74 -9.41
C GLY C 757 15.43 -55.28 -9.90
N PHE C 758 15.42 -56.11 -10.94
CA PHE C 758 14.20 -56.67 -11.49
C PHE C 758 13.94 -58.02 -10.84
N ARG C 759 12.91 -58.06 -9.99
CA ARG C 759 12.59 -59.26 -9.22
C ARG C 759 12.06 -60.30 -10.19
N VAL C 760 12.91 -61.23 -10.60
CA VAL C 760 12.51 -62.34 -11.45
C VAL C 760 11.73 -63.31 -10.56
N PRO C 761 10.72 -64.03 -11.05
CA PRO C 761 10.02 -64.98 -10.18
C PRO C 761 10.93 -66.08 -9.68
N LEU C 762 10.64 -66.55 -8.46
CA LEU C 762 11.52 -67.49 -7.76
C LEU C 762 11.60 -68.83 -8.49
N ALA C 763 10.49 -69.26 -9.09
CA ALA C 763 10.50 -70.51 -9.83
C ALA C 763 11.48 -70.44 -11.00
N ILE C 764 11.52 -69.31 -11.69
CA ILE C 764 12.45 -69.15 -12.80
C ILE C 764 13.89 -69.11 -12.27
N VAL C 765 14.09 -68.47 -11.12
CA VAL C 765 15.42 -68.43 -10.51
C VAL C 765 15.91 -69.83 -10.18
N ASN C 766 15.00 -70.70 -9.75
CA ASN C 766 15.38 -72.07 -9.41
C ASN C 766 15.89 -72.81 -10.64
N LYS C 767 15.24 -72.61 -11.78
CA LYS C 767 15.64 -73.27 -13.02
C LYS C 767 16.96 -72.68 -13.50
N LYS D 193 24.95 31.03 -32.93
CA LYS D 193 24.06 31.07 -34.08
C LYS D 193 24.12 29.74 -34.83
N LEU D 194 23.02 29.37 -35.47
CA LEU D 194 22.90 28.13 -36.21
C LEU D 194 23.17 28.41 -37.69
N SER D 195 24.04 27.61 -38.29
CA SER D 195 24.41 27.75 -39.70
C SER D 195 24.02 26.49 -40.45
N LEU D 196 23.25 26.64 -41.52
CA LEU D 196 22.86 25.51 -42.35
C LEU D 196 24.08 24.88 -42.98
N ASN D 197 24.34 23.61 -42.64
CA ASN D 197 25.51 22.88 -43.09
C ASN D 197 25.22 21.91 -44.22
N ARG D 198 24.18 21.10 -44.10
CA ARG D 198 23.93 20.04 -45.05
C ARG D 198 22.46 19.66 -45.01
N GLN D 199 21.92 19.36 -46.18
CA GLN D 199 20.55 18.90 -46.33
C GLN D 199 20.56 17.59 -47.11
N PHE D 200 19.81 16.60 -46.63
CA PHE D 200 19.72 15.29 -47.25
C PHE D 200 18.30 15.06 -47.71
N PHE D 201 18.14 14.59 -48.95
CA PHE D 201 16.82 14.34 -49.51
C PHE D 201 16.97 13.43 -50.71
N ASP D 202 16.45 12.21 -50.62
CA ASP D 202 16.44 11.26 -51.72
C ASP D 202 15.09 11.32 -52.42
N GLU D 203 15.12 11.58 -53.73
CA GLU D 203 13.87 11.72 -54.47
C GLU D 203 13.13 10.39 -54.57
N ARG D 204 13.86 9.30 -54.78
CA ARG D 204 13.20 8.01 -54.98
C ARG D 204 12.61 7.48 -53.68
N TRP D 205 13.35 7.54 -52.59
CA TRP D 205 12.97 6.91 -51.32
C TRP D 205 12.32 7.86 -50.34
N SER D 206 12.98 8.95 -49.97
CA SER D 206 12.54 9.79 -48.87
C SER D 206 11.35 10.68 -49.23
N LYS D 207 11.01 10.80 -50.51
CA LYS D 207 9.97 11.74 -50.92
C LYS D 207 8.61 11.31 -50.38
N HIS D 208 7.83 12.29 -49.96
CA HIS D 208 6.46 12.09 -49.47
C HIS D 208 6.40 11.12 -48.31
N ARG D 209 7.40 11.18 -47.43
CA ARG D 209 7.42 10.41 -46.19
C ARG D 209 7.80 11.31 -45.04
N VAL D 210 7.30 10.96 -43.85
CA VAL D 210 7.71 11.63 -42.62
C VAL D 210 9.01 11.01 -42.15
N VAL D 211 9.82 11.80 -41.44
CA VAL D 211 11.01 11.28 -40.77
C VAL D 211 10.59 10.80 -39.40
N SER D 212 10.66 9.49 -39.17
CA SER D 212 10.14 8.91 -37.94
C SER D 212 11.14 8.93 -36.79
N CYS D 213 12.42 8.78 -37.07
CA CYS D 213 13.43 8.76 -36.02
C CYS D 213 14.77 9.14 -36.60
N LEU D 214 15.74 9.37 -35.70
CA LEU D 214 17.08 9.77 -36.08
C LEU D 214 18.08 9.20 -35.07
N ASP D 215 19.29 8.94 -35.55
CA ASP D 215 20.36 8.53 -34.63
C ASP D 215 21.71 8.69 -35.30
N TRP D 216 22.73 8.93 -34.46
CA TRP D 216 24.13 9.03 -34.88
C TRP D 216 24.92 7.86 -34.32
N SER D 217 25.72 7.23 -35.17
CA SER D 217 26.54 6.12 -34.74
C SER D 217 27.69 6.60 -33.86
N SER D 218 27.91 5.90 -32.75
CA SER D 218 28.99 6.28 -31.84
C SER D 218 30.36 6.08 -32.49
N GLN D 219 30.61 4.89 -33.03
CA GLN D 219 31.91 4.62 -33.64
C GLN D 219 32.10 5.39 -34.94
N TYR D 220 31.01 5.82 -35.57
CA TYR D 220 31.04 6.62 -36.80
C TYR D 220 30.20 7.87 -36.55
N PRO D 221 30.74 8.86 -35.85
CA PRO D 221 29.93 10.06 -35.56
C PRO D 221 29.47 10.81 -36.79
N GLU D 222 30.09 10.58 -37.94
CA GLU D 222 29.68 11.19 -39.21
C GLU D 222 28.64 10.38 -39.96
N LEU D 223 27.94 9.46 -39.29
CA LEU D 223 26.94 8.59 -39.89
C LEU D 223 25.60 8.84 -39.21
N LEU D 224 24.57 9.11 -40.01
CA LEU D 224 23.24 9.44 -39.49
C LEU D 224 22.22 8.51 -40.12
N VAL D 225 21.50 7.77 -39.27
CA VAL D 225 20.44 6.86 -39.71
C VAL D 225 19.10 7.51 -39.42
N ALA D 226 18.19 7.44 -40.40
CA ALA D 226 16.87 8.06 -40.31
C ALA D 226 15.82 7.07 -40.79
N SER D 227 14.61 7.20 -40.24
CA SER D 227 13.49 6.31 -40.51
C SER D 227 12.42 7.03 -41.31
N TYR D 228 11.64 6.25 -42.05
CA TYR D 228 10.53 6.76 -42.85
C TYR D 228 9.41 5.74 -42.84
N ASN D 229 8.19 6.20 -42.61
CA ASN D 229 7.02 5.34 -42.57
C ASN D 229 6.52 5.08 -43.99
N ASN D 230 5.31 4.51 -44.10
CA ASN D 230 4.72 4.26 -45.40
C ASN D 230 4.39 5.56 -46.10
N ASN D 231 4.53 5.56 -47.43
CA ASN D 231 4.15 6.69 -48.26
C ASN D 231 2.77 6.39 -48.87
N GLU D 232 1.79 7.22 -48.54
CA GLU D 232 0.46 7.05 -49.11
C GLU D 232 0.49 7.20 -50.62
N ASP D 233 1.33 8.09 -51.14
CA ASP D 233 1.44 8.32 -52.57
C ASP D 233 1.98 7.12 -53.33
N ALA D 234 2.67 6.19 -52.66
CA ALA D 234 3.29 5.02 -53.29
C ALA D 234 2.93 3.76 -52.50
N PRO D 235 1.69 3.28 -52.63
CA PRO D 235 1.34 2.03 -51.91
C PRO D 235 2.17 0.83 -52.35
N HIS D 236 2.53 0.75 -53.63
CA HIS D 236 3.33 -0.37 -54.12
C HIS D 236 4.74 -0.37 -53.55
N GLU D 237 5.27 0.80 -53.18
CA GLU D 237 6.61 0.88 -52.64
C GLU D 237 6.66 0.24 -51.27
N PRO D 238 7.84 -0.09 -50.77
CA PRO D 238 7.93 -0.59 -49.39
C PRO D 238 7.42 0.46 -48.42
N ASP D 239 6.70 0.01 -47.40
CA ASP D 239 6.17 0.93 -46.41
C ASP D 239 7.30 1.53 -45.58
N GLY D 240 8.01 0.69 -44.83
CA GLY D 240 9.10 1.16 -44.01
C GLY D 240 10.37 1.34 -44.83
N VAL D 241 11.05 2.45 -44.59
CA VAL D 241 12.35 2.72 -45.21
C VAL D 241 13.27 3.26 -44.13
N ALA D 242 14.57 2.98 -44.28
CA ALA D 242 15.58 3.47 -43.34
C ALA D 242 16.84 3.77 -44.13
N LEU D 243 17.27 5.03 -44.08
CA LEU D 243 18.37 5.51 -44.89
C LEU D 243 19.49 6.01 -43.99
N VAL D 244 20.72 5.63 -44.31
CA VAL D 244 21.91 6.07 -43.59
C VAL D 244 22.71 6.97 -44.50
N TRP D 245 22.86 8.22 -44.08
CA TRP D 245 23.61 9.26 -44.78
C TRP D 245 24.93 9.50 -44.05
N ASN D 246 25.81 10.26 -44.71
CA ASN D 246 27.17 10.47 -44.25
C ASN D 246 27.53 11.95 -44.40
N MET D 247 28.44 12.41 -43.55
CA MET D 247 28.86 13.81 -43.52
C MET D 247 30.30 14.03 -43.97
N LYS D 248 31.18 13.04 -43.82
CA LYS D 248 32.56 13.21 -44.29
C LYS D 248 32.59 13.40 -45.80
N TYR D 249 31.77 12.65 -46.53
CA TYR D 249 31.59 12.85 -47.96
C TYR D 249 30.50 13.89 -48.21
N LYS D 250 30.63 14.57 -49.34
CA LYS D 250 29.65 15.56 -49.78
C LYS D 250 28.66 15.00 -50.78
N LYS D 251 28.67 13.68 -51.01
CA LYS D 251 27.72 13.08 -51.93
C LYS D 251 26.32 13.14 -51.33
N THR D 252 25.34 13.51 -52.17
CA THR D 252 23.96 13.61 -51.71
C THR D 252 23.26 12.26 -51.62
N THR D 253 23.74 11.25 -52.35
CA THR D 253 23.04 9.98 -52.38
C THR D 253 23.06 9.32 -51.01
N PRO D 254 22.03 8.55 -50.65
CA PRO D 254 22.08 7.85 -49.36
C PRO D 254 23.19 6.80 -49.37
N GLU D 255 24.02 6.82 -48.33
CA GLU D 255 25.10 5.83 -48.27
C GLU D 255 24.54 4.43 -48.22
N TYR D 256 23.52 4.19 -47.39
CA TYR D 256 22.89 2.88 -47.30
C TYR D 256 21.38 3.03 -47.29
N VAL D 257 20.72 2.08 -47.96
CA VAL D 257 19.26 2.01 -48.05
C VAL D 257 18.82 0.72 -47.38
N PHE D 258 17.67 0.77 -46.71
CA PHE D 258 17.00 -0.43 -46.20
C PHE D 258 15.51 -0.19 -46.29
N HIS D 259 14.76 -1.28 -46.37
CA HIS D 259 13.30 -1.17 -46.41
C HIS D 259 12.67 -2.42 -45.85
N CYS D 260 11.38 -2.32 -45.54
CA CYS D 260 10.64 -3.41 -44.94
C CYS D 260 9.16 -3.21 -45.20
N GLN D 261 8.43 -4.33 -45.05
CA GLN D 261 7.00 -4.34 -45.36
C GLN D 261 6.21 -3.49 -44.38
N SER D 262 6.68 -3.37 -43.13
CA SER D 262 6.01 -2.60 -42.10
C SER D 262 6.68 -1.24 -41.94
N ALA D 263 5.88 -0.23 -41.61
CA ALA D 263 6.39 1.13 -41.49
C ALA D 263 7.29 1.26 -40.26
N VAL D 264 8.45 1.88 -40.44
CA VAL D 264 9.44 1.97 -39.38
C VAL D 264 9.13 3.18 -38.50
N MET D 265 8.56 2.93 -37.32
CA MET D 265 8.31 3.96 -36.33
C MET D 265 9.56 4.39 -35.58
N SER D 266 10.62 3.58 -35.56
CA SER D 266 11.82 3.95 -34.82
C SER D 266 13.02 3.20 -35.37
N ALA D 267 14.20 3.79 -35.20
CA ALA D 267 15.43 3.12 -35.61
C ALA D 267 16.60 3.69 -34.85
N THR D 268 17.69 2.93 -34.84
CA THR D 268 18.92 3.35 -34.17
C THR D 268 20.07 2.45 -34.61
N PHE D 269 21.28 2.88 -34.30
CA PHE D 269 22.48 2.10 -34.54
C PHE D 269 22.68 1.10 -33.42
N ALA D 270 23.30 -0.03 -33.75
CA ALA D 270 23.76 -0.99 -32.74
C ALA D 270 25.14 -0.54 -32.26
N LYS D 271 25.22 -0.15 -30.99
CA LYS D 271 26.41 0.53 -30.49
C LYS D 271 27.63 -0.39 -30.49
N PHE D 272 27.42 -1.66 -30.13
CA PHE D 272 28.50 -2.64 -30.06
C PHE D 272 28.55 -3.59 -31.24
N HIS D 273 27.64 -3.45 -32.21
CA HIS D 273 27.63 -4.24 -33.43
C HIS D 273 27.60 -3.26 -34.60
N PRO D 274 28.75 -2.70 -34.98
CA PRO D 274 28.73 -1.55 -35.91
C PRO D 274 28.10 -1.84 -37.26
N ASN D 275 28.03 -3.11 -37.67
CA ASN D 275 27.41 -3.47 -38.94
C ASN D 275 25.89 -3.48 -38.89
N LEU D 276 25.29 -3.35 -37.70
CA LEU D 276 23.86 -3.62 -37.51
C LEU D 276 23.09 -2.34 -37.20
N VAL D 277 21.89 -2.25 -37.76
CA VAL D 277 20.95 -1.17 -37.53
C VAL D 277 19.65 -1.79 -37.06
N VAL D 278 19.16 -1.36 -35.89
CA VAL D 278 17.95 -1.91 -35.30
C VAL D 278 16.79 -0.98 -35.60
N GLY D 279 15.61 -1.54 -35.77
CA GLY D 279 14.42 -0.74 -36.03
C GLY D 279 13.18 -1.39 -35.45
N GLY D 280 12.26 -0.54 -35.00
CA GLY D 280 10.93 -0.97 -34.57
C GLY D 280 9.90 -0.42 -35.52
N THR D 281 8.96 -1.28 -35.92
CA THR D 281 8.02 -1.00 -36.98
C THR D 281 6.61 -0.81 -36.43
N TYR D 282 5.69 -0.50 -37.34
CA TYR D 282 4.30 -0.29 -36.96
C TYR D 282 3.68 -1.58 -36.42
N SER D 283 3.95 -2.71 -37.08
CA SER D 283 3.36 -3.99 -36.67
C SER D 283 3.97 -4.55 -35.39
N GLY D 284 5.15 -4.07 -34.98
CA GLY D 284 5.79 -4.52 -33.77
C GLY D 284 6.94 -5.48 -33.96
N GLN D 285 7.35 -5.73 -35.20
CA GLN D 285 8.51 -6.59 -35.44
C GLN D 285 9.79 -5.78 -35.32
N ILE D 286 10.70 -6.24 -34.46
CA ILE D 286 11.97 -5.54 -34.25
C ILE D 286 12.90 -6.01 -35.37
N VAL D 287 12.89 -5.26 -36.46
CA VAL D 287 13.70 -5.61 -37.62
C VAL D 287 15.16 -5.22 -37.37
N LEU D 288 16.06 -5.91 -38.08
CA LEU D 288 17.49 -5.68 -37.98
C LEU D 288 18.10 -5.76 -39.37
N TRP D 289 18.99 -4.82 -39.67
CA TRP D 289 19.64 -4.73 -40.98
C TRP D 289 21.14 -4.80 -40.82
N ASP D 290 21.80 -5.64 -41.61
CA ASP D 290 23.24 -5.75 -41.66
C ASP D 290 23.74 -5.06 -42.93
N ASN D 291 24.66 -4.10 -42.76
CA ASN D 291 25.15 -3.35 -43.91
C ASN D 291 26.04 -4.21 -44.80
N ARG D 292 26.63 -5.27 -44.25
CA ARG D 292 27.46 -6.15 -45.07
C ARG D 292 26.63 -6.88 -46.11
N SER D 293 25.44 -7.36 -45.72
CA SER D 293 24.58 -8.07 -46.65
C SER D 293 24.07 -7.14 -47.75
N ASN D 294 24.10 -7.64 -48.98
CA ASN D 294 23.56 -6.86 -50.09
C ASN D 294 22.03 -6.79 -50.03
N LYS D 295 21.40 -7.69 -49.28
CA LYS D 295 19.95 -7.68 -49.17
C LYS D 295 19.48 -6.45 -48.38
N ARG D 296 18.38 -5.86 -48.84
CA ARG D 296 17.79 -4.71 -48.18
C ARG D 296 16.74 -5.09 -47.14
N THR D 297 16.10 -6.24 -47.34
CA THR D 297 15.12 -6.72 -46.38
C THR D 297 15.83 -7.00 -45.05
N PRO D 298 15.12 -6.91 -43.91
CA PRO D 298 15.76 -7.26 -42.63
C PRO D 298 16.30 -8.68 -42.62
N VAL D 299 17.55 -8.82 -42.16
CA VAL D 299 18.11 -10.15 -41.97
C VAL D 299 17.39 -10.86 -40.83
N GLN D 300 16.95 -10.12 -39.83
CA GLN D 300 16.21 -10.67 -38.69
C GLN D 300 14.99 -9.80 -38.43
N ARG D 301 13.93 -10.46 -37.96
CA ARG D 301 12.75 -9.76 -37.46
C ARG D 301 12.15 -10.62 -36.36
N THR D 302 11.77 -9.99 -35.26
CA THR D 302 11.21 -10.74 -34.15
C THR D 302 9.85 -11.32 -34.55
N PRO D 303 9.42 -12.40 -33.89
CA PRO D 303 8.00 -12.76 -33.99
C PRO D 303 7.16 -11.68 -33.32
N LEU D 304 5.89 -11.64 -33.70
CA LEU D 304 4.93 -10.74 -33.07
C LEU D 304 3.95 -11.53 -32.20
N SER D 305 4.45 -12.64 -31.66
CA SER D 305 3.69 -13.53 -30.81
C SER D 305 3.39 -12.85 -29.47
N ALA D 306 2.67 -13.57 -28.63
CA ALA D 306 2.37 -13.05 -27.30
C ALA D 306 3.64 -12.87 -26.47
N ALA D 307 4.62 -13.75 -26.66
CA ALA D 307 5.88 -13.59 -25.95
C ALA D 307 6.58 -12.30 -26.35
N ALA D 308 6.56 -11.98 -27.64
CA ALA D 308 7.23 -10.81 -28.19
C ALA D 308 6.28 -9.62 -28.17
N HIS D 309 6.70 -8.54 -28.82
CA HIS D 309 5.87 -7.34 -28.93
C HIS D 309 4.68 -7.60 -29.82
N THR D 310 3.60 -6.84 -29.58
CA THR D 310 2.33 -7.03 -30.29
C THR D 310 1.69 -5.69 -30.67
N HIS D 311 2.47 -4.62 -30.75
CA HIS D 311 1.97 -3.29 -31.04
C HIS D 311 3.09 -2.47 -31.68
N PRO D 312 2.82 -1.27 -32.19
CA PRO D 312 3.90 -0.44 -32.71
C PRO D 312 4.94 -0.14 -31.64
N VAL D 313 6.21 -0.19 -32.05
CA VAL D 313 7.35 0.06 -31.18
C VAL D 313 7.93 1.40 -31.59
N TYR D 314 7.88 2.37 -30.68
CA TYR D 314 8.38 3.71 -30.93
C TYR D 314 9.72 3.99 -30.28
N CYS D 315 10.23 3.11 -29.43
CA CYS D 315 11.49 3.34 -28.74
C CYS D 315 12.25 2.03 -28.59
N VAL D 316 13.49 2.04 -29.05
CA VAL D 316 14.43 0.93 -29.00
C VAL D 316 15.79 1.49 -28.65
N ASN D 317 16.57 0.75 -27.87
CA ASN D 317 17.89 1.21 -27.46
C ASN D 317 18.74 0.01 -27.09
N VAL D 318 20.05 0.14 -27.31
CA VAL D 318 21.04 -0.84 -26.85
C VAL D 318 21.79 -0.20 -25.70
N VAL D 319 21.64 -0.75 -24.50
CA VAL D 319 22.24 -0.19 -23.29
C VAL D 319 23.05 -1.28 -22.61
N GLY D 320 24.18 -0.89 -22.04
CA GLY D 320 25.06 -1.81 -21.36
C GLY D 320 26.50 -1.48 -21.67
N THR D 321 27.38 -2.33 -21.14
CA THR D 321 28.81 -2.18 -21.35
C THR D 321 29.22 -2.89 -22.64
N GLN D 322 30.51 -2.85 -22.95
CA GLN D 322 31.01 -3.61 -24.08
C GLN D 322 30.93 -5.10 -23.79
N ASN D 323 31.15 -5.50 -22.54
CA ASN D 323 30.99 -6.90 -22.18
C ASN D 323 29.51 -7.31 -22.23
N ALA D 324 28.63 -6.49 -21.66
CA ALA D 324 27.21 -6.81 -21.54
C ALA D 324 26.39 -5.70 -22.17
N HIS D 325 25.50 -6.08 -23.08
CA HIS D 325 24.64 -5.15 -23.80
C HIS D 325 23.27 -5.78 -24.03
N ASN D 326 22.22 -4.97 -23.93
CA ASN D 326 20.85 -5.46 -23.97
C ASN D 326 20.03 -4.50 -24.84
N LEU D 327 19.16 -5.06 -25.68
CA LEU D 327 18.29 -4.27 -26.54
C LEU D 327 16.92 -4.14 -25.89
N ILE D 328 16.65 -2.98 -25.30
CA ILE D 328 15.37 -2.68 -24.68
C ILE D 328 14.46 -2.07 -25.74
N SER D 329 13.26 -2.61 -25.88
CA SER D 329 12.25 -2.09 -26.79
C SER D 329 10.94 -2.00 -26.05
N ILE D 330 10.15 -0.97 -26.36
CA ILE D 330 8.83 -0.84 -25.75
C ILE D 330 7.81 -0.53 -26.85
N SER D 331 6.62 -1.11 -26.71
CA SER D 331 5.52 -0.92 -27.63
C SER D 331 4.48 0.02 -27.04
N THR D 332 3.48 0.35 -27.85
CA THR D 332 2.43 1.25 -27.41
C THR D 332 1.42 0.58 -26.49
N ASP D 333 1.52 -0.73 -26.26
CA ASP D 333 0.65 -1.42 -25.30
C ASP D 333 1.22 -1.45 -23.89
N GLY D 334 2.39 -0.84 -23.67
CA GLY D 334 3.05 -0.89 -22.38
C GLY D 334 3.94 -2.10 -22.19
N LYS D 335 3.95 -3.04 -23.13
CA LYS D 335 4.85 -4.17 -23.02
C LYS D 335 6.29 -3.73 -23.27
N ILE D 336 7.18 -4.11 -22.37
CA ILE D 336 8.61 -3.82 -22.47
C ILE D 336 9.35 -5.15 -22.56
N CYS D 337 10.24 -5.26 -23.55
CA CYS D 337 10.96 -6.50 -23.82
C CYS D 337 12.43 -6.21 -24.02
N SER D 338 13.27 -7.00 -23.34
CA SER D 338 14.72 -6.98 -23.53
C SER D 338 15.10 -8.15 -24.42
N TRP D 339 15.94 -7.87 -25.41
CA TRP D 339 16.42 -8.82 -26.40
C TRP D 339 17.94 -8.81 -26.43
N SER D 340 18.47 -9.90 -26.98
CA SER D 340 19.89 -9.99 -27.34
C SER D 340 20.01 -9.69 -28.83
N LEU D 341 21.02 -8.90 -29.19
CA LEU D 341 21.20 -8.58 -30.60
C LEU D 341 21.56 -9.82 -31.41
N ASP D 342 22.19 -10.82 -30.77
CA ASP D 342 22.57 -12.05 -31.46
C ASP D 342 21.38 -12.96 -31.74
N MET D 343 20.30 -12.87 -30.95
CA MET D 343 19.11 -13.70 -31.18
C MET D 343 17.90 -12.82 -30.97
N LEU D 344 17.09 -12.67 -32.01
CA LEU D 344 15.81 -11.99 -31.94
C LEU D 344 14.65 -12.96 -32.11
N SER D 345 14.84 -14.24 -31.77
CA SER D 345 13.75 -15.20 -31.87
C SER D 345 12.79 -15.08 -30.69
N HIS D 346 13.30 -14.74 -29.51
CA HIS D 346 12.51 -14.68 -28.31
C HIS D 346 13.21 -13.73 -27.34
N PRO D 347 12.49 -12.85 -26.63
CA PRO D 347 13.18 -11.82 -25.84
C PRO D 347 13.96 -12.39 -24.66
N GLN D 348 15.01 -11.64 -24.26
CA GLN D 348 15.69 -11.94 -23.00
C GLN D 348 14.70 -11.92 -21.85
N ASP D 349 13.94 -10.84 -21.77
CA ASP D 349 13.01 -10.59 -20.69
C ASP D 349 11.80 -9.91 -21.29
N SER D 350 10.67 -10.05 -20.64
CA SER D 350 9.47 -9.40 -21.14
C SER D 350 8.49 -9.22 -19.99
N MET D 351 7.84 -8.06 -19.97
CA MET D 351 6.78 -7.83 -19.01
C MET D 351 5.89 -6.72 -19.57
N GLU D 352 4.83 -6.41 -18.83
CA GLU D 352 3.94 -5.30 -19.14
C GLU D 352 4.00 -4.30 -17.99
N LEU D 353 4.00 -3.01 -18.34
CA LEU D 353 4.25 -1.95 -17.38
C LEU D 353 2.92 -1.35 -16.93
N VAL D 354 2.71 -1.32 -15.61
CA VAL D 354 1.58 -0.63 -15.00
C VAL D 354 2.07 0.10 -13.76
N HIS D 355 1.23 1.01 -13.27
CA HIS D 355 1.58 1.99 -12.26
C HIS D 355 0.60 2.02 -11.09
N LYS D 356 -0.68 1.77 -11.36
CA LYS D 356 -1.73 1.81 -10.35
C LYS D 356 -3.00 1.20 -10.93
N GLN D 357 -3.59 0.25 -10.19
CA GLN D 357 -4.81 -0.44 -10.59
C GLN D 357 -4.65 -1.21 -11.90
N SER D 358 -3.42 -1.62 -12.23
CA SER D 358 -3.13 -2.41 -13.42
C SER D 358 -3.61 -1.72 -14.70
N LYS D 359 -3.40 -0.40 -14.77
CA LYS D 359 -3.78 0.37 -15.94
C LYS D 359 -2.61 0.43 -16.92
N ALA D 360 -2.85 -0.03 -18.15
CA ALA D 360 -1.79 -0.12 -19.13
C ALA D 360 -1.25 1.26 -19.48
N VAL D 361 0.07 1.37 -19.58
CA VAL D 361 0.76 2.61 -19.89
C VAL D 361 1.17 2.55 -21.35
N ALA D 362 0.50 3.35 -22.20
CA ALA D 362 0.86 3.42 -23.61
C ALA D 362 2.11 4.26 -23.76
N VAL D 363 3.27 3.59 -23.74
CA VAL D 363 4.55 4.28 -23.79
C VAL D 363 4.77 4.85 -25.19
N THR D 364 5.16 6.12 -25.25
CA THR D 364 5.45 6.81 -26.51
C THR D 364 6.90 7.22 -26.65
N SER D 365 7.66 7.33 -25.57
CA SER D 365 9.07 7.69 -25.66
C SER D 365 9.78 7.22 -24.40
N MET D 366 11.10 7.19 -24.47
CA MET D 366 11.89 6.54 -23.43
C MET D 366 13.30 7.12 -23.43
N SER D 367 13.95 7.08 -22.26
CA SER D 367 15.33 7.51 -22.12
C SER D 367 15.95 6.83 -20.91
N PHE D 368 17.27 7.00 -20.80
CA PHE D 368 18.08 6.44 -19.72
C PHE D 368 19.01 7.52 -19.18
N PRO D 369 19.42 7.43 -17.92
CA PRO D 369 20.57 8.23 -17.47
C PRO D 369 21.86 7.66 -18.03
N VAL D 370 22.89 8.50 -18.04
CA VAL D 370 24.18 8.10 -18.60
C VAL D 370 24.81 7.07 -17.67
N GLY D 371 25.21 5.93 -18.23
CA GLY D 371 25.85 4.88 -17.48
C GLY D 371 24.91 3.94 -16.76
N ASP D 372 23.63 4.29 -16.65
CA ASP D 372 22.66 3.46 -15.92
C ASP D 372 21.99 2.48 -16.88
N VAL D 373 21.76 1.27 -16.38
CA VAL D 373 21.16 0.20 -17.17
C VAL D 373 19.95 -0.42 -16.52
N ASN D 374 19.78 -0.34 -15.19
CA ASN D 374 18.65 -0.94 -14.51
C ASN D 374 17.47 0.03 -14.41
N ASN D 375 17.75 1.33 -14.26
CA ASN D 375 16.72 2.34 -14.06
C ASN D 375 16.60 3.19 -15.30
N PHE D 376 15.36 3.47 -15.70
CA PHE D 376 15.07 4.18 -16.94
C PHE D 376 13.84 5.03 -16.73
N VAL D 377 13.52 5.86 -17.73
CA VAL D 377 12.40 6.79 -17.64
C VAL D 377 11.61 6.70 -18.94
N VAL D 378 10.29 6.72 -18.83
CA VAL D 378 9.41 6.56 -19.96
C VAL D 378 8.35 7.65 -19.94
N GLY D 379 8.17 8.31 -21.09
CA GLY D 379 7.09 9.26 -21.28
C GLY D 379 5.97 8.64 -22.08
N SER D 380 4.82 8.49 -21.46
CA SER D 380 3.67 7.85 -22.08
C SER D 380 2.84 8.90 -22.83
N GLU D 381 1.71 8.49 -23.39
CA GLU D 381 0.76 9.41 -23.99
C GLU D 381 -0.16 10.04 -22.95
N GLU D 382 -0.02 9.65 -21.68
CA GLU D 382 -0.86 10.20 -20.62
C GLU D 382 -0.51 11.65 -20.30
N GLY D 383 0.65 12.13 -20.77
CA GLY D 383 1.25 13.31 -20.19
C GLY D 383 1.92 13.05 -18.87
N SER D 384 2.11 11.78 -18.50
CA SER D 384 2.69 11.39 -17.21
C SER D 384 3.97 10.61 -17.48
N VAL D 385 5.08 11.13 -16.97
CA VAL D 385 6.33 10.39 -17.03
C VAL D 385 6.35 9.36 -15.91
N TYR D 386 7.10 8.28 -16.11
CA TYR D 386 7.26 7.24 -15.10
C TYR D 386 8.74 6.88 -15.03
N THR D 387 9.32 7.02 -13.85
CA THR D 387 10.62 6.42 -13.57
C THR D 387 10.40 4.95 -13.25
N ALA D 388 11.01 4.08 -14.03
CA ALA D 388 10.76 2.65 -13.98
C ALA D 388 12.06 1.89 -13.83
N CYS D 389 11.94 0.67 -13.31
CA CYS D 389 13.07 -0.22 -13.07
C CYS D 389 12.97 -1.43 -13.98
N ARG D 390 14.08 -1.76 -14.66
CA ARG D 390 14.08 -2.89 -15.57
C ARG D 390 14.00 -4.21 -14.83
N HIS D 391 14.87 -4.40 -13.84
CA HIS D 391 15.03 -5.68 -13.16
C HIS D 391 15.38 -5.46 -11.71
N GLY D 392 14.91 -6.37 -10.85
CA GLY D 392 15.12 -6.37 -9.43
C GLY D 392 13.82 -6.56 -8.69
N SER D 393 13.85 -6.27 -7.39
CA SER D 393 12.64 -6.40 -6.57
C SER D 393 11.56 -5.43 -7.03
N LYS D 394 11.94 -4.20 -7.36
CA LYS D 394 11.00 -3.15 -7.72
C LYS D 394 10.89 -2.95 -9.22
N ALA D 395 11.09 -4.02 -10.00
CA ALA D 395 10.99 -3.93 -11.45
C ALA D 395 9.58 -3.52 -11.86
N GLY D 396 9.51 -2.57 -12.80
CA GLY D 396 8.28 -1.99 -13.29
C GLY D 396 8.32 -0.49 -13.13
N ILE D 397 7.14 0.12 -13.10
CA ILE D 397 7.02 1.56 -12.88
C ILE D 397 7.14 1.84 -11.40
N SER D 398 8.05 2.75 -11.04
CA SER D 398 8.31 3.09 -9.64
C SER D 398 7.54 4.33 -9.19
N GLU D 399 7.45 5.34 -10.05
CA GLU D 399 6.88 6.63 -9.69
C GLU D 399 5.96 7.12 -10.80
N MET D 400 4.97 7.91 -10.39
CA MET D 400 4.12 8.68 -11.30
C MET D 400 4.57 10.13 -11.25
N PHE D 401 4.34 10.84 -12.35
CA PHE D 401 4.35 12.30 -12.39
C PHE D 401 3.07 12.74 -13.08
N GLU D 402 2.44 13.80 -12.57
CA GLU D 402 1.21 14.29 -13.19
C GLU D 402 1.55 15.12 -14.43
N GLY D 403 2.24 16.25 -14.22
CA GLY D 403 2.90 16.95 -15.30
C GLY D 403 2.06 17.38 -16.48
N HIS D 404 2.49 16.96 -17.68
CA HIS D 404 1.86 17.39 -18.92
C HIS D 404 0.40 16.99 -18.94
N GLN D 405 -0.42 17.86 -19.52
CA GLN D 405 -1.85 17.62 -19.67
C GLN D 405 -2.21 17.07 -21.06
N GLY D 406 -1.21 16.79 -21.90
CA GLY D 406 -1.43 16.17 -23.18
C GLY D 406 -0.39 15.10 -23.44
N PRO D 407 -0.46 14.44 -24.59
CA PRO D 407 0.53 13.39 -24.90
C PRO D 407 1.95 13.92 -24.92
N ILE D 408 2.86 13.13 -24.37
CA ILE D 408 4.28 13.43 -24.39
C ILE D 408 4.82 13.03 -25.75
N THR D 409 5.59 13.94 -26.36
CA THR D 409 6.17 13.67 -27.67
C THR D 409 7.56 13.05 -27.57
N GLY D 410 8.37 13.55 -26.66
CA GLY D 410 9.70 13.02 -26.46
C GLY D 410 10.13 13.22 -25.03
N ILE D 411 10.95 12.30 -24.54
CA ILE D 411 11.56 12.40 -23.23
C ILE D 411 13.04 12.11 -23.39
N HIS D 412 13.88 12.93 -22.77
CA HIS D 412 15.32 12.74 -22.89
C HIS D 412 16.00 13.13 -21.58
N CYS D 413 16.92 12.28 -21.14
CA CYS D 413 17.66 12.52 -19.92
C CYS D 413 18.94 13.31 -20.21
N HIS D 414 19.52 13.87 -19.16
CA HIS D 414 20.75 14.64 -19.31
C HIS D 414 21.89 13.75 -19.79
N ALA D 415 22.65 14.26 -20.75
CA ALA D 415 23.74 13.52 -21.37
C ALA D 415 25.11 14.01 -20.97
N ALA D 416 25.31 15.31 -20.83
CA ALA D 416 26.62 15.84 -20.48
C ALA D 416 26.99 15.43 -19.06
N VAL D 417 28.25 15.01 -18.89
CA VAL D 417 28.76 14.52 -17.61
C VAL D 417 30.06 15.27 -17.30
N GLY D 418 30.17 15.76 -16.07
CA GLY D 418 31.30 16.59 -15.69
C GLY D 418 31.43 16.81 -14.20
N ALA D 419 31.77 18.05 -13.81
CA ALA D 419 32.06 18.34 -12.41
C ALA D 419 30.83 18.10 -11.53
N VAL D 420 29.68 18.65 -11.91
CA VAL D 420 28.44 18.52 -11.17
C VAL D 420 27.53 17.58 -11.94
N ASP D 421 27.07 16.52 -11.29
CA ASP D 421 26.25 15.50 -11.95
C ASP D 421 24.84 16.04 -12.12
N PHE D 422 24.29 15.85 -13.33
CA PHE D 422 22.93 16.26 -13.66
C PHE D 422 22.16 15.12 -14.33
N SER D 423 22.60 13.88 -14.15
CA SER D 423 21.89 12.74 -14.73
C SER D 423 20.49 12.59 -14.13
N HIS D 424 20.27 13.09 -12.91
CA HIS D 424 18.94 13.03 -12.32
C HIS D 424 17.94 13.92 -13.04
N LEU D 425 18.40 14.84 -13.88
CA LEU D 425 17.52 15.74 -14.62
C LEU D 425 17.10 15.13 -15.96
N PHE D 426 15.95 15.58 -16.45
CA PHE D 426 15.48 15.17 -17.77
C PHE D 426 14.46 16.20 -18.26
N VAL D 427 14.07 16.04 -19.52
CA VAL D 427 13.20 16.98 -20.21
C VAL D 427 12.13 16.21 -20.96
N THR D 428 10.95 16.83 -21.08
CA THR D 428 9.79 16.21 -21.70
C THR D 428 9.05 17.21 -22.57
N SER D 429 8.90 16.88 -23.85
CA SER D 429 8.08 17.63 -24.79
C SER D 429 6.73 16.94 -24.95
N SER D 430 5.74 17.70 -25.41
CA SER D 430 4.38 17.18 -25.47
C SER D 430 3.60 17.89 -26.56
N PHE D 431 2.40 17.36 -26.83
CA PHE D 431 1.42 18.00 -27.70
C PHE D 431 0.88 19.30 -27.12
N ASP D 432 1.08 19.56 -25.83
CA ASP D 432 0.51 20.74 -25.18
C ASP D 432 1.30 22.01 -25.41
N TRP D 433 2.25 22.02 -26.34
CA TRP D 433 3.11 23.15 -26.69
C TRP D 433 4.17 23.43 -25.61
N THR D 434 4.21 22.63 -24.54
CA THR D 434 5.02 22.93 -23.38
C THR D 434 6.17 21.93 -23.26
N VAL D 435 7.30 22.43 -22.77
CA VAL D 435 8.51 21.63 -22.58
C VAL D 435 8.88 21.71 -21.11
N LYS D 436 8.88 20.57 -20.44
CA LYS D 436 9.00 20.51 -18.98
C LYS D 436 10.35 19.96 -18.57
N LEU D 437 11.07 20.74 -17.76
CA LEU D 437 12.35 20.36 -17.17
C LEU D 437 12.12 19.83 -15.76
N TRP D 438 12.48 18.56 -15.54
CA TRP D 438 12.19 17.82 -14.32
C TRP D 438 13.45 17.15 -13.81
N THR D 439 13.34 16.63 -12.58
CA THR D 439 14.36 15.76 -12.00
C THR D 439 13.67 14.57 -11.34
N THR D 440 14.45 13.52 -11.07
CA THR D 440 13.89 12.32 -10.48
C THR D 440 13.34 12.58 -9.08
N LYS D 441 14.06 13.36 -8.27
CA LYS D 441 13.71 13.49 -6.86
C LYS D 441 12.35 14.17 -6.70
N ASN D 442 12.19 15.35 -7.32
CA ASN D 442 10.93 16.08 -7.21
C ASN D 442 9.87 15.41 -8.06
N ASN D 443 8.64 15.39 -7.55
CA ASN D 443 7.51 14.80 -8.24
C ASN D 443 6.75 15.79 -9.11
N LYS D 444 7.07 17.08 -9.04
CA LYS D 444 6.35 18.13 -9.75
C LYS D 444 7.30 18.92 -10.65
N PRO D 445 6.78 19.79 -11.52
CA PRO D 445 7.67 20.51 -12.43
C PRO D 445 8.66 21.43 -11.73
N LEU D 446 9.94 21.24 -12.07
CA LEU D 446 10.94 22.25 -11.73
C LEU D 446 10.80 23.46 -12.64
N TYR D 447 10.57 23.25 -13.93
CA TYR D 447 10.23 24.40 -14.78
C TYR D 447 9.48 23.92 -16.01
N SER D 448 8.72 24.82 -16.62
CA SER D 448 7.97 24.57 -17.85
C SER D 448 8.11 25.75 -18.79
N PHE D 449 8.49 25.47 -20.04
CA PHE D 449 8.62 26.46 -21.09
C PHE D 449 7.41 26.40 -22.00
N GLU D 450 6.80 27.56 -22.28
CA GLU D 450 5.60 27.64 -23.09
C GLU D 450 5.70 28.77 -24.11
N ASP D 451 6.91 29.16 -24.49
CA ASP D 451 7.06 30.16 -25.54
C ASP D 451 6.50 29.67 -26.87
N ASN D 452 6.45 28.35 -27.08
CA ASN D 452 6.07 27.80 -28.36
C ASN D 452 4.59 27.95 -28.61
N ALA D 453 4.24 28.50 -29.77
CA ALA D 453 2.87 28.67 -30.22
C ALA D 453 2.41 27.49 -31.07
N ASP D 454 2.97 26.31 -30.84
CA ASP D 454 2.70 25.14 -31.67
C ASP D 454 3.03 23.90 -30.85
N TYR D 455 2.54 22.74 -31.33
CA TYR D 455 2.94 21.46 -30.77
C TYR D 455 4.46 21.32 -30.80
N VAL D 456 5.06 21.17 -29.62
CA VAL D 456 6.49 20.94 -29.50
C VAL D 456 6.70 19.43 -29.63
N TYR D 457 7.40 19.01 -30.67
CA TYR D 457 7.43 17.60 -31.05
C TYR D 457 8.67 16.87 -30.59
N ASP D 458 9.76 17.56 -30.26
CA ASP D 458 10.84 16.83 -29.61
C ASP D 458 11.70 17.80 -28.83
N VAL D 459 12.36 17.25 -27.81
CA VAL D 459 13.28 17.99 -26.94
C VAL D 459 14.45 17.07 -26.64
N MET D 460 15.65 17.66 -26.51
CA MET D 460 16.83 16.84 -26.31
C MET D 460 17.98 17.69 -25.76
N TRP D 461 18.68 17.14 -24.78
CA TRP D 461 19.85 17.79 -24.21
C TRP D 461 21.00 17.80 -25.20
N SER D 462 21.91 18.75 -25.01
CA SER D 462 23.20 18.65 -25.67
C SER D 462 24.04 17.59 -24.97
N PRO D 463 24.93 16.90 -25.69
CA PRO D 463 25.79 15.90 -25.02
C PRO D 463 27.01 16.50 -24.34
N THR D 464 27.36 17.75 -24.62
CA THR D 464 28.49 18.44 -24.01
C THR D 464 28.07 19.55 -23.07
N HIS D 465 27.27 20.49 -23.57
CA HIS D 465 26.90 21.65 -22.77
C HIS D 465 25.83 21.25 -21.75
N PRO D 466 26.03 21.50 -20.45
CA PRO D 466 25.08 20.96 -19.46
C PRO D 466 23.73 21.66 -19.46
N ALA D 467 23.75 22.99 -19.56
CA ALA D 467 22.49 23.74 -19.48
C ALA D 467 21.76 23.77 -20.81
N LEU D 468 22.50 23.80 -21.92
CA LEU D 468 21.89 23.93 -23.23
C LEU D 468 21.03 22.71 -23.55
N PHE D 469 19.90 22.96 -24.20
CA PHE D 469 19.13 21.89 -24.82
C PHE D 469 18.42 22.48 -26.03
N ALA D 470 17.87 21.59 -26.84
CA ALA D 470 17.20 21.95 -28.08
C ALA D 470 15.80 21.40 -28.08
N CYS D 471 14.94 22.01 -28.89
CA CYS D 471 13.61 21.51 -29.11
C CYS D 471 13.17 21.87 -30.52
N VAL D 472 12.20 21.12 -31.04
CA VAL D 472 11.68 21.31 -32.38
C VAL D 472 10.16 21.18 -32.33
N ASP D 473 9.47 22.08 -33.02
CA ASP D 473 8.02 22.13 -33.07
C ASP D 473 7.53 21.89 -34.49
N GLY D 474 6.20 21.76 -34.62
CA GLY D 474 5.57 21.50 -35.90
C GLY D 474 5.27 22.71 -36.75
N MET D 475 5.42 23.93 -36.20
CA MET D 475 5.28 25.13 -37.00
C MET D 475 6.47 25.31 -37.94
N GLY D 476 7.59 24.66 -37.66
CA GLY D 476 8.80 24.76 -38.44
C GLY D 476 9.96 25.41 -37.72
N ARG D 477 9.95 25.44 -36.39
CA ARG D 477 10.99 26.12 -35.62
C ARG D 477 11.82 25.13 -34.82
N LEU D 478 13.14 25.31 -34.89
CA LEU D 478 14.12 24.68 -34.01
C LEU D 478 14.65 25.75 -33.08
N ASP D 479 14.60 25.48 -31.77
CA ASP D 479 14.94 26.45 -30.74
C ASP D 479 15.95 25.87 -29.78
N LEU D 480 17.04 26.60 -29.55
CA LEU D 480 18.04 26.26 -28.56
C LEU D 480 17.80 27.14 -27.34
N TRP D 481 17.67 26.51 -26.18
CA TRP D 481 17.53 27.20 -24.90
C TRP D 481 18.76 26.91 -24.06
N ASN D 482 19.42 27.98 -23.59
CA ASN D 482 20.58 27.89 -22.73
C ASN D 482 20.15 28.39 -21.35
N LEU D 483 19.86 27.46 -20.45
CA LEU D 483 19.33 27.83 -19.15
C LEU D 483 20.34 28.60 -18.31
N ASN D 484 21.63 28.40 -18.58
CA ASN D 484 22.63 29.30 -17.99
C ASN D 484 22.41 30.72 -18.47
N ASN D 485 22.32 30.92 -19.78
CA ASN D 485 22.11 32.26 -20.31
C ASN D 485 20.71 32.77 -19.99
N ASP D 486 19.70 31.91 -20.11
CA ASP D 486 18.32 32.35 -19.96
C ASP D 486 17.40 31.14 -19.86
N THR D 487 16.52 31.15 -18.88
CA THR D 487 15.38 30.26 -18.82
C THR D 487 14.11 30.99 -19.24
N GLU D 488 14.26 31.93 -20.17
CA GLU D 488 13.24 32.92 -20.50
C GLU D 488 12.90 32.99 -21.97
N VAL D 489 13.88 32.84 -22.85
CA VAL D 489 13.71 33.05 -24.30
C VAL D 489 14.60 32.03 -25.01
N PRO D 490 14.31 31.64 -26.25
CA PRO D 490 15.26 30.79 -26.97
C PRO D 490 16.62 31.46 -27.09
N THR D 491 17.66 30.74 -26.67
CA THR D 491 19.01 31.25 -26.85
C THR D 491 19.34 31.41 -28.33
N ALA D 492 18.88 30.47 -29.15
CA ALA D 492 18.97 30.61 -30.60
C ALA D 492 17.68 30.06 -31.20
N SER D 493 17.37 30.50 -32.42
CA SER D 493 16.19 30.03 -33.11
C SER D 493 16.49 29.98 -34.60
N ILE D 494 15.84 29.04 -35.29
CA ILE D 494 15.99 28.94 -36.73
C ILE D 494 14.78 28.23 -37.31
N SER D 495 14.34 28.69 -38.47
CA SER D 495 13.22 28.11 -39.19
C SER D 495 13.71 27.49 -40.49
N VAL D 496 13.33 26.25 -40.74
CA VAL D 496 13.68 25.58 -41.99
C VAL D 496 12.88 26.20 -43.14
N GLU D 497 13.50 26.26 -44.31
CA GLU D 497 12.92 26.97 -45.44
C GLU D 497 11.58 26.37 -45.84
N GLY D 498 10.58 27.24 -45.98
CA GLY D 498 9.20 26.82 -46.15
C GLY D 498 8.49 26.47 -44.87
N ASN D 499 9.18 26.50 -43.73
CA ASN D 499 8.65 26.08 -42.46
C ASN D 499 7.96 24.70 -42.52
N PRO D 500 8.67 23.66 -42.93
CA PRO D 500 8.12 22.31 -42.80
C PRO D 500 8.06 21.88 -41.35
N ALA D 501 7.01 21.14 -41.01
CA ALA D 501 6.81 20.72 -39.64
C ALA D 501 7.93 19.78 -39.22
N LEU D 502 8.70 20.18 -38.22
CA LEU D 502 9.83 19.38 -37.77
C LEU D 502 9.33 18.32 -36.80
N ASN D 503 9.62 17.05 -37.11
CA ASN D 503 9.21 15.92 -36.27
C ASN D 503 10.29 15.48 -35.30
N ARG D 504 11.47 15.10 -35.80
CA ARG D 504 12.51 14.48 -35.00
C ARG D 504 13.72 15.38 -34.98
N VAL D 505 14.45 15.36 -33.86
CA VAL D 505 15.72 16.06 -33.76
C VAL D 505 16.70 15.16 -33.01
N ARG D 506 17.96 15.24 -33.40
CA ARG D 506 19.03 14.44 -32.82
C ARG D 506 20.29 15.28 -32.76
N TRP D 507 20.86 15.38 -31.56
CA TRP D 507 22.17 15.99 -31.40
C TRP D 507 23.26 15.05 -31.88
N THR D 508 24.28 15.62 -32.51
CA THR D 508 25.47 14.85 -32.77
C THR D 508 26.25 14.65 -31.47
N HIS D 509 27.12 13.64 -31.46
CA HIS D 509 27.84 13.29 -30.24
C HIS D 509 28.76 14.42 -29.80
N SER D 510 29.45 15.05 -30.76
CA SER D 510 30.33 16.15 -30.41
C SER D 510 29.58 17.36 -29.87
N GLY D 511 28.29 17.48 -30.17
CA GLY D 511 27.51 18.63 -29.73
C GLY D 511 27.69 19.88 -30.57
N ARG D 512 28.45 19.81 -31.67
CA ARG D 512 28.64 20.96 -32.54
C ARG D 512 27.62 21.03 -33.67
N GLU D 513 26.79 19.99 -33.86
CA GLU D 513 25.81 19.95 -34.94
C GLU D 513 24.53 19.31 -34.45
N ILE D 514 23.42 19.73 -35.05
CA ILE D 514 22.09 19.22 -34.76
C ILE D 514 21.47 18.81 -36.08
N ALA D 515 20.82 17.64 -36.10
CA ALA D 515 20.09 17.16 -37.27
C ALA D 515 18.61 17.09 -36.94
N VAL D 516 17.77 17.42 -37.93
CA VAL D 516 16.33 17.48 -37.74
C VAL D 516 15.67 16.88 -38.97
N GLY D 517 14.65 16.05 -38.73
CA GLY D 517 13.83 15.48 -39.79
C GLY D 517 12.41 15.99 -39.69
N ASP D 518 11.84 16.36 -40.83
CA ASP D 518 10.55 17.02 -40.93
C ASP D 518 9.51 16.05 -41.49
N SER D 519 8.32 16.57 -41.75
CA SER D 519 7.22 15.77 -42.27
C SER D 519 7.26 15.59 -43.78
N GLU D 520 8.38 15.91 -44.43
CA GLU D 520 8.55 15.74 -45.86
C GLU D 520 9.70 14.80 -46.20
N GLY D 521 10.18 14.01 -45.25
CA GLY D 521 11.32 13.15 -45.48
C GLY D 521 12.58 13.90 -45.85
N GLN D 522 12.79 15.07 -45.25
CA GLN D 522 13.88 15.97 -45.61
C GLN D 522 14.66 16.30 -44.35
N ILE D 523 15.95 15.99 -44.35
CA ILE D 523 16.82 16.19 -43.20
C ILE D 523 17.56 17.50 -43.35
N VAL D 524 17.68 18.25 -42.26
CA VAL D 524 18.42 19.51 -42.22
C VAL D 524 19.42 19.42 -41.09
N ILE D 525 20.66 19.83 -41.36
CA ILE D 525 21.73 19.84 -40.36
C ILE D 525 22.17 21.28 -40.16
N TYR D 526 22.25 21.70 -38.90
CA TYR D 526 22.71 23.03 -38.52
C TYR D 526 23.92 22.87 -37.60
N ASP D 527 25.00 23.57 -37.93
CA ASP D 527 26.14 23.66 -37.03
C ASP D 527 25.88 24.76 -36.02
N VAL D 528 26.10 24.46 -34.74
CA VAL D 528 25.91 25.40 -33.65
C VAL D 528 27.16 26.24 -33.53
N GLY D 529 26.99 27.51 -33.18
CA GLY D 529 28.12 28.36 -32.90
C GLY D 529 28.94 27.84 -31.74
N GLU D 530 30.25 28.02 -31.85
CA GLU D 530 31.17 27.55 -30.82
C GLU D 530 30.87 28.20 -29.48
N GLN D 531 30.43 29.46 -29.51
CA GLN D 531 30.12 30.16 -28.26
C GLN D 531 28.99 29.49 -27.49
N ILE D 532 27.95 29.02 -28.17
CA ILE D 532 26.87 28.32 -27.49
C ILE D 532 27.25 26.89 -27.15
N ALA D 533 27.68 26.11 -28.15
CA ALA D 533 27.85 24.67 -27.95
C ALA D 533 28.95 24.37 -26.94
N VAL D 534 30.08 25.06 -27.05
CA VAL D 534 31.22 24.77 -26.19
C VAL D 534 30.90 25.23 -24.77
N PRO D 535 30.91 24.37 -23.75
CA PRO D 535 30.67 24.86 -22.39
C PRO D 535 31.96 25.37 -21.76
N ARG D 536 31.87 26.54 -21.13
CA ARG D 536 32.97 27.03 -20.33
C ARG D 536 33.04 26.25 -19.03
N ASN D 537 34.17 26.37 -18.33
CA ASN D 537 34.35 25.63 -17.08
C ASN D 537 33.32 26.02 -16.03
N ASP D 538 32.78 27.24 -16.11
CA ASP D 538 31.80 27.74 -15.16
C ASP D 538 30.36 27.45 -15.55
N GLU D 539 30.13 26.86 -16.73
CA GLU D 539 28.75 26.57 -17.13
C GLU D 539 28.10 25.56 -16.20
N TRP D 540 28.89 24.63 -15.66
CA TRP D 540 28.35 23.65 -14.73
C TRP D 540 27.89 24.32 -13.44
N ALA D 541 28.74 25.17 -12.87
CA ALA D 541 28.35 25.91 -11.68
C ALA D 541 27.22 26.89 -11.98
N ARG D 542 27.23 27.48 -13.18
CA ARG D 542 26.14 28.37 -13.56
C ARG D 542 24.81 27.63 -13.58
N PHE D 543 24.79 26.42 -14.14
CA PHE D 543 23.57 25.63 -14.17
C PHE D 543 23.18 25.16 -12.78
N GLY D 544 24.16 24.86 -11.93
CA GLY D 544 23.85 24.54 -10.54
C GLY D 544 23.19 25.70 -9.83
N ARG D 545 23.71 26.91 -10.00
CA ARG D 545 23.08 28.09 -9.41
C ARG D 545 21.70 28.33 -9.98
N THR D 546 21.54 28.13 -11.29
CA THR D 546 20.22 28.31 -11.90
C THR D 546 19.21 27.32 -11.33
N LEU D 547 19.63 26.06 -11.17
CA LEU D 547 18.74 25.05 -10.60
C LEU D 547 18.43 25.37 -9.15
N ALA D 548 19.41 25.89 -8.41
CA ALA D 548 19.14 26.33 -7.05
C ALA D 548 18.12 27.46 -7.03
N GLU D 549 18.20 28.36 -8.01
CA GLU D 549 17.30 29.50 -8.05
C GLU D 549 15.84 29.06 -8.21
N ILE D 550 15.59 28.09 -9.09
CA ILE D 550 14.23 27.69 -9.38
C ILE D 550 13.74 26.73 -8.31
N GLN E 179 14.15 -53.14 1.67
CA GLN E 179 13.36 -52.54 0.61
C GLN E 179 12.15 -51.81 1.18
N LEU E 180 11.63 -52.32 2.30
CA LEU E 180 10.57 -51.65 3.03
C LEU E 180 11.09 -50.86 4.22
N GLN E 181 12.26 -51.23 4.75
CA GLN E 181 12.82 -50.51 5.89
C GLN E 181 13.15 -49.06 5.52
N ASP E 182 13.73 -48.85 4.34
CA ASP E 182 13.97 -47.49 3.89
C ASP E 182 12.67 -46.73 3.73
N GLU E 183 11.64 -47.39 3.23
CA GLU E 183 10.34 -46.75 3.09
C GLU E 183 9.78 -46.33 4.44
N LEU E 184 9.97 -47.16 5.46
CA LEU E 184 9.59 -46.79 6.81
C LEU E 184 10.36 -45.55 7.26
N GLU E 185 11.66 -45.49 6.92
CA GLU E 185 12.43 -44.29 7.19
C GLU E 185 11.84 -43.08 6.48
N ARG E 186 11.32 -43.27 5.28
CA ARG E 186 10.70 -42.16 4.56
C ARG E 186 9.49 -41.64 5.32
N GLN E 187 8.70 -42.54 5.90
CA GLN E 187 7.54 -42.11 6.68
C GLN E 187 7.97 -41.42 7.97
N GLN E 188 9.08 -41.86 8.56
CA GLN E 188 9.64 -41.13 9.70
C GLN E 188 10.06 -39.71 9.29
N LEU E 189 10.71 -39.59 8.12
CA LEU E 189 11.07 -38.27 7.61
C LEU E 189 9.83 -37.42 7.39
N HIS E 190 8.76 -38.01 6.85
CA HIS E 190 7.52 -37.28 6.65
C HIS E 190 6.92 -36.84 7.96
N LEU E 191 7.03 -37.69 9.00
CA LEU E 191 6.56 -37.30 10.33
C LEU E 191 7.29 -36.06 10.82
N ARG E 192 8.62 -36.06 10.71
CA ARG E 192 9.39 -34.89 11.15
C ARG E 192 9.05 -33.66 10.32
N GLU E 193 8.91 -33.84 9.01
CA GLU E 193 8.57 -32.72 8.13
C GLU E 193 7.22 -32.12 8.49
N ALA E 194 6.22 -32.98 8.70
CA ALA E 194 4.88 -32.49 9.02
C ALA E 194 4.85 -31.85 10.39
N ASP E 195 5.61 -32.38 11.35
CA ASP E 195 5.68 -31.72 12.66
C ASP E 195 6.29 -30.33 12.54
N ARG E 196 7.38 -30.20 11.76
CA ARG E 196 7.98 -28.89 11.58
C ARG E 196 7.02 -27.93 10.89
N GLU E 197 6.34 -28.40 9.84
CA GLU E 197 5.40 -27.54 9.12
C GLU E 197 4.24 -27.13 10.02
N LYS E 198 3.71 -28.06 10.81
CA LYS E 198 2.61 -27.75 11.72
C LYS E 198 3.05 -26.73 12.75
N THR E 199 4.25 -26.88 13.29
CA THR E 199 4.76 -25.91 14.25
C THR E 199 4.88 -24.53 13.61
N ARG E 200 5.44 -24.46 12.41
CA ARG E 200 5.56 -23.17 11.73
C ARG E 200 4.19 -22.54 11.49
N ALA E 201 3.25 -23.33 10.98
CA ALA E 201 1.94 -22.79 10.64
C ALA E 201 1.19 -22.33 11.89
N VAL E 202 1.22 -23.12 12.96
CA VAL E 202 0.48 -22.76 14.16
C VAL E 202 1.12 -21.55 14.84
N GLN E 203 2.46 -21.47 14.83
CA GLN E 203 3.10 -20.28 15.38
C GLN E 203 2.75 -19.04 14.56
N GLU E 204 2.75 -19.16 13.23
CA GLU E 204 2.40 -18.03 12.39
C GLU E 204 0.97 -17.58 12.67
N LEU E 205 0.05 -18.54 12.78
CA LEU E 205 -1.34 -18.19 13.07
C LEU E 205 -1.49 -17.56 14.44
N SER E 206 -0.72 -18.04 15.43
CA SER E 206 -0.76 -17.45 16.76
C SER E 206 -0.27 -16.00 16.72
N GLU E 207 0.79 -15.74 15.97
CA GLU E 207 1.29 -14.37 15.86
C GLU E 207 0.28 -13.47 15.18
N GLN E 208 -0.35 -13.95 14.11
CA GLN E 208 -1.40 -13.15 13.46
C GLN E 208 -2.55 -12.89 14.42
N ASN E 209 -2.94 -13.92 15.18
CA ASN E 209 -4.00 -13.78 16.17
C ASN E 209 -3.66 -12.71 17.20
N GLN E 210 -2.42 -12.72 17.69
CA GLN E 210 -2.05 -11.77 18.75
C GLN E 210 -1.94 -10.36 18.22
N ARG E 211 -1.43 -10.20 16.99
CA ARG E 211 -1.41 -8.88 16.37
C ARG E 211 -2.84 -8.33 16.23
N LEU E 212 -3.76 -9.19 15.78
CA LEU E 212 -5.14 -8.72 15.62
C LEU E 212 -5.78 -8.43 16.97
N LEU E 213 -5.44 -9.18 18.01
CA LEU E 213 -5.96 -8.87 19.33
C LEU E 213 -5.45 -7.53 19.83
N ASP E 214 -4.16 -7.24 19.59
CA ASP E 214 -3.63 -5.95 19.98
C ASP E 214 -4.33 -4.82 19.23
N GLN E 215 -4.54 -5.00 17.92
CA GLN E 215 -5.23 -3.98 17.15
C GLN E 215 -6.68 -3.83 17.60
N LEU E 216 -7.31 -4.94 18.01
CA LEU E 216 -8.66 -4.87 18.55
C LEU E 216 -8.68 -4.05 19.84
N SER E 217 -7.71 -4.26 20.71
CA SER E 217 -7.65 -3.47 21.94
C SER E 217 -7.45 -1.99 21.63
N ARG E 218 -6.57 -1.69 20.68
CA ARG E 218 -6.33 -0.30 20.30
C ARG E 218 -7.60 0.34 19.76
N ALA E 219 -8.30 -0.37 18.87
CA ALA E 219 -9.55 0.15 18.33
C ALA E 219 -10.62 0.32 19.41
N SER E 220 -10.69 -0.61 20.36
CA SER E 220 -11.65 -0.49 21.44
C SER E 220 -11.35 0.73 22.31
N GLU E 221 -10.07 0.97 22.59
CA GLU E 221 -9.70 2.16 23.36
C GLU E 221 -10.07 3.44 22.61
N VAL E 222 -9.81 3.47 21.29
CA VAL E 222 -10.15 4.63 20.49
C VAL E 222 -11.66 4.87 20.53
N GLU E 223 -12.43 3.80 20.34
CA GLU E 223 -13.89 3.90 20.39
C GLU E 223 -14.35 4.40 21.75
N ARG E 224 -13.71 3.94 22.82
CA ARG E 224 -14.09 4.39 24.16
C ARG E 224 -13.86 5.89 24.33
N GLN E 225 -12.67 6.37 24.01
CA GLN E 225 -12.38 7.80 24.21
C GLN E 225 -13.30 8.65 23.33
N LEU E 226 -13.56 8.19 22.11
CA LEU E 226 -14.35 8.99 21.20
C LEU E 226 -15.82 8.99 21.62
N SER E 227 -16.30 7.89 22.19
CA SER E 227 -17.65 7.87 22.75
C SER E 227 -17.75 8.78 23.97
N MET E 228 -16.71 8.82 24.80
CA MET E 228 -16.67 9.79 25.90
C MET E 228 -16.79 11.20 25.36
N GLN E 229 -16.05 11.51 24.30
CA GLN E 229 -16.13 12.85 23.71
C GLN E 229 -17.52 13.11 23.16
N VAL E 230 -18.15 12.10 22.55
CA VAL E 230 -19.51 12.23 22.04
C VAL E 230 -20.47 12.62 23.17
N HIS E 231 -20.41 11.88 24.27
CA HIS E 231 -21.33 12.14 25.38
C HIS E 231 -21.10 13.53 25.98
N ALA E 232 -19.84 13.89 26.21
CA ALA E 232 -19.54 15.20 26.77
C ALA E 232 -20.01 16.31 25.84
N LEU E 233 -19.78 16.13 24.54
CA LEU E 233 -20.21 17.16 23.58
C LEU E 233 -21.72 17.29 23.56
N LYS E 234 -22.45 16.17 23.60
CA LYS E 234 -23.92 16.26 23.62
C LYS E 234 -24.41 17.00 24.85
N GLU E 235 -23.82 16.72 26.01
CA GLU E 235 -24.23 17.45 27.22
C GLU E 235 -23.94 18.94 27.07
N ASP E 236 -22.74 19.27 26.59
CA ASP E 236 -22.39 20.67 26.36
C ASP E 236 -23.37 21.33 25.40
N PHE E 237 -23.84 20.57 24.40
CA PHE E 237 -24.69 21.16 23.38
C PHE E 237 -26.09 21.40 23.91
N ARG E 238 -26.58 20.49 24.77
CA ARG E 238 -27.85 20.78 25.45
C ARG E 238 -27.75 22.05 26.27
N GLU E 239 -26.67 22.18 27.05
CA GLU E 239 -26.51 23.36 27.88
C GLU E 239 -26.45 24.63 27.05
N LYS E 240 -25.67 24.60 25.96
CA LYS E 240 -25.52 25.80 25.15
C LYS E 240 -26.77 26.09 24.33
N ASN E 241 -27.57 25.07 24.03
CA ASN E 241 -28.84 25.31 23.35
C ASN E 241 -29.82 26.03 24.27
N SER E 242 -29.89 25.59 25.54
CA SER E 242 -30.70 26.32 26.51
C SER E 242 -30.21 27.76 26.63
N SER E 243 -28.89 27.92 26.73
CA SER E 243 -28.30 29.26 26.77
C SER E 243 -28.72 30.08 25.56
N THR E 244 -28.67 29.50 24.36
CA THR E 244 -28.89 30.25 23.13
C THR E 244 -30.36 30.66 23.00
N ASN E 245 -31.29 29.81 23.44
CA ASN E 245 -32.68 30.23 23.46
C ASN E 245 -32.87 31.42 24.38
N GLN E 246 -32.32 31.34 25.59
CA GLN E 246 -32.34 32.50 26.49
C GLN E 246 -31.66 33.71 25.84
N HIS E 247 -30.65 33.44 25.02
CA HIS E 247 -29.77 34.46 24.49
C HIS E 247 -30.52 35.29 23.45
N ILE E 248 -31.27 34.59 22.59
CA ILE E 248 -32.20 35.24 21.66
C ILE E 248 -33.24 36.06 22.42
N ILE E 249 -33.78 35.47 23.49
CA ILE E 249 -34.80 36.19 24.26
C ILE E 249 -34.24 37.50 24.79
N ARG E 250 -32.98 37.50 25.23
CA ARG E 250 -32.43 38.71 25.82
C ARG E 250 -32.09 39.73 24.74
N LEU E 251 -31.72 39.27 23.52
CA LEU E 251 -31.68 40.23 22.41
C LEU E 251 -33.00 40.94 22.23
N GLU E 252 -34.09 40.18 22.17
CA GLU E 252 -35.39 40.81 21.92
C GLU E 252 -35.74 41.79 23.04
N SER E 253 -35.48 41.38 24.29
CA SER E 253 -35.76 42.25 25.43
C SER E 253 -34.92 43.53 25.37
N LEU E 254 -33.63 43.41 25.06
CA LEU E 254 -32.79 44.61 25.04
C LEU E 254 -33.16 45.53 23.89
N GLN E 255 -33.58 44.96 22.76
CA GLN E 255 -34.01 45.81 21.64
C GLN E 255 -35.24 46.62 22.04
N ALA E 256 -36.23 45.97 22.67
CA ALA E 256 -37.39 46.71 23.16
C ALA E 256 -36.96 47.77 24.17
N GLU E 257 -36.02 47.41 25.04
CA GLU E 257 -35.51 48.37 26.01
C GLU E 257 -34.88 49.57 25.32
N ILE E 258 -34.07 49.34 24.30
CA ILE E 258 -33.40 50.45 23.63
C ILE E 258 -34.43 51.37 22.99
N LYS E 259 -35.49 50.80 22.40
CA LYS E 259 -36.49 51.65 21.76
C LYS E 259 -37.23 52.51 22.77
N MET E 260 -37.76 51.91 23.84
CA MET E 260 -38.43 52.72 24.87
C MET E 260 -37.47 53.72 25.50
N LEU E 261 -36.23 53.30 25.71
CA LEU E 261 -35.25 54.15 26.37
C LEU E 261 -34.95 55.37 25.52
N SER E 262 -34.80 55.19 24.20
CA SER E 262 -34.61 56.32 23.29
C SER E 262 -35.83 57.22 23.25
N ASP E 263 -37.03 56.63 23.28
CA ASP E 263 -38.23 57.45 23.33
C ASP E 263 -38.20 58.37 24.54
N ARG E 264 -37.83 57.83 25.70
CA ARG E 264 -37.77 58.67 26.90
C ARG E 264 -36.53 59.55 26.88
N LYS E 265 -35.52 59.26 26.05
CA LYS E 265 -34.48 60.25 25.81
C LYS E 265 -35.06 61.50 25.18
N ARG E 266 -35.82 61.33 24.10
CA ARG E 266 -36.45 62.49 23.49
C ARG E 266 -37.39 63.17 24.47
N GLU E 267 -38.12 62.38 25.27
CA GLU E 267 -38.96 62.95 26.30
C GLU E 267 -38.18 63.85 27.25
N LEU E 268 -37.15 63.30 27.90
CA LEU E 268 -36.39 64.04 28.89
C LEU E 268 -35.70 65.25 28.28
N GLU E 269 -35.22 65.13 27.04
CA GLU E 269 -34.55 66.27 26.42
C GLU E 269 -35.54 67.39 26.11
N HIS E 270 -36.77 67.04 25.70
CA HIS E 270 -37.79 68.08 25.53
C HIS E 270 -38.19 68.69 26.87
N ARG E 271 -38.26 67.87 27.93
CA ARG E 271 -38.52 68.43 29.25
C ARG E 271 -37.43 69.42 29.65
N LEU E 272 -36.17 69.06 29.39
CA LEU E 272 -35.06 69.96 29.71
C LEU E 272 -35.10 71.23 28.88
N SER E 273 -35.44 71.11 27.60
CA SER E 273 -35.56 72.30 26.76
C SER E 273 -36.65 73.22 27.28
N ALA E 274 -37.81 72.66 27.64
CA ALA E 274 -38.89 73.47 28.19
C ALA E 274 -38.48 74.09 29.52
N THR E 275 -37.83 73.29 30.38
CA THR E 275 -37.37 73.78 31.66
C THR E 275 -36.38 74.92 31.46
N LEU E 276 -35.51 74.81 30.48
CA LEU E 276 -34.51 75.83 30.25
C LEU E 276 -35.13 77.09 29.67
N GLU E 277 -36.12 76.94 28.77
CA GLU E 277 -36.79 78.12 28.24
C GLU E 277 -37.54 78.86 29.34
N GLU E 278 -38.23 78.13 30.23
CA GLU E 278 -38.94 78.81 31.32
C GLU E 278 -37.96 79.33 32.36
N ASN E 279 -36.79 78.71 32.48
CA ASN E 279 -35.70 79.31 33.23
C ASN E 279 -35.28 80.65 32.63
N ASP E 280 -35.18 80.73 31.31
CA ASP E 280 -34.83 81.99 30.67
C ASP E 280 -35.96 83.01 30.82
N LEU E 281 -37.20 82.53 30.78
CA LEU E 281 -38.34 83.41 31.01
C LEU E 281 -38.31 83.96 32.43
N LEU E 282 -37.98 83.13 33.41
CA LEU E 282 -37.83 83.60 34.78
C LEU E 282 -36.62 84.51 34.92
N GLN E 283 -35.59 84.30 34.10
CA GLN E 283 -34.46 85.22 34.09
C GLN E 283 -34.90 86.59 33.61
N GLY E 284 -35.67 86.63 32.53
CA GLY E 284 -36.26 87.89 32.09
C GLY E 284 -37.18 88.48 33.15
N THR E 285 -37.93 87.63 33.84
CA THR E 285 -38.87 88.11 34.85
C THR E 285 -38.14 88.75 36.02
N VAL E 286 -37.13 88.07 36.56
CA VAL E 286 -36.39 88.62 37.70
C VAL E 286 -35.60 89.84 37.27
N GLU E 287 -35.09 89.86 36.04
CA GLU E 287 -34.40 91.05 35.56
C GLU E 287 -35.34 92.24 35.48
N GLU E 288 -36.55 92.02 34.94
CA GLU E 288 -37.54 93.08 34.90
C GLU E 288 -37.93 93.52 36.31
N LEU E 289 -38.03 92.57 37.24
CA LEU E 289 -38.39 92.91 38.61
C LEU E 289 -37.27 93.69 39.30
N GLN E 290 -36.02 93.35 38.98
CA GLN E 290 -34.90 94.10 39.53
C GLN E 290 -34.89 95.52 39.00
N ASP E 291 -35.16 95.68 37.70
CA ASP E 291 -35.28 97.02 37.12
C ASP E 291 -36.44 97.79 37.74
N ARG E 292 -37.56 97.11 37.98
CA ARG E 292 -38.70 97.76 38.61
C ARG E 292 -38.37 98.15 40.05
N VAL E 293 -37.61 97.32 40.76
CA VAL E 293 -37.17 97.66 42.10
C VAL E 293 -36.32 98.92 42.06
N LEU E 294 -35.37 98.97 41.11
CA LEU E 294 -34.55 100.17 40.92
C LEU E 294 -35.42 101.39 40.62
N ILE E 295 -36.39 101.24 39.72
CA ILE E 295 -37.19 102.39 39.28
C ILE E 295 -38.07 102.90 40.42
N LEU E 296 -38.69 101.99 41.18
CA LEU E 296 -39.57 102.46 42.23
C LEU E 296 -38.75 103.05 43.37
N GLU E 297 -37.56 102.51 43.64
CA GLU E 297 -36.72 103.11 44.66
C GLU E 297 -36.21 104.48 44.21
N ARG E 298 -35.93 104.63 42.91
CA ARG E 298 -35.63 105.94 42.35
C ARG E 298 -36.79 106.91 42.57
N GLN E 299 -38.02 106.44 42.31
CA GLN E 299 -39.21 107.26 42.54
C GLN E 299 -39.34 107.66 43.99
N GLY E 300 -39.28 106.69 44.91
CA GLY E 300 -39.39 106.96 46.33
C GLY E 300 -38.27 107.86 46.81
N HIS E 301 -37.11 107.80 46.15
CA HIS E 301 -36.02 108.66 46.54
C HIS E 301 -36.24 110.11 46.13
N ASP E 302 -36.56 110.35 44.86
CA ASP E 302 -36.83 111.73 44.44
C ASP E 302 -37.99 112.28 45.26
N LYS E 303 -38.93 111.41 45.57
CA LYS E 303 -40.02 111.70 46.48
C LYS E 303 -39.49 112.06 47.87
N ASP E 304 -38.41 111.40 48.33
CA ASP E 304 -37.80 111.75 49.61
C ASP E 304 -37.11 113.11 49.56
N LEU E 305 -36.37 113.36 48.48
CA LEU E 305 -35.76 114.67 48.26
C LEU E 305 -36.81 115.76 48.39
N GLN E 306 -37.94 115.58 47.72
CA GLN E 306 -38.93 116.64 47.68
C GLN E 306 -39.77 116.67 48.97
N LEU E 307 -39.87 115.56 49.71
CA LEU E 307 -40.56 115.67 51.00
C LEU E 307 -39.73 116.53 51.93
N HIS E 308 -38.43 116.28 51.95
CA HIS E 308 -37.59 117.01 52.88
C HIS E 308 -37.52 118.47 52.48
N GLN E 309 -37.44 118.73 51.17
CA GLN E 309 -37.50 120.09 50.65
C GLN E 309 -38.79 120.78 51.05
N SER E 310 -39.93 120.09 50.90
CA SER E 310 -41.22 120.69 51.20
C SER E 310 -41.33 121.04 52.67
N GLN E 311 -40.96 120.12 53.57
CA GLN E 311 -41.16 120.42 54.98
C GLN E 311 -40.08 121.36 55.51
N LEU E 312 -38.93 121.42 54.85
CA LEU E 312 -37.97 122.47 55.17
C LEU E 312 -38.51 123.83 54.80
N GLU E 313 -39.05 123.94 53.59
CA GLU E 313 -39.68 125.18 53.17
C GLU E 313 -40.83 125.55 54.08
N LEU E 314 -41.50 124.54 54.64
CA LEU E 314 -42.49 124.77 55.69
C LEU E 314 -41.85 125.35 56.94
N GLN E 315 -40.66 124.87 57.29
CA GLN E 315 -39.97 125.36 58.48
C GLN E 315 -39.49 126.80 58.28
N GLN F 179 6.96 -58.00 10.34
CA GLN F 179 6.83 -56.96 11.35
C GLN F 179 6.82 -55.57 10.73
N LEU F 180 7.51 -55.43 9.59
CA LEU F 180 7.63 -54.14 8.93
C LEU F 180 6.26 -53.61 8.53
N GLN F 181 5.36 -54.49 8.09
CA GLN F 181 4.01 -54.05 7.74
C GLN F 181 3.32 -53.45 8.95
N ASP F 182 3.52 -54.05 10.13
CA ASP F 182 2.82 -53.64 11.33
C ASP F 182 3.11 -52.19 11.68
N GLU F 183 4.39 -51.83 11.73
CA GLU F 183 4.75 -50.45 12.04
C GLU F 183 4.57 -49.53 10.84
N LEU F 184 4.68 -50.05 9.62
CA LEU F 184 4.57 -49.18 8.44
C LEU F 184 3.14 -48.66 8.29
N GLU F 185 2.15 -49.56 8.37
CA GLU F 185 0.76 -49.12 8.27
C GLU F 185 0.40 -48.20 9.43
N ARG F 186 0.91 -48.50 10.61
CA ARG F 186 0.66 -47.65 11.77
C ARG F 186 1.25 -46.26 11.57
N GLN F 187 2.46 -46.19 11.01
CA GLN F 187 3.07 -44.89 10.77
C GLN F 187 2.32 -44.12 9.70
N GLN F 188 1.83 -44.80 8.66
CA GLN F 188 1.02 -44.12 7.66
C GLN F 188 -0.24 -43.54 8.28
N LEU F 189 -1.00 -44.36 9.00
CA LEU F 189 -2.25 -43.88 9.56
C LEU F 189 -2.02 -42.88 10.68
N HIS F 190 -0.85 -42.95 11.33
CA HIS F 190 -0.53 -41.95 12.35
C HIS F 190 -0.10 -40.64 11.73
N LEU F 191 0.55 -40.68 10.57
CA LEU F 191 0.77 -39.46 9.80
C LEU F 191 -0.57 -38.83 9.45
N ARG F 192 -1.52 -39.66 9.02
CA ARG F 192 -2.87 -39.15 8.75
C ARG F 192 -3.49 -38.55 10.01
N GLU F 193 -3.33 -39.23 11.15
CA GLU F 193 -3.89 -38.73 12.40
C GLU F 193 -3.27 -37.41 12.83
N ALA F 194 -1.95 -37.28 12.72
CA ALA F 194 -1.31 -36.00 13.01
C ALA F 194 -1.80 -34.93 12.07
N ASP F 195 -2.02 -35.28 10.80
CA ASP F 195 -2.62 -34.34 9.87
C ASP F 195 -4.02 -33.94 10.32
N ARG F 196 -4.77 -34.85 10.93
CA ARG F 196 -6.10 -34.49 11.44
C ARG F 196 -6.02 -33.40 12.50
N GLU F 197 -5.11 -33.57 13.46
CA GLU F 197 -4.94 -32.55 14.50
C GLU F 197 -4.42 -31.25 13.92
N LYS F 198 -3.50 -31.34 12.95
CA LYS F 198 -3.03 -30.13 12.27
C LYS F 198 -4.18 -29.41 11.59
N THR F 199 -5.02 -30.17 10.89
CA THR F 199 -6.15 -29.57 10.19
C THR F 199 -7.11 -28.90 11.16
N ARG F 200 -7.39 -29.57 12.28
CA ARG F 200 -8.31 -28.99 13.26
C ARG F 200 -7.75 -27.70 13.83
N ALA F 201 -6.46 -27.70 14.18
CA ALA F 201 -5.85 -26.51 14.75
C ALA F 201 -5.79 -25.37 13.74
N VAL F 202 -5.43 -25.68 12.50
CA VAL F 202 -5.38 -24.64 11.47
C VAL F 202 -6.76 -24.07 11.22
N GLN F 203 -7.79 -24.92 11.16
CA GLN F 203 -9.14 -24.44 10.97
C GLN F 203 -9.59 -23.56 12.13
N GLU F 204 -9.32 -23.98 13.37
CA GLU F 204 -9.74 -23.18 14.51
C GLU F 204 -9.04 -21.83 14.53
N LEU F 205 -7.72 -21.82 14.29
CA LEU F 205 -7.00 -20.56 14.32
C LEU F 205 -7.40 -19.67 13.14
N SER F 206 -7.73 -20.28 12.00
CA SER F 206 -8.18 -19.49 10.86
C SER F 206 -9.54 -18.85 11.15
N GLU F 207 -10.45 -19.60 11.80
CA GLU F 207 -11.74 -19.03 12.16
C GLU F 207 -11.58 -17.93 13.20
N GLN F 208 -10.68 -18.12 14.17
CA GLN F 208 -10.42 -17.06 15.14
C GLN F 208 -9.84 -15.84 14.46
N ASN F 209 -8.93 -16.05 13.50
CA ASN F 209 -8.36 -14.94 12.74
C ASN F 209 -9.44 -14.21 11.96
N GLN F 210 -10.34 -14.94 11.31
CA GLN F 210 -11.41 -14.31 10.56
C GLN F 210 -12.36 -13.55 11.49
N ARG F 211 -12.68 -14.13 12.65
CA ARG F 211 -13.55 -13.45 13.60
C ARG F 211 -12.91 -12.17 14.11
N LEU F 212 -11.60 -12.20 14.38
CA LEU F 212 -10.93 -11.00 14.87
C LEU F 212 -10.80 -9.97 13.77
N LEU F 213 -10.61 -10.40 12.52
CA LEU F 213 -10.64 -9.45 11.41
C LEU F 213 -12.00 -8.79 11.29
N ASP F 214 -13.07 -9.58 11.43
CA ASP F 214 -14.42 -9.02 11.38
C ASP F 214 -14.66 -8.05 12.53
N GLN F 215 -14.20 -8.42 13.73
CA GLN F 215 -14.38 -7.55 14.89
C GLN F 215 -13.60 -6.27 14.73
N LEU F 216 -12.40 -6.33 14.18
CA LEU F 216 -11.62 -5.13 13.93
C LEU F 216 -12.26 -4.27 12.85
N SER F 217 -12.86 -4.90 11.83
CA SER F 217 -13.55 -4.13 10.81
C SER F 217 -14.78 -3.43 11.39
N ARG F 218 -15.52 -4.12 12.24
CA ARG F 218 -16.67 -3.50 12.89
C ARG F 218 -16.24 -2.38 13.85
N ALA F 219 -15.12 -2.59 14.55
CA ALA F 219 -14.58 -1.54 15.39
C ALA F 219 -14.16 -0.34 14.55
N SER F 220 -13.58 -0.59 13.37
CA SER F 220 -13.24 0.50 12.45
C SER F 220 -14.50 1.22 11.97
N GLU F 221 -15.56 0.47 11.69
CA GLU F 221 -16.81 1.09 11.28
C GLU F 221 -17.38 1.98 12.39
N VAL F 222 -17.41 1.48 13.62
CA VAL F 222 -17.92 2.27 14.73
C VAL F 222 -17.00 3.45 15.00
N GLU F 223 -15.70 3.25 14.85
CA GLU F 223 -14.74 4.34 14.94
C GLU F 223 -15.05 5.42 13.92
N ARG F 224 -15.29 5.02 12.68
CA ARG F 224 -15.56 6.01 11.62
C ARG F 224 -16.86 6.74 11.86
N GLN F 225 -17.91 6.01 12.28
CA GLN F 225 -19.18 6.67 12.57
C GLN F 225 -19.04 7.64 13.73
N LEU F 226 -18.37 7.24 14.80
CA LEU F 226 -18.15 8.14 15.92
C LEU F 226 -17.23 9.29 15.53
N SER F 227 -16.35 9.07 14.55
CA SER F 227 -15.42 10.13 14.16
C SER F 227 -16.10 11.18 13.31
N MET F 228 -16.91 10.76 12.34
CA MET F 228 -17.71 11.74 11.61
C MET F 228 -18.70 12.42 12.55
N GLN F 229 -19.25 11.67 13.52
CA GLN F 229 -20.06 12.29 14.55
C GLN F 229 -19.30 13.38 15.28
N VAL F 230 -18.15 13.07 15.86
CA VAL F 230 -17.43 14.04 16.68
C VAL F 230 -16.93 15.20 15.83
N HIS F 231 -16.54 14.93 14.59
CA HIS F 231 -16.08 16.03 13.74
C HIS F 231 -17.23 16.96 13.40
N ALA F 232 -18.38 16.41 13.03
CA ALA F 232 -19.55 17.26 12.81
C ALA F 232 -19.98 17.94 14.11
N LEU F 233 -19.76 17.28 15.25
CA LEU F 233 -20.17 17.85 16.53
C LEU F 233 -19.27 19.02 16.90
N LYS F 234 -17.98 18.90 16.62
CA LYS F 234 -17.05 20.00 16.89
C LYS F 234 -17.26 21.12 15.88
N GLU F 235 -17.59 20.78 14.63
CA GLU F 235 -17.98 21.81 13.68
C GLU F 235 -19.23 22.53 14.16
N ASP F 236 -20.22 21.78 14.67
CA ASP F 236 -21.41 22.39 15.23
C ASP F 236 -21.07 23.23 16.44
N PHE F 237 -20.15 22.75 17.28
CA PHE F 237 -19.73 23.51 18.45
C PHE F 237 -19.14 24.84 18.05
N ARG F 238 -18.18 24.82 17.12
CA ARG F 238 -17.55 26.04 16.67
C ARG F 238 -18.54 26.94 15.94
N GLU F 239 -19.54 26.35 15.27
CA GLU F 239 -20.48 27.16 14.51
C GLU F 239 -21.53 27.80 15.42
N LYS F 240 -22.06 27.06 16.39
CA LYS F 240 -22.98 27.67 17.33
C LYS F 240 -22.23 28.56 18.31
N ASN F 241 -20.92 28.33 18.48
CA ASN F 241 -20.10 29.26 19.25
C ASN F 241 -19.85 30.53 18.47
N SER F 242 -19.72 30.40 17.14
CA SER F 242 -19.74 31.59 16.30
C SER F 242 -21.06 32.33 16.45
N SER F 243 -22.17 31.61 16.39
CA SER F 243 -23.48 32.22 16.60
C SER F 243 -23.54 32.93 17.95
N THR F 244 -23.10 32.24 19.00
CA THR F 244 -23.13 32.79 20.34
C THR F 244 -22.19 33.99 20.47
N ASN F 245 -21.04 33.95 19.80
CA ASN F 245 -20.08 35.05 19.88
C ASN F 245 -20.59 36.29 19.14
N GLN F 246 -21.06 36.12 17.91
CA GLN F 246 -21.65 37.24 17.20
C GLN F 246 -22.84 37.78 17.96
N HIS F 247 -23.64 36.90 18.53
CA HIS F 247 -24.87 37.26 19.20
C HIS F 247 -24.58 37.98 20.51
N ILE F 248 -23.58 37.49 21.26
CA ILE F 248 -23.25 38.13 22.54
C ILE F 248 -22.46 39.41 22.30
N ILE F 249 -21.77 39.52 21.16
CA ILE F 249 -21.13 40.80 20.82
C ILE F 249 -22.18 41.82 20.39
N ARG F 250 -23.19 41.38 19.64
CA ARG F 250 -24.32 42.25 19.34
C ARG F 250 -25.00 42.69 20.62
N LEU F 251 -25.12 41.78 21.58
CA LEU F 251 -25.72 42.12 22.87
C LEU F 251 -24.83 43.02 23.69
N GLU F 252 -23.51 42.85 23.60
CA GLU F 252 -22.61 43.77 24.26
C GLU F 252 -22.74 45.15 23.65
N SER F 253 -22.92 45.22 22.34
CA SER F 253 -23.26 46.49 21.70
C SER F 253 -24.57 47.04 22.24
N LEU F 254 -25.61 46.20 22.33
CA LEU F 254 -26.90 46.65 22.82
C LEU F 254 -26.79 47.18 24.24
N GLN F 255 -26.13 46.42 25.12
CA GLN F 255 -26.05 46.81 26.51
C GLN F 255 -25.12 47.99 26.70
N ALA F 256 -24.05 48.09 25.91
CA ALA F 256 -23.16 49.23 26.00
C ALA F 256 -23.85 50.50 25.53
N GLU F 257 -24.64 50.39 24.47
CA GLU F 257 -25.48 51.52 24.06
C GLU F 257 -26.46 51.86 25.16
N ILE F 258 -27.04 50.84 25.80
CA ILE F 258 -27.96 51.07 26.90
C ILE F 258 -27.25 51.77 28.05
N LYS F 259 -26.00 51.42 28.31
CA LYS F 259 -25.27 52.02 29.41
C LYS F 259 -24.88 53.46 29.10
N MET F 260 -24.45 53.73 27.87
CA MET F 260 -24.27 55.13 27.48
C MET F 260 -25.56 55.90 27.65
N LEU F 261 -26.65 55.39 27.08
CA LEU F 261 -27.89 56.13 27.11
C LEU F 261 -28.41 56.26 28.54
N SER F 262 -28.11 55.29 29.41
CA SER F 262 -28.59 55.33 30.79
C SER F 262 -27.71 56.24 31.65
N ASP F 263 -26.40 56.22 31.41
CA ASP F 263 -25.55 57.27 31.94
C ASP F 263 -26.07 58.63 31.52
N ARG F 264 -26.56 58.73 30.29
CA ARG F 264 -27.09 59.99 29.81
C ARG F 264 -28.47 60.27 30.41
N LYS F 265 -29.24 59.22 30.72
CA LYS F 265 -30.45 59.40 31.52
C LYS F 265 -30.10 60.01 32.87
N ARG F 266 -29.09 59.45 33.52
CA ARG F 266 -28.71 59.97 34.83
C ARG F 266 -28.18 61.38 34.71
N GLU F 267 -27.46 61.68 33.63
CA GLU F 267 -26.96 63.04 33.43
C GLU F 267 -28.10 64.01 33.16
N LEU F 268 -29.06 63.62 32.32
CA LEU F 268 -30.20 64.47 32.01
C LEU F 268 -31.08 64.63 33.23
N GLU F 269 -31.23 63.58 34.03
CA GLU F 269 -32.02 63.65 35.25
C GLU F 269 -31.32 64.48 36.31
N HIS F 270 -29.99 64.39 36.38
CA HIS F 270 -29.19 65.24 37.24
C HIS F 270 -29.37 66.70 36.86
N ARG F 271 -29.28 66.99 35.55
CA ARG F 271 -29.45 68.37 35.08
C ARG F 271 -30.88 68.84 35.30
N LEU F 272 -31.86 67.97 35.07
CA LEU F 272 -33.26 68.32 35.27
C LEU F 272 -33.54 68.61 36.75
N SER F 273 -32.98 67.78 37.64
CA SER F 273 -33.13 68.03 39.07
C SER F 273 -32.48 69.35 39.45
N ALA F 274 -31.26 69.61 38.97
CA ALA F 274 -30.58 70.85 39.29
C ALA F 274 -31.35 72.05 38.76
N THR F 275 -31.86 71.95 37.53
CA THR F 275 -32.57 73.07 36.94
C THR F 275 -33.91 73.29 37.61
N LEU F 276 -34.58 72.21 38.02
CA LEU F 276 -35.88 72.35 38.67
C LEU F 276 -35.70 72.92 40.08
N GLU F 277 -34.64 72.50 40.77
CA GLU F 277 -34.32 73.10 42.05
C GLU F 277 -34.01 74.58 41.89
N GLU F 278 -33.27 74.92 40.84
CA GLU F 278 -33.03 76.32 40.51
C GLU F 278 -34.32 77.04 40.21
N ASN F 279 -35.24 76.41 39.49
CA ASN F 279 -36.49 77.09 39.15
C ASN F 279 -37.34 77.31 40.39
N ASP F 280 -37.27 76.39 41.36
CA ASP F 280 -37.87 76.68 42.66
C ASP F 280 -37.21 77.89 43.30
N LEU F 281 -35.88 77.94 43.27
CA LEU F 281 -35.16 79.08 43.81
C LEU F 281 -35.55 80.37 43.10
N LEU F 282 -35.72 80.30 41.79
CA LEU F 282 -36.11 81.46 40.99
C LEU F 282 -37.54 81.90 41.31
N GLN F 283 -38.43 80.94 41.54
CA GLN F 283 -39.78 81.30 41.95
C GLN F 283 -39.76 81.97 43.31
N GLY F 284 -38.90 81.49 44.20
CA GLY F 284 -38.71 82.17 45.48
C GLY F 284 -38.18 83.58 45.31
N THR F 285 -37.22 83.76 44.40
CA THR F 285 -36.68 85.09 44.15
C THR F 285 -37.75 86.00 43.56
N VAL F 286 -38.56 85.47 42.64
CA VAL F 286 -39.63 86.27 42.05
C VAL F 286 -40.64 86.66 43.12
N GLU F 287 -40.99 85.73 44.00
CA GLU F 287 -41.93 86.04 45.07
C GLU F 287 -41.36 87.09 46.00
N GLU F 288 -40.08 86.98 46.35
CA GLU F 288 -39.47 87.97 47.24
C GLU F 288 -39.37 89.32 46.57
N LEU F 289 -39.01 89.35 45.28
CA LEU F 289 -38.94 90.61 44.55
C LEU F 289 -40.31 91.26 44.43
N GLN F 290 -41.35 90.47 44.16
CA GLN F 290 -42.68 91.02 44.06
C GLN F 290 -43.18 91.51 45.41
N ASP F 291 -42.85 90.79 46.49
CA ASP F 291 -43.21 91.24 47.82
C ASP F 291 -42.49 92.54 48.17
N ARG F 292 -41.22 92.64 47.79
CA ARG F 292 -40.48 93.89 47.97
C ARG F 292 -41.14 95.01 47.18
N VAL F 293 -41.57 94.72 45.95
CA VAL F 293 -42.26 95.70 45.14
C VAL F 293 -43.55 96.15 45.82
N LEU F 294 -44.26 95.20 46.43
CA LEU F 294 -45.50 95.52 47.13
C LEU F 294 -45.25 96.41 48.33
N ILE F 295 -44.22 96.09 49.12
CA ILE F 295 -43.87 96.91 50.27
C ILE F 295 -43.47 98.30 49.82
N LEU F 296 -42.69 98.37 48.75
CA LEU F 296 -42.26 99.64 48.20
C LEU F 296 -43.46 100.46 47.71
N GLU F 297 -44.45 99.80 47.12
CA GLU F 297 -45.67 100.50 46.69
C GLU F 297 -46.49 100.97 47.88
N ARG F 298 -46.48 100.21 48.97
CA ARG F 298 -47.16 100.66 50.18
C ARG F 298 -46.52 101.93 50.73
N GLN F 299 -45.19 101.93 50.83
CA GLN F 299 -44.47 103.18 51.11
C GLN F 299 -44.83 104.25 50.11
N GLY F 300 -45.00 103.83 48.84
CA GLY F 300 -45.48 104.71 47.80
C GLY F 300 -46.69 105.51 48.21
N HIS F 301 -47.80 104.81 48.47
CA HIS F 301 -49.06 105.46 48.81
C HIS F 301 -48.94 106.25 50.11
N ASP F 302 -48.19 105.70 51.09
CA ASP F 302 -48.06 106.38 52.37
C ASP F 302 -47.46 107.78 52.22
N LYS F 303 -46.27 107.88 51.64
CA LYS F 303 -45.71 109.22 51.56
C LYS F 303 -46.52 110.06 50.59
N ASP F 304 -47.09 109.47 49.51
CA ASP F 304 -47.92 110.26 48.59
C ASP F 304 -49.01 111.03 49.34
N LEU F 305 -49.65 110.37 50.31
CA LEU F 305 -50.52 111.08 51.23
C LEU F 305 -49.77 112.18 51.98
N GLN F 306 -48.57 111.85 52.48
CA GLN F 306 -47.81 112.85 53.25
C GLN F 306 -47.45 114.07 52.39
N LEU F 307 -47.07 113.85 51.13
CA LEU F 307 -46.92 114.94 50.18
C LEU F 307 -48.16 115.79 50.08
N HIS F 308 -49.32 115.14 49.96
CA HIS F 308 -50.55 115.91 49.77
C HIS F 308 -50.77 116.85 50.96
N GLN F 309 -50.62 116.33 52.19
CA GLN F 309 -50.72 117.23 53.34
C GLN F 309 -49.64 118.30 53.28
N SER F 310 -48.37 117.91 53.16
CA SER F 310 -47.27 118.86 53.31
C SER F 310 -47.37 120.00 52.29
N GLN F 311 -47.84 119.69 51.08
CA GLN F 311 -48.13 120.75 50.12
C GLN F 311 -49.32 121.59 50.58
N LEU F 312 -50.30 120.99 51.27
CA LEU F 312 -51.45 121.79 51.69
C LEU F 312 -51.07 122.86 52.71
N GLU F 313 -50.35 122.50 53.77
CA GLU F 313 -50.01 123.51 54.78
C GLU F 313 -49.05 124.54 54.20
N ILE G 7 -2.44 10.20 46.79
CA ILE G 7 -2.11 9.95 48.19
C ILE G 7 -2.85 10.93 49.10
N ALA G 8 -2.87 10.62 50.39
CA ALA G 8 -3.47 11.50 51.39
C ALA G 8 -2.92 11.15 52.75
N ASN G 9 -3.13 12.06 53.71
CA ASN G 9 -2.45 11.96 54.99
C ASN G 9 -3.18 11.06 55.98
N GLN G 10 -4.51 11.20 56.07
CA GLN G 10 -5.28 10.44 57.05
C GLN G 10 -6.76 10.41 56.68
N PRO G 11 -7.44 9.26 56.72
CA PRO G 11 -8.89 9.27 56.46
C PRO G 11 -9.67 9.69 57.68
N VAL G 12 -10.86 10.25 57.44
CA VAL G 12 -11.74 10.75 58.48
C VAL G 12 -12.93 9.82 58.59
N VAL G 13 -13.17 9.30 59.79
CA VAL G 13 -14.29 8.40 60.03
C VAL G 13 -15.46 9.20 60.58
N ILE G 14 -16.58 9.13 59.88
CA ILE G 14 -17.81 9.84 60.24
C ILE G 14 -18.92 8.81 60.32
N ASP G 15 -19.35 8.48 61.54
CA ASP G 15 -20.53 7.67 61.76
C ASP G 15 -21.71 8.63 61.87
N ASN G 16 -22.54 8.67 60.82
CA ASN G 16 -23.68 9.60 60.78
C ASN G 16 -24.94 8.90 61.31
N GLY G 17 -24.86 8.52 62.59
CA GLY G 17 -26.02 7.97 63.24
C GLY G 17 -27.17 8.96 63.29
N SER G 18 -28.40 8.43 63.29
CA SER G 18 -29.57 9.28 63.25
C SER G 18 -29.64 10.19 64.47
N GLY G 19 -29.34 9.66 65.64
CA GLY G 19 -29.35 10.47 66.84
C GLY G 19 -28.14 11.37 66.95
N VAL G 20 -26.96 10.77 67.08
CA VAL G 20 -25.72 11.48 67.33
C VAL G 20 -24.75 11.13 66.20
N ILE G 21 -24.07 12.15 65.68
CA ILE G 21 -23.05 11.97 64.66
C ILE G 21 -21.70 12.02 65.33
N LYS G 22 -20.86 11.04 65.03
CA LYS G 22 -19.59 10.84 65.71
C LYS G 22 -18.48 10.85 64.68
N ALA G 23 -17.59 11.86 64.76
CA ALA G 23 -16.57 12.10 63.77
C ALA G 23 -15.20 12.18 64.44
N GLY G 24 -14.21 11.62 63.75
CA GLY G 24 -12.84 11.77 64.21
C GLY G 24 -11.88 11.27 63.14
N PHE G 25 -10.60 11.34 63.47
CA PHE G 25 -9.54 10.89 62.57
C PHE G 25 -9.25 9.42 62.80
N ALA G 26 -8.91 8.72 61.73
CA ALA G 26 -8.51 7.33 61.83
C ALA G 26 -7.26 7.21 62.69
N GLY G 27 -7.28 6.25 63.62
CA GLY G 27 -6.19 6.03 64.56
C GLY G 27 -6.53 6.45 65.98
N ASP G 28 -7.33 7.50 66.12
CA ASP G 28 -7.75 7.94 67.45
C ASP G 28 -8.58 6.85 68.11
N GLN G 29 -8.29 6.60 69.39
CA GLN G 29 -8.96 5.52 70.09
C GLN G 29 -10.40 5.87 70.45
N ILE G 30 -10.74 7.16 70.48
CA ILE G 30 -12.06 7.63 70.90
C ILE G 30 -12.52 8.61 69.83
N PRO G 31 -13.80 8.66 69.47
CA PRO G 31 -14.24 9.73 68.55
C PRO G 31 -14.04 11.09 69.20
N LYS G 32 -13.18 11.91 68.60
CA LYS G 32 -12.84 13.17 69.22
C LYS G 32 -14.01 14.14 69.22
N TYR G 33 -14.87 14.11 68.20
CA TYR G 33 -15.94 15.09 68.06
C TYR G 33 -17.25 14.38 67.75
N CYS G 34 -18.06 14.17 68.79
CA CYS G 34 -19.39 13.60 68.67
C CYS G 34 -20.39 14.63 69.12
N PHE G 35 -21.45 14.82 68.37
CA PHE G 35 -22.44 15.84 68.69
C PHE G 35 -23.80 15.47 68.11
N PRO G 36 -24.88 16.09 68.60
CA PRO G 36 -26.21 15.70 68.15
C PRO G 36 -26.43 15.97 66.67
N ASN G 37 -27.25 15.10 66.07
CA ASN G 37 -27.51 15.16 64.63
C ASN G 37 -28.83 15.90 64.36
N TYR G 38 -28.80 17.21 64.58
CA TYR G 38 -29.92 18.04 64.19
C TYR G 38 -29.42 19.44 63.88
N VAL G 39 -30.22 20.17 63.11
CA VAL G 39 -29.94 21.55 62.75
C VAL G 39 -30.94 22.44 63.48
N GLY G 40 -30.43 23.45 64.18
CA GLY G 40 -31.26 24.36 64.92
C GLY G 40 -31.26 25.74 64.29
N ARG G 41 -32.45 26.32 64.06
CA ARG G 41 -32.56 27.67 63.53
C ARG G 41 -33.33 28.56 64.50
N PRO G 42 -33.00 29.84 64.64
CA PRO G 42 -33.72 30.67 65.63
C PRO G 42 -35.15 30.91 65.18
N LYS G 43 -36.08 30.73 66.12
CA LYS G 43 -37.50 30.92 65.83
C LYS G 43 -37.96 32.31 66.24
N HIS G 44 -37.39 32.85 67.30
CA HIS G 44 -37.75 34.16 67.78
C HIS G 44 -37.11 35.25 66.92
N VAL G 45 -37.35 36.50 67.30
CA VAL G 45 -36.83 37.65 66.56
C VAL G 45 -35.54 38.12 67.19
N ARG G 46 -34.60 38.54 66.34
CA ARG G 46 -33.41 39.24 66.79
C ARG G 46 -33.72 40.74 66.82
N VAL G 47 -33.46 41.37 67.96
CA VAL G 47 -33.74 42.79 68.15
C VAL G 47 -32.50 43.57 68.56
N MET G 48 -31.69 43.02 69.47
CA MET G 48 -30.53 43.72 70.01
C MET G 48 -29.28 43.25 69.28
N ALA G 49 -28.46 44.21 68.86
CA ALA G 49 -27.19 43.88 68.25
C ALA G 49 -26.29 43.19 69.26
N GLY G 50 -25.27 42.52 68.75
CA GLY G 50 -24.47 41.66 69.59
C GLY G 50 -25.15 40.37 69.97
N ALA G 51 -26.15 39.95 69.21
CA ALA G 51 -26.83 38.69 69.44
C ALA G 51 -25.93 37.54 68.99
N LEU G 52 -26.44 36.32 69.10
CA LEU G 52 -25.70 35.17 68.57
C LEU G 52 -25.58 35.29 67.06
N GLU G 53 -24.38 35.06 66.55
CA GLU G 53 -24.15 35.12 65.11
C GLU G 53 -24.64 33.85 64.43
N GLY G 54 -24.99 33.98 63.17
CA GLY G 54 -25.39 32.85 62.37
C GLY G 54 -26.87 32.55 62.50
N ASP G 55 -27.46 32.13 61.38
CA ASP G 55 -28.85 31.67 61.34
C ASP G 55 -28.95 30.15 61.36
N ILE G 56 -27.82 29.44 61.51
CA ILE G 56 -27.78 28.00 61.58
C ILE G 56 -26.92 27.63 62.78
N PHE G 57 -27.41 26.70 63.60
CA PHE G 57 -26.71 26.29 64.81
C PHE G 57 -26.66 24.77 64.84
N ILE G 58 -25.45 24.23 64.98
CA ILE G 58 -25.19 22.80 64.93
C ILE G 58 -24.28 22.44 66.09
N GLY G 59 -24.45 21.23 66.61
CA GLY G 59 -23.51 20.70 67.56
C GLY G 59 -23.68 21.31 68.94
N PRO G 60 -22.58 21.59 69.65
CA PRO G 60 -22.75 22.10 71.02
C PRO G 60 -23.42 23.46 71.08
N LYS G 61 -23.07 24.38 70.16
CA LYS G 61 -23.61 25.74 70.19
C LYS G 61 -25.13 25.73 70.14
N ALA G 62 -25.73 24.82 69.38
CA ALA G 62 -27.17 24.62 69.49
C ALA G 62 -27.55 24.18 70.89
N GLU G 63 -26.72 23.36 71.53
CA GLU G 63 -27.08 22.80 72.81
C GLU G 63 -27.14 23.85 73.91
N GLU G 64 -26.12 24.72 74.04
CA GLU G 64 -26.21 25.72 75.10
C GLU G 64 -27.42 26.64 74.92
N HIS G 65 -27.84 26.88 73.68
CA HIS G 65 -28.92 27.81 73.38
C HIS G 65 -30.14 27.09 72.83
N ARG G 66 -30.46 25.94 73.42
CA ARG G 66 -31.49 25.08 72.84
C ARG G 66 -32.86 25.76 72.85
N GLY G 67 -33.16 26.52 73.89
CA GLY G 67 -34.47 27.13 74.00
C GLY G 67 -34.76 28.10 72.87
N LEU G 68 -33.72 28.81 72.41
CA LEU G 68 -33.91 29.81 71.37
C LEU G 68 -34.28 29.17 70.04
N LEU G 69 -33.88 27.92 69.82
CA LEU G 69 -33.89 27.33 68.50
C LEU G 69 -35.09 26.41 68.29
N SER G 70 -35.55 26.37 67.04
CA SER G 70 -36.39 25.30 66.54
C SER G 70 -35.47 24.24 65.96
N ILE G 71 -35.66 23.00 66.41
CA ILE G 71 -34.81 21.89 66.01
C ILE G 71 -35.41 21.23 64.78
N ARG G 72 -34.55 20.68 63.93
CA ARG G 72 -34.98 19.92 62.76
C ARG G 72 -34.00 18.78 62.56
N TYR G 73 -34.48 17.55 62.70
CA TYR G 73 -33.67 16.38 62.48
C TYR G 73 -33.57 16.10 60.98
N PRO G 74 -32.37 16.00 60.39
CA PRO G 74 -32.31 15.83 58.94
C PRO G 74 -32.66 14.44 58.47
N MET G 75 -32.27 13.40 59.22
CA MET G 75 -32.48 12.01 58.83
C MET G 75 -33.32 11.29 59.87
N GLU G 76 -34.29 10.52 59.39
CA GLU G 76 -35.29 9.91 60.26
C GLU G 76 -35.44 8.44 59.85
N HIS G 77 -35.25 7.54 60.81
CA HIS G 77 -35.02 6.12 60.54
C HIS G 77 -33.90 5.92 59.53
N GLY G 78 -32.78 6.59 59.74
CA GLY G 78 -31.58 6.30 59.00
C GLY G 78 -31.60 6.67 57.53
N ILE G 79 -32.57 7.49 57.10
CA ILE G 79 -32.65 7.96 55.73
C ILE G 79 -32.73 9.48 55.74
N VAL G 80 -31.93 10.12 54.90
CA VAL G 80 -31.80 11.58 54.89
C VAL G 80 -33.02 12.14 54.17
N LYS G 81 -33.99 12.64 54.93
CA LYS G 81 -35.15 13.28 54.31
C LYS G 81 -34.78 14.66 53.77
N ASP G 82 -34.01 15.43 54.54
CA ASP G 82 -33.55 16.75 54.13
C ASP G 82 -32.06 16.68 53.83
N TRP G 83 -31.71 16.88 52.57
CA TRP G 83 -30.31 16.77 52.15
C TRP G 83 -29.52 18.03 52.34
N ASN G 84 -30.15 19.20 52.26
CA ASN G 84 -29.43 20.44 52.51
C ASN G 84 -28.91 20.48 53.94
N ASP G 85 -29.75 20.06 54.90
CA ASP G 85 -29.31 20.05 56.29
C ASP G 85 -28.19 19.04 56.50
N MET G 86 -28.25 17.90 55.83
CA MET G 86 -27.19 16.91 56.00
C MET G 86 -25.89 17.43 55.39
N GLU G 87 -26.00 18.17 54.28
CA GLU G 87 -24.84 18.86 53.74
C GLU G 87 -24.27 19.84 54.76
N ARG G 88 -25.15 20.58 55.43
CA ARG G 88 -24.68 21.57 56.41
C ARG G 88 -23.97 20.90 57.58
N ILE G 89 -24.52 19.80 58.09
CA ILE G 89 -23.89 19.17 59.25
C ILE G 89 -22.57 18.52 58.83
N TRP G 90 -22.51 17.92 57.64
CA TRP G 90 -21.22 17.41 57.19
C TRP G 90 -20.21 18.53 57.00
N GLN G 91 -20.65 19.69 56.54
CA GLN G 91 -19.74 20.84 56.48
C GLN G 91 -19.27 21.22 57.87
N TYR G 92 -20.18 21.20 58.83
CA TYR G 92 -19.81 21.47 60.22
C TYR G 92 -18.76 20.50 60.72
N VAL G 93 -18.79 19.25 60.24
CA VAL G 93 -17.80 18.28 60.69
C VAL G 93 -16.39 18.73 60.31
N TYR G 94 -16.25 19.46 59.21
CA TYR G 94 -14.98 20.00 58.78
C TYR G 94 -14.74 21.43 59.24
N SER G 95 -15.63 21.98 60.07
CA SER G 95 -15.48 23.36 60.50
C SER G 95 -14.25 23.53 61.38
N LYS G 96 -13.98 24.78 61.75
CA LYS G 96 -12.87 25.04 62.66
C LYS G 96 -13.12 24.43 64.04
N ASP G 97 -14.38 24.28 64.41
CA ASP G 97 -14.70 23.70 65.72
C ASP G 97 -14.32 22.23 65.77
N GLN G 98 -14.68 21.46 64.74
CA GLN G 98 -14.44 20.02 64.70
C GLN G 98 -13.53 19.70 63.52
N LEU G 99 -12.38 19.11 63.82
CA LEU G 99 -11.47 18.50 62.83
C LEU G 99 -10.66 19.49 61.99
N GLN G 100 -11.01 20.79 62.03
CA GLN G 100 -10.19 21.93 61.60
C GLN G 100 -9.28 21.62 60.40
N THR G 101 -9.84 20.96 59.39
CA THR G 101 -9.09 20.53 58.22
C THR G 101 -9.96 20.61 56.97
N PHE G 102 -9.29 20.62 55.82
CA PHE G 102 -9.94 20.73 54.53
C PHE G 102 -10.52 19.39 54.13
N SER G 103 -11.70 19.40 53.49
CA SER G 103 -12.34 18.16 53.11
C SER G 103 -11.65 17.50 51.92
N GLU G 104 -11.11 18.30 51.00
CA GLU G 104 -10.52 17.74 49.79
C GLU G 104 -9.21 16.99 50.09
N GLU G 105 -8.65 17.16 51.28
CA GLU G 105 -7.35 16.56 51.58
C GLU G 105 -7.49 15.13 52.11
N HIS G 106 -8.50 14.87 52.95
CA HIS G 106 -8.59 13.62 53.69
C HIS G 106 -9.59 12.68 53.04
N PRO G 107 -9.34 11.37 52.97
CA PRO G 107 -10.41 10.44 52.59
C PRO G 107 -11.44 10.34 53.70
N VAL G 108 -12.59 9.75 53.35
CA VAL G 108 -13.73 9.68 54.24
C VAL G 108 -14.26 8.26 54.26
N LEU G 109 -14.66 7.81 55.44
CA LEU G 109 -15.40 6.57 55.62
C LEU G 109 -16.74 6.93 56.22
N LEU G 110 -17.81 6.48 55.58
CA LEU G 110 -19.17 6.75 56.02
C LEU G 110 -19.87 5.44 56.32
N THR G 111 -20.62 5.42 57.42
CA THR G 111 -21.27 4.22 57.92
C THR G 111 -22.77 4.43 57.85
N GLU G 112 -23.44 3.65 57.00
CA GLU G 112 -24.87 3.73 56.80
C GLU G 112 -25.56 2.47 57.32
N ALA G 113 -26.86 2.60 57.56
CA ALA G 113 -27.61 1.48 58.09
C ALA G 113 -27.91 0.47 56.98
N PRO G 114 -28.00 -0.81 57.31
CA PRO G 114 -28.25 -1.81 56.26
C PRO G 114 -29.64 -1.71 55.69
N LEU G 115 -29.77 -2.15 54.44
CA LEU G 115 -31.05 -2.20 53.75
C LEU G 115 -31.69 -0.82 53.64
N ASN G 116 -30.86 0.21 53.56
CA ASN G 116 -31.35 1.55 53.30
C ASN G 116 -31.65 1.74 51.82
N PRO G 117 -32.39 2.78 51.44
CA PRO G 117 -32.64 2.99 50.02
C PRO G 117 -31.36 3.26 49.25
N ARG G 118 -31.35 2.81 47.99
CA ARG G 118 -30.21 3.01 47.11
C ARG G 118 -30.00 4.49 46.81
N LYS G 119 -31.10 5.23 46.65
CA LYS G 119 -31.01 6.66 46.41
C LYS G 119 -30.24 7.36 47.52
N ASN G 120 -30.40 6.89 48.76
CA ASN G 120 -29.68 7.48 49.88
C ASN G 120 -28.18 7.39 49.67
N ARG G 121 -27.66 6.19 49.42
CA ARG G 121 -26.21 6.04 49.32
C ARG G 121 -25.66 6.75 48.09
N GLU G 122 -26.36 6.67 46.95
CA GLU G 122 -25.82 7.32 45.75
C GLU G 122 -25.83 8.84 45.89
N ARG G 123 -26.88 9.41 46.47
CA ARG G 123 -26.90 10.84 46.70
C ARG G 123 -25.84 11.25 47.71
N ALA G 124 -25.59 10.40 48.71
CA ALA G 124 -24.53 10.68 49.66
C ALA G 124 -23.18 10.75 48.97
N ALA G 125 -22.89 9.78 48.11
CA ALA G 125 -21.62 9.78 47.39
C ALA G 125 -21.51 11.00 46.51
N GLU G 126 -22.62 11.39 45.87
CA GLU G 126 -22.63 12.62 45.09
C GLU G 126 -22.24 13.81 45.96
N VAL G 127 -22.85 13.94 47.13
CA VAL G 127 -22.58 15.11 47.97
C VAL G 127 -21.12 15.14 48.38
N PHE G 128 -20.56 14.00 48.79
CA PHE G 128 -19.14 14.01 49.15
C PHE G 128 -18.22 14.28 47.97
N PHE G 129 -18.52 13.76 46.78
CA PHE G 129 -17.57 13.88 45.68
C PHE G 129 -17.64 15.21 44.94
N GLU G 130 -18.83 15.77 44.73
CA GLU G 130 -18.91 17.10 44.12
C GLU G 130 -18.77 18.23 45.14
N THR G 131 -19.57 18.22 46.21
CA THR G 131 -19.57 19.35 47.13
C THR G 131 -18.23 19.46 47.87
N PHE G 132 -17.76 18.37 48.45
CA PHE G 132 -16.55 18.39 49.26
C PHE G 132 -15.30 18.02 48.47
N ASN G 133 -15.43 17.37 47.33
CA ASN G 133 -14.30 17.00 46.49
C ASN G 133 -13.31 16.14 47.28
N VAL G 134 -13.85 15.15 47.99
CA VAL G 134 -13.06 14.25 48.81
C VAL G 134 -12.17 13.40 47.90
N PRO G 135 -11.01 12.93 48.35
CA PRO G 135 -10.22 12.04 47.48
C PRO G 135 -10.89 10.70 47.26
N ALA G 136 -11.38 10.07 48.33
CA ALA G 136 -11.96 8.75 48.23
C ALA G 136 -12.98 8.54 49.33
N LEU G 137 -14.00 7.76 49.03
CA LEU G 137 -15.12 7.49 49.92
C LEU G 137 -15.35 5.99 50.01
N PHE G 138 -15.85 5.53 51.15
CA PHE G 138 -16.22 4.14 51.33
C PHE G 138 -17.43 4.06 52.26
N ILE G 139 -18.60 3.84 51.68
CA ILE G 139 -19.77 3.46 52.47
C ILE G 139 -19.44 2.15 53.17
N SER G 140 -19.99 1.95 54.36
CA SER G 140 -19.69 0.77 55.15
C SER G 140 -20.90 0.36 55.98
N MET G 141 -20.89 -0.89 56.41
CA MET G 141 -21.92 -1.42 57.28
C MET G 141 -21.50 -1.29 58.73
N GLN G 142 -22.45 -0.94 59.58
CA GLN G 142 -22.12 -0.68 60.97
C GLN G 142 -21.77 -1.96 61.72
N ALA G 143 -22.41 -3.08 61.35
CA ALA G 143 -22.17 -4.33 62.06
C ALA G 143 -20.73 -4.80 61.90
N VAL G 144 -20.19 -4.69 60.69
CA VAL G 144 -18.82 -5.12 60.45
C VAL G 144 -17.86 -4.32 61.32
N LEU G 145 -18.08 -3.01 61.39
CA LEU G 145 -17.23 -2.17 62.22
C LEU G 145 -17.38 -2.54 63.69
N SER G 146 -18.59 -2.84 64.14
CA SER G 146 -18.77 -3.22 65.53
C SER G 146 -17.99 -4.48 65.86
N LEU G 147 -18.03 -5.46 64.96
CA LEU G 147 -17.26 -6.67 65.19
C LEU G 147 -15.77 -6.39 65.18
N TYR G 148 -15.32 -5.50 64.28
CA TYR G 148 -13.92 -5.12 64.28
C TYR G 148 -13.51 -4.50 65.60
N ALA G 149 -14.35 -3.60 66.13
CA ALA G 149 -14.02 -2.91 67.37
C ALA G 149 -13.97 -3.89 68.53
N THR G 150 -14.90 -4.83 68.57
CA THR G 150 -14.85 -5.85 69.61
C THR G 150 -13.69 -6.81 69.41
N GLY G 151 -13.09 -6.82 68.22
CA GLY G 151 -12.03 -7.76 67.94
C GLY G 151 -12.49 -9.17 67.67
N ARG G 152 -13.59 -9.32 66.95
CA ARG G 152 -14.21 -10.61 66.70
C ARG G 152 -14.49 -10.76 65.22
N THR G 153 -14.25 -11.95 64.69
CA THR G 153 -14.61 -12.26 63.30
C THR G 153 -15.97 -12.96 63.20
N THR G 154 -16.53 -13.41 64.33
CA THR G 154 -17.82 -14.07 64.37
C THR G 154 -18.75 -13.33 65.31
N GLY G 155 -20.03 -13.54 65.14
CA GLY G 155 -21.04 -13.03 66.05
C GLY G 155 -22.24 -12.50 65.30
N VAL G 156 -23.25 -12.09 66.06
CA VAL G 156 -24.40 -11.39 65.53
C VAL G 156 -24.43 -10.02 66.18
N VAL G 157 -24.37 -8.98 65.35
CA VAL G 157 -24.37 -7.60 65.84
C VAL G 157 -25.81 -7.13 65.86
N LEU G 158 -26.29 -6.78 67.05
CA LEU G 158 -27.63 -6.24 67.23
C LEU G 158 -27.46 -4.76 67.55
N ASP G 159 -27.52 -3.93 66.52
CA ASP G 159 -27.27 -2.50 66.65
C ASP G 159 -28.61 -1.79 66.67
N SER G 160 -28.92 -1.15 67.79
CA SER G 160 -30.16 -0.39 67.97
C SER G 160 -29.78 1.05 68.26
N GLY G 161 -29.60 1.84 67.21
CA GLY G 161 -29.29 3.24 67.33
C GLY G 161 -30.52 4.05 67.65
N ASP G 162 -30.46 5.35 67.35
CA ASP G 162 -31.60 6.20 67.58
C ASP G 162 -32.73 5.95 66.59
N GLY G 163 -32.41 5.85 65.31
CA GLY G 163 -33.43 5.90 64.27
C GLY G 163 -33.92 4.54 63.81
N VAL G 164 -33.02 3.55 63.82
CA VAL G 164 -33.32 2.22 63.31
C VAL G 164 -32.66 1.20 64.23
N THR G 165 -33.19 -0.02 64.22
CA THR G 165 -32.54 -1.16 64.87
C THR G 165 -32.41 -2.27 63.85
N HIS G 166 -31.36 -3.06 63.97
CA HIS G 166 -31.11 -4.11 63.00
C HIS G 166 -30.12 -5.12 63.55
N ALA G 167 -30.36 -6.38 63.19
CA ALA G 167 -29.50 -7.49 63.55
C ALA G 167 -28.85 -8.02 62.28
N VAL G 168 -27.52 -8.15 62.32
CA VAL G 168 -26.73 -8.66 61.20
C VAL G 168 -25.93 -9.85 61.71
N PRO G 169 -26.09 -11.05 61.15
CA PRO G 169 -25.19 -12.15 61.54
C PRO G 169 -23.97 -12.17 60.63
N ILE G 170 -22.79 -12.24 61.22
CA ILE G 170 -21.52 -12.32 60.51
C ILE G 170 -20.75 -13.49 61.09
N TYR G 171 -20.22 -14.35 60.21
CA TYR G 171 -19.47 -15.53 60.63
C TYR G 171 -18.14 -15.54 59.90
N GLU G 172 -17.05 -15.35 60.65
CA GLU G 172 -15.70 -15.48 60.13
C GLU G 172 -15.45 -14.50 58.98
N GLY G 173 -15.90 -13.27 59.17
CA GLY G 173 -15.70 -12.25 58.17
C GLY G 173 -16.66 -12.29 56.99
N PHE G 174 -17.59 -13.24 56.99
CA PHE G 174 -18.61 -13.34 55.94
C PHE G 174 -19.96 -12.98 56.52
N ALA G 175 -20.65 -12.06 55.85
CA ALA G 175 -21.99 -11.64 56.23
C ALA G 175 -23.01 -12.35 55.36
N MET G 176 -24.01 -12.92 55.99
CA MET G 176 -25.13 -13.52 55.27
C MET G 176 -26.12 -12.42 54.91
N PRO G 177 -26.10 -11.89 53.68
CA PRO G 177 -26.96 -10.73 53.39
C PRO G 177 -28.45 -11.02 53.51
N HIS G 178 -28.88 -12.24 53.21
CA HIS G 178 -30.29 -12.58 53.30
C HIS G 178 -30.77 -12.74 54.73
N SER G 179 -29.88 -12.74 55.71
CA SER G 179 -30.25 -12.88 57.12
C SER G 179 -30.33 -11.54 57.84
N ILE G 180 -30.04 -10.42 57.17
CA ILE G 180 -30.01 -9.13 57.85
C ILE G 180 -31.43 -8.66 58.10
N MET G 181 -31.80 -8.55 59.38
CA MET G 181 -33.12 -8.06 59.78
C MET G 181 -33.01 -6.61 60.18
N ARG G 182 -33.95 -5.79 59.71
CA ARG G 182 -34.03 -4.38 60.06
C ARG G 182 -35.45 -4.06 60.47
N ILE G 183 -35.60 -3.27 61.53
CA ILE G 183 -36.89 -2.78 61.98
C ILE G 183 -36.69 -1.30 62.33
N ASP G 184 -37.67 -0.47 62.00
CA ASP G 184 -37.48 0.97 62.13
C ASP G 184 -37.72 1.46 63.55
N ILE G 185 -38.18 0.58 64.45
CA ILE G 185 -38.44 0.99 65.82
C ILE G 185 -37.12 1.15 66.54
N ALA G 186 -36.92 2.27 67.21
CA ALA G 186 -35.62 2.57 67.78
C ALA G 186 -35.77 3.69 68.81
N GLY G 187 -34.64 4.22 69.27
CA GLY G 187 -34.65 5.10 70.42
C GLY G 187 -35.50 6.34 70.24
N ARG G 188 -35.46 6.93 69.05
CA ARG G 188 -36.27 8.12 68.80
C ARG G 188 -37.75 7.80 68.92
N ASP G 189 -38.17 6.63 68.43
CA ASP G 189 -39.55 6.23 68.60
C ASP G 189 -39.89 6.01 70.06
N VAL G 190 -38.95 5.48 70.84
CA VAL G 190 -39.18 5.32 72.27
C VAL G 190 -39.37 6.69 72.91
N SER G 191 -38.60 7.68 72.50
CA SER G 191 -38.76 9.01 73.07
C SER G 191 -40.09 9.64 72.67
N ARG G 192 -40.54 9.38 71.44
CA ARG G 192 -41.88 9.85 71.05
C ARG G 192 -42.95 9.21 71.92
N PHE G 193 -42.84 7.91 72.15
CA PHE G 193 -43.79 7.22 73.01
C PHE G 193 -43.74 7.79 74.43
N LEU G 194 -42.55 8.07 74.92
CA LEU G 194 -42.41 8.65 76.25
C LEU G 194 -43.03 10.04 76.31
N ARG G 195 -42.90 10.81 75.24
CA ARG G 195 -43.56 12.11 75.20
C ARG G 195 -45.06 11.96 75.29
N LEU G 196 -45.62 10.99 74.56
CA LEU G 196 -47.06 10.78 74.61
C LEU G 196 -47.51 10.38 76.02
N TYR G 197 -46.76 9.48 76.65
CA TYR G 197 -47.12 9.12 78.02
C TYR G 197 -46.96 10.30 78.98
N LEU G 198 -45.96 11.15 78.77
CA LEU G 198 -45.79 12.29 79.66
C LEU G 198 -46.91 13.30 79.47
N ARG G 199 -47.42 13.43 78.25
CA ARG G 199 -48.65 14.20 78.07
C ARG G 199 -49.79 13.56 78.86
N LYS G 200 -49.89 12.23 78.82
CA LYS G 200 -50.96 11.57 79.56
C LYS G 200 -50.83 11.83 81.06
N GLU G 201 -49.61 11.85 81.58
CA GLU G 201 -49.41 12.18 82.99
C GLU G 201 -49.68 13.65 83.29
N GLY G 202 -49.82 14.49 82.26
CA GLY G 202 -50.20 15.88 82.43
C GLY G 202 -49.09 16.89 82.20
N TYR G 203 -47.94 16.47 81.69
CA TYR G 203 -46.83 17.37 81.38
C TYR G 203 -46.71 17.44 79.87
N ASP G 204 -46.77 18.64 79.31
CA ASP G 204 -46.72 18.85 77.88
C ASP G 204 -45.32 19.25 77.46
N PHE G 205 -44.87 18.68 76.34
CA PHE G 205 -43.57 18.99 75.73
C PHE G 205 -43.77 19.13 74.22
N HIS G 206 -44.79 19.90 73.83
CA HIS G 206 -45.14 20.03 72.43
C HIS G 206 -44.00 20.64 71.62
N SER G 207 -43.22 21.53 72.22
CA SER G 207 -42.23 22.28 71.46
C SER G 207 -41.10 21.37 70.99
N SER G 208 -40.46 21.78 69.89
CA SER G 208 -39.38 20.98 69.33
C SER G 208 -38.19 20.92 70.29
N SER G 209 -37.76 22.06 70.81
CA SER G 209 -36.63 22.07 71.73
C SER G 209 -36.93 21.25 72.98
N GLU G 210 -38.18 21.28 73.43
CA GLU G 210 -38.59 20.47 74.56
C GLU G 210 -38.35 18.98 74.34
N PHE G 211 -38.44 18.52 73.10
CA PHE G 211 -38.32 17.10 72.81
C PHE G 211 -36.97 16.54 73.26
N GLU G 212 -35.93 17.36 73.18
CA GLU G 212 -34.64 16.93 73.71
C GLU G 212 -34.71 16.74 75.22
N ILE G 213 -35.56 17.49 75.91
CA ILE G 213 -35.76 17.24 77.33
C ILE G 213 -36.34 15.86 77.52
N VAL G 214 -37.29 15.46 76.67
CA VAL G 214 -37.86 14.12 76.75
C VAL G 214 -36.77 13.09 76.52
N LYS G 215 -35.84 13.37 75.59
CA LYS G 215 -34.74 12.45 75.35
C LYS G 215 -33.88 12.31 76.60
N ALA G 216 -33.57 13.43 77.26
CA ALA G 216 -32.76 13.37 78.47
C ALA G 216 -33.49 12.62 79.58
N ILE G 217 -34.80 12.78 79.68
CA ILE G 217 -35.58 12.00 80.63
C ILE G 217 -35.44 10.51 80.34
N LYS G 218 -35.51 10.15 79.06
CA LYS G 218 -35.31 8.76 78.68
C LYS G 218 -33.92 8.27 79.11
N GLU G 219 -32.91 9.13 78.93
CA GLU G 219 -31.57 8.78 79.38
C GLU G 219 -31.53 8.50 80.87
N ARG G 220 -32.07 9.39 81.68
CA ARG G 220 -31.73 9.40 83.09
C ARG G 220 -32.54 8.38 83.88
N ALA G 221 -33.86 8.37 83.69
CA ALA G 221 -34.77 7.53 84.47
C ALA G 221 -35.67 6.72 83.54
N CYS G 222 -35.16 5.58 83.08
CA CYS G 222 -35.96 4.58 82.37
C CYS G 222 -35.26 3.24 82.53
N TYR G 223 -36.02 2.23 82.95
CA TYR G 223 -35.49 0.89 83.17
C TYR G 223 -36.44 -0.13 82.56
N LEU G 224 -35.86 -1.21 82.04
CA LEU G 224 -36.62 -2.30 81.45
C LEU G 224 -36.79 -3.39 82.51
N SER G 225 -38.04 -3.65 82.90
CA SER G 225 -38.30 -4.64 83.92
C SER G 225 -38.08 -6.04 83.37
N ILE G 226 -37.72 -6.96 84.27
CA ILE G 226 -37.56 -8.36 83.85
C ILE G 226 -38.91 -8.94 83.45
N ASN G 227 -39.95 -8.66 84.24
CA ASN G 227 -41.32 -9.09 83.94
C ASN G 227 -42.17 -7.83 83.78
N PRO G 228 -42.59 -7.46 82.56
CA PRO G 228 -43.42 -6.25 82.44
C PRO G 228 -44.73 -6.35 83.18
N GLN G 229 -45.37 -7.52 83.20
CA GLN G 229 -46.68 -7.62 83.83
C GLN G 229 -46.58 -7.54 85.35
N LYS G 230 -45.61 -8.26 85.93
CA LYS G 230 -45.45 -8.21 87.38
C LYS G 230 -45.07 -6.81 87.85
N ASP G 231 -44.25 -6.11 87.07
CA ASP G 231 -43.98 -4.71 87.38
C ASP G 231 -45.21 -3.85 87.18
N GLU G 232 -46.08 -4.21 86.24
CA GLU G 232 -47.26 -3.41 85.96
C GLU G 232 -48.25 -3.47 87.12
N THR G 233 -48.51 -4.67 87.63
CA THR G 233 -49.48 -4.78 88.72
C THR G 233 -48.94 -4.14 89.99
N LEU G 234 -47.64 -4.24 90.23
CA LEU G 234 -47.06 -3.64 91.43
C LEU G 234 -47.02 -2.12 91.31
N GLU G 235 -46.87 -1.46 92.46
CA GLU G 235 -46.80 -0.01 92.51
C GLU G 235 -45.39 0.45 92.17
N THR G 236 -45.30 1.56 91.43
CA THR G 236 -44.02 2.08 90.98
C THR G 236 -43.37 2.91 92.09
N GLU G 237 -42.14 3.37 91.80
CA GLU G 237 -41.42 4.23 92.74
C GLU G 237 -41.72 5.70 92.50
N LYS G 238 -42.12 6.06 91.27
CA LYS G 238 -42.39 7.46 90.91
C LYS G 238 -41.16 8.34 91.16
N ALA G 239 -40.09 8.04 90.45
CA ALA G 239 -38.90 8.89 90.50
C ALA G 239 -39.21 10.23 89.88
N GLN G 240 -38.70 11.31 90.49
CA GLN G 240 -38.89 12.65 89.99
C GLN G 240 -37.66 13.11 89.23
N TYR G 241 -37.89 13.90 88.18
CA TYR G 241 -36.84 14.49 87.38
C TYR G 241 -37.01 16.00 87.36
N TYR G 242 -35.89 16.70 87.49
CA TYR G 242 -35.88 18.17 87.54
C TYR G 242 -35.66 18.72 86.14
N LEU G 243 -36.58 19.57 85.70
CA LEU G 243 -36.46 20.20 84.40
C LEU G 243 -35.36 21.25 84.45
N PRO G 244 -34.88 21.72 83.30
CA PRO G 244 -33.79 22.72 83.32
C PRO G 244 -34.13 23.99 84.08
N ASP G 245 -35.40 24.41 84.10
CA ASP G 245 -35.76 25.63 84.80
C ASP G 245 -35.77 25.43 86.31
N GLY G 246 -36.25 24.26 86.76
CA GLY G 246 -36.37 23.98 88.18
C GLY G 246 -37.62 23.19 88.50
N SER G 247 -38.64 23.27 87.65
CA SER G 247 -39.85 22.50 87.88
C SER G 247 -39.56 21.01 87.77
N THR G 248 -40.26 20.23 88.59
CA THR G 248 -40.09 18.78 88.64
C THR G 248 -41.24 18.10 87.92
N ILE G 249 -41.00 16.87 87.49
CA ILE G 249 -42.01 16.01 86.89
C ILE G 249 -41.85 14.61 87.46
N GLU G 250 -42.97 13.94 87.71
CA GLU G 250 -42.99 12.61 88.32
C GLU G 250 -43.44 11.61 87.29
N ILE G 251 -42.62 10.58 87.06
CA ILE G 251 -42.87 9.67 85.94
C ILE G 251 -43.77 8.52 86.35
N GLY G 252 -43.32 7.70 87.28
CA GLY G 252 -44.10 6.56 87.73
C GLY G 252 -44.23 5.47 86.67
N PRO G 253 -45.46 5.02 86.38
CA PRO G 253 -45.60 3.81 85.56
C PRO G 253 -45.06 3.93 84.16
N SER G 254 -44.98 5.14 83.62
CA SER G 254 -44.44 5.32 82.28
C SER G 254 -42.94 5.06 82.23
N ARG G 255 -42.26 4.97 83.38
CA ARG G 255 -40.81 4.81 83.38
C ARG G 255 -40.41 3.51 82.69
N PHE G 256 -41.13 2.43 82.97
CA PHE G 256 -40.84 1.12 82.39
C PHE G 256 -41.71 0.79 81.19
N ARG G 257 -42.93 1.32 81.13
CA ARG G 257 -43.77 1.06 79.98
C ARG G 257 -43.23 1.70 78.71
N ALA G 258 -42.41 2.74 78.82
CA ALA G 258 -41.89 3.39 77.63
C ALA G 258 -40.90 2.49 76.88
N PRO G 259 -39.78 2.06 77.47
CA PRO G 259 -38.83 1.25 76.69
C PRO G 259 -39.37 -0.10 76.26
N GLU G 260 -40.46 -0.57 76.85
CA GLU G 260 -41.06 -1.83 76.43
C GLU G 260 -41.55 -1.78 74.99
N LEU G 261 -41.67 -0.58 74.41
CA LEU G 261 -41.94 -0.44 72.99
C LEU G 261 -40.93 -1.23 72.15
N LEU G 262 -39.67 -1.28 72.60
CA LEU G 262 -38.67 -2.00 71.82
C LEU G 262 -38.99 -3.48 71.73
N PHE G 263 -39.44 -4.08 72.83
CA PHE G 263 -39.71 -5.51 72.85
C PHE G 263 -41.12 -5.86 72.40
N ARG G 264 -41.98 -4.88 72.16
CA ARG G 264 -43.34 -5.12 71.67
C ARG G 264 -43.76 -3.91 70.85
N PRO G 265 -43.53 -3.91 69.53
CA PRO G 265 -43.96 -2.78 68.72
C PRO G 265 -45.47 -2.64 68.58
N ASP G 266 -46.25 -3.55 69.15
CA ASP G 266 -47.70 -3.38 69.12
C ASP G 266 -48.14 -2.15 69.90
N LEU G 267 -47.37 -1.73 70.90
CA LEU G 267 -47.81 -0.63 71.76
C LEU G 267 -47.99 0.65 70.97
N ILE G 268 -46.99 1.04 70.17
CA ILE G 268 -47.16 2.18 69.28
C ILE G 268 -48.17 1.89 68.17
N GLY G 269 -48.38 0.62 67.85
CA GLY G 269 -49.34 0.22 66.83
C GLY G 269 -48.74 -0.37 65.58
N GLU G 270 -47.41 -0.45 65.49
CA GLU G 270 -46.74 -1.00 64.32
C GLU G 270 -46.59 -2.51 64.47
N GLU G 271 -47.07 -3.24 63.47
CA GLU G 271 -46.93 -4.70 63.46
C GLU G 271 -45.57 -5.07 62.88
N SER G 272 -44.56 -4.94 63.73
CA SER G 272 -43.18 -5.28 63.40
C SER G 272 -42.62 -6.21 64.46
N GLU G 273 -41.44 -6.73 64.19
CA GLU G 273 -40.81 -7.69 65.08
C GLU G 273 -40.15 -6.97 66.25
N GLY G 274 -40.31 -7.54 67.44
CA GLY G 274 -39.61 -7.05 68.60
C GLY G 274 -38.11 -7.25 68.46
N ILE G 275 -37.37 -6.58 69.33
CA ILE G 275 -35.91 -6.63 69.25
C ILE G 275 -35.43 -8.07 69.45
N HIS G 276 -36.00 -8.77 70.43
CA HIS G 276 -35.68 -10.18 70.61
C HIS G 276 -36.11 -10.98 69.38
N GLU G 277 -37.26 -10.64 68.80
CA GLU G 277 -37.70 -11.33 67.60
C GLU G 277 -36.75 -11.05 66.44
N VAL G 278 -36.22 -9.83 66.36
CA VAL G 278 -35.23 -9.52 65.34
C VAL G 278 -34.01 -10.39 65.49
N LEU G 279 -33.50 -10.50 66.72
CA LEU G 279 -32.31 -11.31 66.96
C LEU G 279 -32.55 -12.76 66.60
N VAL G 280 -33.62 -13.35 67.14
CA VAL G 280 -33.83 -14.78 66.94
C VAL G 280 -34.15 -15.08 65.48
N PHE G 281 -34.87 -14.20 64.80
CA PHE G 281 -35.15 -14.43 63.39
C PHE G 281 -33.88 -14.34 62.57
N ALA G 282 -33.00 -13.39 62.91
CA ALA G 282 -31.73 -13.27 62.19
C ALA G 282 -30.90 -14.54 62.36
N ILE G 283 -30.81 -15.07 63.57
CA ILE G 283 -30.04 -16.29 63.78
C ILE G 283 -30.71 -17.46 63.07
N GLN G 284 -32.02 -17.63 63.29
CA GLN G 284 -32.73 -18.78 62.74
C GLN G 284 -32.76 -18.74 61.22
N LYS G 285 -32.78 -17.55 60.64
CA LYS G 285 -32.78 -17.45 59.18
C LYS G 285 -31.47 -17.94 58.57
N SER G 286 -30.40 -17.98 59.35
CA SER G 286 -29.14 -18.52 58.85
C SER G 286 -29.21 -20.05 58.79
N ASP G 287 -28.11 -20.65 58.37
CA ASP G 287 -28.06 -22.10 58.24
C ASP G 287 -27.97 -22.75 59.61
N MET G 288 -28.25 -24.05 59.63
CA MET G 288 -28.32 -24.78 60.90
C MET G 288 -26.96 -24.81 61.60
N ASP G 289 -25.92 -25.19 60.86
CA ASP G 289 -24.63 -25.53 61.46
C ASP G 289 -24.05 -24.38 62.27
N LEU G 290 -24.32 -23.15 61.85
CA LEU G 290 -23.75 -21.98 62.50
C LEU G 290 -24.55 -21.48 63.69
N ARG G 291 -25.82 -21.90 63.81
CA ARG G 291 -26.74 -21.28 64.75
C ARG G 291 -26.18 -21.27 66.17
N ARG G 292 -25.70 -22.43 66.63
CA ARG G 292 -25.13 -22.52 67.97
C ARG G 292 -24.04 -21.48 68.18
N THR G 293 -23.08 -21.43 67.27
CA THR G 293 -22.00 -20.45 67.42
C THR G 293 -22.55 -19.04 67.40
N LEU G 294 -23.53 -18.78 66.52
CA LEU G 294 -24.15 -17.47 66.49
C LEU G 294 -24.82 -17.16 67.81
N PHE G 295 -25.50 -18.14 68.39
CA PHE G 295 -26.11 -17.93 69.70
C PHE G 295 -25.04 -17.75 70.77
N SER G 296 -23.87 -18.35 70.56
CA SER G 296 -22.81 -18.21 71.55
C SER G 296 -22.17 -16.82 71.48
N ASN G 297 -22.29 -16.14 70.35
CA ASN G 297 -21.63 -14.85 70.11
C ASN G 297 -22.70 -13.84 69.68
N ILE G 298 -23.13 -13.02 70.61
CA ILE G 298 -24.06 -11.92 70.37
C ILE G 298 -23.41 -10.65 70.87
N VAL G 299 -23.27 -9.66 69.98
CA VAL G 299 -22.61 -8.40 70.30
C VAL G 299 -23.67 -7.30 70.25
N LEU G 300 -23.73 -6.51 71.32
CA LEU G 300 -24.70 -5.42 71.44
C LEU G 300 -24.05 -4.10 71.05
N SER G 301 -24.74 -3.34 70.22
CA SER G 301 -24.29 -2.02 69.79
C SER G 301 -25.50 -1.09 69.76
N GLY G 302 -25.21 0.20 69.63
CA GLY G 302 -26.24 1.21 69.57
C GLY G 302 -26.59 1.77 70.93
N GLY G 303 -27.00 3.03 70.93
CA GLY G 303 -27.29 3.69 72.19
C GLY G 303 -28.47 3.10 72.92
N SER G 304 -29.46 2.61 72.18
CA SER G 304 -30.66 2.06 72.80
C SER G 304 -30.39 0.82 73.62
N THR G 305 -29.24 0.17 73.47
CA THR G 305 -28.90 -0.99 74.26
C THR G 305 -28.40 -0.64 75.65
N LEU G 306 -28.22 0.63 75.97
CA LEU G 306 -27.71 1.04 77.27
C LEU G 306 -28.79 1.14 78.33
N PHE G 307 -30.05 0.85 77.99
CA PHE G 307 -31.12 0.88 78.98
C PHE G 307 -30.80 -0.05 80.15
N LYS G 308 -31.13 0.39 81.35
CA LYS G 308 -30.97 -0.45 82.52
C LYS G 308 -31.84 -1.69 82.36
N GLY G 309 -31.24 -2.86 82.59
CA GLY G 309 -31.95 -4.11 82.48
C GLY G 309 -32.18 -4.59 81.06
N PHE G 310 -31.63 -3.91 80.06
CA PHE G 310 -31.81 -4.37 78.69
C PHE G 310 -31.18 -5.74 78.49
N GLY G 311 -29.96 -5.93 78.99
CA GLY G 311 -29.28 -7.20 78.80
C GLY G 311 -30.04 -8.37 79.39
N ASP G 312 -30.50 -8.21 80.62
CA ASP G 312 -31.18 -9.32 81.30
C ASP G 312 -32.50 -9.65 80.63
N ARG G 313 -33.27 -8.63 80.28
CA ARG G 313 -34.54 -8.88 79.59
C ARG G 313 -34.31 -9.54 78.25
N LEU G 314 -33.30 -9.07 77.51
CA LEU G 314 -33.01 -9.67 76.21
C LEU G 314 -32.57 -11.12 76.39
N LEU G 315 -31.79 -11.40 77.41
CA LEU G 315 -31.36 -12.77 77.66
C LEU G 315 -32.57 -13.65 77.98
N SER G 316 -33.50 -13.14 78.78
CA SER G 316 -34.70 -13.92 79.08
C SER G 316 -35.51 -14.18 77.82
N GLU G 317 -35.68 -13.16 76.97
CA GLU G 317 -36.49 -13.33 75.77
C GLU G 317 -35.84 -14.32 74.81
N VAL G 318 -34.54 -14.16 74.57
CA VAL G 318 -33.88 -15.06 73.62
C VAL G 318 -33.86 -16.48 74.17
N LYS G 319 -33.70 -16.62 75.49
CA LYS G 319 -33.77 -17.96 76.08
C LYS G 319 -35.14 -18.58 75.86
N LYS G 320 -36.20 -17.79 76.00
CA LYS G 320 -37.54 -18.33 75.75
C LYS G 320 -37.69 -18.73 74.28
N LEU G 321 -37.19 -17.92 73.35
CA LEU G 321 -37.38 -18.20 71.93
C LEU G 321 -36.29 -19.10 71.35
N ALA G 322 -35.12 -19.19 71.97
CA ALA G 322 -34.07 -20.02 71.44
C ALA G 322 -34.35 -21.50 71.75
N PRO G 323 -33.70 -22.42 71.04
CA PRO G 323 -33.84 -23.84 71.38
C PRO G 323 -33.31 -24.11 72.78
N LYS G 324 -33.90 -25.11 73.43
CA LYS G 324 -33.52 -25.44 74.79
C LYS G 324 -32.09 -25.95 74.83
N ASP G 325 -31.51 -25.89 76.03
CA ASP G 325 -30.14 -26.33 76.33
C ASP G 325 -29.09 -25.73 75.40
N VAL G 326 -29.36 -24.53 74.85
CA VAL G 326 -28.39 -23.79 74.04
C VAL G 326 -27.75 -22.74 74.92
N LYS G 327 -26.44 -22.56 74.77
CA LYS G 327 -25.72 -21.56 75.54
C LYS G 327 -25.77 -20.21 74.83
N ILE G 328 -26.47 -19.25 75.42
CA ILE G 328 -26.54 -17.88 74.92
C ILE G 328 -25.59 -17.06 75.77
N ARG G 329 -24.80 -16.21 75.11
CA ARG G 329 -23.85 -15.33 75.79
C ARG G 329 -23.85 -14.00 75.07
N ILE G 330 -24.53 -13.01 75.63
CA ILE G 330 -24.62 -11.68 75.02
C ILE G 330 -23.44 -10.88 75.54
N SER G 331 -22.61 -10.39 74.62
CA SER G 331 -21.44 -9.60 74.95
C SER G 331 -21.76 -8.13 74.80
N ALA G 332 -21.73 -7.40 75.90
CA ALA G 332 -22.03 -5.97 75.92
C ALA G 332 -20.76 -5.22 76.28
N PRO G 333 -19.99 -4.70 75.32
CA PRO G 333 -18.80 -3.93 75.70
C PRO G 333 -19.19 -2.66 76.43
N GLN G 334 -18.22 -2.07 77.11
CA GLN G 334 -18.51 -0.83 77.81
C GLN G 334 -18.84 0.30 76.83
N GLU G 335 -18.09 0.38 75.74
CA GLU G 335 -18.26 1.46 74.77
C GLU G 335 -19.20 1.07 73.64
N ARG G 336 -20.42 0.66 73.99
CA ARG G 336 -21.38 0.29 72.96
C ARG G 336 -21.73 1.49 72.09
N LEU G 337 -21.87 2.66 72.71
CA LEU G 337 -22.34 3.83 71.98
C LEU G 337 -21.36 4.24 70.90
N TYR G 338 -20.05 4.15 71.18
CA TYR G 338 -19.01 4.53 70.24
C TYR G 338 -18.31 3.32 69.62
N SER G 339 -18.92 2.14 69.69
CA SER G 339 -18.29 0.96 69.11
C SER G 339 -18.15 1.09 67.61
N THR G 340 -19.20 1.57 66.93
CA THR G 340 -19.18 1.62 65.47
C THR G 340 -18.09 2.55 64.96
N TRP G 341 -17.94 3.72 65.58
CA TRP G 341 -16.89 4.62 65.15
C TRP G 341 -15.50 4.02 65.39
N ILE G 342 -15.32 3.37 66.54
CA ILE G 342 -14.03 2.76 66.81
C ILE G 342 -13.71 1.71 65.77
N GLY G 343 -14.72 0.95 65.36
CA GLY G 343 -14.53 0.00 64.29
C GLY G 343 -14.17 0.67 62.97
N GLY G 344 -14.85 1.78 62.66
CA GLY G 344 -14.49 2.51 61.46
C GLY G 344 -13.06 3.00 61.49
N SER G 345 -12.61 3.46 62.65
CA SER G 345 -11.22 3.87 62.80
C SER G 345 -10.27 2.70 62.56
N ILE G 346 -10.59 1.54 63.15
CA ILE G 346 -9.72 0.38 62.98
C ILE G 346 -9.65 -0.01 61.51
N LEU G 347 -10.80 -0.06 60.84
CA LEU G 347 -10.84 -0.46 59.45
C LEU G 347 -10.08 0.53 58.58
N ALA G 348 -10.26 1.82 58.83
CA ALA G 348 -9.56 2.82 58.03
C ALA G 348 -8.07 2.76 58.24
N SER G 349 -7.64 2.46 59.46
CA SER G 349 -6.21 2.39 59.73
C SER G 349 -5.52 1.29 58.93
N LEU G 350 -6.26 0.25 58.57
CA LEU G 350 -5.66 -0.82 57.79
C LEU G 350 -5.31 -0.34 56.39
N ASP G 351 -4.14 -0.75 55.91
CA ASP G 351 -3.76 -0.43 54.54
C ASP G 351 -4.68 -1.09 53.53
N THR G 352 -5.36 -2.18 53.91
CA THR G 352 -6.33 -2.79 53.02
C THR G 352 -7.45 -1.83 52.68
N PHE G 353 -7.71 -0.86 53.57
CA PHE G 353 -8.68 0.20 53.26
C PHE G 353 -8.35 0.86 51.94
N LYS G 354 -7.05 1.01 51.63
CA LYS G 354 -6.62 1.61 50.39
C LYS G 354 -7.22 0.90 49.19
N LYS G 355 -7.51 -0.39 49.32
CA LYS G 355 -8.10 -1.14 48.21
C LYS G 355 -9.62 -1.02 48.18
N MET G 356 -10.29 -0.92 49.34
CA MET G 356 -11.75 -0.91 49.27
C MET G 356 -12.31 0.40 48.72
N TRP G 357 -11.78 1.54 49.14
CA TRP G 357 -12.52 2.78 48.87
C TRP G 357 -12.53 3.10 47.38
N VAL G 358 -13.52 3.90 47.00
CA VAL G 358 -13.71 4.34 45.63
C VAL G 358 -12.92 5.62 45.46
N SER G 359 -12.25 5.76 44.32
CA SER G 359 -11.50 6.97 44.03
C SER G 359 -12.39 8.00 43.34
N LYS G 360 -12.00 9.27 43.48
CA LYS G 360 -12.75 10.35 42.85
C LYS G 360 -12.76 10.19 41.33
N LYS G 361 -11.60 9.85 40.75
CA LYS G 361 -11.57 9.59 39.31
C LYS G 361 -12.45 8.39 38.97
N GLU G 362 -12.41 7.34 39.78
CA GLU G 362 -13.21 6.16 39.51
C GLU G 362 -14.70 6.51 39.56
N TYR G 363 -15.11 7.27 40.57
CA TYR G 363 -16.51 7.66 40.67
C TYR G 363 -16.92 8.52 39.49
N GLU G 364 -16.06 9.45 39.08
CA GLU G 364 -16.39 10.30 37.95
C GLU G 364 -16.52 9.48 36.68
N GLU G 365 -15.64 8.49 36.50
CA GLU G 365 -15.67 7.67 35.30
C GLU G 365 -16.93 6.81 35.25
N ASP G 366 -17.28 6.17 36.37
CA ASP G 366 -18.36 5.19 36.38
C ASP G 366 -19.64 5.70 37.04
N GLY G 367 -19.55 6.65 37.98
CA GLY G 367 -20.73 7.18 38.61
C GLY G 367 -21.28 6.33 39.72
N ALA G 368 -22.62 6.27 39.83
CA ALA G 368 -23.25 5.56 40.93
C ALA G 368 -23.01 4.06 40.87
N ARG G 369 -22.69 3.53 39.69
CA ARG G 369 -22.44 2.10 39.58
C ARG G 369 -21.24 1.70 40.42
N SER G 370 -20.20 2.52 40.44
CA SER G 370 -18.99 2.21 41.20
C SER G 370 -19.30 2.10 42.69
N ILE G 371 -19.97 3.11 43.25
CA ILE G 371 -20.25 3.08 44.68
C ILE G 371 -21.24 1.98 45.01
N HIS G 372 -22.22 1.73 44.14
CA HIS G 372 -23.14 0.63 44.39
C HIS G 372 -22.42 -0.71 44.40
N ARG G 373 -21.39 -0.86 43.57
CA ARG G 373 -20.62 -2.10 43.57
C ARG G 373 -19.82 -2.24 44.86
N LYS G 374 -19.11 -1.19 45.25
CA LYS G 374 -18.15 -1.25 46.35
C LYS G 374 -18.74 -0.78 47.68
N THR G 375 -20.05 -0.95 47.89
CA THR G 375 -20.68 -0.78 49.19
C THR G 375 -21.13 -2.11 49.77
N PHE G 376 -21.57 -3.03 48.92
CA PHE G 376 -21.97 -4.36 49.35
C PHE G 376 -20.79 -5.31 49.24
N VAL H 105 -27.50 -86.60 -38.70
CA VAL H 105 -26.28 -85.81 -38.58
C VAL H 105 -26.29 -84.71 -39.64
N ILE H 106 -26.73 -85.06 -40.85
CA ILE H 106 -26.72 -84.09 -41.95
C ILE H 106 -27.67 -82.94 -41.65
N ARG H 107 -28.86 -83.25 -41.13
CA ARG H 107 -29.84 -82.20 -40.85
C ARG H 107 -29.34 -81.24 -39.79
N GLN H 108 -28.66 -81.74 -38.76
CA GLN H 108 -28.15 -80.86 -37.72
C GLN H 108 -27.13 -79.87 -38.27
N LYS H 109 -26.20 -80.35 -39.10
CA LYS H 109 -25.20 -79.47 -39.67
C LYS H 109 -25.81 -78.49 -40.67
N GLU H 110 -26.82 -78.93 -41.44
CA GLU H 110 -27.51 -78.01 -42.33
C GLU H 110 -28.24 -76.93 -41.55
N LYS H 111 -28.89 -77.30 -40.45
CA LYS H 111 -29.53 -76.33 -39.58
C LYS H 111 -28.52 -75.33 -39.04
N ASP H 112 -27.35 -75.84 -38.61
CA ASP H 112 -26.32 -74.94 -38.10
C ASP H 112 -25.79 -74.01 -39.17
N LEU H 113 -25.65 -74.52 -40.41
CA LEU H 113 -25.22 -73.66 -41.51
C LEU H 113 -26.25 -72.56 -41.79
N VAL H 114 -27.54 -72.92 -41.81
CA VAL H 114 -28.57 -71.92 -42.04
C VAL H 114 -28.58 -70.90 -40.90
N LEU H 115 -28.43 -71.37 -39.66
CA LEU H 115 -28.40 -70.47 -38.52
C LEU H 115 -27.21 -69.52 -38.61
N ALA H 116 -26.04 -70.04 -39.00
CA ALA H 116 -24.86 -69.20 -39.10
C ALA H 116 -25.02 -68.18 -40.22
N ALA H 117 -25.61 -68.58 -41.34
CA ALA H 117 -25.84 -67.64 -42.43
C ALA H 117 -26.81 -66.53 -42.01
N ARG H 118 -27.91 -66.91 -41.35
CA ARG H 118 -28.86 -65.90 -40.87
C ARG H 118 -28.22 -65.01 -39.82
N LEU H 119 -27.40 -65.58 -38.95
CA LEU H 119 -26.69 -64.80 -37.94
C LEU H 119 -25.75 -63.79 -38.59
N GLY H 120 -25.01 -64.23 -39.61
CA GLY H 120 -24.12 -63.31 -40.30
C GLY H 120 -24.87 -62.21 -41.03
N LYS H 121 -25.99 -62.56 -41.67
CA LYS H 121 -26.81 -61.56 -42.34
C LYS H 121 -27.34 -60.53 -41.35
N ALA H 122 -27.96 -61.02 -40.27
CA ALA H 122 -28.56 -60.12 -39.28
C ALA H 122 -27.50 -59.26 -38.61
N LEU H 123 -26.32 -59.82 -38.35
CA LEU H 123 -25.26 -59.04 -37.71
C LEU H 123 -24.62 -58.05 -38.67
N LEU H 124 -24.56 -58.37 -39.96
CA LEU H 124 -24.02 -57.41 -40.92
C LEU H 124 -24.97 -56.22 -41.08
N GLU H 125 -26.28 -56.51 -41.20
CA GLU H 125 -27.26 -55.44 -41.25
C GLU H 125 -27.27 -54.66 -39.93
N ARG H 126 -27.13 -55.36 -38.81
CA ARG H 126 -27.03 -54.71 -37.52
C ARG H 126 -25.79 -53.83 -37.47
N ASN H 127 -24.67 -54.30 -38.02
CA ASN H 127 -23.44 -53.51 -38.04
C ASN H 127 -23.64 -52.21 -38.81
N GLN H 128 -24.28 -52.30 -39.98
CA GLN H 128 -24.56 -51.09 -40.74
C GLN H 128 -25.45 -50.14 -39.94
N ASP H 129 -26.52 -50.67 -39.34
CA ASP H 129 -27.47 -49.81 -38.63
C ASP H 129 -26.85 -49.18 -37.39
N MET H 130 -26.05 -49.95 -36.65
CA MET H 130 -25.44 -49.43 -35.43
C MET H 130 -24.35 -48.42 -35.77
N SER H 131 -23.61 -48.64 -36.85
CA SER H 131 -22.67 -47.63 -37.32
C SER H 131 -23.40 -46.35 -37.71
N ARG H 132 -24.56 -46.48 -38.37
CA ARG H 132 -25.34 -45.30 -38.75
C ARG H 132 -25.81 -44.54 -37.52
N GLN H 133 -26.39 -45.26 -36.56
CA GLN H 133 -26.83 -44.64 -35.30
C GLN H 133 -25.68 -43.93 -34.62
N TYR H 134 -24.52 -44.59 -34.59
CA TYR H 134 -23.37 -44.04 -33.90
C TYR H 134 -22.91 -42.76 -34.57
N GLU H 135 -22.73 -42.78 -35.90
CA GLU H 135 -22.34 -41.60 -36.65
C GLU H 135 -23.31 -40.45 -36.41
N GLN H 136 -24.62 -40.74 -36.44
CA GLN H 136 -25.63 -39.74 -36.17
C GLN H 136 -25.43 -39.11 -34.79
N MET H 137 -25.27 -39.92 -33.75
CA MET H 137 -25.20 -39.32 -32.43
C MET H 137 -23.84 -38.64 -32.20
N HIS H 138 -22.78 -39.10 -32.88
CA HIS H 138 -21.51 -38.38 -32.73
C HIS H 138 -21.66 -36.97 -33.26
N LYS H 139 -22.24 -36.85 -34.46
CA LYS H 139 -22.45 -35.53 -35.04
C LYS H 139 -23.36 -34.68 -34.15
N GLU H 140 -24.43 -35.30 -33.64
CA GLU H 140 -25.37 -34.55 -32.80
C GLU H 140 -24.71 -34.06 -31.51
N LEU H 141 -23.99 -34.94 -30.83
CA LEU H 141 -23.35 -34.57 -29.57
C LEU H 141 -22.27 -33.53 -29.79
N THR H 142 -21.50 -33.64 -30.89
CA THR H 142 -20.51 -32.62 -31.18
C THR H 142 -21.16 -31.27 -31.44
N ASP H 143 -22.30 -31.25 -32.14
CA ASP H 143 -23.02 -30.00 -32.35
C ASP H 143 -23.48 -29.41 -31.03
N LYS H 144 -24.02 -30.24 -30.14
CA LYS H 144 -24.45 -29.76 -28.83
C LYS H 144 -23.28 -29.19 -28.05
N LEU H 145 -22.14 -29.88 -28.09
CA LEU H 145 -20.93 -29.42 -27.40
C LEU H 145 -20.49 -28.06 -27.93
N GLU H 146 -20.48 -27.90 -29.26
CA GLU H 146 -20.04 -26.63 -29.84
C GLU H 146 -20.98 -25.49 -29.47
N HIS H 147 -22.29 -25.75 -29.48
CA HIS H 147 -23.24 -24.71 -29.08
C HIS H 147 -23.05 -24.33 -27.62
N LEU H 148 -22.83 -25.32 -26.76
CA LEU H 148 -22.55 -25.03 -25.35
C LEU H 148 -21.28 -24.18 -25.22
N GLU H 149 -20.25 -24.48 -26.01
CA GLU H 149 -19.02 -23.72 -25.96
C GLU H 149 -19.24 -22.26 -26.37
N GLN H 150 -19.99 -22.05 -27.46
CA GLN H 150 -20.28 -20.68 -27.89
C GLN H 150 -21.06 -19.93 -26.82
N GLU H 151 -22.06 -20.58 -26.23
CA GLU H 151 -22.84 -19.96 -25.18
C GLU H 151 -21.96 -19.60 -23.99
N LYS H 152 -21.06 -20.49 -23.60
CA LYS H 152 -20.16 -20.23 -22.49
C LYS H 152 -19.26 -19.03 -22.79
N HIS H 153 -18.72 -18.95 -24.00
CA HIS H 153 -17.87 -17.81 -24.34
C HIS H 153 -18.64 -16.51 -24.28
N GLU H 154 -19.86 -16.49 -24.84
CA GLU H 154 -20.64 -15.26 -24.82
C GLU H 154 -21.03 -14.87 -23.40
N LEU H 155 -21.27 -15.86 -22.54
CA LEU H 155 -21.51 -15.54 -21.13
C LEU H 155 -20.29 -14.92 -20.47
N ARG H 156 -19.09 -15.47 -20.74
CA ARG H 156 -17.88 -14.86 -20.21
C ARG H 156 -17.74 -13.42 -20.70
N ARG H 157 -18.06 -13.19 -21.97
CA ARG H 157 -17.91 -11.87 -22.56
C ARG H 157 -18.87 -10.86 -21.91
N ARG H 158 -20.16 -11.19 -21.85
CA ARG H 158 -21.11 -10.28 -21.24
C ARG H 158 -20.80 -10.07 -19.76
N PHE H 159 -20.32 -11.14 -19.10
CA PHE H 159 -19.87 -11.04 -17.72
C PHE H 159 -18.81 -9.95 -17.57
N GLU H 160 -17.76 -10.02 -18.38
CA GLU H 160 -16.66 -9.07 -18.26
C GLU H 160 -17.12 -7.65 -18.62
N ASN H 161 -17.97 -7.52 -19.63
CA ASN H 161 -18.43 -6.20 -20.04
C ASN H 161 -19.22 -5.52 -18.93
N ARG H 162 -20.20 -6.22 -18.37
CA ARG H 162 -20.98 -5.63 -17.29
C ARG H 162 -20.11 -5.39 -16.05
N GLU H 163 -19.10 -6.23 -15.84
CA GLU H 163 -18.18 -6.02 -14.74
C GLU H 163 -17.41 -4.71 -14.90
N GLY H 164 -16.91 -4.45 -16.11
CA GLY H 164 -16.28 -3.17 -16.37
C GLY H 164 -17.21 -2.00 -16.18
N GLU H 165 -18.47 -2.17 -16.59
CA GLU H 165 -19.47 -1.12 -16.35
C GLU H 165 -19.65 -0.86 -14.86
N TRP H 166 -19.70 -1.92 -14.05
CA TRP H 166 -19.85 -1.73 -12.61
C TRP H 166 -18.66 -1.00 -12.03
N GLU H 167 -17.44 -1.35 -12.47
CA GLU H 167 -16.27 -0.66 -11.97
C GLU H 167 -16.30 0.82 -12.34
N GLY H 168 -16.70 1.12 -13.58
CA GLY H 168 -16.82 2.51 -13.98
C GLY H 168 -17.84 3.28 -13.17
N ARG H 169 -19.00 2.67 -12.92
CA ARG H 169 -20.03 3.32 -12.12
C ARG H 169 -19.53 3.58 -10.70
N VAL H 170 -18.85 2.60 -10.11
CA VAL H 170 -18.34 2.76 -8.75
C VAL H 170 -17.31 3.88 -8.71
N SER H 171 -16.40 3.91 -9.69
CA SER H 171 -15.39 4.96 -9.72
C SER H 171 -16.02 6.35 -9.88
N GLU H 172 -17.03 6.46 -10.75
CA GLU H 172 -17.65 7.77 -10.96
C GLU H 172 -18.39 8.23 -9.71
N LEU H 173 -19.11 7.33 -9.03
CA LEU H 173 -19.79 7.73 -7.81
C LEU H 173 -18.79 8.12 -6.72
N GLU H 174 -17.67 7.40 -6.63
CA GLU H 174 -16.65 7.76 -5.65
C GLU H 174 -16.03 9.12 -5.99
N THR H 175 -15.88 9.41 -7.29
CA THR H 175 -15.42 10.73 -7.70
C THR H 175 -16.40 11.81 -7.27
N ASP H 176 -17.70 11.54 -7.43
CA ASP H 176 -18.72 12.48 -6.97
C ASP H 176 -18.61 12.71 -5.47
N VAL H 177 -18.43 11.63 -4.70
CA VAL H 177 -18.30 11.75 -3.25
C VAL H 177 -17.07 12.59 -2.90
N LYS H 178 -15.95 12.33 -3.57
CA LYS H 178 -14.71 13.07 -3.28
C LYS H 178 -14.86 14.55 -3.59
N GLN H 179 -15.40 14.88 -4.78
CA GLN H 179 -15.57 16.28 -5.15
C GLN H 179 -16.53 16.98 -4.19
N LEU H 180 -17.61 16.31 -3.82
CA LEU H 180 -18.60 16.92 -2.96
C LEU H 180 -18.06 17.10 -1.55
N GLN H 181 -17.22 16.17 -1.08
CA GLN H 181 -16.55 16.36 0.20
C GLN H 181 -15.59 17.54 0.15
N ASP H 182 -14.89 17.71 -0.97
CA ASP H 182 -14.04 18.88 -1.13
C ASP H 182 -14.86 20.15 -1.04
N GLU H 183 -16.02 20.17 -1.70
CA GLU H 183 -16.89 21.34 -1.64
C GLU H 183 -17.42 21.59 -0.24
N LEU H 184 -17.72 20.53 0.51
CA LEU H 184 -18.14 20.69 1.90
C LEU H 184 -17.03 21.31 2.74
N GLU H 185 -15.79 20.86 2.52
CA GLU H 185 -14.65 21.48 3.20
C GLU H 185 -14.55 22.95 2.85
N ARG H 186 -14.71 23.28 1.56
CA ARG H 186 -14.61 24.67 1.14
C ARG H 186 -15.72 25.51 1.77
N GLN H 187 -16.93 24.96 1.85
CA GLN H 187 -18.03 25.71 2.44
C GLN H 187 -17.85 25.90 3.94
N GLN H 188 -17.30 24.90 4.64
CA GLN H 188 -17.01 25.09 6.07
C GLN H 188 -15.92 26.15 6.25
N LEU H 189 -14.91 26.14 5.39
CA LEU H 189 -13.88 27.17 5.48
C LEU H 189 -14.48 28.54 5.21
N HIS H 190 -15.41 28.63 4.26
CA HIS H 190 -16.11 29.89 4.02
C HIS H 190 -16.97 30.28 5.20
N LEU H 191 -17.57 29.30 5.88
CA LEU H 191 -18.34 29.59 7.09
C LEU H 191 -17.47 30.23 8.15
N ARG H 192 -16.29 29.66 8.39
CA ARG H 192 -15.41 30.22 9.41
C ARG H 192 -14.84 31.56 8.97
N GLU H 193 -14.57 31.72 7.68
CA GLU H 193 -14.10 33.00 7.16
C GLU H 193 -15.16 34.08 7.34
N ALA H 194 -16.41 33.77 7.02
CA ALA H 194 -17.49 34.72 7.21
C ALA H 194 -17.71 35.02 8.69
N ASP H 195 -17.59 34.00 9.54
CA ASP H 195 -17.62 34.22 10.98
C ASP H 195 -16.57 35.23 11.40
N ARG H 196 -15.32 35.05 10.97
CA ARG H 196 -14.26 35.93 11.41
C ARG H 196 -14.44 37.33 10.84
N GLU H 197 -14.86 37.44 9.58
CA GLU H 197 -15.12 38.75 9.00
C GLU H 197 -16.23 39.47 9.75
N LYS H 198 -17.33 38.77 10.02
CA LYS H 198 -18.46 39.36 10.73
C LYS H 198 -18.04 39.82 12.11
N THR H 199 -17.26 38.98 12.82
CA THR H 199 -16.85 39.30 14.17
C THR H 199 -15.92 40.50 14.18
N ARG H 200 -14.96 40.53 13.26
CA ARG H 200 -14.07 41.68 13.16
C ARG H 200 -14.83 42.95 12.81
N ALA H 201 -15.78 42.85 11.88
CA ALA H 201 -16.54 44.03 11.49
C ALA H 201 -17.37 44.56 12.65
N VAL H 202 -18.07 43.68 13.36
CA VAL H 202 -18.90 44.14 14.46
C VAL H 202 -18.02 44.65 15.59
N GLN H 203 -16.87 44.04 15.82
CA GLN H 203 -15.97 44.53 16.84
C GLN H 203 -15.43 45.90 16.48
N GLU H 204 -15.05 46.10 15.22
CA GLU H 204 -14.59 47.41 14.78
C GLU H 204 -15.68 48.46 14.91
N LEU H 205 -16.91 48.10 14.55
CA LEU H 205 -18.00 49.05 14.62
C LEU H 205 -18.35 49.36 16.07
N SER H 206 -18.24 48.35 16.95
CA SER H 206 -18.46 48.58 18.38
C SER H 206 -17.33 49.40 18.98
N GLU H 207 -16.12 49.27 18.43
CA GLU H 207 -15.01 50.09 18.90
C GLU H 207 -15.21 51.55 18.48
N GLN H 208 -15.62 51.78 17.23
CA GLN H 208 -16.02 53.11 16.82
C GLN H 208 -17.14 53.63 17.70
N ASN H 209 -18.10 52.76 18.02
CA ASN H 209 -19.18 53.11 18.91
C ASN H 209 -18.66 53.56 20.27
N GLN H 210 -17.79 52.75 20.90
CA GLN H 210 -17.30 53.06 22.23
C GLN H 210 -16.46 54.34 22.22
N ARG H 211 -15.68 54.55 21.15
CA ARG H 211 -14.95 55.80 21.02
C ARG H 211 -15.92 56.96 20.96
N LEU H 212 -17.01 56.81 20.20
CA LEU H 212 -18.06 57.81 20.19
C LEU H 212 -18.71 57.96 21.56
N LEU H 213 -18.80 56.87 22.31
CA LEU H 213 -19.42 56.94 23.63
C LEU H 213 -18.57 57.77 24.58
N ASP H 214 -17.26 57.55 24.55
CA ASP H 214 -16.36 58.38 25.35
C ASP H 214 -16.38 59.82 24.84
N GLN H 215 -16.52 60.01 23.52
CA GLN H 215 -16.61 61.36 22.98
C GLN H 215 -17.87 62.07 23.48
N LEU H 216 -19.01 61.36 23.48
CA LEU H 216 -20.24 61.94 24.02
C LEU H 216 -20.11 62.17 25.52
N SER H 217 -19.44 61.27 26.24
CA SER H 217 -19.27 61.45 27.67
C SER H 217 -18.45 62.69 27.97
N ARG H 218 -17.35 62.88 27.25
CA ARG H 218 -16.54 64.08 27.41
C ARG H 218 -17.29 65.32 26.94
N ALA H 219 -18.02 65.21 25.83
CA ALA H 219 -18.80 66.34 25.34
C ALA H 219 -19.88 66.74 26.33
N SER H 220 -20.49 65.75 26.99
CA SER H 220 -21.52 66.03 27.97
C SER H 220 -20.92 66.53 29.28
N GLU H 221 -19.73 66.08 29.63
CA GLU H 221 -19.03 66.65 30.77
C GLU H 221 -18.62 68.09 30.51
N VAL H 222 -18.22 68.41 29.28
CA VAL H 222 -17.94 69.79 28.91
C VAL H 222 -19.23 70.60 28.90
N GLU H 223 -20.32 70.01 28.41
CA GLU H 223 -21.62 70.64 28.46
C GLU H 223 -22.02 70.91 29.90
N ARG H 224 -21.77 69.96 30.80
CA ARG H 224 -22.14 70.11 32.20
C ARG H 224 -21.27 71.14 32.90
N GLN H 225 -19.96 71.13 32.65
CA GLN H 225 -19.08 72.12 33.24
C GLN H 225 -19.41 73.51 32.72
N LEU H 226 -19.67 73.64 31.42
CA LEU H 226 -20.08 74.91 30.86
C LEU H 226 -21.44 75.32 31.40
N SER H 227 -22.34 74.36 31.64
CA SER H 227 -23.65 74.68 32.20
C SER H 227 -23.54 75.15 33.63
N MET H 228 -22.67 74.51 34.43
CA MET H 228 -22.44 74.97 35.79
C MET H 228 -21.75 76.33 35.80
N GLN H 229 -20.84 76.57 34.86
CA GLN H 229 -20.23 77.88 34.74
C GLN H 229 -21.27 78.94 34.38
N VAL H 230 -22.10 78.65 33.37
CA VAL H 230 -23.15 79.58 32.96
C VAL H 230 -24.14 79.80 34.09
N HIS H 231 -24.44 78.74 34.84
CA HIS H 231 -25.40 78.83 35.93
C HIS H 231 -24.87 79.68 37.09
N ALA H 232 -23.63 79.41 37.51
CA ALA H 232 -23.01 80.23 38.53
C ALA H 232 -22.84 81.66 38.05
N LEU H 233 -22.62 81.85 36.74
CA LEU H 233 -22.51 83.19 36.19
C LEU H 233 -23.85 83.90 36.21
N LYS H 234 -24.94 83.19 35.90
CA LYS H 234 -26.28 83.75 36.07
C LYS H 234 -26.54 84.15 37.52
N GLU H 235 -26.23 83.26 38.46
CA GLU H 235 -26.49 83.56 39.87
C GLU H 235 -25.65 84.75 40.33
N ASP H 236 -24.38 84.79 39.91
CA ASP H 236 -23.50 85.89 40.29
C ASP H 236 -23.93 87.18 39.60
N PHE H 237 -24.45 87.09 38.38
CA PHE H 237 -24.94 88.27 37.68
C PHE H 237 -26.16 88.83 38.38
N ARG H 238 -27.05 87.96 38.83
CA ARG H 238 -28.21 88.39 39.59
C ARG H 238 -27.81 89.03 40.91
N GLU H 239 -26.91 88.38 41.65
CA GLU H 239 -26.47 88.95 42.93
C GLU H 239 -25.73 90.26 42.70
N LYS H 240 -24.94 90.33 41.63
CA LYS H 240 -24.19 91.54 41.31
C LYS H 240 -25.11 92.66 40.87
N ASN H 241 -26.18 92.33 40.14
CA ASN H 241 -27.16 93.34 39.77
C ASN H 241 -27.91 93.84 40.99
N SER H 242 -28.23 92.93 41.92
CA SER H 242 -28.81 93.35 43.19
C SER H 242 -27.87 94.28 43.93
N SER H 243 -26.59 93.91 44.00
CA SER H 243 -25.62 94.72 44.71
C SER H 243 -25.39 96.05 44.00
N THR H 244 -25.49 96.07 42.67
CA THR H 244 -25.29 97.29 41.90
C THR H 244 -26.48 98.23 42.05
N ASN H 245 -27.69 97.68 42.02
CA ASN H 245 -28.86 98.51 42.30
C ASN H 245 -28.81 99.06 43.71
N GLN H 246 -28.38 98.23 44.66
CA GLN H 246 -28.21 98.71 46.03
C GLN H 246 -27.13 99.81 46.09
N HIS H 247 -26.07 99.65 45.31
CA HIS H 247 -24.99 100.63 45.33
C HIS H 247 -25.43 101.97 44.74
N ILE H 248 -26.14 101.94 43.61
CA ILE H 248 -26.60 103.19 43.02
C ILE H 248 -27.67 103.83 43.91
N ILE H 249 -28.51 103.01 44.55
CA ILE H 249 -29.48 103.56 45.48
C ILE H 249 -28.79 104.14 46.72
N ARG H 250 -27.63 103.59 47.09
CA ARG H 250 -26.86 104.17 48.19
C ARG H 250 -26.21 105.48 47.75
N LEU H 251 -25.62 105.50 46.54
CA LEU H 251 -25.13 106.74 45.94
C LEU H 251 -26.22 107.80 45.96
N GLU H 252 -27.43 107.35 45.67
CA GLU H 252 -28.59 108.22 45.58
C GLU H 252 -29.00 108.75 46.95
N SER H 253 -29.04 107.88 47.96
CA SER H 253 -29.35 108.30 49.32
C SER H 253 -28.30 109.30 49.81
N LEU H 254 -27.04 109.05 49.49
CA LEU H 254 -25.97 109.97 49.86
C LEU H 254 -26.12 111.30 49.12
N GLN H 255 -26.59 111.25 47.87
CA GLN H 255 -26.84 112.49 47.13
C GLN H 255 -27.92 113.32 47.79
N ALA H 256 -29.00 112.68 48.25
CA ALA H 256 -30.03 113.44 48.94
C ALA H 256 -29.54 113.93 50.29
N GLU H 257 -28.67 113.17 50.96
CA GLU H 257 -28.10 113.66 52.20
C GLU H 257 -27.20 114.87 51.95
N ILE H 258 -26.52 114.87 50.80
CA ILE H 258 -25.67 116.01 50.45
C ILE H 258 -26.54 117.23 50.13
N LYS H 259 -27.62 117.04 49.38
CA LYS H 259 -28.52 118.15 49.08
C LYS H 259 -29.20 118.63 50.35
N MET H 260 -29.57 117.69 51.21
CA MET H 260 -30.11 117.98 52.54
C MET H 260 -29.17 118.91 53.28
N LEU H 261 -27.89 118.54 53.36
CA LEU H 261 -26.98 119.32 54.18
C LEU H 261 -26.64 120.63 53.48
N SER H 262 -26.65 120.65 52.15
CA SER H 262 -26.42 121.90 51.43
C SER H 262 -27.51 122.92 51.72
N ASP H 263 -28.77 122.51 51.59
CA ASP H 263 -29.85 123.44 51.92
C ASP H 263 -29.88 123.75 53.41
N ARG H 264 -29.47 122.82 54.26
CA ARG H 264 -29.42 123.07 55.70
C ARG H 264 -28.33 124.09 56.05
N LYS H 265 -27.14 123.95 55.49
CA LYS H 265 -26.08 124.91 55.78
C LYS H 265 -26.43 126.26 55.18
N ARG H 266 -27.05 126.28 54.01
CA ARG H 266 -27.53 127.54 53.45
C ARG H 266 -28.59 128.17 54.35
N GLU H 267 -29.41 127.35 54.99
CA GLU H 267 -30.35 127.86 55.99
C GLU H 267 -29.60 128.48 57.16
N LEU H 268 -28.63 127.78 57.72
CA LEU H 268 -27.83 128.35 58.80
C LEU H 268 -27.01 129.54 58.33
N GLU H 269 -26.43 129.44 57.13
CA GLU H 269 -25.56 130.48 56.61
C GLU H 269 -26.34 131.73 56.22
N VAL I 105 -20.09 -85.04 -48.56
CA VAL I 105 -21.00 -83.94 -48.26
C VAL I 105 -20.83 -83.51 -46.80
N ILE I 106 -20.65 -84.50 -45.92
CA ILE I 106 -20.55 -84.21 -44.49
C ILE I 106 -19.32 -83.37 -44.19
N ARG I 107 -18.18 -83.73 -44.79
CA ARG I 107 -16.96 -82.97 -44.58
C ARG I 107 -17.08 -81.56 -45.15
N GLN I 108 -17.72 -81.42 -46.31
CA GLN I 108 -17.96 -80.10 -46.87
C GLN I 108 -18.83 -79.27 -45.94
N LYS I 109 -19.86 -79.90 -45.36
CA LYS I 109 -20.71 -79.17 -44.44
C LYS I 109 -19.97 -78.80 -43.17
N GLU I 110 -19.07 -79.65 -42.70
CA GLU I 110 -18.26 -79.30 -41.53
C GLU I 110 -17.39 -78.08 -41.83
N LYS I 111 -16.73 -78.08 -43.00
CA LYS I 111 -15.91 -76.92 -43.37
C LYS I 111 -16.75 -75.65 -43.48
N ASP I 112 -17.90 -75.73 -44.15
CA ASP I 112 -18.72 -74.55 -44.35
C ASP I 112 -19.31 -74.06 -43.04
N LEU I 113 -19.71 -74.97 -42.16
CA LEU I 113 -20.20 -74.57 -40.85
C LEU I 113 -19.11 -73.92 -40.02
N VAL I 114 -17.88 -74.45 -40.09
CA VAL I 114 -16.77 -73.84 -39.36
C VAL I 114 -16.52 -72.42 -39.87
N LEU I 115 -16.51 -72.26 -41.20
CA LEU I 115 -16.28 -70.93 -41.76
C LEU I 115 -17.38 -69.96 -41.36
N ALA I 116 -18.64 -70.39 -41.46
CA ALA I 116 -19.75 -69.52 -41.11
C ALA I 116 -19.75 -69.17 -39.63
N ALA I 117 -19.44 -70.15 -38.77
CA ALA I 117 -19.39 -69.89 -37.34
C ALA I 117 -18.26 -68.92 -37.00
N ARG I 118 -17.10 -69.08 -37.64
CA ARG I 118 -16.00 -68.14 -37.40
C ARG I 118 -16.37 -66.74 -37.87
N LEU I 119 -17.01 -66.63 -39.04
CA LEU I 119 -17.42 -65.32 -39.55
C LEU I 119 -18.43 -64.67 -38.62
N GLY I 120 -19.42 -65.44 -38.16
CA GLY I 120 -20.43 -64.90 -37.27
C GLY I 120 -19.87 -64.49 -35.92
N LYS I 121 -18.96 -65.30 -35.36
CA LYS I 121 -18.33 -64.96 -34.09
C LYS I 121 -17.46 -63.72 -34.24
N ALA I 122 -16.76 -63.59 -35.36
CA ALA I 122 -16.01 -62.37 -35.62
C ALA I 122 -16.94 -61.18 -35.73
N LEU I 123 -18.13 -61.38 -36.30
CA LEU I 123 -19.10 -60.28 -36.37
C LEU I 123 -19.63 -59.91 -34.98
N LEU I 124 -19.86 -60.91 -34.13
CA LEU I 124 -20.19 -60.61 -32.73
C LEU I 124 -19.10 -59.76 -32.08
N GLU I 125 -17.84 -60.19 -32.23
CA GLU I 125 -16.75 -59.46 -31.60
C GLU I 125 -16.61 -58.06 -32.18
N ARG I 126 -16.80 -57.91 -33.50
CA ARG I 126 -16.77 -56.60 -34.14
C ARG I 126 -17.87 -55.69 -33.57
N ASN I 127 -19.09 -56.20 -33.49
CA ASN I 127 -20.19 -55.40 -32.95
C ASN I 127 -19.91 -55.00 -31.50
N GLN I 128 -19.43 -55.94 -30.70
CA GLN I 128 -19.15 -55.64 -29.30
C GLN I 128 -18.04 -54.62 -29.16
N ASP I 129 -16.97 -54.75 -29.95
CA ASP I 129 -15.86 -53.79 -29.85
C ASP I 129 -16.27 -52.40 -30.32
N MET I 130 -17.01 -52.33 -31.43
CA MET I 130 -17.43 -51.02 -31.91
C MET I 130 -18.44 -50.40 -30.95
N SER I 131 -19.27 -51.23 -30.31
CA SER I 131 -20.17 -50.72 -29.27
C SER I 131 -19.38 -50.25 -28.05
N ARG I 132 -18.27 -50.91 -27.74
CA ARG I 132 -17.43 -50.45 -26.64
C ARG I 132 -16.79 -49.10 -26.97
N GLN I 133 -16.29 -48.95 -28.18
CA GLN I 133 -15.81 -47.64 -28.65
C GLN I 133 -16.91 -46.60 -28.52
N TYR I 134 -18.13 -46.97 -28.93
CA TYR I 134 -19.27 -46.07 -28.85
C TYR I 134 -19.57 -45.66 -27.42
N GLU I 135 -19.63 -46.63 -26.50
CA GLU I 135 -19.92 -46.31 -25.11
C GLU I 135 -18.83 -45.44 -24.50
N GLN I 136 -17.57 -45.73 -24.84
CA GLN I 136 -16.46 -44.94 -24.33
C GLN I 136 -16.56 -43.49 -24.79
N MET I 137 -16.69 -43.27 -26.09
CA MET I 137 -16.68 -41.88 -26.56
C MET I 137 -18.02 -41.21 -26.26
N HIS I 138 -19.08 -41.99 -26.09
CA HIS I 138 -20.35 -41.46 -25.62
C HIS I 138 -20.21 -40.94 -24.20
N LYS I 139 -19.52 -41.68 -23.34
CA LYS I 139 -19.17 -41.18 -22.02
C LYS I 139 -18.33 -39.93 -22.12
N GLU I 140 -17.40 -39.89 -23.08
CA GLU I 140 -16.55 -38.71 -23.24
C GLU I 140 -17.37 -37.48 -23.62
N LEU I 141 -18.22 -37.61 -24.64
CA LEU I 141 -19.03 -36.48 -25.10
C LEU I 141 -20.04 -36.07 -24.04
N THR I 142 -20.65 -37.05 -23.36
CA THR I 142 -21.58 -36.73 -22.28
C THR I 142 -20.87 -36.00 -21.16
N ASP I 143 -19.65 -36.43 -20.82
CA ASP I 143 -18.87 -35.74 -19.80
C ASP I 143 -18.53 -34.32 -20.24
N LYS I 144 -18.15 -34.14 -21.51
CA LYS I 144 -17.82 -32.80 -21.99
C LYS I 144 -19.04 -31.88 -21.93
N LEU I 145 -20.20 -32.39 -22.38
CA LEU I 145 -21.43 -31.62 -22.29
C LEU I 145 -21.77 -31.31 -20.83
N GLU I 146 -21.57 -32.29 -19.95
CA GLU I 146 -21.82 -32.12 -18.53
C GLU I 146 -20.94 -31.04 -17.95
N HIS I 147 -19.64 -31.06 -18.26
CA HIS I 147 -18.73 -30.08 -17.67
C HIS I 147 -19.00 -28.69 -18.23
N LEU I 148 -19.30 -28.60 -19.52
CA LEU I 148 -19.65 -27.30 -20.09
C LEU I 148 -20.92 -26.75 -19.46
N GLU I 149 -21.93 -27.61 -19.25
CA GLU I 149 -23.16 -27.16 -18.60
C GLU I 149 -22.91 -26.73 -17.16
N GLN I 150 -22.08 -27.49 -16.43
CA GLN I 150 -21.79 -27.14 -15.05
C GLN I 150 -21.03 -25.83 -14.96
N GLU I 151 -20.06 -25.62 -15.85
CA GLU I 151 -19.35 -24.34 -15.88
C GLU I 151 -20.30 -23.22 -16.27
N LYS I 152 -21.25 -23.49 -17.16
CA LYS I 152 -22.23 -22.48 -17.55
C LYS I 152 -23.09 -22.07 -16.37
N HIS I 153 -23.57 -23.06 -15.61
CA HIS I 153 -24.37 -22.78 -14.42
C HIS I 153 -23.56 -22.04 -13.36
N GLU I 154 -22.30 -22.46 -13.16
CA GLU I 154 -21.43 -21.76 -12.22
C GLU I 154 -21.18 -20.33 -12.67
N LEU I 155 -21.02 -20.11 -13.97
CA LEU I 155 -20.76 -18.78 -14.49
C LEU I 155 -21.95 -17.86 -14.28
N ARG I 156 -23.16 -18.34 -14.60
CA ARG I 156 -24.33 -17.50 -14.37
C ARG I 156 -24.56 -17.25 -12.88
N ARG I 157 -24.25 -18.25 -12.05
CA ARG I 157 -24.33 -18.04 -10.60
C ARG I 157 -23.37 -16.95 -10.15
N ARG I 158 -22.10 -17.05 -10.55
CA ARG I 158 -21.11 -16.04 -10.18
C ARG I 158 -21.49 -14.68 -10.74
N PHE I 159 -22.02 -14.67 -11.96
CA PHE I 159 -22.49 -13.44 -12.58
C PHE I 159 -23.54 -12.77 -11.72
N GLU I 160 -24.57 -13.52 -11.33
CA GLU I 160 -25.63 -12.95 -10.53
C GLU I 160 -25.11 -12.50 -9.17
N ASN I 161 -24.22 -13.28 -8.56
CA ASN I 161 -23.73 -12.94 -7.23
C ASN I 161 -22.89 -11.67 -7.24
N ARG I 162 -21.91 -11.59 -8.15
CA ARG I 162 -21.09 -10.39 -8.23
C ARG I 162 -21.91 -9.19 -8.70
N GLU I 163 -22.92 -9.42 -9.55
CA GLU I 163 -23.83 -8.34 -9.92
C GLU I 163 -24.55 -7.81 -8.69
N GLY I 164 -25.02 -8.70 -7.82
CA GLY I 164 -25.64 -8.25 -6.59
C GLY I 164 -24.69 -7.46 -5.72
N GLU I 165 -23.45 -7.94 -5.60
CA GLU I 165 -22.45 -7.22 -4.81
C GLU I 165 -22.21 -5.82 -5.36
N TRP I 166 -21.98 -5.73 -6.67
CA TRP I 166 -21.68 -4.44 -7.27
C TRP I 166 -22.89 -3.51 -7.21
N GLU I 167 -24.10 -4.07 -7.37
CA GLU I 167 -25.31 -3.25 -7.28
C GLU I 167 -25.51 -2.70 -5.88
N GLY I 168 -25.26 -3.53 -4.86
CA GLY I 168 -25.32 -3.02 -3.50
C GLY I 168 -24.29 -1.95 -3.24
N ARG I 169 -23.08 -2.14 -3.76
CA ARG I 169 -22.05 -1.12 -3.62
C ARG I 169 -22.46 0.19 -4.30
N VAL I 170 -23.04 0.10 -5.50
CA VAL I 170 -23.46 1.29 -6.23
C VAL I 170 -24.59 2.00 -5.49
N SER I 171 -25.55 1.24 -4.97
CA SER I 171 -26.64 1.87 -4.22
C SER I 171 -26.12 2.55 -2.96
N GLU I 172 -25.19 1.91 -2.26
CA GLU I 172 -24.58 2.52 -1.08
C GLU I 172 -23.89 3.84 -1.45
N LEU I 173 -23.12 3.82 -2.54
CA LEU I 173 -22.39 5.03 -2.94
C LEU I 173 -23.36 6.14 -3.33
N GLU I 174 -24.43 5.79 -4.05
CA GLU I 174 -25.43 6.78 -4.44
C GLU I 174 -26.11 7.38 -3.22
N THR I 175 -26.43 6.54 -2.24
CA THR I 175 -27.01 7.04 -0.99
C THR I 175 -26.05 7.98 -0.29
N ASP I 176 -24.76 7.66 -0.29
CA ASP I 176 -23.77 8.53 0.32
C ASP I 176 -23.72 9.89 -0.39
N VAL I 177 -23.79 9.86 -1.72
CA VAL I 177 -23.80 11.11 -2.49
C VAL I 177 -25.01 11.94 -2.12
N LYS I 178 -26.18 11.31 -2.06
CA LYS I 178 -27.41 12.03 -1.72
C LYS I 178 -27.32 12.63 -0.32
N GLN I 179 -26.81 11.86 0.64
CA GLN I 179 -26.66 12.36 2.00
C GLN I 179 -25.75 13.57 2.04
N LEU I 180 -24.54 13.43 1.49
CA LEU I 180 -23.58 14.55 1.50
C LEU I 180 -24.16 15.78 0.82
N GLN I 181 -24.92 15.58 -0.26
CA GLN I 181 -25.59 16.69 -0.90
C GLN I 181 -26.58 17.35 0.05
N ASP I 182 -27.32 16.54 0.81
CA ASP I 182 -28.31 17.09 1.72
C ASP I 182 -27.68 17.95 2.80
N GLU I 183 -26.58 17.49 3.42
CA GLU I 183 -25.92 18.38 4.38
C GLU I 183 -25.30 19.59 3.69
N LEU I 184 -24.93 19.46 2.41
CA LEU I 184 -24.45 20.65 1.70
C LEU I 184 -25.55 21.70 1.57
N GLU I 185 -26.76 21.28 1.19
CA GLU I 185 -27.86 22.24 1.10
C GLU I 185 -28.19 22.81 2.48
N ARG I 186 -28.10 21.98 3.53
CA ARG I 186 -28.33 22.48 4.87
C ARG I 186 -27.33 23.57 5.24
N GLN I 187 -26.06 23.35 4.90
CA GLN I 187 -25.05 24.37 5.13
C GLN I 187 -25.34 25.61 4.31
N GLN I 188 -25.89 25.46 3.11
CA GLN I 188 -26.28 26.63 2.33
C GLN I 188 -27.36 27.44 3.07
N LEU I 189 -28.36 26.77 3.63
CA LEU I 189 -29.40 27.50 4.35
C LEU I 189 -28.81 28.21 5.56
N HIS I 190 -27.93 27.54 6.30
CA HIS I 190 -27.36 28.16 7.50
C HIS I 190 -26.46 29.33 7.13
N LEU I 191 -25.72 29.20 6.03
CA LEU I 191 -24.99 30.34 5.49
C LEU I 191 -25.92 31.52 5.18
N ARG I 192 -27.05 31.25 4.54
CA ARG I 192 -27.96 32.33 4.20
C ARG I 192 -28.47 33.04 5.44
N GLU I 193 -28.90 32.30 6.45
CA GLU I 193 -29.48 32.98 7.60
C GLU I 193 -28.39 33.72 8.37
N ALA I 194 -27.18 33.15 8.41
CA ALA I 194 -26.07 33.84 9.04
C ALA I 194 -25.76 35.15 8.33
N ASP I 195 -25.81 35.15 7.00
CA ASP I 195 -25.58 36.39 6.25
C ASP I 195 -26.66 37.42 6.56
N ARG I 196 -27.91 36.98 6.65
CA ARG I 196 -28.99 37.91 7.00
C ARG I 196 -28.77 38.47 8.41
N GLU I 197 -28.36 37.63 9.34
CA GLU I 197 -28.10 38.11 10.70
C GLU I 197 -26.95 39.10 10.71
N LYS I 198 -25.93 38.85 9.88
CA LYS I 198 -24.82 39.79 9.74
C LYS I 198 -25.33 41.14 9.24
N THR I 199 -26.17 41.12 8.22
CA THR I 199 -26.71 42.37 7.68
C THR I 199 -27.52 43.10 8.74
N ARG I 200 -28.34 42.37 9.50
CA ARG I 200 -29.17 43.00 10.52
C ARG I 200 -28.33 43.62 11.63
N ALA I 201 -27.34 42.88 12.13
CA ALA I 201 -26.48 43.42 13.19
C ALA I 201 -25.69 44.62 12.70
N VAL I 202 -25.19 44.55 11.45
CA VAL I 202 -24.45 45.67 10.89
C VAL I 202 -25.35 46.89 10.80
N GLN I 203 -26.58 46.71 10.32
CA GLN I 203 -27.50 47.84 10.19
C GLN I 203 -27.83 48.43 11.56
N GLU I 204 -28.07 47.58 12.56
CA GLU I 204 -28.40 48.10 13.88
C GLU I 204 -27.24 48.89 14.48
N LEU I 205 -26.02 48.35 14.38
CA LEU I 205 -24.87 49.07 14.90
C LEU I 205 -24.64 50.37 14.15
N SER I 206 -24.82 50.36 12.83
CA SER I 206 -24.65 51.59 12.06
C SER I 206 -25.69 52.62 12.46
N GLU I 207 -26.93 52.19 12.68
CA GLU I 207 -27.97 53.11 13.13
C GLU I 207 -27.63 53.70 14.49
N GLN I 208 -27.14 52.87 15.41
CA GLN I 208 -26.74 53.37 16.72
C GLN I 208 -25.61 54.39 16.58
N ASN I 209 -24.65 54.11 15.70
CA ASN I 209 -23.54 55.04 15.50
C ASN I 209 -24.02 56.35 14.90
N GLN I 210 -24.98 56.29 13.97
CA GLN I 210 -25.52 57.51 13.39
C GLN I 210 -26.29 58.32 14.43
N ARG I 211 -27.07 57.65 15.28
CA ARG I 211 -27.75 58.35 16.36
C ARG I 211 -26.74 59.02 17.28
N LEU I 212 -25.67 58.31 17.60
CA LEU I 212 -24.64 58.88 18.46
C LEU I 212 -23.96 60.07 17.78
N LEU I 213 -23.76 59.99 16.47
CA LEU I 213 -23.16 61.11 15.75
C LEU I 213 -24.07 62.32 15.77
N ASP I 214 -25.38 62.10 15.59
CA ASP I 214 -26.33 63.20 15.71
C ASP I 214 -26.31 63.78 17.12
N GLN I 215 -26.23 62.91 18.13
CA GLN I 215 -26.17 63.40 19.51
C GLN I 215 -24.90 64.20 19.76
N LEU I 216 -23.78 63.77 19.19
CA LEU I 216 -22.54 64.53 19.35
C LEU I 216 -22.62 65.85 18.60
N SER I 217 -23.30 65.88 17.46
CA SER I 217 -23.51 67.13 16.75
C SER I 217 -24.31 68.11 17.60
N ARG I 218 -25.42 67.64 18.17
CA ARG I 218 -26.23 68.49 19.03
C ARG I 218 -25.44 68.90 20.27
N ALA I 219 -24.68 67.98 20.85
CA ALA I 219 -23.88 68.26 22.03
C ALA I 219 -22.84 69.33 21.73
N SER I 220 -22.19 69.22 20.59
CA SER I 220 -21.18 70.18 20.16
C SER I 220 -21.84 71.53 19.89
N GLU I 221 -23.06 71.52 19.34
CA GLU I 221 -23.76 72.77 19.06
C GLU I 221 -24.08 73.50 20.36
N VAL I 222 -24.64 72.78 21.34
CA VAL I 222 -24.95 73.41 22.61
C VAL I 222 -23.66 73.79 23.35
N GLU I 223 -22.59 73.02 23.14
CA GLU I 223 -21.30 73.36 23.74
C GLU I 223 -20.76 74.66 23.17
N ARG I 224 -20.85 74.83 21.85
CA ARG I 224 -20.43 76.08 21.22
C ARG I 224 -21.31 77.23 21.68
N GLN I 225 -22.62 77.00 21.77
CA GLN I 225 -23.51 78.04 22.27
C GLN I 225 -23.16 78.43 23.70
N LEU I 226 -22.85 77.46 24.54
CA LEU I 226 -22.50 77.76 25.92
C LEU I 226 -21.14 78.45 26.00
N SER I 227 -20.21 78.10 25.11
CA SER I 227 -18.92 78.78 25.10
C SER I 227 -19.09 80.24 24.70
N MET I 228 -19.92 80.50 23.69
CA MET I 228 -20.25 81.86 23.32
C MET I 228 -20.91 82.58 24.50
N GLN I 229 -21.82 81.90 25.18
CA GLN I 229 -22.49 82.49 26.33
C GLN I 229 -21.50 82.79 27.46
N VAL I 230 -20.55 81.88 27.69
CA VAL I 230 -19.58 82.08 28.76
C VAL I 230 -18.67 83.26 28.44
N HIS I 231 -18.22 83.38 27.20
CA HIS I 231 -17.38 84.51 26.85
C HIS I 231 -18.16 85.82 26.93
N ALA I 232 -19.41 85.82 26.46
CA ALA I 232 -20.24 87.00 26.57
C ALA I 232 -20.49 87.36 28.03
N LEU I 233 -20.72 86.36 28.87
CA LEU I 233 -20.92 86.62 30.29
C LEU I 233 -19.65 87.14 30.94
N LYS I 234 -18.49 86.64 30.53
CA LYS I 234 -17.26 87.12 31.15
C LYS I 234 -16.99 88.57 30.72
N GLU I 235 -17.31 88.91 29.48
CA GLU I 235 -17.21 90.30 29.05
C GLU I 235 -18.19 91.18 29.82
N ASP I 236 -19.43 90.73 29.97
CA ASP I 236 -20.44 91.47 30.72
C ASP I 236 -20.02 91.61 32.18
N PHE I 237 -19.42 90.55 32.74
CA PHE I 237 -19.00 90.59 34.13
C PHE I 237 -17.82 91.53 34.33
N ARG I 238 -16.90 91.59 33.35
CA ARG I 238 -15.83 92.56 33.43
C ARG I 238 -16.38 93.99 33.38
N GLU I 239 -17.32 94.23 32.47
CA GLU I 239 -17.92 95.56 32.38
C GLU I 239 -18.68 95.90 33.66
N LYS I 240 -19.40 94.92 34.21
CA LYS I 240 -20.15 95.13 35.44
C LYS I 240 -19.21 95.32 36.63
N ASN I 241 -18.05 94.66 36.60
CA ASN I 241 -17.06 94.88 37.64
C ASN I 241 -16.52 96.30 37.60
N SER I 242 -16.24 96.79 36.38
CA SER I 242 -15.82 98.18 36.24
C SER I 242 -16.89 99.13 36.75
N SER I 243 -18.15 98.89 36.36
CA SER I 243 -19.23 99.76 36.80
C SER I 243 -19.43 99.71 38.31
N THR I 244 -19.36 98.51 38.91
CA THR I 244 -19.55 98.38 40.35
C THR I 244 -18.40 99.02 41.11
N ASN I 245 -17.18 98.85 40.63
CA ASN I 245 -16.03 99.50 41.26
C ASN I 245 -16.16 101.01 41.18
N GLN I 246 -16.59 101.53 40.03
CA GLN I 246 -16.80 102.97 39.92
C GLN I 246 -17.92 103.41 40.86
N HIS I 247 -18.96 102.60 41.01
CA HIS I 247 -20.01 102.92 41.98
C HIS I 247 -19.45 103.00 43.39
N ILE I 248 -18.59 102.05 43.76
CA ILE I 248 -18.06 102.04 45.12
C ILE I 248 -17.11 103.22 45.33
N ILE I 249 -16.32 103.57 44.31
CA ILE I 249 -15.43 104.73 44.43
C ILE I 249 -16.24 106.01 44.56
N ARG I 250 -17.29 106.15 43.76
CA ARG I 250 -18.16 107.32 43.87
C ARG I 250 -18.86 107.34 45.22
N LEU I 251 -19.19 106.15 45.75
CA LEU I 251 -19.78 106.07 47.09
C LEU I 251 -18.82 106.58 48.14
N GLU I 252 -17.55 106.17 48.05
CA GLU I 252 -16.55 106.65 49.00
C GLU I 252 -16.36 108.15 48.87
N SER I 253 -16.36 108.66 47.64
CA SER I 253 -16.25 110.10 47.44
C SER I 253 -17.42 110.85 48.07
N LEU I 254 -18.64 110.36 47.86
CA LEU I 254 -19.81 111.04 48.42
C LEU I 254 -19.83 110.90 49.94
N GLN I 255 -19.34 109.78 50.47
CA GLN I 255 -19.26 109.62 51.92
C GLN I 255 -18.28 110.61 52.52
N ALA I 256 -17.12 110.79 51.88
CA ALA I 256 -16.17 111.79 52.35
C ALA I 256 -16.76 113.19 52.24
N GLU I 257 -17.50 113.45 51.17
CA GLU I 257 -18.18 114.73 51.02
C GLU I 257 -19.17 114.96 52.15
N ILE I 258 -19.94 113.93 52.51
CA ILE I 258 -20.89 114.05 53.60
C ILE I 258 -20.17 114.27 54.91
N LYS I 259 -19.01 113.62 55.09
CA LYS I 259 -18.26 113.79 56.35
C LYS I 259 -17.76 115.23 56.50
N MET I 260 -17.09 115.76 55.48
CA MET I 260 -16.63 117.15 55.57
C MET I 260 -17.81 118.13 55.69
N LEU I 261 -18.89 117.85 54.96
CA LEU I 261 -20.08 118.68 55.06
C LEU I 261 -20.66 118.67 56.47
N SER I 262 -20.68 117.49 57.10
CA SER I 262 -21.22 117.37 58.45
C SER I 262 -20.31 118.03 59.47
N ASP I 263 -19.00 118.02 59.23
CA ASP I 263 -18.12 118.79 60.08
C ASP I 263 -18.42 120.28 59.97
N ARG I 264 -18.67 120.76 58.75
CA ARG I 264 -19.08 122.15 58.58
C ARG I 264 -20.40 122.43 59.28
N LYS I 265 -21.34 121.49 59.22
CA LYS I 265 -22.62 121.65 59.91
C LYS I 265 -22.41 121.77 61.41
N ARG I 266 -21.65 120.83 62.00
CA ARG I 266 -21.41 120.88 63.43
C ARG I 266 -20.66 122.14 63.83
N GLU I 267 -19.85 122.69 62.92
CA GLU I 267 -19.25 124.00 63.18
C GLU I 267 -20.32 125.08 63.23
N LEU I 268 -21.22 125.10 62.25
CA LEU I 268 -22.13 126.24 62.10
C LEU I 268 -23.11 126.33 63.26
N GLU I 269 -23.51 125.20 63.81
CA GLU I 269 -24.44 125.19 64.93
C GLU I 269 -23.75 125.69 66.20
#